data_8WQF
#
_entry.id   8WQF
#
_cell.length_a   1.00
_cell.length_b   1.00
_cell.length_c   1.00
_cell.angle_alpha   90.00
_cell.angle_beta   90.00
_cell.angle_gamma   90.00
#
_symmetry.space_group_name_H-M   'P 1'
#
loop_
_entity.id
_entity.type
_entity.pdbx_description
1 polymer Cullin-2
2 polymer Elongin-C
3 polymer Elongin-B
4 polymer 'E3 ubiquitin-protein ligase RBX1, N-terminally processed'
5 polymer 'Protein fem-1 homolog B'
6 polymer 'Protein CASP'
7 non-polymer 'ZINC ION'
#
loop_
_entity_poly.entity_id
_entity_poly.type
_entity_poly.pdbx_seq_one_letter_code
_entity_poly.pdbx_strand_id
1 'polypeptide(L)'
;SASWSHPQFEKGGGSGGGSGTSLKPRVVDFDETWNKLLTTIKAVVMLEYVERATWNDRFSDIYALCVAYPEPLGERLYTE
TKIFLENHVRHLHKRVLESEEQVLVMYHRYWEEYSKGADYMDCLYRYLNTQFIKKNGGGPLMEIGELALDMWRKLMVEPL
QAILIRMLLREIKNDRGGEDPNQKVIHGVINSFVHVEQYKKKFPLKFYQEIFESPFLTETGEYYKQEASNLLQESNCSQY
MEKVLGRLKDEEIRCRKYLHPSSYTKVIHECQQRMVADHLQFLHAECHNIIRQEKKNDMANMYVLLRAVSTGLPHMIQEL
QNHIHDEGLRATSNLTQENMPTLFVESVLEVHGKFVQLINTVLNGDQHFMSALDKALTSVVNYREPKSVCKAPELLAKYC
DNLLKKSAKGMTENEVEDRLTSFITVFKYIDDKDVFQKFYARMLAKRLIHGLSMSMDSEEAMINKLKQACGYEFTSKLHR
MYTDMSVSADLNNKFNNFIKNQDTVIDLGISFQIYVLQAGAWPLTQAPSSTFAIPQELEKSVQMFELFYSQHFSGRKLTW
LHYLCTGEVKMNYLGKPYVAMVTTYQMAVLLAFNNSETVSYKELQDSTQMNEKELTKTIKSLLDVKMINHDSEKEDIDAE
SSFSLNMNFSSKRTKFKITTSMQKDTPQEMEQTRSAVDEDRKMYLQAAIVRIMKARKVLRHNALIQEVISQSRARFNPSI
SMIKKCIEVLIDKQYIERSQASADEYSYVA
;
A,B
2 'polypeptide(L)'
;MYVKLISSDGHEFIVKREHALTSGTIKAMLSGPGQFAENETNEVNFREIPSHVLSKVCMYFTYKVRYTNSSTEIPEFPIA
PEIALELLMAANFLDC
;
G,C
3 'polypeptide(L)'
;MDVFLMIRRHKTTIFTDAKESSTVFELKRIVEGILKRPPDEQRLYKDDQLLDDGKTLGECGFTSQTARPQAPATVGLAFR
ADDTFEALCIEPFSSPPELPDVMKPQDSGSSANEQAVQ
;
H,D
4 'polypeptide(L)'
;SHMGAGKKRFEVKKWNAVALWAWDIVVDNCAICRNHIMDLCIECQANQASATSEECTVAWGVCNHAFHFHCISRWLKTRQ
VCPLDNREWEFQKYGH
;
I,E
5 'polypeptide(L)'
;MEGLAGYVYKAASEGKVLTLAALLLNRSESDIRYLLGYVSQQGGQRSTPLIIAARNGHAKVVRLLLEHYRVQTQQTGTVR
FDGYVIDGATALWCAAGAGHFEVVKLLVSHGANVNHTTVTNSTPLRAACFDGRLDIVKYLVENNANISIANKYDNTCLMI
AAYKGHTDVVRYLLEQRADPNAKAHCGATALHFAAEAGHIDIVKELIKWRAAIVVNGHGMTPLKVAAESCKADVVELLLS
HADCDRRSRIEALELLGASFANDRENYDIIKTYHYLYLAMLERFQDGDNILEKEVLPPIHAYGNRTECRNPQELESIRQD
RDALHMEGLIVRERILGADNIDVSHPIIYRGAVYADNMEFEQCIKLWLHALHLRQKGNRNTHKDLLRFAQVFSQMIHLNE
TVKAPDIECVLRCSVLEIEQSMNRVKNISDADVHNAMDNYECNLYTFLYLVCISTKTQCSEEDQCKINKQIYNLIHLDPR
TREGFTLLHLAVNSNTPVDDFHTNDVCSFPNALVTKLLLDCGAEVNAVDNEGNSALHIIVQYNRPISDFLTLHSIIISLV
EAGAHTDMTNKQNKTPLDKSTTGVSEILLKTQMKMSLKCLAARAVRANDINYQDQIPRTLEEFVGFH
;
F,J
6 'polypeptide(L)' GGGSGGGSKFADHLHKFHENDNGAAAGDLWQ K
#
# COMPACT_ATOMS: atom_id res chain seq x y z
N THR A 21 -4.24 -79.21 -10.90
CA THR A 21 -3.16 -79.70 -11.74
C THR A 21 -1.88 -78.90 -11.51
N SER A 22 -1.35 -78.29 -12.57
CA SER A 22 -0.12 -77.52 -12.48
C SER A 22 -0.13 -76.42 -13.51
N LEU A 23 0.67 -75.38 -13.26
CA LEU A 23 0.75 -74.23 -14.15
C LEU A 23 1.66 -74.46 -15.35
N LYS A 24 2.37 -75.58 -15.40
CA LYS A 24 3.29 -75.81 -16.49
C LYS A 24 2.53 -75.94 -17.80
N PRO A 25 3.13 -75.56 -18.93
CA PRO A 25 2.44 -75.71 -20.22
C PRO A 25 2.11 -77.16 -20.51
N ARG A 26 0.97 -77.36 -21.15
CA ARG A 26 0.57 -78.69 -21.57
C ARG A 26 0.04 -78.61 -22.99
N VAL A 27 -0.60 -79.67 -23.47
CA VAL A 27 -1.37 -79.63 -24.70
C VAL A 27 -2.84 -79.71 -24.34
N VAL A 28 -3.61 -78.71 -24.77
CA VAL A 28 -5.03 -78.63 -24.45
C VAL A 28 -5.81 -78.71 -25.75
N ASP A 29 -6.87 -79.50 -25.74
CA ASP A 29 -7.82 -79.51 -26.84
C ASP A 29 -8.50 -78.15 -26.88
N PHE A 30 -8.18 -77.36 -27.91
CA PHE A 30 -8.74 -76.01 -28.00
C PHE A 30 -10.25 -76.02 -28.13
N ASP A 31 -10.82 -77.07 -28.73
CA ASP A 31 -12.26 -77.11 -28.93
C ASP A 31 -13.01 -77.23 -27.60
N GLU A 32 -12.61 -78.18 -26.76
CA GLU A 32 -13.34 -78.39 -25.51
C GLU A 32 -13.13 -77.25 -24.53
N THR A 33 -11.88 -76.79 -24.38
CA THR A 33 -11.62 -75.68 -23.48
C THR A 33 -12.27 -74.40 -24.00
N TRP A 34 -12.28 -74.21 -25.33
CA TRP A 34 -12.92 -73.03 -25.89
C TRP A 34 -14.43 -73.06 -25.71
N ASN A 35 -15.04 -74.24 -25.80
CA ASN A 35 -16.47 -74.35 -25.52
C ASN A 35 -16.77 -74.08 -24.05
N LYS A 36 -15.93 -74.62 -23.15
CA LYS A 36 -16.11 -74.37 -21.72
C LYS A 36 -15.94 -72.89 -21.40
N LEU A 37 -15.01 -72.22 -22.09
CA LEU A 37 -14.84 -70.78 -21.91
C LEU A 37 -15.97 -69.99 -22.55
N LEU A 38 -16.53 -70.49 -23.65
CA LEU A 38 -17.63 -69.80 -24.32
C LEU A 38 -18.90 -69.83 -23.49
N THR A 39 -19.16 -70.95 -22.81
CA THR A 39 -20.36 -71.03 -21.97
C THR A 39 -20.31 -70.05 -20.81
N THR A 40 -19.14 -69.49 -20.49
CA THR A 40 -19.01 -68.44 -19.49
C THR A 40 -18.88 -67.06 -20.11
N ILE A 41 -18.22 -66.95 -21.27
CA ILE A 41 -18.06 -65.65 -21.92
C ILE A 41 -19.40 -65.15 -22.44
N LYS A 42 -20.25 -66.05 -22.94
CA LYS A 42 -21.56 -65.64 -23.44
C LYS A 42 -22.48 -65.21 -22.31
N ALA A 43 -22.26 -65.73 -21.11
CA ALA A 43 -23.06 -65.36 -19.96
C ALA A 43 -22.48 -64.18 -19.19
N VAL A 44 -21.21 -63.83 -19.41
CA VAL A 44 -20.67 -62.65 -18.77
C VAL A 44 -20.79 -61.42 -19.68
N VAL A 45 -20.81 -61.61 -21.00
CA VAL A 45 -21.00 -60.46 -21.89
C VAL A 45 -22.46 -60.05 -21.95
N MET A 46 -23.38 -60.91 -21.53
CA MET A 46 -24.79 -60.59 -21.45
C MET A 46 -25.24 -60.29 -20.03
N LEU A 47 -24.30 -60.12 -19.11
CA LEU A 47 -24.58 -59.80 -17.71
C LEU A 47 -25.52 -60.81 -17.06
N GLU A 48 -25.33 -62.08 -17.39
CA GLU A 48 -26.03 -63.16 -16.72
C GLU A 48 -25.22 -63.55 -15.48
N TYR A 49 -25.56 -64.70 -14.88
CA TYR A 49 -24.91 -65.16 -13.67
C TYR A 49 -23.92 -66.27 -14.01
N VAL A 50 -22.66 -66.08 -13.63
CA VAL A 50 -21.65 -67.13 -13.67
C VAL A 50 -21.08 -67.29 -12.27
N GLU A 51 -20.90 -68.53 -11.86
CA GLU A 51 -20.41 -68.81 -10.52
C GLU A 51 -18.98 -68.29 -10.36
N ARG A 52 -18.66 -67.87 -9.13
CA ARG A 52 -17.33 -67.35 -8.86
C ARG A 52 -16.26 -68.41 -9.12
N ALA A 53 -16.52 -69.66 -8.72
CA ALA A 53 -15.59 -70.73 -9.01
C ALA A 53 -15.44 -70.94 -10.51
N THR A 54 -16.54 -70.86 -11.26
CA THR A 54 -16.45 -70.97 -12.71
C THR A 54 -15.69 -69.81 -13.31
N TRP A 55 -15.85 -68.61 -12.74
CA TRP A 55 -15.12 -67.43 -13.20
C TRP A 55 -13.61 -67.62 -13.03
N ASN A 56 -13.20 -68.13 -11.87
CA ASN A 56 -11.77 -68.35 -11.63
C ASN A 56 -11.23 -69.50 -12.47
N ASP A 57 -12.03 -70.55 -12.66
CA ASP A 57 -11.62 -71.63 -13.55
C ASP A 57 -11.49 -71.15 -14.98
N ARG A 58 -12.28 -70.14 -15.38
CA ARG A 58 -12.12 -69.59 -16.72
C ARG A 58 -10.88 -68.71 -16.82
N PHE A 59 -10.49 -68.04 -15.73
CA PHE A 59 -9.15 -67.44 -15.69
C PHE A 59 -8.07 -68.51 -15.94
N SER A 60 -8.18 -69.63 -15.26
CA SER A 60 -7.19 -70.70 -15.46
C SER A 60 -7.23 -71.24 -16.88
N ASP A 61 -8.42 -71.31 -17.48
CA ASP A 61 -8.54 -71.77 -18.87
C ASP A 61 -7.93 -70.76 -19.83
N ILE A 62 -8.10 -69.47 -19.57
CA ILE A 62 -7.48 -68.44 -20.40
C ILE A 62 -5.96 -68.57 -20.34
N TYR A 63 -5.42 -68.76 -19.14
CA TYR A 63 -3.97 -68.96 -19.01
C TYR A 63 -3.52 -70.19 -19.78
N ALA A 64 -4.19 -71.33 -19.55
CA ALA A 64 -3.78 -72.58 -20.19
C ALA A 64 -3.91 -72.52 -21.70
N LEU A 65 -4.81 -71.68 -22.21
CA LEU A 65 -4.88 -71.49 -23.66
C LEU A 65 -3.78 -70.57 -24.15
N CYS A 66 -3.38 -69.57 -23.36
CA CYS A 66 -2.33 -68.66 -23.78
C CYS A 66 -0.94 -69.23 -23.57
N VAL A 67 -0.81 -70.39 -22.94
CA VAL A 67 0.49 -70.94 -22.58
C VAL A 67 0.80 -72.23 -23.33
N ALA A 68 -0.25 -72.97 -23.72
CA ALA A 68 -0.13 -74.38 -24.05
C ALA A 68 0.87 -74.66 -25.17
N TYR A 69 1.49 -75.84 -25.09
CA TYR A 69 2.38 -76.43 -26.09
C TYR A 69 1.57 -77.20 -27.13
N PRO A 70 2.10 -77.40 -28.35
CA PRO A 70 3.43 -77.03 -28.86
C PRO A 70 3.52 -75.59 -29.33
N GLU A 71 2.39 -74.91 -29.52
CA GLU A 71 2.38 -73.52 -29.90
C GLU A 71 1.38 -72.80 -29.02
N PRO A 72 1.67 -71.58 -28.60
CA PRO A 72 0.73 -70.84 -27.74
C PRO A 72 -0.56 -70.53 -28.47
N LEU A 73 -1.66 -71.09 -27.96
CA LEU A 73 -2.97 -70.84 -28.55
C LEU A 73 -3.51 -69.50 -28.07
N GLY A 74 -2.73 -68.44 -28.22
CA GLY A 74 -3.18 -67.12 -27.85
C GLY A 74 -3.79 -66.42 -29.04
N GLU A 75 -3.17 -66.57 -30.21
CA GLU A 75 -3.73 -65.95 -31.41
C GLU A 75 -5.01 -66.63 -31.84
N ARG A 76 -5.10 -67.95 -31.71
CA ARG A 76 -6.35 -68.63 -32.03
C ARG A 76 -7.44 -68.26 -31.04
N LEU A 77 -7.09 -68.13 -29.76
CA LEU A 77 -8.07 -67.68 -28.76
C LEU A 77 -8.55 -66.27 -29.06
N TYR A 78 -7.64 -65.38 -29.43
CA TYR A 78 -8.01 -64.01 -29.75
C TYR A 78 -8.89 -63.95 -31.00
N THR A 79 -8.56 -64.74 -32.02
CA THR A 79 -9.36 -64.78 -33.24
C THR A 79 -10.75 -65.35 -32.97
N GLU A 80 -10.83 -66.42 -32.18
CA GLU A 80 -12.14 -66.99 -31.85
C GLU A 80 -12.96 -66.03 -30.99
N THR A 81 -12.30 -65.29 -30.09
CA THR A 81 -13.00 -64.28 -29.31
C THR A 81 -13.52 -63.15 -30.19
N LYS A 82 -12.71 -62.69 -31.14
CA LYS A 82 -13.17 -61.66 -32.07
C LYS A 82 -14.35 -62.16 -32.91
N ILE A 83 -14.29 -63.42 -33.35
CA ILE A 83 -15.38 -64.00 -34.12
C ILE A 83 -16.65 -64.08 -33.26
N PHE A 84 -16.49 -64.51 -32.01
CA PHE A 84 -17.65 -64.59 -31.12
C PHE A 84 -18.25 -63.22 -30.87
N LEU A 85 -17.41 -62.21 -30.68
CA LEU A 85 -17.92 -60.86 -30.45
C LEU A 85 -18.61 -60.31 -31.69
N GLU A 86 -18.06 -60.56 -32.87
CA GLU A 86 -18.72 -60.14 -34.10
C GLU A 86 -20.09 -60.79 -34.23
N ASN A 87 -20.16 -62.10 -33.97
CA ASN A 87 -21.44 -62.80 -34.05
C ASN A 87 -22.41 -62.27 -33.01
N HIS A 88 -21.93 -61.99 -31.80
CA HIS A 88 -22.81 -61.52 -30.73
C HIS A 88 -23.37 -60.14 -31.03
N VAL A 89 -22.50 -59.20 -31.45
CA VAL A 89 -22.97 -57.85 -31.73
C VAL A 89 -23.86 -57.83 -32.96
N ARG A 90 -23.56 -58.65 -33.98
CA ARG A 90 -24.45 -58.71 -35.11
C ARG A 90 -25.80 -59.32 -34.77
N HIS A 91 -25.83 -60.33 -33.89
CA HIS A 91 -27.10 -60.86 -33.41
C HIS A 91 -27.89 -59.82 -32.65
N LEU A 92 -27.22 -59.06 -31.78
CA LEU A 92 -27.89 -58.00 -31.03
C LEU A 92 -28.38 -56.89 -31.96
N HIS A 93 -27.62 -56.60 -33.02
CA HIS A 93 -28.04 -55.60 -33.99
C HIS A 93 -29.29 -56.04 -34.74
N LYS A 94 -29.32 -57.31 -35.16
CA LYS A 94 -30.53 -57.83 -35.80
C LYS A 94 -31.71 -57.80 -34.83
N ARG A 95 -31.47 -58.13 -33.56
CA ARG A 95 -32.53 -58.10 -32.57
C ARG A 95 -33.06 -56.68 -32.33
N VAL A 96 -32.17 -55.68 -32.35
CA VAL A 96 -32.60 -54.29 -32.21
C VAL A 96 -33.41 -53.85 -33.42
N LEU A 97 -32.93 -54.19 -34.62
CA LEU A 97 -33.68 -53.84 -35.83
C LEU A 97 -34.99 -54.60 -35.94
N GLU A 98 -35.15 -55.71 -35.22
CA GLU A 98 -36.40 -56.46 -35.27
C GLU A 98 -37.57 -55.61 -34.76
N SER A 99 -37.35 -54.86 -33.69
CA SER A 99 -38.35 -53.95 -33.17
C SER A 99 -38.15 -52.59 -33.84
N GLU A 100 -39.13 -52.17 -34.64
CA GLU A 100 -38.97 -50.97 -35.44
C GLU A 100 -39.08 -49.71 -34.59
N GLU A 101 -40.03 -49.67 -33.67
CA GLU A 101 -40.26 -48.46 -32.87
C GLU A 101 -39.48 -48.44 -31.57
N GLN A 102 -39.07 -49.60 -31.06
CA GLN A 102 -38.34 -49.70 -29.80
C GLN A 102 -36.84 -49.83 -30.01
N VAL A 103 -36.30 -49.17 -31.03
CA VAL A 103 -34.87 -49.25 -31.30
C VAL A 103 -34.08 -48.62 -30.16
N LEU A 104 -34.56 -47.50 -29.64
CA LEU A 104 -33.80 -46.78 -28.61
C LEU A 104 -33.77 -47.55 -27.30
N VAL A 105 -34.93 -48.02 -26.84
CA VAL A 105 -34.98 -48.69 -25.54
C VAL A 105 -34.26 -50.03 -25.60
N MET A 106 -34.39 -50.76 -26.71
CA MET A 106 -33.69 -52.04 -26.82
C MET A 106 -32.19 -51.84 -27.03
N TYR A 107 -31.80 -50.80 -27.76
CA TYR A 107 -30.39 -50.49 -27.88
C TYR A 107 -29.79 -50.14 -26.53
N HIS A 108 -30.50 -49.37 -25.72
CA HIS A 108 -29.99 -49.05 -24.40
C HIS A 108 -29.97 -50.28 -23.49
N ARG A 109 -30.98 -51.13 -23.61
CA ARG A 109 -31.03 -52.35 -22.80
C ARG A 109 -29.87 -53.27 -23.15
N TYR A 110 -29.47 -53.32 -24.42
CA TYR A 110 -28.32 -54.13 -24.80
C TYR A 110 -27.00 -53.43 -24.51
N TRP A 111 -26.98 -52.10 -24.55
CA TRP A 111 -25.75 -51.39 -24.24
C TRP A 111 -25.43 -51.43 -22.76
N GLU A 112 -26.45 -51.41 -21.90
CA GLU A 112 -26.19 -51.55 -20.47
C GLU A 112 -25.59 -52.91 -20.13
N GLU A 113 -25.86 -53.92 -20.95
CA GLU A 113 -25.23 -55.23 -20.77
C GLU A 113 -23.87 -55.31 -21.43
N TYR A 114 -23.71 -54.74 -22.63
CA TYR A 114 -22.46 -54.83 -23.37
C TYR A 114 -21.43 -53.79 -22.95
N SER A 115 -21.77 -52.84 -22.08
CA SER A 115 -20.76 -51.94 -21.56
C SER A 115 -20.14 -52.46 -20.28
N LYS A 116 -20.87 -53.31 -19.54
CA LYS A 116 -20.33 -53.95 -18.36
C LYS A 116 -19.77 -55.33 -18.68
N GLY A 117 -20.40 -56.06 -19.61
CA GLY A 117 -19.85 -57.32 -20.04
C GLY A 117 -18.53 -57.17 -20.76
N ALA A 118 -18.37 -56.08 -21.53
CA ALA A 118 -17.08 -55.83 -22.16
C ALA A 118 -15.99 -55.61 -21.12
N ASP A 119 -16.28 -54.85 -20.07
CA ASP A 119 -15.27 -54.62 -19.04
C ASP A 119 -14.97 -55.90 -18.26
N TYR A 120 -16.01 -56.68 -17.93
CA TYR A 120 -15.80 -57.92 -17.21
C TYR A 120 -15.03 -58.93 -18.06
N MET A 121 -15.30 -58.95 -19.37
CA MET A 121 -14.59 -59.83 -20.28
C MET A 121 -13.16 -59.37 -20.51
N ASP A 122 -12.92 -58.06 -20.44
CA ASP A 122 -11.55 -57.56 -20.44
C ASP A 122 -10.81 -58.00 -19.18
N CYS A 123 -11.50 -58.00 -18.04
CA CYS A 123 -10.90 -58.49 -16.82
C CYS A 123 -10.60 -59.99 -16.91
N LEU A 124 -11.49 -60.75 -17.54
CA LEU A 124 -11.25 -62.18 -17.72
C LEU A 124 -10.09 -62.45 -18.66
N TYR A 125 -9.91 -61.60 -19.68
CA TYR A 125 -8.84 -61.75 -20.65
C TYR A 125 -7.60 -60.96 -20.29
N ARG A 126 -7.32 -60.78 -18.99
CA ARG A 126 -6.20 -59.95 -18.58
C ARG A 126 -4.88 -60.54 -19.03
N TYR A 127 -4.73 -61.86 -18.92
CA TYR A 127 -3.48 -62.50 -19.35
C TYR A 127 -3.30 -62.36 -20.85
N LEU A 128 -4.38 -62.53 -21.63
CA LEU A 128 -4.26 -62.40 -23.07
C LEU A 128 -3.98 -60.96 -23.48
N ASN A 129 -4.57 -60.00 -22.77
CA ASN A 129 -4.30 -58.59 -23.08
C ASN A 129 -2.87 -58.21 -22.73
N THR A 130 -2.34 -58.78 -21.64
CA THR A 130 -1.03 -58.34 -21.15
C THR A 130 0.10 -59.09 -21.83
N GLN A 131 0.08 -60.43 -21.79
CA GLN A 131 1.18 -61.24 -22.26
C GLN A 131 1.12 -61.60 -23.73
N PHE A 132 0.02 -61.31 -24.42
CA PHE A 132 -0.07 -61.61 -25.84
C PHE A 132 -0.28 -60.36 -26.70
N ILE A 133 -1.30 -59.56 -26.39
CA ILE A 133 -1.67 -58.44 -27.25
C ILE A 133 -0.72 -57.27 -27.06
N LYS A 134 -0.63 -56.77 -25.83
CA LYS A 134 0.22 -55.62 -25.56
C LYS A 134 1.69 -55.95 -25.71
N LYS A 135 2.09 -57.17 -25.37
CA LYS A 135 3.48 -57.58 -25.44
C LYS A 135 3.98 -57.79 -26.86
N ASN A 136 3.09 -57.87 -27.85
CA ASN A 136 3.49 -58.07 -29.24
C ASN A 136 4.25 -56.86 -29.77
N PRO A 140 0.50 -54.60 -32.02
CA PRO A 140 -0.40 -53.65 -32.67
C PRO A 140 -1.83 -54.17 -32.77
N LEU A 141 -2.20 -55.07 -31.86
CA LEU A 141 -3.54 -55.63 -31.82
C LEU A 141 -4.41 -54.79 -30.90
N MET A 142 -5.69 -55.17 -30.79
CA MET A 142 -6.66 -54.46 -29.98
C MET A 142 -7.02 -55.32 -28.76
N GLU A 143 -6.91 -54.73 -27.58
CA GLU A 143 -7.26 -55.44 -26.36
C GLU A 143 -8.75 -55.77 -26.34
N ILE A 144 -9.10 -56.78 -25.56
CA ILE A 144 -10.45 -57.34 -25.61
C ILE A 144 -11.48 -56.30 -25.15
N GLY A 145 -11.14 -55.52 -24.13
CA GLY A 145 -12.03 -54.44 -23.73
C GLY A 145 -12.21 -53.40 -24.82
N GLU A 146 -11.14 -53.06 -25.51
CA GLU A 146 -11.23 -52.14 -26.64
C GLU A 146 -11.91 -52.81 -27.83
N LEU A 147 -11.64 -54.10 -28.04
CA LEU A 147 -12.20 -54.80 -29.20
C LEU A 147 -13.71 -54.96 -29.08
N ALA A 148 -14.22 -55.18 -27.87
CA ALA A 148 -15.66 -55.31 -27.71
C ALA A 148 -16.38 -54.01 -28.07
N LEU A 149 -15.85 -52.88 -27.61
CA LEU A 149 -16.43 -51.59 -27.98
C LEU A 149 -16.26 -51.31 -29.46
N ASP A 150 -15.13 -51.71 -30.04
CA ASP A 150 -14.94 -51.53 -31.47
C ASP A 150 -15.97 -52.33 -32.26
N MET A 151 -16.23 -53.57 -31.86
CA MET A 151 -17.24 -54.37 -32.53
C MET A 151 -18.63 -53.77 -32.33
N TRP A 152 -18.89 -53.20 -31.16
CA TRP A 152 -20.19 -52.58 -30.92
C TRP A 152 -20.39 -51.36 -31.81
N ARG A 153 -19.36 -50.52 -31.96
CA ARG A 153 -19.49 -49.32 -32.78
C ARG A 153 -19.33 -49.60 -34.26
N LYS A 154 -18.85 -50.78 -34.64
CA LYS A 154 -18.80 -51.14 -36.05
C LYS A 154 -19.97 -51.99 -36.51
N LEU A 155 -20.70 -52.61 -35.58
CA LEU A 155 -21.79 -53.50 -35.96
C LEU A 155 -23.14 -53.18 -35.33
N MET A 156 -23.22 -52.25 -34.37
CA MET A 156 -24.51 -51.88 -33.83
C MET A 156 -24.69 -50.38 -33.66
N VAL A 157 -23.69 -49.56 -33.95
CA VAL A 157 -23.84 -48.10 -33.93
C VAL A 157 -23.72 -47.51 -35.31
N GLU A 158 -22.79 -47.99 -36.12
CA GLU A 158 -22.63 -47.43 -37.46
C GLU A 158 -23.71 -47.92 -38.44
N PRO A 159 -24.14 -49.19 -38.40
CA PRO A 159 -25.34 -49.53 -39.19
C PRO A 159 -26.63 -48.92 -38.65
N LEU A 160 -26.73 -48.72 -37.35
CA LEU A 160 -27.91 -48.12 -36.74
C LEU A 160 -27.80 -46.60 -36.59
N GLN A 161 -26.72 -45.99 -37.10
CA GLN A 161 -26.55 -44.55 -36.94
C GLN A 161 -27.69 -43.78 -37.59
N ALA A 162 -28.08 -44.21 -38.80
CA ALA A 162 -29.11 -43.49 -39.55
C ALA A 162 -30.46 -43.52 -38.87
N ILE A 163 -30.73 -44.50 -38.01
CA ILE A 163 -31.98 -44.55 -37.27
C ILE A 163 -31.79 -44.33 -35.78
N LEU A 164 -30.55 -44.17 -35.32
CA LEU A 164 -30.32 -43.74 -33.95
C LEU A 164 -30.28 -42.22 -33.84
N ILE A 165 -29.58 -41.54 -34.74
CA ILE A 165 -29.52 -40.09 -34.70
C ILE A 165 -30.71 -39.52 -35.46
N ARG A 166 -31.65 -40.40 -35.83
CA ARG A 166 -32.94 -39.96 -36.34
C ARG A 166 -34.06 -40.16 -35.32
N MET A 167 -33.89 -41.08 -34.38
CA MET A 167 -34.84 -41.25 -33.29
C MET A 167 -34.46 -40.45 -32.05
N LEU A 168 -33.17 -40.28 -31.77
CA LEU A 168 -32.76 -39.47 -30.64
C LEU A 168 -33.13 -38.01 -30.84
N LEU A 169 -32.86 -37.47 -32.02
CA LEU A 169 -33.23 -36.08 -32.29
C LEU A 169 -34.73 -35.91 -32.25
N ARG A 170 -35.48 -36.86 -32.80
CA ARG A 170 -36.93 -36.76 -32.77
C ARG A 170 -37.48 -36.83 -31.36
N GLU A 171 -36.91 -37.68 -30.51
CA GLU A 171 -37.44 -37.79 -29.16
C GLU A 171 -37.00 -36.65 -28.27
N ILE A 172 -35.81 -36.08 -28.49
CA ILE A 172 -35.44 -34.85 -27.79
C ILE A 172 -36.32 -33.69 -28.25
N LYS A 173 -36.67 -33.66 -29.54
CA LYS A 173 -37.62 -32.65 -30.02
C LYS A 173 -38.99 -32.85 -29.38
N ASN A 174 -39.40 -34.09 -29.18
CA ASN A 174 -40.63 -34.37 -28.45
C ASN A 174 -40.53 -33.87 -27.02
N ASP A 175 -39.35 -34.00 -26.41
CA ASP A 175 -39.12 -33.40 -25.09
C ASP A 175 -39.22 -31.89 -25.16
N ARG A 176 -38.82 -31.29 -26.28
CA ARG A 176 -38.96 -29.85 -26.44
C ARG A 176 -40.42 -29.44 -26.65
N GLY A 177 -41.22 -30.31 -27.24
CA GLY A 177 -42.61 -30.04 -27.51
C GLY A 177 -43.55 -30.18 -26.33
N GLY A 178 -43.03 -30.57 -25.17
CA GLY A 178 -43.86 -30.66 -23.99
C GLY A 178 -43.87 -32.04 -23.35
N GLU A 179 -43.82 -33.08 -24.16
CA GLU A 179 -43.86 -34.44 -23.65
C GLU A 179 -42.58 -34.75 -22.87
N ASP A 180 -42.68 -35.74 -21.98
CA ASP A 180 -41.56 -36.17 -21.17
C ASP A 180 -41.17 -37.58 -21.56
N PRO A 181 -40.12 -37.77 -22.35
CA PRO A 181 -39.73 -39.12 -22.76
C PRO A 181 -38.88 -39.82 -21.70
N ASN A 182 -38.38 -41.01 -22.03
CA ASN A 182 -37.52 -41.75 -21.12
C ASN A 182 -36.16 -41.07 -21.07
N GLN A 183 -35.89 -40.35 -19.98
CA GLN A 183 -34.61 -39.66 -19.85
C GLN A 183 -33.45 -40.64 -19.77
N LYS A 184 -33.65 -41.74 -19.03
CA LYS A 184 -32.57 -42.72 -18.84
C LYS A 184 -32.15 -43.35 -20.16
N VAL A 185 -33.12 -43.74 -20.99
CA VAL A 185 -32.80 -44.41 -22.25
C VAL A 185 -32.09 -43.45 -23.20
N ILE A 186 -32.60 -42.23 -23.33
CA ILE A 186 -32.00 -41.27 -24.25
C ILE A 186 -30.60 -40.90 -23.78
N HIS A 187 -30.44 -40.68 -22.49
CA HIS A 187 -29.11 -40.33 -21.97
C HIS A 187 -28.15 -41.49 -22.12
N GLY A 188 -28.61 -42.73 -21.93
CA GLY A 188 -27.73 -43.87 -22.12
C GLY A 188 -27.31 -44.05 -23.56
N VAL A 189 -28.25 -43.89 -24.50
CA VAL A 189 -27.91 -44.04 -25.91
C VAL A 189 -26.96 -42.94 -26.36
N ILE A 190 -27.17 -41.71 -25.88
CA ILE A 190 -26.27 -40.61 -26.23
C ILE A 190 -24.90 -40.80 -25.59
N ASN A 191 -24.88 -41.32 -24.36
CA ASN A 191 -23.63 -41.59 -23.66
C ASN A 191 -22.87 -42.76 -24.26
N SER A 192 -23.54 -43.66 -24.97
CA SER A 192 -22.84 -44.76 -25.61
C SER A 192 -21.89 -44.25 -26.68
N PHE A 193 -22.29 -43.21 -27.41
CA PHE A 193 -21.46 -42.68 -28.49
C PHE A 193 -20.13 -42.14 -28.00
N VAL A 194 -20.04 -41.76 -26.73
CA VAL A 194 -18.78 -41.28 -26.16
C VAL A 194 -18.13 -42.31 -25.24
N HIS A 195 -18.90 -43.26 -24.70
CA HIS A 195 -18.32 -44.34 -23.92
C HIS A 195 -17.68 -45.40 -24.80
N VAL A 196 -18.14 -45.56 -26.04
CA VAL A 196 -17.60 -46.59 -26.92
C VAL A 196 -16.21 -46.22 -27.42
N GLU A 197 -15.82 -44.95 -27.28
CA GLU A 197 -14.54 -44.45 -27.74
C GLU A 197 -13.57 -44.18 -26.60
N GLN A 198 -13.80 -44.80 -25.43
CA GLN A 198 -12.97 -44.48 -24.28
C GLN A 198 -11.53 -44.97 -24.46
N TYR A 199 -11.33 -46.04 -25.21
CA TYR A 199 -9.99 -46.54 -25.46
C TYR A 199 -9.27 -45.78 -26.57
N LYS A 200 -9.97 -44.90 -27.29
CA LYS A 200 -9.36 -44.04 -28.30
C LYS A 200 -8.97 -42.74 -27.61
N LYS A 201 -7.76 -42.72 -27.07
CA LYS A 201 -7.27 -41.54 -26.36
C LYS A 201 -7.05 -40.35 -27.29
N LYS A 202 -6.85 -40.59 -28.58
CA LYS A 202 -6.69 -39.51 -29.56
C LYS A 202 -8.08 -39.12 -30.06
N PHE A 203 -8.55 -37.95 -29.64
CA PHE A 203 -9.88 -37.43 -29.95
C PHE A 203 -10.95 -38.41 -29.48
N PRO A 204 -11.17 -38.56 -28.16
CA PRO A 204 -12.15 -39.55 -27.69
C PRO A 204 -13.58 -39.16 -27.97
N LEU A 205 -13.87 -37.89 -28.20
CA LEU A 205 -15.23 -37.42 -28.44
C LEU A 205 -15.52 -37.16 -29.91
N LYS A 206 -14.58 -37.49 -30.80
CA LYS A 206 -14.78 -37.19 -32.22
C LYS A 206 -15.95 -37.98 -32.78
N PHE A 207 -16.11 -39.23 -32.37
CA PHE A 207 -17.28 -40.00 -32.79
C PHE A 207 -18.57 -39.37 -32.28
N TYR A 208 -18.58 -38.93 -31.02
CA TYR A 208 -19.76 -38.31 -30.46
C TYR A 208 -20.08 -36.99 -31.17
N GLN A 209 -19.07 -36.18 -31.43
CA GLN A 209 -19.26 -34.90 -32.10
C GLN A 209 -19.49 -35.04 -33.59
N GLU A 210 -19.31 -36.24 -34.15
CA GLU A 210 -19.56 -36.48 -35.57
C GLU A 210 -20.91 -37.14 -35.81
N ILE A 211 -21.28 -38.13 -35.01
CA ILE A 211 -22.51 -38.86 -35.27
C ILE A 211 -23.72 -38.12 -34.73
N PHE A 212 -23.59 -37.47 -33.56
CA PHE A 212 -24.74 -36.94 -32.86
C PHE A 212 -24.67 -35.44 -32.64
N GLU A 213 -23.55 -34.93 -32.10
CA GLU A 213 -23.54 -33.55 -31.64
C GLU A 213 -23.68 -32.55 -32.79
N SER A 214 -23.02 -32.81 -33.92
CA SER A 214 -23.22 -31.92 -35.07
C SER A 214 -24.63 -32.04 -35.64
N PRO A 215 -25.19 -33.23 -35.88
CA PRO A 215 -26.62 -33.27 -36.27
C PRO A 215 -27.55 -32.69 -35.23
N PHE A 216 -27.26 -32.87 -33.94
CA PHE A 216 -28.10 -32.27 -32.91
C PHE A 216 -28.01 -30.75 -32.94
N LEU A 217 -26.81 -30.21 -33.17
CA LEU A 217 -26.66 -28.76 -33.27
C LEU A 217 -27.41 -28.21 -34.47
N THR A 218 -27.32 -28.90 -35.61
CA THR A 218 -28.08 -28.45 -36.78
C THR A 218 -29.58 -28.52 -36.51
N GLU A 219 -30.05 -29.60 -35.88
CA GLU A 219 -31.47 -29.74 -35.60
C GLU A 219 -31.95 -28.69 -34.60
N THR A 220 -31.16 -28.41 -33.56
CA THR A 220 -31.59 -27.42 -32.58
C THR A 220 -31.52 -26.01 -33.15
N GLY A 221 -30.57 -25.73 -34.05
CA GLY A 221 -30.57 -24.45 -34.72
C GLY A 221 -31.78 -24.26 -35.62
N GLU A 222 -32.08 -25.27 -36.44
CA GLU A 222 -33.24 -25.18 -37.31
C GLU A 222 -34.56 -25.30 -36.57
N TYR A 223 -34.55 -25.75 -35.32
CA TYR A 223 -35.75 -25.77 -34.50
C TYR A 223 -35.97 -24.46 -33.77
N TYR A 224 -34.91 -23.90 -33.17
CA TYR A 224 -35.04 -22.63 -32.47
C TYR A 224 -35.16 -21.45 -33.42
N LYS A 225 -34.70 -21.57 -34.67
CA LYS A 225 -35.02 -20.53 -35.65
C LYS A 225 -36.52 -20.45 -35.87
N GLN A 226 -37.16 -21.60 -36.12
CA GLN A 226 -38.61 -21.63 -36.29
C GLN A 226 -39.32 -21.24 -35.01
N GLU A 227 -38.78 -21.64 -33.86
CA GLU A 227 -39.40 -21.29 -32.58
C GLU A 227 -39.37 -19.79 -32.33
N ALA A 228 -38.24 -19.14 -32.61
CA ALA A 228 -38.16 -17.69 -32.46
C ALA A 228 -39.07 -16.98 -33.45
N SER A 229 -39.12 -17.48 -34.69
CA SER A 229 -40.03 -16.88 -35.67
C SER A 229 -41.49 -17.06 -35.26
N ASN A 230 -41.81 -18.16 -34.58
CA ASN A 230 -43.16 -18.38 -34.10
C ASN A 230 -43.47 -17.49 -32.89
N LEU A 231 -42.49 -17.27 -32.03
CA LEU A 231 -42.69 -16.40 -30.87
C LEU A 231 -42.86 -14.95 -31.32
N LEU A 232 -42.15 -14.54 -32.37
CA LEU A 232 -42.23 -13.15 -32.81
C LEU A 232 -43.61 -12.80 -33.34
N GLN A 233 -44.25 -13.71 -34.07
CA GLN A 233 -45.50 -13.40 -34.74
C GLN A 233 -46.67 -13.25 -33.77
N GLU A 234 -46.53 -13.67 -32.51
CA GLU A 234 -47.66 -13.62 -31.60
C GLU A 234 -47.29 -13.12 -30.20
N SER A 235 -46.20 -12.37 -30.07
CA SER A 235 -45.78 -11.87 -28.77
C SER A 235 -45.10 -10.52 -28.93
N ASN A 236 -45.36 -9.63 -27.98
CA ASN A 236 -44.65 -8.36 -27.93
C ASN A 236 -43.22 -8.60 -27.46
N CYS A 237 -42.37 -7.58 -27.63
CA CYS A 237 -40.99 -7.70 -27.19
C CYS A 237 -40.86 -7.82 -25.68
N SER A 238 -41.88 -7.38 -24.93
CA SER A 238 -41.85 -7.59 -23.49
C SER A 238 -42.09 -9.06 -23.13
N GLN A 239 -42.97 -9.73 -23.87
CA GLN A 239 -43.23 -11.15 -23.68
C GLN A 239 -42.24 -12.03 -24.42
N TYR A 240 -41.71 -11.55 -25.54
CA TYR A 240 -40.76 -12.34 -26.32
C TYR A 240 -39.50 -12.63 -25.54
N MET A 241 -38.97 -11.64 -24.81
CA MET A 241 -37.74 -11.87 -24.09
C MET A 241 -37.95 -12.79 -22.88
N GLU A 242 -39.09 -12.69 -22.21
CA GLU A 242 -39.33 -13.64 -21.11
C GLU A 242 -39.57 -15.04 -21.63
N LYS A 243 -40.22 -15.20 -22.79
CA LYS A 243 -40.34 -16.52 -23.40
C LYS A 243 -38.98 -17.06 -23.82
N VAL A 244 -38.13 -16.22 -24.42
CA VAL A 244 -36.83 -16.67 -24.85
C VAL A 244 -35.98 -17.07 -23.65
N LEU A 245 -36.09 -16.34 -22.54
CA LEU A 245 -35.39 -16.75 -21.33
C LEU A 245 -35.94 -18.06 -20.80
N GLY A 246 -37.26 -18.26 -20.88
CA GLY A 246 -37.83 -19.53 -20.47
C GLY A 246 -37.30 -20.70 -21.29
N ARG A 247 -37.22 -20.54 -22.61
CA ARG A 247 -36.67 -21.61 -23.44
C ARG A 247 -35.17 -21.76 -23.28
N LEU A 248 -34.43 -20.68 -23.00
CA LEU A 248 -33.01 -20.83 -22.65
C LEU A 248 -32.84 -21.65 -21.39
N LYS A 249 -33.66 -21.40 -20.37
CA LYS A 249 -33.56 -22.18 -19.14
C LYS A 249 -33.98 -23.63 -19.37
N ASP A 250 -35.04 -23.84 -20.16
CA ASP A 250 -35.49 -25.19 -20.46
C ASP A 250 -34.44 -25.96 -21.25
N GLU A 251 -33.78 -25.31 -22.20
CA GLU A 251 -32.71 -25.97 -22.95
C GLU A 251 -31.48 -26.20 -22.09
N GLU A 252 -31.18 -25.29 -21.17
CA GLU A 252 -30.09 -25.52 -20.24
C GLU A 252 -30.35 -26.76 -19.38
N ILE A 253 -31.58 -26.93 -18.93
CA ILE A 253 -31.93 -28.11 -18.15
C ILE A 253 -31.97 -29.38 -18.99
N ARG A 254 -32.56 -29.33 -20.19
CA ARG A 254 -32.73 -30.56 -20.95
C ARG A 254 -31.45 -30.98 -21.68
N CYS A 255 -30.50 -30.07 -21.87
CA CYS A 255 -29.23 -30.48 -22.43
C CYS A 255 -28.29 -31.03 -21.37
N ARG A 256 -28.67 -30.98 -20.10
CA ARG A 256 -27.90 -31.55 -19.02
C ARG A 256 -28.31 -32.98 -18.71
N LYS A 257 -29.58 -33.32 -18.87
CA LYS A 257 -30.08 -34.66 -18.61
C LYS A 257 -30.06 -35.54 -19.85
N TYR A 258 -29.58 -35.03 -20.99
CA TYR A 258 -29.54 -35.81 -22.22
C TYR A 258 -28.16 -35.89 -22.86
N LEU A 259 -27.35 -34.85 -22.77
CA LEU A 259 -26.13 -34.76 -23.56
C LEU A 259 -24.89 -34.90 -22.70
N HIS A 260 -23.75 -35.01 -23.38
CA HIS A 260 -22.46 -35.01 -22.73
C HIS A 260 -22.17 -33.63 -22.15
N PRO A 261 -21.40 -33.55 -21.06
CA PRO A 261 -21.05 -32.23 -20.50
C PRO A 261 -20.36 -31.30 -21.48
N SER A 262 -19.51 -31.84 -22.37
CA SER A 262 -18.80 -30.99 -23.32
C SER A 262 -19.74 -30.26 -24.26
N SER A 263 -20.92 -30.83 -24.51
CA SER A 263 -21.93 -30.22 -25.35
C SER A 263 -22.92 -29.36 -24.57
N TYR A 264 -22.64 -29.09 -23.30
CA TYR A 264 -23.53 -28.23 -22.52
C TYR A 264 -23.55 -26.81 -23.07
N THR A 265 -22.38 -26.28 -23.45
CA THR A 265 -22.27 -24.91 -23.90
C THR A 265 -22.49 -24.73 -25.39
N LYS A 266 -22.13 -25.74 -26.20
CA LYS A 266 -22.32 -25.62 -27.64
C LYS A 266 -23.78 -25.59 -28.01
N VAL A 267 -24.61 -26.37 -27.31
CA VAL A 267 -26.04 -26.39 -27.61
C VAL A 267 -26.69 -25.07 -27.23
N ILE A 268 -26.40 -24.56 -26.03
CA ILE A 268 -27.06 -23.35 -25.57
C ILE A 268 -26.59 -22.14 -26.37
N HIS A 269 -25.34 -22.16 -26.86
CA HIS A 269 -24.89 -21.09 -27.75
C HIS A 269 -25.65 -21.14 -29.07
N GLU A 270 -26.13 -22.31 -29.47
CA GLU A 270 -27.06 -22.38 -30.59
C GLU A 270 -28.45 -21.91 -30.20
N CYS A 271 -28.82 -22.08 -28.93
CA CYS A 271 -30.12 -21.58 -28.48
C CYS A 271 -30.11 -20.06 -28.37
N GLN A 272 -28.97 -19.49 -27.95
CA GLN A 272 -28.86 -18.04 -27.92
C GLN A 272 -28.84 -17.48 -29.34
N GLN A 273 -27.83 -17.85 -30.13
CA GLN A 273 -27.69 -17.24 -31.45
C GLN A 273 -28.65 -17.84 -32.47
N ARG A 274 -29.90 -18.02 -32.05
CA ARG A 274 -31.04 -18.24 -32.91
C ARG A 274 -32.27 -17.47 -32.46
N MET A 275 -32.34 -17.07 -31.20
CA MET A 275 -33.48 -16.34 -30.65
C MET A 275 -33.13 -14.93 -30.24
N VAL A 276 -31.91 -14.68 -29.77
CA VAL A 276 -31.48 -13.37 -29.34
C VAL A 276 -30.51 -12.73 -30.32
N ALA A 277 -29.54 -13.48 -30.86
CA ALA A 277 -28.57 -12.87 -31.75
C ALA A 277 -29.11 -12.72 -33.17
N ASP A 278 -30.02 -13.60 -33.60
CA ASP A 278 -30.61 -13.43 -34.92
C ASP A 278 -31.60 -12.29 -34.97
N HIS A 279 -32.13 -11.86 -33.83
CA HIS A 279 -33.16 -10.83 -33.77
C HIS A 279 -32.72 -9.63 -32.94
N LEU A 280 -31.44 -9.27 -33.04
CA LEU A 280 -31.00 -8.04 -32.39
C LEU A 280 -31.74 -6.83 -32.92
N GLN A 281 -31.97 -6.78 -34.24
CA GLN A 281 -32.72 -5.68 -34.81
C GLN A 281 -34.13 -5.61 -34.25
N PHE A 282 -34.64 -6.70 -33.68
CA PHE A 282 -35.91 -6.64 -32.98
C PHE A 282 -35.71 -6.26 -31.52
N LEU A 283 -34.63 -6.75 -30.89
CA LEU A 283 -34.38 -6.48 -29.48
C LEU A 283 -33.61 -5.19 -29.25
N HIS A 284 -32.99 -4.62 -30.28
CA HIS A 284 -32.31 -3.34 -30.12
C HIS A 284 -33.22 -2.16 -30.45
N ALA A 285 -34.27 -2.38 -31.24
CA ALA A 285 -35.26 -1.34 -31.48
C ALA A 285 -36.19 -1.14 -30.29
N GLU A 286 -36.18 -2.05 -29.32
CA GLU A 286 -36.99 -1.94 -28.12
C GLU A 286 -36.18 -1.51 -26.91
N CYS A 287 -34.87 -1.30 -27.05
CA CYS A 287 -34.08 -0.77 -25.94
C CYS A 287 -34.46 0.67 -25.61
N HIS A 288 -35.14 1.35 -26.52
CA HIS A 288 -35.58 2.72 -26.27
C HIS A 288 -36.83 2.74 -25.40
N ASN A 289 -37.90 2.07 -25.84
CA ASN A 289 -39.14 2.08 -25.09
C ASN A 289 -39.07 1.31 -23.78
N ILE A 290 -38.01 0.56 -23.55
CA ILE A 290 -37.84 -0.23 -22.32
C ILE A 290 -36.99 0.51 -21.30
N ILE A 291 -35.87 1.08 -21.74
CA ILE A 291 -35.01 1.83 -20.82
C ILE A 291 -35.65 3.16 -20.46
N ARG A 292 -36.14 3.90 -21.44
CA ARG A 292 -36.66 5.23 -21.20
C ARG A 292 -38.02 5.23 -20.53
N GLN A 293 -38.64 4.06 -20.35
CA GLN A 293 -39.84 3.94 -19.54
C GLN A 293 -39.57 3.23 -18.23
N GLU A 294 -38.29 2.98 -17.91
CA GLU A 294 -37.88 2.30 -16.68
C GLU A 294 -38.64 0.99 -16.47
N LYS A 295 -38.77 0.21 -17.54
CA LYS A 295 -39.42 -1.10 -17.45
C LYS A 295 -38.43 -2.06 -16.79
N LYS A 296 -38.40 -2.00 -15.46
CA LYS A 296 -37.34 -2.66 -14.69
C LYS A 296 -37.35 -4.18 -14.80
N ASN A 297 -38.43 -4.78 -15.28
CA ASN A 297 -38.43 -6.21 -15.55
C ASN A 297 -37.98 -6.52 -16.96
N ASP A 298 -38.56 -5.82 -17.94
CA ASP A 298 -38.13 -5.99 -19.33
C ASP A 298 -36.67 -5.57 -19.51
N MET A 299 -36.23 -4.57 -18.75
CA MET A 299 -34.82 -4.14 -18.84
C MET A 299 -33.88 -5.24 -18.35
N ALA A 300 -34.23 -5.91 -17.25
CA ALA A 300 -33.41 -7.00 -16.76
C ALA A 300 -33.43 -8.18 -17.70
N ASN A 301 -34.61 -8.50 -18.26
CA ASN A 301 -34.71 -9.58 -19.23
C ASN A 301 -33.84 -9.30 -20.45
N MET A 302 -33.94 -8.09 -21.01
CA MET A 302 -33.15 -7.76 -22.18
C MET A 302 -31.67 -7.66 -21.86
N TYR A 303 -31.32 -7.29 -20.63
CA TYR A 303 -29.91 -7.26 -20.28
C TYR A 303 -29.33 -8.66 -20.23
N VAL A 304 -29.98 -9.58 -19.51
CA VAL A 304 -29.49 -10.95 -19.45
C VAL A 304 -29.66 -11.67 -20.78
N LEU A 305 -30.43 -11.10 -21.70
CA LEU A 305 -30.58 -11.66 -23.03
C LEU A 305 -29.47 -11.21 -23.97
N LEU A 306 -29.19 -9.90 -23.98
CA LEU A 306 -28.16 -9.34 -24.85
C LEU A 306 -26.75 -9.45 -24.27
N ARG A 307 -26.61 -9.81 -23.00
CA ARG A 307 -25.29 -9.99 -22.43
C ARG A 307 -24.57 -11.17 -23.07
N ALA A 308 -25.30 -12.23 -23.38
CA ALA A 308 -24.71 -13.40 -24.01
C ALA A 308 -24.17 -13.08 -25.39
N VAL A 309 -24.92 -12.33 -26.19
CA VAL A 309 -24.46 -11.93 -27.51
C VAL A 309 -23.32 -10.93 -27.38
N SER A 310 -22.33 -11.03 -28.27
CA SER A 310 -21.18 -10.15 -28.23
C SER A 310 -21.58 -8.69 -28.44
N THR A 311 -22.10 -8.39 -29.63
CA THR A 311 -22.51 -7.02 -29.96
C THR A 311 -23.98 -6.76 -29.63
N GLY A 312 -24.36 -7.06 -28.39
CA GLY A 312 -25.72 -6.83 -27.97
C GLY A 312 -25.87 -5.66 -27.02
N LEU A 313 -24.92 -5.52 -26.09
CA LEU A 313 -24.98 -4.49 -25.07
C LEU A 313 -24.66 -3.08 -25.55
N PRO A 314 -23.59 -2.83 -26.38
CA PRO A 314 -23.21 -1.43 -26.67
C PRO A 314 -24.29 -0.54 -27.28
N HIS A 315 -25.47 -1.09 -27.58
CA HIS A 315 -26.62 -0.26 -27.91
C HIS A 315 -27.51 -0.01 -26.70
N MET A 316 -27.70 -1.02 -25.86
CA MET A 316 -28.43 -0.83 -24.61
C MET A 316 -27.71 0.14 -23.69
N ILE A 317 -26.38 0.06 -23.65
CA ILE A 317 -25.57 0.99 -22.87
C ILE A 317 -25.77 2.41 -23.36
N GLN A 318 -25.77 2.60 -24.68
CA GLN A 318 -25.95 3.95 -25.23
C GLN A 318 -27.35 4.48 -24.96
N GLU A 319 -28.37 3.61 -25.05
CA GLU A 319 -29.72 4.06 -24.77
C GLU A 319 -29.88 4.43 -23.29
N LEU A 320 -29.27 3.67 -22.40
CA LEU A 320 -29.30 4.05 -20.99
C LEU A 320 -28.54 5.34 -20.75
N GLN A 321 -27.43 5.55 -21.44
CA GLN A 321 -26.68 6.80 -21.29
C GLN A 321 -27.50 7.99 -21.77
N ASN A 322 -28.22 7.83 -22.88
CA ASN A 322 -29.11 8.89 -23.34
C ASN A 322 -30.22 9.17 -22.32
N HIS A 323 -30.79 8.11 -21.76
CA HIS A 323 -31.85 8.28 -20.77
C HIS A 323 -31.33 9.00 -19.53
N ILE A 324 -30.15 8.63 -19.04
CA ILE A 324 -29.60 9.26 -17.86
C ILE A 324 -29.24 10.72 -18.15
N HIS A 325 -28.70 10.98 -19.34
CA HIS A 325 -28.37 12.35 -19.73
C HIS A 325 -29.62 13.22 -19.74
N ASP A 326 -30.70 12.72 -20.34
CA ASP A 326 -31.93 13.51 -20.38
C ASP A 326 -32.58 13.64 -19.02
N GLU A 327 -32.51 12.61 -18.18
CA GLU A 327 -33.06 12.70 -16.84
C GLU A 327 -32.31 13.73 -16.00
N GLY A 328 -30.97 13.76 -16.12
CA GLY A 328 -30.22 14.77 -15.43
C GLY A 328 -30.52 16.16 -15.96
N LEU A 329 -30.68 16.28 -17.28
CA LEU A 329 -30.97 17.59 -17.87
C LEU A 329 -32.33 18.10 -17.42
N ARG A 330 -33.33 17.22 -17.34
CA ARG A 330 -34.63 17.61 -16.81
C ARG A 330 -34.53 17.96 -15.33
N ALA A 331 -33.74 17.20 -14.57
CA ALA A 331 -33.66 17.42 -13.14
C ALA A 331 -32.99 18.75 -12.81
N THR A 332 -31.83 19.00 -13.41
CA THR A 332 -31.04 20.19 -13.10
C THR A 332 -31.35 21.35 -14.05
N SER A 333 -32.64 21.67 -14.19
CA SER A 333 -33.05 22.76 -15.08
C SER A 333 -34.18 23.53 -14.43
N ASN A 334 -34.20 24.84 -14.69
CA ASN A 334 -35.19 25.76 -14.12
C ASN A 334 -35.19 25.71 -12.60
N LEU A 335 -34.00 25.53 -12.02
CA LEU A 335 -33.87 25.53 -10.57
C LEU A 335 -34.05 26.95 -10.04
N THR A 336 -34.60 27.03 -8.82
CA THR A 336 -34.82 28.32 -8.19
C THR A 336 -33.49 28.96 -7.86
N GLN A 337 -33.34 30.25 -8.20
CA GLN A 337 -32.08 30.94 -7.98
C GLN A 337 -31.78 31.15 -6.51
N GLU A 338 -32.78 31.07 -5.64
CA GLU A 338 -32.55 31.28 -4.21
C GLU A 338 -31.69 30.17 -3.63
N ASN A 339 -31.93 28.93 -4.04
CA ASN A 339 -31.20 27.78 -3.50
C ASN A 339 -30.65 26.93 -4.64
N MET A 340 -30.17 27.57 -5.70
CA MET A 340 -29.59 26.83 -6.81
C MET A 340 -28.38 25.98 -6.45
N PRO A 341 -27.40 26.45 -5.64
CA PRO A 341 -26.27 25.56 -5.32
C PRO A 341 -26.66 24.26 -4.65
N THR A 342 -27.63 24.28 -3.75
CA THR A 342 -28.06 23.05 -3.10
C THR A 342 -28.96 22.22 -3.99
N LEU A 343 -29.86 22.89 -4.74
CA LEU A 343 -30.78 22.16 -5.60
C LEU A 343 -30.06 21.44 -6.72
N PHE A 344 -29.03 22.06 -7.29
CA PHE A 344 -28.24 21.41 -8.34
C PHE A 344 -27.58 20.15 -7.82
N VAL A 345 -26.88 20.25 -6.70
CA VAL A 345 -26.16 19.11 -6.16
C VAL A 345 -27.13 18.01 -5.77
N GLU A 346 -28.24 18.37 -5.13
CA GLU A 346 -29.19 17.34 -4.70
C GLU A 346 -29.92 16.71 -5.90
N SER A 347 -30.14 17.46 -6.97
CA SER A 347 -30.77 16.89 -8.16
C SER A 347 -29.83 15.90 -8.85
N VAL A 348 -28.56 16.27 -9.01
CA VAL A 348 -27.61 15.33 -9.59
C VAL A 348 -27.45 14.12 -8.68
N LEU A 349 -27.50 14.34 -7.37
CA LEU A 349 -27.36 13.22 -6.44
C LEU A 349 -28.56 12.27 -6.50
N GLU A 350 -29.77 12.81 -6.65
CA GLU A 350 -30.92 11.91 -6.73
C GLU A 350 -30.95 11.17 -8.06
N VAL A 351 -30.53 11.82 -9.15
CA VAL A 351 -30.40 11.10 -10.42
C VAL A 351 -29.35 10.01 -10.32
N HIS A 352 -28.21 10.32 -9.69
CA HIS A 352 -27.15 9.34 -9.52
C HIS A 352 -27.63 8.16 -8.67
N GLY A 353 -28.34 8.43 -7.58
CA GLY A 353 -28.83 7.35 -6.75
C GLY A 353 -29.87 6.48 -7.44
N LYS A 354 -30.82 7.12 -8.14
CA LYS A 354 -31.84 6.37 -8.85
C LYS A 354 -31.22 5.48 -9.92
N PHE A 355 -30.28 6.03 -10.70
CA PHE A 355 -29.70 5.27 -11.79
C PHE A 355 -28.49 4.46 -11.38
N VAL A 356 -28.13 4.45 -10.09
CA VAL A 356 -27.15 3.48 -9.63
C VAL A 356 -27.92 2.32 -9.01
N GLN A 357 -29.09 2.58 -8.42
CA GLN A 357 -29.85 1.44 -7.92
C GLN A 357 -30.57 0.71 -9.05
N LEU A 358 -30.98 1.41 -10.12
CA LEU A 358 -31.49 0.70 -11.30
C LEU A 358 -30.40 -0.18 -11.90
N ILE A 359 -29.19 0.35 -12.02
CA ILE A 359 -28.11 -0.44 -12.61
C ILE A 359 -27.74 -1.60 -11.70
N ASN A 360 -27.81 -1.44 -10.39
CA ASN A 360 -27.49 -2.54 -9.49
C ASN A 360 -28.57 -3.61 -9.52
N THR A 361 -29.83 -3.24 -9.31
CA THR A 361 -30.89 -4.24 -9.26
C THR A 361 -31.14 -4.87 -10.62
N VAL A 362 -31.29 -4.04 -11.65
CA VAL A 362 -31.78 -4.51 -12.93
C VAL A 362 -30.64 -4.99 -13.82
N LEU A 363 -29.61 -4.16 -14.00
CA LEU A 363 -28.55 -4.44 -14.95
C LEU A 363 -27.30 -5.00 -14.28
N ASN A 364 -27.44 -5.70 -13.15
CA ASN A 364 -26.38 -6.43 -12.47
C ASN A 364 -25.22 -5.55 -12.02
N GLY A 365 -25.33 -4.23 -12.17
CA GLY A 365 -24.24 -3.35 -11.80
C GLY A 365 -22.99 -3.50 -12.64
N ASP A 366 -23.13 -3.68 -13.95
CA ASP A 366 -21.96 -3.77 -14.81
C ASP A 366 -21.19 -2.46 -14.83
N GLN A 367 -19.88 -2.57 -15.03
CA GLN A 367 -19.06 -1.38 -15.21
C GLN A 367 -19.33 -0.71 -16.54
N HIS A 368 -19.91 -1.42 -17.50
CA HIS A 368 -20.32 -0.78 -18.76
C HIS A 368 -21.49 0.17 -18.52
N PHE A 369 -22.51 -0.28 -17.81
CA PHE A 369 -23.67 0.57 -17.56
C PHE A 369 -23.34 1.67 -16.56
N MET A 370 -22.51 1.38 -15.57
CA MET A 370 -22.09 2.43 -14.66
C MET A 370 -21.14 3.43 -15.32
N SER A 371 -20.36 2.97 -16.30
CA SER A 371 -19.60 3.91 -17.11
C SER A 371 -20.51 4.77 -17.96
N ALA A 372 -21.60 4.20 -18.47
CA ALA A 372 -22.60 5.01 -19.17
C ALA A 372 -23.22 6.05 -18.25
N LEU A 373 -23.52 5.65 -17.01
CA LEU A 373 -24.04 6.61 -16.04
C LEU A 373 -23.04 7.71 -15.75
N ASP A 374 -21.76 7.35 -15.57
CA ASP A 374 -20.75 8.35 -15.31
C ASP A 374 -20.57 9.30 -16.48
N LYS A 375 -20.61 8.77 -17.71
CA LYS A 375 -20.49 9.63 -18.89
C LYS A 375 -21.69 10.57 -19.01
N ALA A 376 -22.89 10.06 -18.77
CA ALA A 376 -24.08 10.92 -18.86
C ALA A 376 -24.08 11.97 -17.77
N LEU A 377 -23.66 11.62 -16.56
CA LEU A 377 -23.64 12.60 -15.48
C LEU A 377 -22.52 13.61 -15.67
N THR A 378 -21.39 13.20 -16.24
CA THR A 378 -20.36 14.17 -16.58
C THR A 378 -20.83 15.11 -17.69
N SER A 379 -21.64 14.61 -18.63
CA SER A 379 -22.17 15.45 -19.67
C SER A 379 -23.24 16.40 -19.15
N VAL A 380 -23.96 16.00 -18.11
CA VAL A 380 -25.07 16.83 -17.64
C VAL A 380 -24.67 17.80 -16.52
N VAL A 381 -23.70 17.43 -15.68
CA VAL A 381 -23.15 18.39 -14.72
C VAL A 381 -22.44 19.51 -15.47
N ASN A 382 -21.69 19.16 -16.51
CA ASN A 382 -20.89 20.12 -17.26
C ASN A 382 -21.62 20.57 -18.52
N TYR A 383 -22.80 21.14 -18.32
CA TYR A 383 -23.63 21.62 -19.41
C TYR A 383 -23.46 23.13 -19.52
N ARG A 384 -22.94 23.57 -20.67
CA ARG A 384 -22.69 24.99 -20.89
C ARG A 384 -23.95 25.64 -21.44
N GLU A 385 -24.38 26.72 -20.82
CA GLU A 385 -25.47 27.52 -21.36
C GLU A 385 -25.03 28.20 -22.65
N PRO A 386 -25.97 28.58 -23.51
CA PRO A 386 -25.60 29.22 -24.79
C PRO A 386 -24.80 30.50 -24.57
N LYS A 387 -23.58 30.50 -25.11
CA LYS A 387 -22.65 31.63 -25.01
C LYS A 387 -22.40 32.02 -23.54
N SER A 388 -22.25 31.00 -22.69
CA SER A 388 -21.98 31.21 -21.29
C SER A 388 -20.94 30.19 -20.83
N VAL A 389 -20.53 30.30 -19.57
CA VAL A 389 -19.53 29.43 -19.00
C VAL A 389 -20.24 28.37 -18.14
N CYS A 390 -19.52 27.29 -17.88
CA CYS A 390 -20.03 26.22 -17.03
C CYS A 390 -20.12 26.72 -15.60
N LYS A 391 -21.33 26.80 -15.06
CA LYS A 391 -21.56 27.28 -13.72
C LYS A 391 -21.48 26.17 -12.68
N ALA A 392 -21.18 24.94 -13.08
CA ALA A 392 -21.07 23.85 -12.12
C ALA A 392 -19.99 24.05 -11.08
N PRO A 393 -18.75 24.45 -11.42
CA PRO A 393 -17.76 24.67 -10.34
C PRO A 393 -18.16 25.75 -9.36
N GLU A 394 -18.73 26.85 -9.85
CA GLU A 394 -19.18 27.92 -8.95
C GLU A 394 -20.32 27.44 -8.05
N LEU A 395 -21.27 26.68 -8.60
CA LEU A 395 -22.38 26.17 -7.80
C LEU A 395 -21.89 25.19 -6.74
N LEU A 396 -20.96 24.30 -7.11
CA LEU A 396 -20.46 23.33 -6.16
C LEU A 396 -19.49 23.93 -5.16
N ALA A 397 -18.90 25.09 -5.44
CA ALA A 397 -18.16 25.79 -4.41
C ALA A 397 -19.10 26.53 -3.47
N LYS A 398 -20.18 27.11 -4.01
CA LYS A 398 -21.17 27.77 -3.16
C LYS A 398 -21.90 26.77 -2.27
N TYR A 399 -22.06 25.53 -2.74
CA TYR A 399 -22.66 24.50 -1.90
C TYR A 399 -21.83 24.26 -0.64
N CYS A 400 -20.52 24.07 -0.81
CA CYS A 400 -19.65 23.88 0.34
C CYS A 400 -19.58 25.12 1.21
N ASP A 401 -19.56 26.30 0.60
CA ASP A 401 -19.53 27.54 1.37
C ASP A 401 -20.77 27.70 2.22
N ASN A 402 -21.95 27.46 1.65
CA ASN A 402 -23.19 27.58 2.40
C ASN A 402 -23.41 26.44 3.37
N LEU A 403 -22.76 25.30 3.16
CA LEU A 403 -22.97 24.15 4.02
C LEU A 403 -22.02 24.13 5.21
N LEU A 404 -20.79 24.60 5.03
CA LEU A 404 -19.81 24.65 6.11
C LEU A 404 -19.87 25.94 6.91
N LYS A 405 -20.69 26.90 6.51
CA LYS A 405 -20.88 28.10 7.31
C LYS A 405 -21.78 27.79 8.50
N LYS A 406 -21.70 28.64 9.53
CA LYS A 406 -22.47 28.43 10.76
C LYS A 406 -23.91 28.88 10.54
N SER A 407 -24.64 28.09 9.76
CA SER A 407 -26.04 28.38 9.49
C SER A 407 -26.89 28.06 10.71
N ALA A 408 -28.06 28.70 10.77
CA ALA A 408 -28.98 28.53 11.89
C ALA A 408 -30.01 27.43 11.64
N LYS A 409 -29.96 26.77 10.49
CA LYS A 409 -30.91 25.71 10.16
C LYS A 409 -30.42 24.34 10.62
N GLY A 410 -30.04 24.23 11.89
CA GLY A 410 -29.54 22.99 12.42
C GLY A 410 -28.18 22.62 11.87
N MET A 411 -28.14 21.62 11.00
CA MET A 411 -26.91 21.13 10.38
C MET A 411 -25.90 20.66 11.42
N THR A 412 -26.29 19.60 12.13
CA THR A 412 -25.39 18.94 13.06
C THR A 412 -24.21 18.32 12.31
N GLU A 413 -23.09 18.18 13.03
CA GLU A 413 -21.82 17.88 12.37
C GLU A 413 -21.82 16.50 11.71
N ASN A 414 -22.40 15.49 12.36
CA ASN A 414 -22.43 14.17 11.74
C ASN A 414 -23.38 14.10 10.55
N GLU A 415 -24.25 15.09 10.36
CA GLU A 415 -25.06 15.18 9.16
C GLU A 415 -24.32 15.88 8.03
N VAL A 416 -23.59 16.95 8.34
CA VAL A 416 -22.77 17.62 7.33
C VAL A 416 -21.64 16.71 6.86
N GLU A 417 -21.10 15.89 7.76
CA GLU A 417 -20.07 14.94 7.36
C GLU A 417 -20.58 13.86 6.42
N ASP A 418 -21.90 13.70 6.31
CA ASP A 418 -22.48 12.85 5.28
C ASP A 418 -22.88 13.63 4.04
N ARG A 419 -23.32 14.88 4.23
CA ARG A 419 -23.61 15.74 3.09
C ARG A 419 -22.39 15.93 2.22
N LEU A 420 -21.22 16.10 2.85
CA LEU A 420 -20.00 16.31 2.07
C LEU A 420 -19.54 15.02 1.37
N THR A 421 -19.63 13.88 2.06
CA THR A 421 -19.21 12.63 1.43
C THR A 421 -20.18 12.18 0.35
N SER A 422 -21.42 12.71 0.35
CA SER A 422 -22.30 12.51 -0.79
C SER A 422 -22.08 13.56 -1.86
N PHE A 423 -21.60 14.75 -1.46
CA PHE A 423 -21.26 15.79 -2.43
C PHE A 423 -20.04 15.42 -3.26
N ILE A 424 -19.16 14.59 -2.72
CA ILE A 424 -17.96 14.21 -3.49
C ILE A 424 -18.33 13.50 -4.79
N THR A 425 -19.41 12.71 -4.78
CA THR A 425 -19.79 11.98 -5.98
C THR A 425 -20.31 12.89 -7.09
N VAL A 426 -20.76 14.10 -6.77
CA VAL A 426 -21.08 15.08 -7.80
C VAL A 426 -19.90 16.04 -8.05
N PHE A 427 -18.99 16.18 -7.09
CA PHE A 427 -17.80 16.98 -7.35
C PHE A 427 -16.86 16.29 -8.32
N LYS A 428 -16.85 14.96 -8.32
CA LYS A 428 -15.94 14.22 -9.19
C LYS A 428 -16.31 14.33 -10.67
N TYR A 429 -17.48 14.90 -10.99
CA TYR A 429 -17.91 15.08 -12.37
C TYR A 429 -17.61 16.47 -12.93
N ILE A 430 -16.97 17.34 -12.14
CA ILE A 430 -16.85 18.75 -12.50
C ILE A 430 -16.00 18.97 -13.73
N ASP A 431 -14.84 18.30 -13.82
CA ASP A 431 -13.97 18.34 -15.00
C ASP A 431 -13.40 19.74 -15.25
N ASP A 432 -13.78 20.72 -14.42
CA ASP A 432 -13.18 22.05 -14.41
C ASP A 432 -12.80 22.36 -12.96
N LYS A 433 -12.14 21.38 -12.36
CA LYS A 433 -11.84 21.40 -10.93
C LYS A 433 -10.84 22.49 -10.54
N ASP A 434 -10.16 23.12 -11.50
CA ASP A 434 -9.31 24.25 -11.16
C ASP A 434 -10.15 25.47 -10.79
N VAL A 435 -11.25 25.71 -11.53
CA VAL A 435 -12.14 26.81 -11.19
C VAL A 435 -12.80 26.57 -9.84
N PHE A 436 -13.23 25.33 -9.59
CA PHE A 436 -13.78 25.01 -8.28
C PHE A 436 -12.73 25.15 -7.19
N GLN A 437 -11.48 24.77 -7.48
CA GLN A 437 -10.44 24.91 -6.48
C GLN A 437 -10.21 26.37 -6.13
N LYS A 438 -10.17 27.25 -7.13
CA LYS A 438 -9.98 28.67 -6.85
C LYS A 438 -11.16 29.26 -6.11
N PHE A 439 -12.38 28.91 -6.52
CA PHE A 439 -13.57 29.42 -5.83
C PHE A 439 -13.65 28.92 -4.40
N TYR A 440 -13.36 27.64 -4.18
CA TYR A 440 -13.39 27.09 -2.83
C TYR A 440 -12.26 27.65 -1.98
N ALA A 441 -11.10 27.91 -2.57
CA ALA A 441 -10.02 28.55 -1.81
C ALA A 441 -10.41 29.95 -1.39
N ARG A 442 -11.02 30.72 -2.29
CA ARG A 442 -11.45 32.06 -1.94
C ARG A 442 -12.51 32.03 -0.84
N MET A 443 -13.50 31.13 -0.97
CA MET A 443 -14.55 31.05 0.04
C MET A 443 -14.02 30.51 1.36
N LEU A 444 -13.07 29.58 1.31
CA LEU A 444 -12.45 29.08 2.53
C LEU A 444 -11.64 30.16 3.23
N ALA A 445 -10.97 31.02 2.47
CA ALA A 445 -10.26 32.14 3.07
C ALA A 445 -11.23 33.10 3.75
N LYS A 446 -12.28 33.52 3.03
CA LYS A 446 -13.24 34.43 3.61
C LYS A 446 -14.09 33.80 4.71
N ARG A 447 -14.08 32.48 4.83
CA ARG A 447 -14.78 31.80 5.92
C ARG A 447 -13.88 31.58 7.13
N LEU A 448 -12.61 31.28 6.91
CA LEU A 448 -11.68 31.08 8.02
C LEU A 448 -11.31 32.39 8.69
N ILE A 449 -11.11 33.45 7.90
CA ILE A 449 -10.72 34.74 8.46
C ILE A 449 -11.88 35.34 9.27
N HIS A 450 -13.07 35.36 8.68
CA HIS A 450 -14.19 36.06 9.30
C HIS A 450 -14.90 35.23 10.36
N GLY A 451 -14.44 34.01 10.62
CA GLY A 451 -15.04 33.19 11.66
C GLY A 451 -16.35 32.55 11.29
N LEU A 452 -16.72 32.56 10.01
CA LEU A 452 -17.98 31.99 9.57
C LEU A 452 -17.99 30.47 9.59
N SER A 453 -16.84 29.83 9.81
CA SER A 453 -16.77 28.38 9.76
C SER A 453 -17.60 27.75 10.86
N MET A 454 -18.34 26.70 10.49
CA MET A 454 -19.16 26.00 11.48
C MET A 454 -18.29 25.24 12.47
N SER A 455 -17.28 24.54 11.97
CA SER A 455 -16.34 23.82 12.82
C SER A 455 -15.07 23.57 12.03
N MET A 456 -13.92 23.75 12.67
CA MET A 456 -12.65 23.48 12.01
C MET A 456 -12.50 22.00 11.68
N ASP A 457 -13.15 21.13 12.46
CA ASP A 457 -13.15 19.71 12.14
C ASP A 457 -13.83 19.45 10.80
N SER A 458 -14.95 20.13 10.55
CA SER A 458 -15.63 19.98 9.27
C SER A 458 -14.78 20.50 8.12
N GLU A 459 -14.08 21.61 8.32
CA GLU A 459 -13.19 22.13 7.28
C GLU A 459 -12.07 21.15 6.99
N GLU A 460 -11.47 20.58 8.03
CA GLU A 460 -10.41 19.59 7.83
C GLU A 460 -10.94 18.35 7.12
N ALA A 461 -12.14 17.90 7.48
CA ALA A 461 -12.73 16.74 6.82
C ALA A 461 -13.02 17.04 5.36
N MET A 462 -13.51 18.24 5.05
CA MET A 462 -13.78 18.59 3.66
C MET A 462 -12.52 18.68 2.84
N ILE A 463 -11.45 19.27 3.40
CA ILE A 463 -10.18 19.33 2.70
C ILE A 463 -9.62 17.94 2.49
N ASN A 464 -9.79 17.05 3.48
CA ASN A 464 -9.35 15.68 3.31
C ASN A 464 -10.14 14.95 2.23
N LYS A 465 -11.45 15.22 2.15
CA LYS A 465 -12.27 14.61 1.11
C LYS A 465 -11.84 15.08 -0.28
N LEU A 466 -11.60 16.38 -0.43
CA LEU A 466 -11.09 16.89 -1.70
C LEU A 466 -9.71 16.31 -2.02
N LYS A 467 -8.87 16.13 -0.99
CA LYS A 467 -7.56 15.52 -1.20
C LYS A 467 -7.70 14.10 -1.72
N GLN A 468 -8.48 13.27 -1.03
CA GLN A 468 -8.68 11.90 -1.48
C GLN A 468 -9.38 11.82 -2.83
N ALA A 469 -10.16 12.84 -3.20
CA ALA A 469 -10.80 12.83 -4.50
C ALA A 469 -9.84 13.19 -5.62
N CYS A 470 -8.94 14.15 -5.41
CA CYS A 470 -8.11 14.66 -6.49
C CYS A 470 -6.62 14.38 -6.31
N GLY A 471 -6.04 14.75 -5.17
CA GLY A 471 -4.61 14.66 -4.99
C GLY A 471 -4.14 15.73 -4.02
N TYR A 472 -2.93 15.53 -3.49
CA TYR A 472 -2.36 16.52 -2.59
C TYR A 472 -1.98 17.81 -3.32
N GLU A 473 -1.71 17.73 -4.62
CA GLU A 473 -1.47 18.95 -5.39
C GLU A 473 -2.73 19.81 -5.47
N PHE A 474 -3.91 19.19 -5.39
CA PHE A 474 -5.15 19.94 -5.36
C PHE A 474 -5.30 20.70 -4.05
N THR A 475 -5.36 19.99 -2.94
CA THR A 475 -5.53 20.61 -1.62
C THR A 475 -4.19 20.83 -0.93
N SER A 476 -3.26 21.49 -1.61
CA SER A 476 -2.03 21.92 -0.97
C SER A 476 -2.20 23.32 -0.38
N LYS A 477 -2.64 24.27 -1.20
CA LYS A 477 -2.94 25.60 -0.72
C LYS A 477 -4.08 25.57 0.28
N LEU A 478 -5.08 24.72 0.05
CA LEU A 478 -6.18 24.59 1.01
C LEU A 478 -5.71 24.05 2.35
N HIS A 479 -4.84 23.05 2.34
CA HIS A 479 -4.35 22.49 3.59
C HIS A 479 -3.46 23.48 4.33
N ARG A 480 -2.63 24.24 3.60
CA ARG A 480 -1.84 25.28 4.23
C ARG A 480 -2.74 26.38 4.79
N MET A 481 -3.81 26.71 4.06
CA MET A 481 -4.78 27.70 4.52
C MET A 481 -5.43 27.25 5.83
N TYR A 482 -5.75 25.96 5.93
CA TYR A 482 -6.36 25.46 7.16
C TYR A 482 -5.34 25.38 8.31
N THR A 483 -4.12 24.92 8.02
CA THR A 483 -3.16 24.74 9.10
C THR A 483 -2.62 26.07 9.62
N ASP A 484 -2.62 27.13 8.79
CA ASP A 484 -2.27 28.45 9.31
C ASP A 484 -3.23 28.89 10.39
N MET A 485 -4.53 28.69 10.16
CA MET A 485 -5.53 29.00 11.18
C MET A 485 -5.42 28.06 12.36
N SER A 486 -5.08 26.79 12.13
CA SER A 486 -4.94 25.86 13.25
C SER A 486 -3.80 26.26 14.18
N VAL A 487 -2.67 26.70 13.62
CA VAL A 487 -1.51 27.05 14.43
C VAL A 487 -1.47 28.53 14.81
N SER A 488 -2.41 29.34 14.32
CA SER A 488 -2.43 30.74 14.72
C SER A 488 -2.72 30.91 16.20
N ALA A 489 -3.46 29.99 16.81
CA ALA A 489 -3.69 30.06 18.25
C ALA A 489 -2.39 29.87 19.02
N ASP A 490 -1.58 28.88 18.60
CA ASP A 490 -0.28 28.68 19.24
C ASP A 490 0.64 29.86 19.00
N LEU A 491 0.60 30.44 17.80
CA LEU A 491 1.42 31.62 17.52
C LEU A 491 1.01 32.80 18.40
N ASN A 492 -0.30 33.00 18.59
CA ASN A 492 -0.76 34.10 19.43
C ASN A 492 -0.39 33.87 20.89
N ASN A 493 -0.48 32.63 21.36
CA ASN A 493 -0.05 32.33 22.72
C ASN A 493 1.45 32.55 22.88
N LYS A 494 2.24 32.18 21.86
CA LYS A 494 3.67 32.41 21.91
C LYS A 494 4.00 33.89 21.94
N PHE A 495 3.26 34.70 21.18
CA PHE A 495 3.48 36.14 21.21
C PHE A 495 3.08 36.74 22.56
N ASN A 496 1.98 36.26 23.15
CA ASN A 496 1.55 36.75 24.45
C ASN A 496 2.53 36.32 25.55
N ASN A 497 3.22 35.21 25.36
CA ASN A 497 4.30 34.85 26.28
C ASN A 497 5.55 35.67 26.03
N PHE A 498 5.82 36.00 24.77
CA PHE A 498 7.02 36.76 24.42
C PHE A 498 6.95 38.18 24.96
N ILE A 499 5.78 38.82 24.91
CA ILE A 499 5.68 40.19 25.39
C ILE A 499 5.90 40.25 26.89
N LYS A 500 5.45 39.22 27.62
CA LYS A 500 5.69 39.16 29.06
C LYS A 500 7.11 38.73 29.38
N ASN A 501 7.75 37.97 28.49
CA ASN A 501 9.09 37.46 28.73
C ASN A 501 10.17 38.49 28.40
N GLN A 502 9.81 39.64 27.83
CA GLN A 502 10.78 40.67 27.53
C GLN A 502 11.31 41.31 28.81
N ASP A 503 12.46 41.97 28.69
CA ASP A 503 13.11 42.56 29.86
C ASP A 503 12.23 43.63 30.50
N THR A 504 11.94 44.69 29.77
CA THR A 504 11.04 45.71 30.27
C THR A 504 9.59 45.20 30.25
N VAL A 505 8.77 45.78 31.11
CA VAL A 505 7.35 45.42 31.16
C VAL A 505 6.66 46.09 29.99
N ILE A 506 6.08 45.28 29.10
CA ILE A 506 5.48 45.77 27.87
C ILE A 506 4.00 46.05 28.13
N ASP A 507 3.58 47.29 27.93
CA ASP A 507 2.19 47.71 28.09
C ASP A 507 1.59 47.86 26.70
N LEU A 508 1.08 46.75 26.16
CA LEU A 508 0.47 46.79 24.83
C LEU A 508 -0.79 47.62 24.81
N GLY A 509 -1.56 47.62 25.90
CA GLY A 509 -2.85 48.28 25.91
C GLY A 509 -3.83 47.67 24.93
N ILE A 510 -3.77 46.35 24.73
CA ILE A 510 -4.52 45.69 23.68
C ILE A 510 -4.58 44.20 24.01
N SER A 511 -5.56 43.52 23.43
CA SER A 511 -5.59 42.05 23.42
C SER A 511 -5.30 41.65 21.98
N PHE A 512 -4.01 41.52 21.67
CA PHE A 512 -3.56 41.33 20.29
C PHE A 512 -3.78 39.89 19.88
N GLN A 513 -4.70 39.67 18.94
CA GLN A 513 -4.91 38.37 18.32
C GLN A 513 -4.68 38.55 16.83
N ILE A 514 -3.78 37.75 16.26
CA ILE A 514 -3.40 37.90 14.87
C ILE A 514 -3.49 36.55 14.17
N TYR A 515 -3.72 36.60 12.87
CA TYR A 515 -3.71 35.42 12.00
C TYR A 515 -2.54 35.59 11.04
N VAL A 516 -1.45 34.90 11.31
CA VAL A 516 -0.29 34.93 10.43
C VAL A 516 -0.49 33.91 9.33
N LEU A 517 -0.50 34.37 8.08
CA LEU A 517 -0.97 33.60 6.94
C LEU A 517 0.14 33.47 5.90
N GLN A 518 0.25 32.29 5.30
CA GLN A 518 1.20 32.10 4.21
C GLN A 518 0.82 32.98 3.02
N ALA A 519 1.84 33.56 2.39
CA ALA A 519 1.57 34.47 1.28
C ALA A 519 1.05 33.73 0.05
N GLY A 520 1.71 32.63 -0.31
CA GLY A 520 1.34 31.91 -1.51
C GLY A 520 0.12 31.03 -1.35
N ALA A 521 -0.12 30.52 -0.14
CA ALA A 521 -1.24 29.62 0.08
C ALA A 521 -2.57 30.37 -0.01
N TRP A 522 -2.67 31.51 0.65
CA TRP A 522 -3.92 32.23 0.70
C TRP A 522 -4.14 33.01 -0.59
N PRO A 523 -5.39 33.07 -1.08
CA PRO A 523 -5.69 33.82 -2.30
C PRO A 523 -5.72 35.33 -2.12
N LEU A 524 -5.22 35.84 -1.00
CA LEU A 524 -5.27 37.26 -0.69
C LEU A 524 -4.06 37.98 -1.25
N THR A 525 -4.23 39.27 -1.53
CA THR A 525 -3.13 40.08 -2.06
C THR A 525 -3.37 41.53 -1.70
N GLN A 526 -2.28 42.31 -1.74
CA GLN A 526 -2.35 43.76 -1.52
C GLN A 526 -2.60 44.47 -2.85
N ALA A 527 -3.70 44.08 -3.50
CA ALA A 527 -4.08 44.68 -4.78
C ALA A 527 -4.35 46.17 -4.69
N PRO A 528 -5.08 46.70 -3.71
CA PRO A 528 -5.25 48.16 -3.64
C PRO A 528 -3.92 48.86 -3.37
N SER A 529 -3.79 50.06 -3.93
CA SER A 529 -2.63 50.91 -3.72
C SER A 529 -2.80 51.84 -2.52
N SER A 530 -3.64 51.48 -1.56
CA SER A 530 -3.88 52.30 -0.39
C SER A 530 -2.62 52.37 0.47
N THR A 531 -2.27 53.58 0.90
CA THR A 531 -1.12 53.82 1.76
C THR A 531 -1.55 54.02 3.21
N PHE A 532 -2.54 53.23 3.65
CA PHE A 532 -3.14 53.38 4.97
C PHE A 532 -2.08 53.33 6.08
N ALA A 533 -2.08 54.37 6.91
CA ALA A 533 -1.15 54.45 8.02
C ALA A 533 -1.69 53.67 9.21
N ILE A 534 -0.81 52.92 9.86
CA ILE A 534 -1.19 52.15 11.04
C ILE A 534 -1.56 53.11 12.17
N PRO A 535 -2.69 52.92 12.85
CA PRO A 535 -3.05 53.81 13.95
C PRO A 535 -2.01 53.77 15.07
N GLN A 536 -1.80 54.94 15.70
CA GLN A 536 -0.74 55.08 16.67
C GLN A 536 -1.03 54.29 17.95
N GLU A 537 -2.31 54.12 18.29
CA GLU A 537 -2.65 53.39 19.51
C GLU A 537 -2.36 51.90 19.40
N LEU A 538 -2.29 51.37 18.18
CA LEU A 538 -1.92 49.98 17.96
C LEU A 538 -0.64 49.84 17.14
N GLU A 539 0.00 50.96 16.80
CA GLU A 539 1.31 50.89 16.16
C GLU A 539 2.35 50.27 17.10
N LYS A 540 2.20 50.51 18.41
CA LYS A 540 3.05 49.82 19.38
C LYS A 540 2.86 48.32 19.30
N SER A 541 1.61 47.86 19.18
CA SER A 541 1.34 46.44 19.07
C SER A 541 1.92 45.86 17.79
N VAL A 542 1.76 46.55 16.66
CA VAL A 542 2.27 46.01 15.40
C VAL A 542 3.80 46.00 15.40
N GLN A 543 4.43 47.01 16.01
CA GLN A 543 5.89 47.01 16.11
C GLN A 543 6.37 45.88 17.03
N MET A 544 5.68 45.66 18.14
CA MET A 544 6.04 44.58 19.04
C MET A 544 5.89 43.23 18.35
N PHE A 545 4.84 43.05 17.55
CA PHE A 545 4.69 41.80 16.83
C PHE A 545 5.71 41.65 15.72
N GLU A 546 6.10 42.75 15.06
CA GLU A 546 7.18 42.67 14.09
C GLU A 546 8.47 42.22 14.75
N LEU A 547 8.76 42.77 15.92
CA LEU A 547 9.95 42.35 16.67
C LEU A 547 9.86 40.89 17.07
N PHE A 548 8.69 40.44 17.52
CA PHE A 548 8.52 39.05 17.93
C PHE A 548 8.69 38.11 16.74
N TYR A 549 8.10 38.45 15.60
CA TYR A 549 8.21 37.61 14.42
C TYR A 549 9.63 37.57 13.89
N SER A 550 10.36 38.69 13.94
CA SER A 550 11.76 38.66 13.56
C SER A 550 12.59 37.84 14.54
N GLN A 551 12.23 37.88 15.83
CA GLN A 551 12.99 37.13 16.83
C GLN A 551 12.79 35.63 16.66
N HIS A 552 11.54 35.18 16.53
CA HIS A 552 11.24 33.76 16.53
C HIS A 552 11.22 33.18 15.12
N PHE A 553 10.34 33.68 14.27
CA PHE A 553 10.21 33.19 12.90
C PHE A 553 11.02 34.10 11.96
N SER A 554 12.34 34.05 12.14
CA SER A 554 13.24 34.93 11.41
C SER A 554 13.28 34.55 9.93
N GLY A 555 13.77 35.49 9.12
CA GLY A 555 13.84 35.29 7.69
C GLY A 555 12.55 35.51 6.95
N ARG A 556 11.50 35.98 7.62
CA ARG A 556 10.19 36.20 7.01
C ARG A 556 9.80 37.66 7.14
N LYS A 557 9.12 38.18 6.12
CA LYS A 557 8.60 39.53 6.14
C LYS A 557 7.09 39.50 6.22
N LEU A 558 6.53 40.49 6.90
CA LEU A 558 5.09 40.58 7.14
C LEU A 558 4.52 41.67 6.25
N THR A 559 3.54 41.32 5.42
CA THR A 559 2.76 42.27 4.65
C THR A 559 1.37 42.32 5.29
N TRP A 560 1.17 43.30 6.17
CA TRP A 560 -0.08 43.40 6.90
C TRP A 560 -1.23 43.73 5.95
N LEU A 561 -2.34 43.04 6.14
CA LEU A 561 -3.57 43.32 5.41
C LEU A 561 -4.45 44.20 6.27
N HIS A 562 -4.61 45.46 5.87
CA HIS A 562 -5.37 46.42 6.65
C HIS A 562 -6.85 46.43 6.29
N TYR A 563 -7.26 45.67 5.27
CA TYR A 563 -8.66 45.65 4.85
C TYR A 563 -9.30 44.30 5.10
N LEU A 564 -8.70 43.46 5.94
CA LEU A 564 -9.33 42.24 6.41
C LEU A 564 -9.20 42.08 7.92
N CYS A 565 -8.91 43.15 8.64
CA CYS A 565 -8.70 43.11 10.08
C CYS A 565 -9.66 44.06 10.77
N THR A 566 -10.32 43.58 11.82
CA THR A 566 -11.34 44.31 12.54
C THR A 566 -10.97 44.45 14.02
N GLY A 567 -11.57 45.43 14.67
CA GLY A 567 -11.32 45.65 16.08
C GLY A 567 -12.34 46.59 16.68
N GLU A 568 -12.45 46.54 18.01
CA GLU A 568 -13.34 47.41 18.75
C GLU A 568 -12.76 48.81 18.87
N VAL A 569 -13.63 49.78 19.10
CA VAL A 569 -13.25 51.18 19.19
C VAL A 569 -13.78 51.77 20.49
N LYS A 570 -13.18 52.89 20.89
CA LYS A 570 -13.59 53.63 22.08
C LYS A 570 -14.23 54.94 21.64
N MET A 571 -15.43 55.20 22.13
CA MET A 571 -16.19 56.40 21.77
C MET A 571 -16.11 57.38 22.94
N ASN A 572 -15.07 58.20 22.92
CA ASN A 572 -14.86 59.20 23.97
C ASN A 572 -15.50 60.54 23.66
N TYR A 573 -16.08 60.71 22.47
CA TYR A 573 -16.68 61.98 22.09
C TYR A 573 -18.13 61.81 21.65
N LEU A 574 -18.48 60.62 21.16
CA LEU A 574 -19.82 60.40 20.64
C LEU A 574 -20.85 60.27 21.75
N GLY A 575 -20.44 59.97 22.98
CA GLY A 575 -21.36 59.92 24.10
C GLY A 575 -21.24 58.67 24.94
N LYS A 576 -20.25 57.83 24.62
CA LYS A 576 -20.03 56.56 25.28
C LYS A 576 -21.28 55.67 25.38
N PRO A 577 -21.95 55.38 24.24
CA PRO A 577 -23.11 54.46 24.30
C PRO A 577 -22.70 53.01 24.08
N TYR A 578 -22.22 52.39 25.16
CA TYR A 578 -21.69 51.01 25.18
C TYR A 578 -20.46 51.01 24.26
N VAL A 579 -20.35 50.08 23.31
CA VAL A 579 -19.16 49.94 22.47
C VAL A 579 -19.61 49.57 21.06
N ALA A 580 -18.66 49.67 20.12
CA ALA A 580 -18.90 49.25 18.75
C ALA A 580 -17.57 48.77 18.16
N MET A 581 -17.66 48.00 17.07
CA MET A 581 -16.48 47.46 16.43
C MET A 581 -16.65 47.51 14.92
N VAL A 582 -15.59 47.93 14.23
CA VAL A 582 -15.53 48.00 12.77
C VAL A 582 -14.14 47.58 12.33
N THR A 583 -13.92 47.59 11.02
CA THR A 583 -12.61 47.28 10.47
C THR A 583 -11.67 48.49 10.60
N THR A 584 -10.37 48.25 10.39
CA THR A 584 -9.38 49.31 10.52
C THR A 584 -9.56 50.39 9.44
N TYR A 585 -10.04 50.00 8.25
CA TYR A 585 -10.39 51.00 7.26
C TYR A 585 -11.51 51.89 7.77
N GLN A 586 -12.52 51.30 8.40
CA GLN A 586 -13.66 52.06 8.92
C GLN A 586 -13.32 52.80 10.21
N MET A 587 -12.52 52.19 11.10
CA MET A 587 -12.23 52.84 12.38
C MET A 587 -11.22 53.96 12.24
N ALA A 588 -10.50 54.04 11.12
CA ALA A 588 -9.53 55.12 10.94
C ALA A 588 -10.22 56.48 10.91
N VAL A 589 -11.37 56.57 10.23
CA VAL A 589 -12.16 57.80 10.26
C VAL A 589 -12.68 58.05 11.67
N LEU A 590 -13.10 56.99 12.37
CA LEU A 590 -13.66 57.14 13.70
C LEU A 590 -12.63 57.64 14.69
N LEU A 591 -11.38 57.18 14.58
CA LEU A 591 -10.34 57.57 15.53
C LEU A 591 -9.76 58.95 15.22
N ALA A 592 -10.15 59.58 14.11
CA ALA A 592 -9.61 60.86 13.70
C ALA A 592 -10.45 62.03 14.17
N PHE A 593 -11.45 61.79 15.03
CA PHE A 593 -12.34 62.84 15.52
C PHE A 593 -11.84 63.50 16.79
N ASN A 594 -10.53 63.49 17.03
CA ASN A 594 -9.99 64.11 18.23
C ASN A 594 -9.99 65.63 18.14
N ASN A 595 -9.89 66.19 16.93
CA ASN A 595 -9.82 67.63 16.78
C ASN A 595 -11.13 68.30 17.17
N SER A 596 -12.25 67.80 16.64
CA SER A 596 -13.56 68.39 16.91
C SER A 596 -14.63 67.35 16.54
N GLU A 597 -15.89 67.80 16.52
CA GLU A 597 -16.97 66.90 16.13
C GLU A 597 -16.93 66.57 14.66
N THR A 598 -16.38 67.46 13.83
CA THR A 598 -16.35 67.27 12.39
C THR A 598 -14.91 67.23 11.89
N VAL A 599 -14.69 66.43 10.85
CA VAL A 599 -13.39 66.32 10.21
C VAL A 599 -13.58 66.49 8.71
N SER A 600 -12.50 66.89 8.04
CA SER A 600 -12.52 67.14 6.61
C SER A 600 -11.83 66.02 5.84
N TYR A 601 -12.01 66.05 4.52
CA TYR A 601 -11.35 65.07 3.66
C TYR A 601 -9.84 65.23 3.69
N LYS A 602 -9.36 66.49 3.74
CA LYS A 602 -7.93 66.74 3.80
C LYS A 602 -7.32 66.20 5.09
N GLU A 603 -8.06 66.31 6.21
CA GLU A 603 -7.60 65.72 7.46
C GLU A 603 -7.51 64.20 7.34
N LEU A 604 -8.46 63.58 6.62
CA LEU A 604 -8.39 62.15 6.38
C LEU A 604 -7.18 61.78 5.55
N GLN A 605 -6.86 62.57 4.52
CA GLN A 605 -5.66 62.33 3.74
C GLN A 605 -4.41 62.49 4.60
N ASP A 606 -4.40 63.47 5.50
CA ASP A 606 -3.22 63.71 6.32
C ASP A 606 -3.01 62.59 7.33
N SER A 607 -4.07 62.12 7.97
CA SER A 607 -3.93 61.14 9.04
C SER A 607 -3.98 59.70 8.51
N THR A 608 -5.09 59.33 7.87
CA THR A 608 -5.26 57.96 7.39
C THR A 608 -4.32 57.65 6.23
N GLN A 609 -4.09 58.62 5.35
CA GLN A 609 -3.24 58.46 4.17
C GLN A 609 -3.72 57.33 3.26
N MET A 610 -5.04 57.12 3.22
CA MET A 610 -5.60 56.02 2.47
C MET A 610 -6.24 56.52 1.17
N ASN A 611 -6.28 55.63 0.18
CA ASN A 611 -6.71 56.00 -1.16
C ASN A 611 -8.17 56.44 -1.19
N GLU A 612 -8.50 57.19 -2.24
CA GLU A 612 -9.84 57.79 -2.34
C GLU A 612 -10.92 56.72 -2.52
N LYS A 613 -10.64 55.67 -3.30
CA LYS A 613 -11.65 54.65 -3.57
C LYS A 613 -12.09 53.94 -2.30
N GLU A 614 -11.12 53.54 -1.47
CA GLU A 614 -11.45 52.87 -0.22
C GLU A 614 -12.06 53.84 0.80
N LEU A 615 -11.63 55.10 0.78
CA LEU A 615 -12.19 56.06 1.71
C LEU A 615 -13.64 56.39 1.38
N THR A 616 -14.01 56.36 0.11
CA THR A 616 -15.39 56.60 -0.28
C THR A 616 -16.32 55.55 0.30
N LYS A 617 -15.97 54.28 0.14
CA LYS A 617 -16.80 53.22 0.72
C LYS A 617 -16.66 53.15 2.23
N THR A 618 -15.56 53.65 2.79
CA THR A 618 -15.44 53.76 4.24
C THR A 618 -16.45 54.76 4.80
N ILE A 619 -16.47 55.98 4.26
CA ILE A 619 -17.36 57.00 4.77
C ILE A 619 -18.81 56.69 4.41
N LYS A 620 -19.04 56.03 3.28
CA LYS A 620 -20.39 55.63 2.92
C LYS A 620 -20.93 54.56 3.86
N SER A 621 -20.04 53.70 4.36
CA SER A 621 -20.48 52.65 5.28
C SER A 621 -20.96 53.23 6.60
N LEU A 622 -20.28 54.26 7.11
CA LEU A 622 -20.67 54.85 8.39
C LEU A 622 -22.02 55.54 8.30
N LEU A 623 -22.28 56.25 7.21
CA LEU A 623 -23.55 56.94 7.04
C LEU A 623 -24.69 55.99 6.70
N ASP A 624 -24.39 54.83 6.11
CA ASP A 624 -25.44 53.85 5.81
C ASP A 624 -26.10 53.35 7.09
N VAL A 625 -25.29 53.08 8.11
CA VAL A 625 -25.80 52.65 9.41
C VAL A 625 -25.92 53.81 10.41
N LYS A 626 -25.59 55.03 9.97
CA LYS A 626 -25.92 56.27 10.70
C LYS A 626 -25.20 56.37 12.05
N MET A 627 -23.87 56.24 12.02
CA MET A 627 -23.06 56.73 13.12
C MET A 627 -22.22 57.95 12.73
N ILE A 628 -22.18 58.29 11.44
CA ILE A 628 -21.51 59.50 10.96
C ILE A 628 -22.44 60.18 9.96
N ASN A 629 -22.73 61.45 10.19
CA ASN A 629 -23.61 62.23 9.33
C ASN A 629 -22.88 63.48 8.85
N HIS A 630 -23.24 63.93 7.65
CA HIS A 630 -22.60 65.09 7.03
C HIS A 630 -23.41 66.35 7.37
N ASP A 631 -22.72 67.37 7.87
CA ASP A 631 -23.39 68.63 8.20
C ASP A 631 -23.91 69.32 6.95
N SER A 632 -23.13 69.35 5.88
CA SER A 632 -23.48 70.02 4.65
C SER A 632 -23.76 68.99 3.55
N GLU A 633 -24.05 69.50 2.35
CA GLU A 633 -24.30 68.66 1.19
C GLU A 633 -23.02 68.26 0.46
N LYS A 634 -21.86 68.39 1.12
CA LYS A 634 -20.58 68.03 0.54
C LYS A 634 -20.23 66.56 0.78
N GLU A 635 -21.23 65.72 1.03
CA GLU A 635 -21.01 64.28 1.19
C GLU A 635 -20.81 63.57 -0.14
N ASP A 636 -20.99 64.26 -1.26
CA ASP A 636 -20.77 63.67 -2.56
C ASP A 636 -19.28 63.48 -2.82
N ILE A 637 -18.94 63.01 -4.01
CA ILE A 637 -17.54 62.81 -4.37
C ILE A 637 -16.88 64.16 -4.59
N ASP A 638 -16.07 64.58 -3.63
CA ASP A 638 -15.39 65.87 -3.69
C ASP A 638 -14.11 65.78 -2.86
N ALA A 639 -13.51 66.94 -2.58
CA ALA A 639 -12.26 67.00 -1.83
C ALA A 639 -12.41 67.64 -0.46
N GLU A 640 -13.61 68.07 -0.09
CA GLU A 640 -13.83 68.68 1.22
C GLU A 640 -14.42 67.70 2.24
N SER A 641 -15.58 67.13 1.93
CA SER A 641 -16.20 66.04 2.69
C SER A 641 -16.15 66.26 4.20
N SER A 642 -16.72 67.38 4.64
CA SER A 642 -16.70 67.76 6.05
C SER A 642 -17.73 66.94 6.82
N PHE A 643 -17.40 65.67 7.01
CA PHE A 643 -18.25 64.78 7.78
C PHE A 643 -18.17 65.14 9.27
N SER A 644 -19.28 64.95 9.96
CA SER A 644 -19.41 65.36 11.36
C SER A 644 -19.83 64.17 12.22
N LEU A 645 -19.63 64.34 13.52
CA LEU A 645 -20.03 63.32 14.49
C LEU A 645 -21.56 63.26 14.60
N ASN A 646 -22.05 62.15 15.13
CA ASN A 646 -23.48 61.89 15.21
C ASN A 646 -23.87 61.61 16.66
N MET A 647 -23.45 62.48 17.58
CA MET A 647 -23.80 62.33 19.00
C MET A 647 -25.31 62.28 19.21
N ASN A 648 -26.08 62.96 18.34
CA ASN A 648 -27.53 62.88 18.43
C ASN A 648 -28.04 61.46 18.19
N PHE A 649 -27.45 60.76 17.21
CA PHE A 649 -27.80 59.36 16.93
C PHE A 649 -26.77 58.48 17.64
N SER A 650 -26.99 58.27 18.92
CA SER A 650 -26.08 57.47 19.72
C SER A 650 -26.22 55.99 19.38
N SER A 651 -25.23 55.20 19.81
CA SER A 651 -25.25 53.77 19.57
C SER A 651 -26.38 53.11 20.36
N LYS A 652 -27.21 52.32 19.68
CA LYS A 652 -28.34 51.70 20.35
C LYS A 652 -27.97 50.35 20.94
N ARG A 653 -27.45 49.44 20.10
CA ARG A 653 -27.09 48.11 20.57
C ARG A 653 -25.68 48.13 21.16
N THR A 654 -25.24 46.97 21.64
CA THR A 654 -23.96 46.84 22.32
C THR A 654 -22.84 46.39 21.40
N LYS A 655 -23.15 45.63 20.34
CA LYS A 655 -22.11 45.06 19.48
C LYS A 655 -21.87 45.90 18.23
N PHE A 656 -22.91 46.09 17.41
CA PHE A 656 -22.82 46.80 16.13
C PHE A 656 -21.70 46.24 15.25
N LYS A 657 -21.91 44.99 14.84
CA LYS A 657 -21.06 44.34 13.85
C LYS A 657 -21.28 45.00 12.50
N ILE A 658 -20.40 45.92 12.12
CA ILE A 658 -20.54 46.69 10.90
C ILE A 658 -19.43 46.24 9.96
N THR A 659 -19.75 45.29 9.08
CA THR A 659 -18.82 44.82 8.06
C THR A 659 -19.37 45.01 6.65
N THR A 660 -20.52 45.66 6.50
CA THR A 660 -21.16 45.96 5.21
C THR A 660 -21.45 44.71 4.38
N SER A 661 -21.52 43.56 5.03
CA SER A 661 -21.81 42.27 4.38
C SER A 661 -20.86 42.02 3.21
N MET A 662 -19.57 42.28 3.45
CA MET A 662 -18.55 42.09 2.42
C MET A 662 -18.24 40.62 2.16
N GLN A 663 -18.87 39.71 2.90
CA GLN A 663 -18.64 38.28 2.68
C GLN A 663 -19.23 37.80 1.35
N LYS A 664 -20.16 38.54 0.78
CA LYS A 664 -20.70 38.19 -0.52
C LYS A 664 -19.75 38.64 -1.62
N ASP A 665 -19.46 37.73 -2.55
CA ASP A 665 -18.52 38.00 -3.63
C ASP A 665 -19.22 38.76 -4.75
N THR A 666 -18.70 39.95 -5.07
CA THR A 666 -19.24 40.72 -6.16
C THR A 666 -18.94 40.05 -7.49
N PRO A 667 -19.79 40.25 -8.51
CA PRO A 667 -19.49 39.66 -9.83
C PRO A 667 -18.18 40.12 -10.43
N GLN A 668 -17.67 41.30 -10.05
CA GLN A 668 -16.34 41.70 -10.50
C GLN A 668 -15.27 40.75 -9.96
N GLU A 669 -15.36 40.39 -8.67
CA GLU A 669 -14.42 39.43 -8.11
C GLU A 669 -14.61 38.04 -8.71
N MET A 670 -15.85 37.67 -9.03
CA MET A 670 -16.10 36.41 -9.70
C MET A 670 -15.45 36.38 -11.08
N GLU A 671 -15.55 37.48 -11.82
CA GLU A 671 -14.89 37.55 -13.12
C GLU A 671 -13.37 37.54 -12.98
N GLN A 672 -12.85 38.20 -11.95
CA GLN A 672 -11.42 38.18 -11.71
C GLN A 672 -10.93 36.76 -11.42
N THR A 673 -11.69 36.00 -10.62
CA THR A 673 -11.34 34.62 -10.36
C THR A 673 -11.44 33.77 -11.63
N ARG A 674 -12.48 33.98 -12.43
CA ARG A 674 -12.65 33.20 -13.65
C ARG A 674 -11.66 33.60 -14.74
N SER A 675 -10.97 34.72 -14.60
CA SER A 675 -9.85 35.04 -15.48
C SER A 675 -8.53 34.55 -14.92
N ALA A 676 -8.37 34.53 -13.59
CA ALA A 676 -7.18 33.95 -12.99
C ALA A 676 -7.11 32.46 -13.27
N VAL A 677 -8.26 31.78 -13.28
CA VAL A 677 -8.24 30.36 -13.64
C VAL A 677 -7.84 30.18 -15.09
N ASP A 678 -8.21 31.12 -15.98
CA ASP A 678 -7.77 31.03 -17.37
C ASP A 678 -6.26 31.24 -17.48
N GLU A 679 -5.71 32.18 -16.73
CA GLU A 679 -4.26 32.42 -16.76
C GLU A 679 -3.49 31.21 -16.24
N ASP A 680 -3.94 30.65 -15.11
CA ASP A 680 -3.31 29.45 -14.57
C ASP A 680 -3.49 28.27 -15.52
N ARG A 681 -4.61 28.21 -16.21
CA ARG A 681 -4.84 27.16 -17.21
C ARG A 681 -3.84 27.27 -18.35
N LYS A 682 -3.60 28.50 -18.83
CA LYS A 682 -2.62 28.69 -19.89
C LYS A 682 -1.22 28.31 -19.43
N MET A 683 -0.86 28.71 -18.20
CA MET A 683 0.46 28.37 -17.68
C MET A 683 0.62 26.86 -17.53
N TYR A 684 -0.41 26.18 -17.02
CA TYR A 684 -0.33 24.74 -16.85
C TYR A 684 -0.29 24.03 -18.20
N LEU A 685 -1.01 24.54 -19.19
CA LEU A 685 -0.94 23.96 -20.53
C LEU A 685 0.45 24.10 -21.13
N GLN A 686 1.07 25.27 -20.96
CA GLN A 686 2.43 25.45 -21.46
C GLN A 686 3.41 24.51 -20.75
N ALA A 687 3.26 24.37 -19.42
CA ALA A 687 4.13 23.46 -18.69
C ALA A 687 3.94 22.02 -19.14
N ALA A 688 2.69 21.62 -19.37
CA ALA A 688 2.41 20.26 -19.84
C ALA A 688 3.00 20.02 -21.23
N ILE A 689 2.87 21.01 -22.12
CA ILE A 689 3.43 20.86 -23.46
C ILE A 689 4.94 20.71 -23.39
N VAL A 690 5.60 21.54 -22.57
CA VAL A 690 7.06 21.46 -22.45
C VAL A 690 7.48 20.12 -21.86
N ARG A 691 6.76 19.66 -20.82
CA ARG A 691 7.11 18.38 -20.21
C ARG A 691 6.95 17.22 -21.18
N ILE A 692 5.85 17.21 -21.95
CA ILE A 692 5.62 16.14 -22.90
C ILE A 692 6.67 16.18 -24.02
N MET A 693 7.00 17.38 -24.52
CA MET A 693 7.98 17.50 -25.58
C MET A 693 9.40 17.29 -25.09
N LYS A 694 9.65 17.32 -23.79
CA LYS A 694 10.94 16.88 -23.27
C LYS A 694 10.97 15.41 -22.94
N ALA A 695 9.81 14.78 -22.73
CA ALA A 695 9.74 13.34 -22.57
C ALA A 695 9.63 12.59 -23.89
N ARG A 696 9.39 13.31 -25.00
CA ARG A 696 9.26 12.68 -26.31
C ARG A 696 10.23 13.21 -27.34
N LYS A 697 10.51 14.52 -27.32
CA LYS A 697 11.47 15.21 -28.17
C LYS A 697 11.01 15.34 -29.61
N VAL A 698 9.93 14.64 -29.97
CA VAL A 698 9.27 14.81 -31.27
C VAL A 698 7.86 14.24 -31.19
N LEU A 699 6.88 14.99 -31.68
CA LEU A 699 5.50 14.55 -31.69
C LEU A 699 4.74 15.32 -32.76
N ARG A 700 3.72 14.67 -33.31
CA ARG A 700 2.84 15.34 -34.27
C ARG A 700 1.77 16.14 -33.53
N HIS A 701 1.15 17.05 -34.27
CA HIS A 701 0.12 17.91 -33.67
C HIS A 701 -1.06 17.09 -33.17
N ASN A 702 -1.53 16.15 -34.00
CA ASN A 702 -2.71 15.35 -33.63
C ASN A 702 -2.44 14.47 -32.42
N ALA A 703 -1.20 14.05 -32.22
CA ALA A 703 -0.85 13.26 -31.04
C ALA A 703 -0.56 14.14 -29.84
N LEU A 704 0.09 15.30 -30.06
CA LEU A 704 0.42 16.18 -28.96
C LEU A 704 -0.82 16.77 -28.32
N ILE A 705 -1.81 17.16 -29.13
CA ILE A 705 -3.05 17.71 -28.57
C ILE A 705 -3.74 16.68 -27.69
N GLN A 706 -3.83 15.45 -28.17
CA GLN A 706 -4.48 14.39 -27.40
C GLN A 706 -3.69 14.06 -26.13
N GLU A 707 -2.36 14.07 -26.20
CA GLU A 707 -1.55 13.82 -25.01
C GLU A 707 -1.74 14.92 -23.98
N VAL A 708 -1.78 16.18 -24.44
CA VAL A 708 -2.01 17.30 -23.53
C VAL A 708 -3.38 17.20 -22.87
N ILE A 709 -4.40 16.84 -23.65
CA ILE A 709 -5.74 16.68 -23.09
C ILE A 709 -5.76 15.56 -22.06
N SER A 710 -5.14 14.43 -22.39
CA SER A 710 -5.16 13.28 -21.48
C SER A 710 -4.37 13.56 -20.20
N GLN A 711 -3.30 14.35 -20.27
CA GLN A 711 -2.51 14.62 -19.08
C GLN A 711 -3.24 15.52 -18.10
N SER A 712 -4.01 16.48 -18.61
CA SER A 712 -4.75 17.43 -17.77
C SER A 712 -6.24 17.03 -17.80
N ARG A 713 -6.61 16.09 -16.93
CA ARG A 713 -8.01 15.69 -16.80
C ARG A 713 -8.47 15.76 -15.36
N ALA A 714 -7.55 15.51 -14.42
CA ALA A 714 -7.86 15.75 -13.02
C ALA A 714 -8.16 17.22 -12.77
N ARG A 715 -7.39 18.10 -13.41
CA ARG A 715 -7.70 19.51 -13.51
C ARG A 715 -8.66 19.75 -14.66
N PHE A 716 -8.76 21.00 -15.11
CA PHE A 716 -9.66 21.44 -16.17
C PHE A 716 -9.67 20.55 -17.40
N ASN A 717 -10.78 20.55 -18.14
CA ASN A 717 -10.81 19.99 -19.48
C ASN A 717 -10.47 21.11 -20.45
N PRO A 718 -9.33 21.06 -21.15
CA PRO A 718 -8.89 22.24 -21.89
C PRO A 718 -9.46 22.33 -23.30
N SER A 719 -9.95 23.50 -23.67
CA SER A 719 -10.46 23.72 -25.01
C SER A 719 -9.31 23.74 -26.01
N ILE A 720 -9.54 23.13 -27.18
CA ILE A 720 -8.48 22.93 -28.17
C ILE A 720 -7.87 24.26 -28.60
N SER A 721 -8.68 25.32 -28.61
CA SER A 721 -8.16 26.65 -28.93
C SER A 721 -7.10 27.06 -27.92
N MET A 722 -7.29 26.73 -26.64
CA MET A 722 -6.30 27.10 -25.63
C MET A 722 -5.01 26.32 -25.81
N ILE A 723 -5.09 25.02 -26.10
CA ILE A 723 -3.86 24.25 -26.29
C ILE A 723 -3.11 24.74 -27.53
N LYS A 724 -3.84 25.03 -28.62
CA LYS A 724 -3.15 25.47 -29.83
C LYS A 724 -2.58 26.88 -29.65
N LYS A 725 -3.25 27.75 -28.90
CA LYS A 725 -2.68 29.07 -28.61
C LYS A 725 -1.43 28.95 -27.75
N CYS A 726 -1.45 28.07 -26.76
CA CYS A 726 -0.27 27.86 -25.93
C CYS A 726 0.88 27.27 -26.73
N ILE A 727 0.60 26.32 -27.61
CA ILE A 727 1.65 25.71 -28.42
C ILE A 727 2.15 26.67 -29.49
N GLU A 728 1.33 27.65 -29.88
CA GLU A 728 1.78 28.69 -30.80
C GLU A 728 2.66 29.71 -30.10
N VAL A 729 2.32 30.07 -28.85
CA VAL A 729 3.12 31.07 -28.14
C VAL A 729 4.40 30.47 -27.57
N LEU A 730 4.45 29.15 -27.35
CA LEU A 730 5.71 28.53 -26.95
C LEU A 730 6.72 28.51 -28.08
N ILE A 731 6.27 28.56 -29.34
CA ILE A 731 7.19 28.68 -30.46
C ILE A 731 7.95 29.99 -30.38
N ASP A 732 7.25 31.07 -30.02
CA ASP A 732 7.90 32.37 -29.88
C ASP A 732 8.94 32.36 -28.77
N LYS A 733 8.70 31.58 -27.71
CA LYS A 733 9.67 31.41 -26.64
C LYS A 733 10.67 30.30 -26.91
N GLN A 734 10.57 29.63 -28.06
CA GLN A 734 11.49 28.62 -28.55
C GLN A 734 11.54 27.37 -27.68
N TYR A 735 10.58 27.18 -26.77
CA TYR A 735 10.54 25.94 -26.01
C TYR A 735 10.20 24.75 -26.90
N ILE A 736 9.27 24.93 -27.82
CA ILE A 736 8.91 23.93 -28.81
C ILE A 736 8.99 24.58 -30.19
N GLU A 737 9.55 23.86 -31.16
CA GLU A 737 9.73 24.40 -32.50
C GLU A 737 9.20 23.43 -33.52
N ARG A 738 8.69 23.98 -34.62
CA ARG A 738 8.16 23.18 -35.71
C ARG A 738 9.30 22.61 -36.54
N SER A 739 9.23 21.31 -36.83
CA SER A 739 10.25 20.66 -37.64
C SER A 739 10.20 21.17 -39.07
N GLN A 740 11.36 21.13 -39.73
CA GLN A 740 11.46 21.65 -41.10
C GLN A 740 10.69 20.79 -42.10
N ALA A 741 10.36 19.55 -41.76
CA ALA A 741 9.61 18.69 -42.67
C ALA A 741 8.19 19.22 -42.87
N SER A 742 7.50 19.55 -41.78
CA SER A 742 6.15 20.07 -41.85
C SER A 742 5.83 20.78 -40.54
N ALA A 743 4.81 21.65 -40.61
CA ALA A 743 4.35 22.34 -39.40
C ALA A 743 3.63 21.40 -38.45
N ASP A 744 3.13 20.27 -38.94
CA ASP A 744 2.49 19.30 -38.07
C ASP A 744 3.48 18.69 -37.07
N GLU A 745 4.68 18.40 -37.52
CA GLU A 745 5.71 17.86 -36.64
C GLU A 745 6.22 18.94 -35.68
N TYR A 746 6.65 18.50 -34.50
CA TYR A 746 7.14 19.40 -33.47
C TYR A 746 8.45 18.88 -32.90
N SER A 747 9.30 19.81 -32.48
CA SER A 747 10.58 19.49 -31.88
C SER A 747 10.93 20.59 -30.88
N TYR A 748 12.12 20.50 -30.30
CA TYR A 748 12.57 21.47 -29.31
C TYR A 748 13.88 22.11 -29.79
N VAL A 749 14.24 23.21 -29.12
CA VAL A 749 15.49 23.89 -29.41
C VAL A 749 15.96 24.66 -28.19
N MET B 1 -12.72 -56.40 2.32
CA MET B 1 -11.68 -55.96 3.25
C MET B 1 -10.58 -57.00 3.38
N TYR B 2 -10.96 -58.27 3.36
CA TYR B 2 -10.01 -59.37 3.42
C TYR B 2 -10.32 -60.38 2.33
N VAL B 3 -9.28 -60.88 1.67
CA VAL B 3 -9.40 -61.76 0.52
C VAL B 3 -8.97 -63.15 0.92
N LYS B 4 -9.86 -64.13 0.73
CA LYS B 4 -9.57 -65.52 1.05
C LYS B 4 -8.98 -66.20 -0.18
N LEU B 5 -7.68 -66.46 -0.15
CA LEU B 5 -6.95 -66.96 -1.30
C LEU B 5 -6.87 -68.48 -1.20
N ILE B 6 -7.86 -69.18 -1.75
CA ILE B 6 -7.82 -70.64 -1.70
C ILE B 6 -6.69 -71.15 -2.60
N SER B 7 -6.31 -72.40 -2.38
CA SER B 7 -5.27 -73.05 -3.17
C SER B 7 -5.81 -74.34 -3.78
N SER B 8 -4.94 -75.05 -4.49
CA SER B 8 -5.33 -76.32 -5.08
C SER B 8 -5.47 -77.42 -4.03
N ASP B 9 -4.87 -77.25 -2.86
CA ASP B 9 -4.99 -78.20 -1.77
C ASP B 9 -6.10 -77.84 -0.79
N GLY B 10 -6.86 -76.79 -1.06
CA GLY B 10 -7.93 -76.36 -0.19
C GLY B 10 -7.52 -75.43 0.93
N HIS B 11 -6.26 -75.03 1.00
CA HIS B 11 -5.81 -74.13 2.05
C HIS B 11 -6.38 -72.73 1.83
N GLU B 12 -6.83 -72.11 2.90
CA GLU B 12 -7.26 -70.71 2.87
C GLU B 12 -6.11 -69.82 3.30
N PHE B 13 -5.93 -68.71 2.59
CA PHE B 13 -4.80 -67.81 2.77
C PHE B 13 -5.27 -66.38 2.91
N ILE B 14 -6.19 -66.16 3.85
CA ILE B 14 -6.83 -64.86 4.01
C ILE B 14 -5.77 -63.78 4.24
N VAL B 15 -5.68 -62.84 3.30
CA VAL B 15 -4.78 -61.70 3.40
C VAL B 15 -5.61 -60.42 3.27
N LYS B 16 -4.95 -59.30 3.51
CA LYS B 16 -5.61 -58.01 3.39
C LYS B 16 -5.98 -57.74 1.93
N ARG B 17 -7.00 -56.90 1.74
CA ARG B 17 -7.43 -56.55 0.39
C ARG B 17 -6.35 -55.79 -0.35
N GLU B 18 -5.74 -54.81 0.31
CA GLU B 18 -4.66 -54.03 -0.31
C GLU B 18 -3.44 -54.90 -0.60
N HIS B 19 -3.20 -55.91 0.24
CA HIS B 19 -2.08 -56.81 0.02
C HIS B 19 -2.32 -57.69 -1.21
N ALA B 20 -3.54 -58.19 -1.38
CA ALA B 20 -3.82 -59.04 -2.53
C ALA B 20 -3.97 -58.26 -3.82
N LEU B 21 -4.39 -56.99 -3.75
CA LEU B 21 -4.59 -56.22 -4.96
C LEU B 21 -3.30 -55.78 -5.63
N THR B 22 -2.14 -56.02 -5.00
CA THR B 22 -0.88 -55.77 -5.70
C THR B 22 -0.70 -56.71 -6.88
N SER B 23 -1.35 -57.87 -6.86
CA SER B 23 -1.35 -58.76 -8.00
C SER B 23 -2.31 -58.26 -9.07
N GLY B 24 -2.10 -58.72 -10.29
CA GLY B 24 -2.93 -58.30 -11.40
C GLY B 24 -4.19 -59.12 -11.55
N THR B 25 -4.05 -60.43 -11.72
CA THR B 25 -5.22 -61.26 -11.90
C THR B 25 -5.96 -61.52 -10.59
N ILE B 26 -5.39 -61.13 -9.44
CA ILE B 26 -6.21 -61.09 -8.24
C ILE B 26 -7.22 -59.96 -8.32
N LYS B 27 -6.78 -58.78 -8.78
CA LYS B 27 -7.70 -57.68 -9.00
C LYS B 27 -8.67 -58.01 -10.14
N ALA B 28 -8.20 -58.70 -11.17
CA ALA B 28 -9.09 -59.11 -12.26
C ALA B 28 -10.11 -60.14 -11.79
N MET B 29 -9.70 -61.04 -10.89
CA MET B 29 -10.64 -62.02 -10.35
C MET B 29 -11.66 -61.37 -9.43
N LEU B 30 -11.22 -60.44 -8.58
CA LEU B 30 -12.15 -59.76 -7.68
C LEU B 30 -13.14 -58.90 -8.46
N SER B 31 -12.67 -58.20 -9.49
CA SER B 31 -13.57 -57.47 -10.37
C SER B 31 -14.29 -58.45 -11.30
N GLY B 32 -15.28 -57.94 -12.02
CA GLY B 32 -16.12 -58.79 -12.81
C GLY B 32 -17.10 -59.51 -11.92
N PRO B 33 -17.81 -60.51 -12.44
CA PRO B 33 -18.79 -61.22 -11.63
C PRO B 33 -18.17 -62.06 -10.52
N GLY B 34 -17.36 -61.41 -9.68
CA GLY B 34 -16.77 -62.05 -8.52
C GLY B 34 -16.61 -61.12 -7.34
N GLN B 35 -17.33 -59.99 -7.32
CA GLN B 35 -17.17 -59.03 -6.23
C GLN B 35 -17.57 -59.64 -4.90
N PHE B 36 -18.77 -60.23 -4.82
CA PHE B 36 -19.41 -60.61 -3.57
C PHE B 36 -19.43 -59.43 -2.60
N ALA B 37 -20.18 -58.41 -3.00
CA ALA B 37 -20.11 -57.10 -2.36
C ALA B 37 -20.77 -57.08 -0.99
N GLU B 38 -20.24 -57.88 -0.07
CA GLU B 38 -20.64 -57.85 1.34
C GLU B 38 -19.42 -57.88 2.25
N ASN B 39 -18.21 -57.81 1.68
CA ASN B 39 -16.92 -57.84 2.37
C ASN B 39 -16.90 -58.84 3.52
N GLU B 40 -17.21 -60.09 3.19
CA GLU B 40 -17.19 -61.15 4.19
C GLU B 40 -16.28 -62.31 3.81
N THR B 41 -16.23 -62.70 2.53
CA THR B 41 -15.34 -63.77 2.09
C THR B 41 -14.34 -63.31 1.04
N ASN B 42 -14.81 -62.73 -0.07
CA ASN B 42 -13.96 -62.32 -1.19
C ASN B 42 -13.06 -63.46 -1.65
N GLU B 43 -13.63 -64.66 -1.73
CA GLU B 43 -12.87 -65.84 -2.13
C GLU B 43 -12.48 -65.76 -3.60
N VAL B 44 -11.31 -66.32 -3.92
CA VAL B 44 -10.89 -66.55 -5.30
C VAL B 44 -10.33 -67.96 -5.40
N ASN B 45 -10.65 -68.66 -6.47
CA ASN B 45 -10.32 -70.07 -6.62
C ASN B 45 -9.03 -70.24 -7.40
N PHE B 46 -8.11 -71.04 -6.86
CA PHE B 46 -6.84 -71.38 -7.50
C PHE B 46 -6.77 -72.89 -7.63
N ARG B 47 -7.28 -73.42 -8.74
CA ARG B 47 -7.35 -74.86 -8.93
C ARG B 47 -6.13 -75.42 -9.66
N GLU B 48 -5.05 -74.64 -9.74
CA GLU B 48 -3.84 -75.08 -10.43
C GLU B 48 -2.55 -74.88 -9.64
N ILE B 49 -2.52 -74.00 -8.65
CA ILE B 49 -1.28 -73.70 -7.93
C ILE B 49 -1.31 -74.24 -6.51
N PRO B 50 -0.24 -74.90 -6.06
CA PRO B 50 -0.27 -75.57 -4.75
C PRO B 50 -0.25 -74.60 -3.58
N SER B 51 -0.20 -75.14 -2.36
CA SER B 51 -0.29 -74.31 -1.17
C SER B 51 0.99 -73.55 -0.86
N HIS B 52 2.15 -74.16 -1.11
CA HIS B 52 3.41 -73.52 -0.74
C HIS B 52 3.68 -72.30 -1.62
N VAL B 53 3.32 -72.36 -2.90
CA VAL B 53 3.49 -71.19 -3.74
C VAL B 53 2.51 -70.09 -3.31
N LEU B 54 1.33 -70.45 -2.79
CA LEU B 54 0.49 -69.43 -2.17
C LEU B 54 1.15 -68.83 -0.94
N SER B 55 1.81 -69.65 -0.15
CA SER B 55 2.52 -69.13 1.01
C SER B 55 3.55 -68.10 0.59
N LYS B 56 4.35 -68.44 -0.43
CA LYS B 56 5.35 -67.51 -0.95
C LYS B 56 4.71 -66.26 -1.54
N VAL B 57 3.61 -66.41 -2.28
CA VAL B 57 2.97 -65.27 -2.92
C VAL B 57 2.39 -64.32 -1.88
N CYS B 58 1.73 -64.85 -0.86
CA CYS B 58 1.17 -63.99 0.19
C CYS B 58 2.27 -63.34 1.02
N MET B 59 3.34 -64.07 1.30
CA MET B 59 4.49 -63.46 1.97
C MET B 59 5.08 -62.36 1.13
N TYR B 60 5.11 -62.53 -0.20
CA TYR B 60 5.55 -61.46 -1.08
C TYR B 60 4.58 -60.29 -1.07
N PHE B 61 3.29 -60.55 -0.94
CA PHE B 61 2.32 -59.45 -0.86
C PHE B 61 2.61 -58.58 0.35
N THR B 62 2.81 -59.22 1.51
CA THR B 62 3.20 -58.48 2.71
C THR B 62 4.54 -57.79 2.53
N TYR B 63 5.47 -58.47 1.86
CA TYR B 63 6.82 -57.93 1.63
C TYR B 63 6.78 -56.67 0.77
N LYS B 64 5.95 -56.68 -0.28
CA LYS B 64 5.87 -55.54 -1.18
C LYS B 64 5.10 -54.39 -0.54
N VAL B 65 4.01 -54.70 0.17
CA VAL B 65 3.23 -53.65 0.81
C VAL B 65 4.06 -52.97 1.89
N ARG B 66 4.80 -53.74 2.69
CA ARG B 66 5.67 -53.15 3.71
C ARG B 66 6.83 -52.40 3.07
N TYR B 67 7.52 -53.05 2.14
CA TYR B 67 8.71 -52.46 1.50
C TYR B 67 8.29 -51.86 0.16
N THR B 68 7.96 -50.58 0.18
CA THR B 68 7.72 -49.84 -1.05
C THR B 68 8.64 -48.63 -1.20
N ASN B 69 9.14 -48.05 -0.10
CA ASN B 69 10.17 -47.01 -0.17
C ASN B 69 11.02 -47.11 1.10
N SER B 70 12.14 -47.83 0.99
CA SER B 70 13.09 -47.90 2.09
C SER B 70 14.53 -47.94 1.59
N SER B 71 14.79 -47.31 0.45
CA SER B 71 16.14 -47.13 -0.13
C SER B 71 16.72 -48.52 -0.44
N THR B 72 17.93 -48.85 0.04
CA THR B 72 18.54 -50.13 -0.21
C THR B 72 18.41 -51.08 0.98
N GLU B 73 17.60 -50.72 1.98
CA GLU B 73 17.36 -51.58 3.13
C GLU B 73 16.51 -52.79 2.77
N ILE B 74 15.96 -52.81 1.55
CA ILE B 74 15.13 -53.89 1.00
C ILE B 74 15.74 -55.27 1.28
N PRO B 75 15.16 -56.05 2.17
CA PRO B 75 15.71 -57.39 2.45
C PRO B 75 15.48 -58.34 1.30
N GLU B 76 16.36 -59.33 1.20
CA GLU B 76 16.28 -60.29 0.11
C GLU B 76 15.17 -61.29 0.39
N PHE B 77 14.22 -61.39 -0.55
CA PHE B 77 13.13 -62.34 -0.41
C PHE B 77 13.66 -63.75 -0.62
N PRO B 78 13.51 -64.66 0.36
CA PRO B 78 14.12 -65.98 0.24
C PRO B 78 13.25 -66.92 -0.57
N ILE B 79 13.82 -67.50 -1.62
CA ILE B 79 13.16 -68.48 -2.46
C ILE B 79 13.88 -69.80 -2.28
N ALA B 80 13.16 -70.83 -1.87
CA ALA B 80 13.75 -72.15 -1.81
C ALA B 80 14.05 -72.64 -3.23
N PRO B 81 15.17 -73.33 -3.43
CA PRO B 81 15.48 -73.85 -4.78
C PRO B 81 14.42 -74.78 -5.33
N GLU B 82 13.77 -75.56 -4.48
CA GLU B 82 12.71 -76.44 -4.95
C GLU B 82 11.42 -75.69 -5.26
N ILE B 83 11.16 -74.59 -4.55
CA ILE B 83 9.91 -73.87 -4.75
C ILE B 83 10.00 -72.87 -5.89
N ALA B 84 11.21 -72.53 -6.34
CA ALA B 84 11.34 -71.76 -7.57
C ALA B 84 10.98 -72.63 -8.76
N LEU B 85 10.68 -71.97 -9.88
CA LEU B 85 10.12 -72.56 -11.10
C LEU B 85 8.67 -72.98 -10.87
N GLU B 86 8.19 -72.86 -9.64
CA GLU B 86 6.77 -72.91 -9.32
C GLU B 86 6.26 -71.60 -8.80
N LEU B 87 7.10 -70.85 -8.07
CA LEU B 87 6.79 -69.47 -7.75
C LEU B 87 6.93 -68.57 -8.98
N LEU B 88 7.79 -68.96 -9.92
CA LEU B 88 7.95 -68.19 -11.14
C LEU B 88 6.69 -68.24 -11.99
N MET B 89 6.19 -69.45 -12.25
CA MET B 89 4.95 -69.58 -13.02
C MET B 89 3.77 -68.97 -12.28
N ALA B 90 3.73 -69.12 -10.95
CA ALA B 90 2.66 -68.52 -10.17
C ALA B 90 2.68 -67.01 -10.25
N ALA B 91 3.88 -66.41 -10.22
CA ALA B 91 3.97 -64.97 -10.33
C ALA B 91 3.69 -64.50 -11.75
N ASN B 92 3.98 -65.32 -12.75
CA ASN B 92 3.55 -65.01 -14.12
C ASN B 92 2.04 -65.02 -14.22
N PHE B 93 1.39 -66.06 -13.70
CA PHE B 93 -0.05 -66.19 -13.82
C PHE B 93 -0.77 -65.08 -13.07
N LEU B 94 -0.26 -64.71 -11.90
CA LEU B 94 -0.86 -63.67 -11.10
C LEU B 94 -0.47 -62.27 -11.54
N ASP B 95 0.42 -62.14 -12.53
CA ASP B 95 0.95 -60.85 -12.97
C ASP B 95 1.50 -60.07 -11.79
N CYS B 96 2.22 -60.78 -10.93
CA CYS B 96 2.62 -60.26 -9.63
C CYS B 96 3.80 -59.30 -9.73
N ASP C 2 5.82 -52.25 13.99
CA ASP C 2 5.62 -52.83 12.67
C ASP C 2 6.22 -54.23 12.60
N VAL C 3 5.48 -55.21 13.11
CA VAL C 3 5.88 -56.62 13.06
C VAL C 3 4.75 -57.41 12.42
N PHE C 4 5.09 -58.30 11.50
CA PHE C 4 4.13 -59.02 10.67
C PHE C 4 3.99 -60.45 11.15
N LEU C 5 2.75 -60.85 11.43
CA LEU C 5 2.46 -62.14 12.03
C LEU C 5 1.56 -62.96 11.13
N MET C 6 1.63 -64.28 11.32
CA MET C 6 0.82 -65.24 10.56
C MET C 6 0.08 -66.12 11.55
N ILE C 7 -1.25 -66.11 11.48
CA ILE C 7 -2.12 -66.88 12.36
C ILE C 7 -2.64 -68.07 11.56
N ARG C 8 -2.21 -69.28 11.93
CA ARG C 8 -2.50 -70.46 11.12
C ARG C 8 -3.38 -71.42 11.90
N ARG C 9 -4.52 -71.77 11.31
CA ARG C 9 -5.32 -72.89 11.75
C ARG C 9 -4.89 -74.13 10.97
N HIS C 10 -5.69 -75.19 11.01
CA HIS C 10 -5.36 -76.40 10.26
C HIS C 10 -5.34 -76.15 8.76
N LYS C 11 -6.29 -75.35 8.25
CA LYS C 11 -6.32 -75.02 6.83
C LYS C 11 -6.19 -73.54 6.55
N THR C 12 -6.93 -72.68 7.26
CA THR C 12 -6.90 -71.26 6.95
C THR C 12 -5.61 -70.63 7.47
N THR C 13 -5.33 -69.43 6.98
CA THR C 13 -4.10 -68.73 7.31
C THR C 13 -4.35 -67.23 7.19
N ILE C 14 -3.92 -66.48 8.20
CA ILE C 14 -4.16 -65.05 8.29
C ILE C 14 -2.81 -64.34 8.30
N PHE C 15 -2.69 -63.25 7.54
CA PHE C 15 -1.49 -62.44 7.51
C PHE C 15 -1.83 -61.06 8.04
N THR C 16 -1.35 -60.74 9.25
CA THR C 16 -1.67 -59.47 9.90
C THR C 16 -0.40 -58.73 10.27
N ASP C 17 -0.58 -57.46 10.68
CA ASP C 17 0.49 -56.60 11.12
C ASP C 17 0.09 -55.95 12.44
N ALA C 18 1.06 -55.82 13.35
CA ALA C 18 0.83 -55.19 14.64
C ALA C 18 1.97 -54.22 14.93
N LYS C 19 1.65 -53.18 15.69
CA LYS C 19 2.66 -52.21 16.09
C LYS C 19 3.58 -52.81 17.15
N GLU C 20 4.84 -52.37 17.14
CA GLU C 20 5.79 -52.80 18.16
C GLU C 20 5.35 -52.37 19.56
N SER C 21 4.88 -51.12 19.68
CA SER C 21 4.38 -50.61 20.96
C SER C 21 2.89 -50.93 21.09
N SER C 22 2.62 -52.23 21.24
CA SER C 22 1.26 -52.71 21.37
C SER C 22 1.27 -53.98 22.20
N THR C 23 0.07 -54.51 22.46
CA THR C 23 -0.12 -55.71 23.25
C THR C 23 -0.78 -56.79 22.39
N VAL C 24 -1.11 -57.92 23.03
CA VAL C 24 -1.78 -59.00 22.34
C VAL C 24 -3.26 -58.69 22.14
N PHE C 25 -3.81 -57.73 22.88
CA PHE C 25 -5.22 -57.39 22.77
C PHE C 25 -5.59 -56.90 21.37
N GLU C 26 -4.70 -56.10 20.75
CA GLU C 26 -4.98 -55.58 19.42
C GLU C 26 -5.08 -56.70 18.40
N LEU C 27 -4.13 -57.64 18.41
CA LEU C 27 -4.18 -58.74 17.45
C LEU C 27 -5.33 -59.69 17.75
N LYS C 28 -5.66 -59.87 19.03
CA LYS C 28 -6.83 -60.66 19.38
C LYS C 28 -8.10 -60.03 18.79
N ARG C 29 -8.22 -58.71 18.89
CA ARG C 29 -9.39 -58.03 18.33
C ARG C 29 -9.42 -58.15 16.80
N ILE C 30 -8.27 -57.96 16.14
CA ILE C 30 -8.28 -57.98 14.68
C ILE C 30 -8.40 -59.39 14.12
N VAL C 31 -8.10 -60.43 14.91
CA VAL C 31 -8.38 -61.79 14.47
C VAL C 31 -9.80 -62.23 14.86
N GLU C 32 -10.40 -61.61 15.89
CA GLU C 32 -11.79 -61.86 16.17
C GLU C 32 -12.69 -61.23 15.12
N GLY C 33 -12.30 -60.06 14.62
CA GLY C 33 -13.11 -59.36 13.63
C GLY C 33 -13.27 -60.13 12.33
N ILE C 34 -12.19 -60.77 11.89
CA ILE C 34 -12.21 -61.48 10.61
C ILE C 34 -12.79 -62.88 10.74
N LEU C 35 -12.43 -63.60 11.80
CA LEU C 35 -12.88 -64.98 11.98
C LEU C 35 -14.18 -65.09 12.77
N LYS C 36 -14.77 -63.95 13.17
CA LYS C 36 -16.06 -63.86 13.87
C LYS C 36 -16.13 -64.75 15.12
N ARG C 37 -14.98 -65.14 15.67
CA ARG C 37 -14.97 -66.00 16.84
C ARG C 37 -14.58 -65.21 18.09
N PRO C 38 -15.20 -65.51 19.24
CA PRO C 38 -14.94 -64.70 20.43
C PRO C 38 -13.52 -64.87 20.93
N PRO C 39 -12.96 -63.84 21.58
CA PRO C 39 -11.56 -63.93 22.04
C PRO C 39 -11.31 -65.02 23.06
N ASP C 40 -12.28 -65.34 23.92
CA ASP C 40 -12.04 -66.36 24.93
C ASP C 40 -11.94 -67.75 24.32
N GLU C 41 -12.64 -67.99 23.21
CA GLU C 41 -12.56 -69.30 22.57
C GLU C 41 -11.22 -69.49 21.86
N GLN C 42 -10.71 -68.45 21.20
CA GLN C 42 -9.46 -68.57 20.46
C GLN C 42 -8.27 -68.57 21.40
N ARG C 43 -7.30 -69.44 21.10
CA ARG C 43 -6.06 -69.53 21.85
C ARG C 43 -4.89 -69.55 20.88
N LEU C 44 -3.88 -68.73 21.15
CA LEU C 44 -2.71 -68.59 20.29
C LEU C 44 -1.71 -69.69 20.63
N TYR C 45 -2.02 -70.90 20.20
CA TYR C 45 -1.19 -72.07 20.49
C TYR C 45 0.05 -71.99 19.62
N LYS C 46 1.00 -71.16 20.05
CA LYS C 46 2.19 -70.84 19.27
C LYS C 46 3.35 -71.74 19.69
N ASP C 47 3.91 -72.47 18.72
CA ASP C 47 5.09 -73.31 18.94
C ASP C 47 4.87 -74.34 20.04
N ASP C 48 3.70 -74.98 20.02
CA ASP C 48 3.32 -75.98 21.02
C ASP C 48 3.39 -75.42 22.44
N GLN C 49 3.00 -74.16 22.60
CA GLN C 49 3.03 -73.49 23.88
C GLN C 49 1.79 -72.60 24.02
N LEU C 50 1.19 -72.64 25.20
CA LEU C 50 0.06 -71.77 25.49
C LEU C 50 0.54 -70.34 25.72
N LEU C 51 -0.36 -69.39 25.53
CA LEU C 51 -0.06 -67.97 25.70
C LEU C 51 -1.13 -67.34 26.59
N ASP C 52 -0.92 -66.07 26.91
CA ASP C 52 -1.84 -65.31 27.75
C ASP C 52 -2.75 -64.47 26.86
N ASP C 53 -3.56 -63.60 27.48
CA ASP C 53 -4.57 -62.86 26.75
C ASP C 53 -4.06 -61.50 26.26
N GLY C 54 -3.62 -60.64 27.18
CA GLY C 54 -3.27 -59.29 26.78
C GLY C 54 -2.10 -58.65 27.51
N LYS C 55 -1.16 -59.45 27.99
CA LYS C 55 -0.11 -58.91 28.85
C LYS C 55 0.97 -58.18 28.05
N THR C 56 1.71 -58.90 27.21
CA THR C 56 2.87 -58.32 26.54
C THR C 56 3.13 -59.06 25.24
N LEU C 57 3.44 -58.30 24.18
CA LEU C 57 3.78 -58.90 22.89
C LEU C 57 5.11 -59.65 22.97
N GLY C 58 6.10 -59.07 23.65
CA GLY C 58 7.45 -59.61 23.58
C GLY C 58 7.59 -60.98 24.22
N GLU C 59 6.95 -61.18 25.37
CA GLU C 59 7.10 -62.45 26.09
C GLU C 59 6.41 -63.61 25.39
N CYS C 60 5.54 -63.33 24.42
CA CYS C 60 4.83 -64.40 23.72
C CYS C 60 5.78 -65.29 22.94
N GLY C 61 6.77 -64.70 22.28
CA GLY C 61 7.76 -65.48 21.57
C GLY C 61 8.18 -64.90 20.24
N PHE C 62 7.39 -63.97 19.69
CA PHE C 62 7.69 -63.35 18.42
C PHE C 62 8.15 -61.91 18.64
N THR C 63 9.19 -61.51 17.93
CA THR C 63 9.75 -60.17 17.99
C THR C 63 9.79 -59.58 16.58
N SER C 64 10.31 -58.35 16.48
CA SER C 64 10.41 -57.69 15.18
C SER C 64 11.37 -58.44 14.26
N GLN C 65 12.51 -58.89 14.79
CA GLN C 65 13.49 -59.58 13.96
C GLN C 65 13.07 -61.00 13.64
N THR C 66 12.43 -61.70 14.58
CA THR C 66 12.04 -63.09 14.35
C THR C 66 10.91 -63.19 13.35
N ALA C 67 9.99 -62.22 13.37
CA ALA C 67 8.83 -62.22 12.47
C ALA C 67 9.03 -61.12 11.43
N ARG C 68 9.26 -61.53 10.19
CA ARG C 68 9.49 -60.63 9.07
C ARG C 68 8.54 -60.97 7.94
N PRO C 69 8.22 -60.00 7.07
CA PRO C 69 7.37 -60.32 5.90
C PRO C 69 7.97 -61.36 4.98
N GLN C 70 9.29 -61.53 4.98
CA GLN C 70 9.92 -62.57 4.18
C GLN C 70 9.46 -63.95 4.63
N ALA C 71 9.37 -64.16 5.95
CA ALA C 71 8.94 -65.42 6.52
C ALA C 71 8.41 -65.18 7.93
N PRO C 72 7.13 -64.86 8.09
CA PRO C 72 6.59 -64.64 9.43
C PRO C 72 6.50 -65.92 10.23
N ALA C 73 6.52 -65.77 11.55
CA ALA C 73 6.43 -66.92 12.44
C ALA C 73 5.02 -67.50 12.42
N THR C 74 4.93 -68.83 12.36
CA THR C 74 3.65 -69.53 12.26
C THR C 74 3.02 -69.59 13.65
N VAL C 75 2.06 -68.71 13.91
CA VAL C 75 1.33 -68.71 15.17
C VAL C 75 0.08 -69.54 14.99
N GLY C 76 -0.02 -70.63 15.74
CA GLY C 76 -1.18 -71.50 15.65
C GLY C 76 -2.42 -70.88 16.28
N LEU C 77 -3.55 -71.54 16.04
CA LEU C 77 -4.82 -71.11 16.62
C LEU C 77 -5.63 -72.34 17.01
N ALA C 78 -6.25 -72.27 18.19
CA ALA C 78 -7.05 -73.36 18.71
C ALA C 78 -8.38 -72.82 19.23
N PHE C 79 -9.43 -73.61 19.06
CA PHE C 79 -10.77 -73.26 19.55
C PHE C 79 -11.24 -74.28 20.57
N ARG C 80 -12.13 -73.84 21.45
CA ARG C 80 -12.68 -74.72 22.47
C ARG C 80 -13.55 -75.81 21.84
N ALA C 81 -13.60 -76.96 22.50
CA ALA C 81 -14.39 -78.08 22.03
C ALA C 81 -15.66 -78.24 22.87
N PHE C 85 -9.59 -76.85 25.04
CA PHE C 85 -9.25 -76.36 23.71
C PHE C 85 -8.85 -77.50 22.78
N GLU C 86 -8.91 -77.26 21.48
CA GLU C 86 -8.56 -78.27 20.51
C GLU C 86 -7.05 -78.47 20.45
N ALA C 87 -6.64 -79.60 19.88
CA ALA C 87 -5.23 -79.89 19.71
C ALA C 87 -4.68 -79.21 18.46
N LEU C 88 -3.36 -79.15 18.37
CA LEU C 88 -2.70 -78.51 17.24
C LEU C 88 -2.59 -79.53 16.10
N CYS C 89 -3.35 -79.30 15.04
CA CYS C 89 -3.36 -80.15 13.85
C CYS C 89 -3.14 -79.32 12.60
N ILE C 90 -2.13 -78.46 12.64
CA ILE C 90 -1.81 -77.58 11.52
C ILE C 90 -1.33 -78.45 10.35
N GLU C 91 -2.11 -78.49 9.29
CA GLU C 91 -1.74 -79.28 8.13
C GLU C 91 -0.61 -78.59 7.37
N PRO C 92 0.53 -79.24 7.15
CA PRO C 92 1.63 -78.57 6.44
C PRO C 92 1.32 -78.39 4.97
N PHE C 93 2.01 -77.42 4.37
CA PHE C 93 1.87 -77.19 2.95
C PHE C 93 2.43 -78.37 2.15
N SER C 94 1.97 -78.48 0.90
CA SER C 94 2.37 -79.59 0.06
C SER C 94 3.86 -79.57 -0.20
N SER C 95 4.47 -80.75 -0.21
CA SER C 95 5.91 -80.85 -0.43
C SER C 95 6.22 -80.58 -1.89
N PRO C 96 7.14 -79.65 -2.19
CA PRO C 96 7.48 -79.38 -3.58
C PRO C 96 8.16 -80.58 -4.22
N PRO C 97 8.02 -80.77 -5.53
CA PRO C 97 8.71 -81.89 -6.19
C PRO C 97 10.22 -81.72 -6.12
N GLU C 98 10.91 -82.84 -6.04
CA GLU C 98 12.36 -82.84 -5.88
C GLU C 98 13.02 -82.42 -7.19
N LEU C 99 13.82 -81.36 -7.15
CA LEU C 99 14.52 -80.91 -8.34
C LEU C 99 15.61 -81.89 -8.72
N PRO C 100 15.84 -82.13 -10.03
CA PRO C 100 16.87 -83.06 -10.51
C PRO C 100 18.28 -82.58 -10.18
N PHE D 10 -8.62 59.13 21.00
CA PHE D 10 -9.23 57.85 20.66
C PHE D 10 -8.27 56.70 20.94
N GLU D 11 -8.82 55.52 21.17
CA GLU D 11 -8.02 54.34 21.48
C GLU D 11 -8.79 53.09 21.09
N VAL D 12 -8.07 51.98 21.00
CA VAL D 12 -8.64 50.68 20.65
C VAL D 12 -8.49 49.78 21.87
N LYS D 13 -9.61 49.25 22.36
CA LYS D 13 -9.56 48.39 23.53
C LYS D 13 -9.03 47.00 23.21
N LYS D 14 -9.45 46.42 22.09
CA LYS D 14 -9.00 45.10 21.69
C LYS D 14 -8.98 45.03 20.17
N TRP D 15 -7.98 44.34 19.62
CA TRP D 15 -7.72 44.36 18.19
C TRP D 15 -7.53 42.94 17.65
N ASN D 16 -7.92 42.76 16.39
CA ASN D 16 -7.74 41.51 15.66
C ASN D 16 -7.15 41.82 14.29
N ALA D 17 -6.06 41.15 13.94
CA ALA D 17 -5.33 41.48 12.72
C ALA D 17 -5.04 40.22 11.93
N VAL D 18 -4.70 40.42 10.65
CA VAL D 18 -4.27 39.34 9.77
C VAL D 18 -3.00 39.78 9.05
N ALA D 19 -2.02 38.87 8.98
CA ALA D 19 -0.73 39.18 8.40
C ALA D 19 -0.35 38.11 7.40
N LEU D 20 0.22 38.53 6.28
CA LEU D 20 0.60 37.64 5.19
C LEU D 20 2.12 37.52 5.17
N TRP D 21 2.64 36.53 5.90
CA TRP D 21 4.08 36.34 5.96
C TRP D 21 4.61 35.75 4.65
N ALA D 22 5.80 36.19 4.26
CA ALA D 22 6.47 35.70 3.07
C ALA D 22 7.97 35.72 3.33
N TRP D 23 8.71 35.01 2.49
CA TRP D 23 10.16 34.96 2.64
C TRP D 23 10.77 36.33 2.35
N ASP D 24 11.86 36.64 3.05
CA ASP D 24 12.47 37.95 3.00
C ASP D 24 13.32 38.17 1.74
N ILE D 25 13.21 37.30 0.75
CA ILE D 25 13.95 37.49 -0.50
C ILE D 25 13.32 38.63 -1.29
N VAL D 26 14.17 39.47 -1.88
CA VAL D 26 13.68 40.61 -2.64
C VAL D 26 12.99 40.20 -3.93
N VAL D 27 13.31 39.02 -4.47
CA VAL D 27 12.71 38.53 -5.71
C VAL D 27 11.63 37.52 -5.36
N ASP D 28 10.51 37.60 -6.07
CA ASP D 28 9.35 36.77 -5.77
C ASP D 28 9.11 35.67 -6.80
N ASN D 29 9.06 36.01 -8.09
CA ASN D 29 8.72 35.05 -9.13
C ASN D 29 9.68 35.17 -10.30
N CYS D 30 9.89 34.04 -10.98
CA CYS D 30 10.68 34.01 -12.21
C CYS D 30 9.78 34.46 -13.35
N ALA D 31 9.98 35.69 -13.82
CA ALA D 31 9.10 36.27 -14.83
C ALA D 31 9.48 35.80 -16.23
N ILE D 32 9.59 34.48 -16.41
CA ILE D 32 9.71 33.88 -17.73
C ILE D 32 8.65 32.79 -17.84
N CYS D 33 8.68 31.84 -16.91
CA CYS D 33 7.67 30.80 -16.82
C CYS D 33 6.55 31.16 -15.85
N ARG D 34 6.62 32.33 -15.20
CA ARG D 34 5.64 32.78 -14.22
C ARG D 34 5.50 31.77 -13.07
N ASN D 35 6.61 31.13 -12.72
CA ASN D 35 6.64 30.17 -11.63
C ASN D 35 7.42 30.76 -10.45
N HIS D 36 7.06 30.31 -9.25
CA HIS D 36 7.78 30.72 -8.06
C HIS D 36 9.15 30.07 -8.07
N ILE D 37 10.10 30.68 -7.36
CA ILE D 37 11.48 30.24 -7.49
C ILE D 37 11.78 29.02 -6.61
N MET D 38 10.97 28.76 -5.58
CA MET D 38 11.22 27.62 -4.71
C MET D 38 11.16 26.30 -5.47
N ASP D 39 10.17 26.14 -6.34
CA ASP D 39 10.07 24.94 -7.15
C ASP D 39 10.75 25.17 -8.50
N LEU D 40 10.61 24.22 -9.41
CA LEU D 40 11.43 24.13 -10.60
C LEU D 40 10.75 24.78 -11.80
N CYS D 41 11.56 25.13 -12.80
CA CYS D 41 11.05 25.77 -14.01
C CYS D 41 10.26 24.77 -14.85
N ILE D 42 9.51 25.31 -15.81
CA ILE D 42 8.65 24.47 -16.65
C ILE D 42 9.49 23.50 -17.46
N GLU D 43 10.65 23.96 -17.94
CA GLU D 43 11.60 23.06 -18.59
C GLU D 43 12.14 22.04 -17.59
N CYS D 44 12.18 22.39 -16.31
CA CYS D 44 12.89 21.63 -15.30
C CYS D 44 11.96 20.88 -14.35
N GLN D 45 10.64 21.02 -14.52
CA GLN D 45 9.71 20.33 -13.63
C GLN D 45 9.81 18.82 -13.75
N ALA D 46 9.93 18.31 -14.97
CA ALA D 46 10.03 16.88 -15.22
C ALA D 46 11.39 16.57 -15.81
N ASN D 47 12.11 15.63 -15.19
CA ASN D 47 13.43 15.25 -15.65
C ASN D 47 13.65 13.74 -15.46
N CYS D 56 16.48 23.39 -9.51
CA CYS D 56 17.49 23.97 -10.39
C CYS D 56 18.02 25.29 -9.82
N THR D 57 19.21 25.68 -10.24
CA THR D 57 19.86 26.86 -9.70
C THR D 57 19.15 28.12 -10.19
N VAL D 58 19.46 29.24 -9.52
CA VAL D 58 18.84 30.53 -9.79
C VAL D 58 19.92 31.49 -10.27
N ALA D 59 19.66 32.18 -11.37
CA ALA D 59 20.60 33.13 -11.95
C ALA D 59 20.15 34.55 -11.64
N TRP D 60 21.03 35.33 -11.03
CA TRP D 60 20.74 36.71 -10.68
C TRP D 60 21.20 37.65 -11.81
N GLY D 61 20.96 38.94 -11.62
CA GLY D 61 21.39 39.93 -12.57
C GLY D 61 21.83 41.20 -11.86
N VAL D 62 22.52 42.06 -12.60
CA VAL D 62 22.99 43.33 -12.06
C VAL D 62 21.82 44.25 -11.71
N CYS D 63 20.68 44.10 -12.39
CA CYS D 63 19.51 44.92 -12.15
C CYS D 63 18.56 44.30 -11.13
N ASN D 64 19.08 43.49 -10.21
CA ASN D 64 18.29 42.79 -9.19
C ASN D 64 17.19 41.94 -9.82
N HIS D 65 17.52 41.30 -10.95
CA HIS D 65 16.60 40.42 -11.65
C HIS D 65 17.09 38.99 -11.45
N ALA D 66 16.34 38.21 -10.68
CA ALA D 66 16.68 36.81 -10.41
C ALA D 66 15.63 35.93 -11.07
N PHE D 67 16.07 35.03 -11.94
CA PHE D 67 15.18 34.12 -12.64
C PHE D 67 15.79 32.73 -12.60
N HIS D 68 15.09 31.76 -13.20
CA HIS D 68 15.59 30.41 -13.24
C HIS D 68 16.79 30.31 -14.17
N PHE D 69 17.70 29.38 -13.85
CA PHE D 69 18.90 29.23 -14.66
C PHE D 69 18.57 28.78 -16.08
N HIS D 70 17.65 27.82 -16.21
CA HIS D 70 17.25 27.35 -17.54
C HIS D 70 16.53 28.44 -18.31
N CYS D 71 15.64 29.17 -17.65
CA CYS D 71 14.93 30.27 -18.30
C CYS D 71 15.89 31.36 -18.75
N ILE D 72 16.84 31.71 -17.90
CA ILE D 72 17.84 32.73 -18.27
C ILE D 72 18.70 32.23 -19.42
N SER D 73 19.11 30.97 -19.40
CA SER D 73 19.93 30.42 -20.47
C SER D 73 19.19 30.48 -21.80
N ARG D 74 17.92 30.05 -21.81
CA ARG D 74 17.14 30.10 -23.04
C ARG D 74 16.91 31.53 -23.50
N TRP D 75 16.64 32.44 -22.56
CA TRP D 75 16.39 33.83 -22.92
C TRP D 75 17.63 34.48 -23.54
N LEU D 76 18.80 34.25 -22.93
CA LEU D 76 20.03 34.80 -23.50
C LEU D 76 20.39 34.11 -24.80
N LYS D 77 19.98 32.85 -24.98
CA LYS D 77 20.11 32.22 -26.29
C LYS D 77 19.22 32.93 -27.32
N THR D 78 18.08 33.46 -26.89
CA THR D 78 17.23 34.23 -27.80
C THR D 78 17.78 35.65 -27.99
N ARG D 79 17.86 36.42 -26.92
CA ARG D 79 18.32 37.80 -27.00
C ARG D 79 18.97 38.21 -25.70
N GLN D 80 19.86 39.20 -25.78
CA GLN D 80 20.58 39.72 -24.62
C GLN D 80 19.86 40.91 -24.00
N VAL D 81 18.56 40.75 -23.73
CA VAL D 81 17.72 41.81 -23.16
C VAL D 81 17.03 41.23 -21.93
N CYS D 82 16.95 42.04 -20.88
CA CYS D 82 16.21 41.62 -19.69
C CYS D 82 14.73 41.46 -20.02
N PRO D 83 14.05 40.48 -19.45
CA PRO D 83 12.63 40.27 -19.77
C PRO D 83 11.72 41.41 -19.33
N LEU D 84 12.13 42.23 -18.38
CA LEU D 84 11.29 43.29 -17.85
C LEU D 84 11.65 44.68 -18.37
N ASP D 85 12.94 45.01 -18.42
CA ASP D 85 13.38 46.31 -18.90
C ASP D 85 14.45 46.15 -19.97
N ASN D 86 14.76 47.26 -20.64
CA ASN D 86 15.73 47.24 -21.74
C ASN D 86 17.12 47.47 -21.17
N ARG D 87 17.69 46.40 -20.62
CA ARG D 87 19.03 46.42 -20.06
C ARG D 87 19.79 45.19 -20.53
N GLU D 88 21.10 45.35 -20.69
CA GLU D 88 21.94 44.23 -21.07
C GLU D 88 22.08 43.26 -19.91
N TRP D 89 21.88 41.98 -20.19
CA TRP D 89 21.94 40.96 -19.14
C TRP D 89 23.39 40.69 -18.75
N GLU D 90 23.65 40.71 -17.44
CA GLU D 90 24.97 40.44 -16.90
C GLU D 90 24.86 39.45 -15.75
N PHE D 91 25.82 38.52 -15.68
CA PHE D 91 25.80 37.48 -14.68
C PHE D 91 26.28 38.02 -13.33
N GLN D 92 26.35 37.14 -12.34
CA GLN D 92 26.82 37.50 -11.02
C GLN D 92 27.94 36.57 -10.56
N THR E 21 44.22 47.56 40.75
CA THR E 21 44.40 46.37 39.92
C THR E 21 43.42 46.37 38.74
N SER E 22 43.47 45.32 37.94
CA SER E 22 42.59 45.19 36.79
C SER E 22 42.31 43.70 36.56
N LEU E 23 41.65 43.40 35.45
CA LEU E 23 41.19 42.05 35.17
C LEU E 23 42.27 41.18 34.55
N LYS E 24 43.51 41.64 34.53
CA LYS E 24 44.60 40.78 34.08
C LYS E 24 44.73 39.59 35.04
N PRO E 25 44.92 38.38 34.52
CA PRO E 25 45.07 37.22 35.41
C PRO E 25 46.23 37.35 36.39
N ARG E 26 45.90 37.43 37.67
CA ARG E 26 46.87 37.62 38.73
C ARG E 26 47.39 36.26 39.21
N VAL E 27 48.28 36.30 40.20
CA VAL E 27 48.67 35.11 40.94
C VAL E 27 48.13 35.25 42.35
N VAL E 28 46.93 34.74 42.57
CA VAL E 28 46.19 35.00 43.80
C VAL E 28 46.51 33.91 44.81
N ASP E 29 46.53 34.30 46.09
CA ASP E 29 46.65 33.34 47.18
C ASP E 29 45.28 32.72 47.43
N PHE E 30 45.14 31.43 47.14
CA PHE E 30 43.84 30.78 47.24
C PHE E 30 43.32 30.77 48.66
N ASP E 31 44.20 30.69 49.66
CA ASP E 31 43.77 30.51 51.04
C ASP E 31 43.02 31.74 51.56
N GLU E 32 43.60 32.92 51.39
CA GLU E 32 42.97 34.13 51.94
C GLU E 32 41.71 34.50 51.18
N THR E 33 41.77 34.45 49.84
CA THR E 33 40.59 34.75 49.02
C THR E 33 39.48 33.74 49.30
N TRP E 34 39.82 32.47 49.42
CA TRP E 34 38.81 31.46 49.71
C TRP E 34 38.25 31.59 51.12
N ASN E 35 39.05 32.07 52.08
CA ASN E 35 38.49 32.31 53.40
C ASN E 35 37.50 33.46 53.39
N LYS E 36 37.83 34.55 52.69
CA LYS E 36 36.89 35.65 52.54
C LYS E 36 35.62 35.19 51.84
N LEU E 37 35.77 34.39 50.78
CA LEU E 37 34.63 33.84 50.08
C LEU E 37 33.82 32.91 50.97
N LEU E 38 34.48 32.13 51.83
CA LEU E 38 33.77 31.27 52.76
C LEU E 38 32.92 32.09 53.71
N THR E 39 33.47 33.18 54.23
CA THR E 39 32.68 34.05 55.10
C THR E 39 31.44 34.57 54.37
N THR E 40 31.64 35.09 53.15
CA THR E 40 30.50 35.70 52.47
C THR E 40 29.48 34.66 52.02
N ILE E 41 29.91 33.45 51.62
CA ILE E 41 28.93 32.49 51.14
C ILE E 41 28.25 31.80 52.30
N LYS E 42 28.91 31.70 53.46
CA LYS E 42 28.22 31.25 54.66
C LYS E 42 27.12 32.23 55.04
N ALA E 43 27.46 33.53 55.06
CA ALA E 43 26.44 34.53 55.38
C ALA E 43 25.38 34.67 54.29
N VAL E 44 25.66 34.23 53.07
CA VAL E 44 24.66 34.25 52.01
C VAL E 44 23.72 33.05 52.13
N VAL E 45 24.28 31.83 52.18
CA VAL E 45 23.46 30.64 52.23
C VAL E 45 22.71 30.52 53.55
N MET E 46 23.14 31.26 54.58
CA MET E 46 22.35 31.35 55.80
C MET E 46 21.39 32.54 55.78
N LEU E 47 21.31 33.27 54.66
CA LEU E 47 20.45 34.46 54.53
C LEU E 47 20.70 35.47 55.63
N GLU E 48 21.96 35.68 55.96
CA GLU E 48 22.35 36.77 56.83
C GLU E 48 22.59 38.02 55.98
N TYR E 49 23.16 39.06 56.57
CA TYR E 49 23.36 40.32 55.88
C TYR E 49 24.82 40.45 55.46
N VAL E 50 25.05 40.65 54.17
CA VAL E 50 26.36 40.98 53.63
C VAL E 50 26.27 42.33 52.95
N GLU E 51 27.31 43.15 53.10
CA GLU E 51 27.32 44.45 52.48
C GLU E 51 27.30 44.30 50.96
N ARG E 52 26.58 45.21 50.29
CA ARG E 52 26.51 45.16 48.83
C ARG E 52 27.89 45.35 48.22
N ALA E 53 28.71 46.22 48.80
CA ALA E 53 30.10 46.37 48.34
C ALA E 53 30.86 45.06 48.49
N THR E 54 30.63 44.35 49.60
CA THR E 54 31.30 43.06 49.80
C THR E 54 30.85 42.03 48.77
N TRP E 55 29.55 41.98 48.47
CA TRP E 55 29.03 41.06 47.47
C TRP E 55 29.63 41.33 46.09
N ASN E 56 29.64 42.61 45.69
CA ASN E 56 30.26 42.98 44.43
C ASN E 56 31.77 42.77 44.43
N ASP E 57 32.40 42.78 45.61
CA ASP E 57 33.82 42.48 45.70
C ASP E 57 34.07 40.98 45.55
N ARG E 58 33.16 40.15 46.05
CA ARG E 58 33.38 38.72 45.91
C ARG E 58 33.03 38.19 44.52
N PHE E 59 32.27 38.94 43.72
CA PHE E 59 32.31 38.66 42.28
C PHE E 59 33.71 38.80 41.71
N SER E 60 34.43 39.85 42.10
CA SER E 60 35.82 39.98 41.67
C SER E 60 36.68 38.84 42.21
N ASP E 61 36.43 38.44 43.45
CA ASP E 61 37.17 37.31 44.03
C ASP E 61 36.92 36.03 43.24
N ILE E 62 35.66 35.76 42.87
CA ILE E 62 35.34 34.60 42.06
C ILE E 62 36.05 34.65 40.72
N TYR E 63 36.00 35.82 40.06
CA TYR E 63 36.67 35.95 38.78
C TYR E 63 38.16 35.69 38.91
N ALA E 64 38.80 36.28 39.92
CA ALA E 64 40.23 36.11 40.10
C ALA E 64 40.58 34.65 40.38
N LEU E 65 39.75 33.95 41.15
CA LEU E 65 40.01 32.54 41.41
C LEU E 65 39.85 31.70 40.15
N CYS E 66 38.91 32.04 39.27
CA CYS E 66 38.69 31.25 38.07
C CYS E 66 39.65 31.59 36.94
N VAL E 67 40.55 32.56 37.12
CA VAL E 67 41.41 33.01 36.03
C VAL E 67 42.89 32.91 36.37
N ALA E 68 43.26 32.85 37.65
CA ALA E 68 44.62 33.09 38.08
C ALA E 68 45.60 32.10 37.49
N TYR E 69 46.84 32.58 37.24
CA TYR E 69 48.07 31.96 36.77
C TYR E 69 48.88 31.41 37.92
N PRO E 70 49.68 30.34 37.69
CA PRO E 70 49.89 29.64 36.42
C PRO E 70 48.81 28.59 36.14
N GLU E 71 48.03 28.21 37.14
CA GLU E 71 46.98 27.22 36.97
C GLU E 71 45.64 27.82 37.37
N PRO E 72 44.62 27.75 36.51
CA PRO E 72 43.31 28.31 36.86
C PRO E 72 42.70 27.55 38.03
N LEU E 73 42.47 28.27 39.13
CA LEU E 73 41.94 27.66 40.33
C LEU E 73 40.42 27.53 40.24
N GLY E 74 39.93 26.94 39.15
CA GLY E 74 38.51 26.74 38.99
C GLY E 74 38.04 25.45 39.61
N GLU E 75 38.75 24.36 39.34
CA GLU E 75 38.39 23.07 39.90
C GLU E 75 38.58 23.05 41.41
N ARG E 76 39.63 23.70 41.90
CA ARG E 76 39.83 23.81 43.35
C ARG E 76 38.70 24.60 44.00
N LEU E 77 38.28 25.70 43.37
CA LEU E 77 37.16 26.47 43.88
C LEU E 77 35.87 25.66 43.88
N TYR E 78 35.65 24.89 42.82
CA TYR E 78 34.45 24.04 42.74
C TYR E 78 34.46 22.99 43.84
N THR E 79 35.61 22.34 44.05
CA THR E 79 35.71 21.32 45.08
C THR E 79 35.53 21.90 46.48
N GLU E 80 36.13 23.07 46.72
CA GLU E 80 35.99 23.70 48.03
C GLU E 80 34.55 24.15 48.27
N THR E 81 33.88 24.66 47.24
CA THR E 81 32.47 25.03 47.38
C THR E 81 31.62 23.80 47.66
N LYS E 82 31.88 22.69 46.97
CA LYS E 82 31.13 21.46 47.22
C LYS E 82 31.35 20.96 48.64
N ILE E 83 32.58 21.04 49.13
CA ILE E 83 32.87 20.60 50.50
C ILE E 83 32.16 21.51 51.50
N PHE E 84 32.17 22.83 51.27
CA PHE E 84 31.47 23.72 52.18
C PHE E 84 29.97 23.44 52.18
N LEU E 85 29.39 23.19 51.01
CA LEU E 85 27.97 22.89 50.94
C LEU E 85 27.65 21.59 51.66
N GLU E 86 28.50 20.57 51.50
CA GLU E 86 28.30 19.32 52.20
C GLU E 86 28.33 19.52 53.71
N ASN E 87 29.31 20.29 54.20
CA ASN E 87 29.39 20.55 55.63
C ASN E 87 28.19 21.35 56.13
N HIS E 88 27.74 22.33 55.36
CA HIS E 88 26.61 23.14 55.77
C HIS E 88 25.32 22.33 55.81
N VAL E 89 25.10 21.49 54.79
CA VAL E 89 23.90 20.66 54.76
C VAL E 89 23.95 19.62 55.87
N ARG E 90 25.13 19.07 56.16
CA ARG E 90 25.25 18.14 57.28
C ARG E 90 24.96 18.82 58.61
N HIS E 91 25.42 20.07 58.79
CA HIS E 91 25.11 20.80 60.00
C HIS E 91 23.63 21.06 60.13
N LEU E 92 22.97 21.45 59.03
CA LEU E 92 21.52 21.65 59.06
C LEU E 92 20.79 20.34 59.37
N HIS E 93 21.27 19.24 58.79
CA HIS E 93 20.68 17.93 59.04
C HIS E 93 20.79 17.54 60.50
N LYS E 94 21.95 17.78 61.10
CA LYS E 94 22.15 17.44 62.50
C LYS E 94 21.28 18.29 63.40
N ARG E 95 21.15 19.58 63.10
CA ARG E 95 20.28 20.43 63.90
C ARG E 95 18.82 20.01 63.77
N VAL E 96 18.40 19.64 62.56
CA VAL E 96 17.03 19.20 62.35
C VAL E 96 16.74 17.89 63.08
N LEU E 97 17.68 16.94 63.02
CA LEU E 97 17.51 15.71 63.79
C LEU E 97 17.47 15.99 65.29
N GLU E 98 18.27 16.94 65.75
CA GLU E 98 18.23 17.32 67.16
C GLU E 98 16.85 17.87 67.54
N SER E 99 16.26 18.68 66.66
CA SER E 99 14.89 19.16 66.88
C SER E 99 13.90 18.12 66.34
N GLU E 100 13.78 17.02 67.08
CA GLU E 100 12.94 15.92 66.63
C GLU E 100 11.45 16.26 66.68
N GLU E 101 11.03 17.04 67.68
CA GLU E 101 9.62 17.39 67.80
C GLU E 101 9.15 18.24 66.62
N GLN E 102 9.97 19.20 66.18
CA GLN E 102 9.63 20.11 65.10
C GLN E 102 10.57 19.92 63.91
N VAL E 103 10.93 18.66 63.64
CA VAL E 103 11.64 18.30 62.40
C VAL E 103 10.99 18.92 61.17
N LEU E 104 9.66 18.96 61.12
CA LEU E 104 8.98 19.43 59.92
C LEU E 104 9.15 20.94 59.76
N VAL E 105 8.94 21.69 60.84
CA VAL E 105 9.09 23.15 60.79
C VAL E 105 10.54 23.51 60.53
N MET E 106 11.48 22.80 61.15
CA MET E 106 12.89 23.07 60.92
C MET E 106 13.29 22.77 59.49
N TYR E 107 12.78 21.68 58.91
CA TYR E 107 13.06 21.40 57.51
C TYR E 107 12.49 22.49 56.61
N HIS E 108 11.29 22.97 56.90
CA HIS E 108 10.73 24.03 56.05
C HIS E 108 11.56 25.30 56.14
N ARG E 109 11.90 25.72 57.36
CA ARG E 109 12.65 26.97 57.53
C ARG E 109 14.03 26.86 56.87
N TYR E 110 14.74 25.78 57.14
CA TYR E 110 16.07 25.64 56.57
C TYR E 110 16.02 25.31 55.08
N TRP E 111 14.91 24.79 54.58
CA TRP E 111 14.78 24.61 53.13
C TRP E 111 14.55 25.94 52.44
N GLU E 112 13.73 26.81 53.03
CA GLU E 112 13.57 28.14 52.47
C GLU E 112 14.91 28.89 52.46
N GLU E 113 15.63 28.83 53.58
CA GLU E 113 16.93 29.48 53.66
C GLU E 113 17.91 28.89 52.66
N TYR E 114 17.97 27.57 52.54
CA TYR E 114 18.92 26.96 51.63
C TYR E 114 18.53 27.11 50.17
N SER E 115 17.24 27.22 49.88
CA SER E 115 16.83 27.45 48.49
C SER E 115 17.22 28.85 48.05
N LYS E 116 16.95 29.85 48.89
CA LYS E 116 17.38 31.21 48.56
C LYS E 116 18.90 31.31 48.53
N GLY E 117 19.58 30.58 49.43
CA GLY E 117 21.02 30.57 49.42
C GLY E 117 21.61 29.93 48.17
N ALA E 118 21.00 28.83 47.71
CA ALA E 118 21.46 28.20 46.48
C ALA E 118 21.22 29.10 45.27
N ASP E 119 20.09 29.82 45.26
CA ASP E 119 19.85 30.76 44.16
C ASP E 119 20.89 31.87 44.15
N TYR E 120 21.16 32.45 45.33
CA TYR E 120 22.16 33.52 45.39
C TYR E 120 23.57 33.00 45.15
N MET E 121 23.82 31.72 45.43
CA MET E 121 25.11 31.12 45.14
C MET E 121 25.30 30.90 43.65
N ASP E 122 24.24 30.45 42.96
CA ASP E 122 24.31 30.36 41.52
C ASP E 122 24.44 31.73 40.88
N CYS E 123 23.92 32.77 41.53
CA CYS E 123 24.17 34.13 41.06
C CYS E 123 25.62 34.54 41.26
N LEU E 124 26.16 34.30 42.46
CA LEU E 124 27.53 34.73 42.76
C LEU E 124 28.55 33.93 41.96
N TYR E 125 28.28 32.66 41.74
CA TYR E 125 29.19 31.78 41.01
C TYR E 125 28.87 31.71 39.53
N ARG E 126 28.37 32.80 38.95
CA ARG E 126 27.98 32.78 37.54
C ARG E 126 29.18 32.54 36.63
N TYR E 127 30.36 33.02 37.04
CA TYR E 127 31.53 32.84 36.20
C TYR E 127 31.96 31.38 36.15
N LEU E 128 31.91 30.67 37.28
CA LEU E 128 32.21 29.25 37.25
C LEU E 128 31.22 28.49 36.37
N ASN E 129 29.93 28.79 36.50
CA ASN E 129 28.92 28.05 35.75
C ASN E 129 29.02 28.32 34.26
N THR E 130 29.39 29.55 33.88
CA THR E 130 29.39 29.91 32.47
C THR E 130 30.72 29.64 31.78
N GLN E 131 31.84 29.64 32.51
CA GLN E 131 33.15 29.53 31.88
C GLN E 131 33.89 28.24 32.21
N PHE E 132 33.65 27.63 33.37
CA PHE E 132 34.35 26.42 33.77
C PHE E 132 33.43 25.20 33.81
N ILE E 133 32.28 25.30 34.47
CA ILE E 133 31.40 24.15 34.62
C ILE E 133 30.84 23.71 33.29
N LYS E 134 30.34 24.66 32.49
CA LYS E 134 29.74 24.34 31.20
C LYS E 134 30.77 24.16 30.11
N LYS E 135 32.06 24.39 30.38
CA LYS E 135 33.10 24.19 29.39
C LYS E 135 34.27 23.42 29.99
N PRO E 140 30.15 16.23 32.26
CA PRO E 140 31.14 17.01 33.01
C PRO E 140 30.74 17.23 34.47
N LEU E 141 30.59 18.49 34.85
CA LEU E 141 30.23 18.88 36.20
C LEU E 141 28.82 19.48 36.21
N MET E 142 28.40 19.96 37.38
CA MET E 142 27.09 20.59 37.52
C MET E 142 27.24 21.95 38.18
N GLU E 143 26.34 22.86 37.80
CA GLU E 143 26.42 24.24 38.25
C GLU E 143 26.23 24.34 39.76
N ILE E 144 26.62 25.49 40.32
CA ILE E 144 26.65 25.63 41.77
C ILE E 144 25.25 25.63 42.36
N GLY E 145 24.27 26.20 41.64
CA GLY E 145 22.90 26.06 42.10
C GLY E 145 22.42 24.62 42.06
N GLU E 146 22.70 23.94 40.94
CA GLU E 146 22.38 22.52 40.83
C GLU E 146 23.19 21.70 41.84
N LEU E 147 24.45 22.08 42.06
CA LEU E 147 25.26 21.39 43.05
C LEU E 147 24.68 21.53 44.45
N ALA E 148 24.23 22.73 44.81
CA ALA E 148 23.66 22.95 46.13
C ALA E 148 22.36 22.19 46.30
N LEU E 149 21.50 22.20 45.28
CA LEU E 149 20.25 21.44 45.37
C LEU E 149 20.52 19.94 45.43
N ASP E 150 21.51 19.46 44.69
CA ASP E 150 21.87 18.05 44.74
C ASP E 150 22.44 17.66 46.09
N MET E 151 23.26 18.53 46.69
CA MET E 151 23.77 18.25 48.03
C MET E 151 22.64 18.21 49.04
N TRP E 152 21.67 19.12 48.92
CA TRP E 152 20.50 19.07 49.80
C TRP E 152 19.72 17.78 49.59
N ARG E 153 19.56 17.35 48.34
CA ARG E 153 18.85 16.11 48.06
C ARG E 153 19.55 14.91 48.67
N LYS E 154 20.87 14.84 48.53
CA LYS E 154 21.61 13.65 48.92
C LYS E 154 22.08 13.69 50.37
N LEU E 155 21.91 14.80 51.09
CA LEU E 155 22.40 14.89 52.45
C LEU E 155 21.41 15.44 53.46
N MET E 156 20.26 15.96 53.02
CA MET E 156 19.30 16.56 53.95
C MET E 156 17.94 15.88 53.90
N VAL E 157 17.41 15.60 52.71
CA VAL E 157 16.11 14.96 52.62
C VAL E 157 16.24 13.45 52.50
N GLU E 158 17.18 12.94 51.70
CA GLU E 158 17.30 11.50 51.55
C GLU E 158 17.67 10.76 52.84
N PRO E 159 18.62 11.23 53.69
CA PRO E 159 18.82 10.54 54.97
C PRO E 159 17.58 10.54 55.86
N LEU E 160 17.04 11.71 56.18
CA LEU E 160 15.80 11.77 56.95
C LEU E 160 14.58 11.87 56.04
N GLN E 161 14.52 10.94 55.08
CA GLN E 161 13.34 10.80 54.22
C GLN E 161 12.18 10.20 54.99
N ALA E 162 12.45 9.15 55.77
CA ALA E 162 11.38 8.43 56.45
C ALA E 162 10.66 9.32 57.45
N ILE E 163 11.42 10.13 58.20
CA ILE E 163 10.81 11.01 59.20
C ILE E 163 9.90 12.02 58.53
N LEU E 164 10.38 12.65 57.45
CA LEU E 164 9.58 13.64 56.74
C LEU E 164 8.33 13.02 56.15
N ILE E 165 8.47 11.87 55.50
CA ILE E 165 7.31 11.24 54.87
C ILE E 165 6.28 10.85 55.92
N ARG E 166 6.73 10.23 57.01
CA ARG E 166 5.81 9.81 58.05
C ARG E 166 5.11 11.00 58.69
N MET E 167 5.85 12.07 58.99
CA MET E 167 5.23 13.22 59.64
C MET E 167 4.30 13.95 58.69
N LEU E 168 4.65 14.04 57.41
CA LEU E 168 3.78 14.68 56.43
C LEU E 168 2.48 13.91 56.27
N LEU E 169 2.58 12.58 56.15
CA LEU E 169 1.38 11.76 56.05
C LEU E 169 0.53 11.87 57.31
N ARG E 170 1.18 11.91 58.48
CA ARG E 170 0.44 12.04 59.73
C ARG E 170 -0.28 13.38 59.82
N GLU E 171 0.36 14.46 59.40
CA GLU E 171 -0.27 15.78 59.49
C GLU E 171 -1.39 15.92 58.47
N ILE E 172 -1.22 15.38 57.27
CA ILE E 172 -2.30 15.43 56.29
C ILE E 172 -3.47 14.56 56.74
N LYS E 173 -3.18 13.40 57.34
CA LYS E 173 -4.25 12.57 57.88
C LYS E 173 -4.96 13.26 59.05
N ASN E 174 -4.22 14.01 59.85
CA ASN E 174 -4.85 14.80 60.91
C ASN E 174 -5.77 15.87 60.31
N ASP E 175 -5.33 16.52 59.23
CA ASP E 175 -6.19 17.48 58.54
C ASP E 175 -7.44 16.81 58.00
N ARG E 176 -7.30 15.60 57.45
CA ARG E 176 -8.46 14.84 57.01
C ARG E 176 -9.36 14.45 58.17
N GLY E 177 -8.79 14.34 59.38
CA GLY E 177 -9.56 14.00 60.56
C GLY E 177 -10.10 15.22 61.27
N GLY E 178 -10.10 16.36 60.60
CA GLY E 178 -10.65 17.58 61.16
C GLY E 178 -9.68 18.34 62.04
N GLU E 179 -8.53 18.72 61.48
CA GLU E 179 -7.56 19.55 62.16
C GLU E 179 -7.22 20.75 61.28
N ASP E 180 -6.41 21.65 61.82
CA ASP E 180 -5.97 22.86 61.10
C ASP E 180 -4.45 22.96 61.20
N PRO E 181 -3.72 22.16 60.44
CA PRO E 181 -2.26 22.23 60.48
C PRO E 181 -1.75 23.43 59.70
N ASN E 182 -0.44 23.65 59.80
CA ASN E 182 0.19 24.78 59.13
C ASN E 182 0.25 24.51 57.62
N GLN E 183 -0.31 25.43 56.85
CA GLN E 183 -0.40 25.21 55.41
C GLN E 183 0.94 25.39 54.73
N LYS E 184 1.69 26.43 55.11
CA LYS E 184 2.97 26.71 54.46
C LYS E 184 3.98 25.61 54.74
N VAL E 185 4.17 25.27 56.03
CA VAL E 185 5.20 24.31 56.42
C VAL E 185 4.96 22.96 55.78
N ILE E 186 3.70 22.53 55.73
CA ILE E 186 3.37 21.28 55.05
C ILE E 186 3.62 21.41 53.55
N HIS E 187 3.25 22.55 52.96
CA HIS E 187 3.43 22.70 51.52
C HIS E 187 4.90 22.84 51.14
N GLY E 188 5.65 23.65 51.89
CA GLY E 188 7.02 23.91 51.53
C GLY E 188 7.87 22.65 51.50
N VAL E 189 7.78 21.85 52.56
CA VAL E 189 8.52 20.59 52.59
C VAL E 189 8.04 19.62 51.53
N ILE E 190 6.84 19.82 50.98
CA ILE E 190 6.42 19.08 49.80
C ILE E 190 6.91 19.78 48.54
N ASN E 191 6.82 21.11 48.51
CA ASN E 191 7.43 21.88 47.43
C ASN E 191 8.93 21.67 47.37
N SER E 192 9.54 21.23 48.48
CA SER E 192 10.94 20.86 48.45
C SER E 192 11.20 19.72 47.47
N PHE E 193 10.31 18.73 47.43
CA PHE E 193 10.57 17.56 46.61
C PHE E 193 10.52 17.85 45.11
N VAL E 194 9.92 18.96 44.70
CA VAL E 194 9.93 19.38 43.31
C VAL E 194 10.92 20.52 43.04
N HIS E 195 11.15 21.40 44.02
CA HIS E 195 12.11 22.48 43.86
C HIS E 195 13.55 22.00 43.90
N VAL E 196 13.80 20.82 44.47
CA VAL E 196 15.16 20.29 44.51
C VAL E 196 15.62 19.91 43.11
N GLU E 197 14.79 19.18 42.36
CA GLU E 197 15.18 18.65 41.07
C GLU E 197 14.78 19.55 39.90
N GLN E 198 14.70 20.86 40.13
CA GLN E 198 14.35 21.75 39.02
C GLN E 198 15.47 21.83 37.99
N TYR E 199 16.73 21.76 38.43
CA TYR E 199 17.86 21.79 37.51
C TYR E 199 18.06 20.47 36.78
N LYS E 200 17.34 19.43 37.17
CA LYS E 200 17.46 18.11 36.54
C LYS E 200 16.32 17.95 35.54
N LYS E 201 16.67 17.72 34.27
CA LYS E 201 15.68 17.44 33.25
C LYS E 201 15.28 15.97 33.34
N LYS E 202 14.55 15.47 32.33
CA LYS E 202 14.19 14.06 32.23
C LYS E 202 13.39 13.60 33.46
N PHE E 203 12.16 14.10 33.53
CA PHE E 203 11.21 13.89 34.63
C PHE E 203 11.74 14.50 35.92
N PRO E 204 11.71 15.82 36.04
CA PRO E 204 12.17 16.46 37.29
C PRO E 204 11.34 16.09 38.50
N LEU E 205 10.12 15.58 38.33
CA LEU E 205 9.28 15.21 39.44
C LEU E 205 9.45 13.75 39.85
N LYS E 206 10.46 13.06 39.32
CA LYS E 206 10.67 11.67 39.68
C LYS E 206 10.97 11.52 41.17
N PHE E 207 11.80 12.41 41.71
CA PHE E 207 12.06 12.45 43.15
C PHE E 207 10.82 12.83 43.94
N TYR E 208 9.82 13.43 43.30
CA TYR E 208 8.56 13.73 43.98
C TYR E 208 7.56 12.59 43.84
N GLN E 209 7.55 11.93 42.69
CA GLN E 209 6.61 10.83 42.48
C GLN E 209 7.01 9.60 43.27
N GLU E 210 8.30 9.26 43.26
CA GLU E 210 8.75 8.00 43.85
C GLU E 210 9.06 8.09 45.33
N ILE E 211 9.09 9.28 45.92
CA ILE E 211 9.44 9.47 47.31
C ILE E 211 8.22 9.86 48.15
N PHE E 212 7.44 10.83 47.67
CA PHE E 212 6.30 11.31 48.41
C PHE E 212 4.96 11.02 47.77
N GLU E 213 4.84 11.10 46.44
CA GLU E 213 3.54 10.95 45.82
C GLU E 213 3.01 9.53 45.93
N SER E 214 3.86 8.53 45.69
CA SER E 214 3.40 7.14 45.81
C SER E 214 3.02 6.78 47.24
N PRO E 215 3.81 7.07 48.28
CA PRO E 215 3.32 6.84 49.65
C PRO E 215 2.08 7.63 49.98
N PHE E 216 1.94 8.86 49.47
CA PHE E 216 0.72 9.63 49.73
C PHE E 216 -0.48 8.98 49.06
N LEU E 217 -0.31 8.47 47.84
CA LEU E 217 -1.40 7.80 47.16
C LEU E 217 -1.80 6.52 47.90
N THR E 218 -0.81 5.76 48.38
CA THR E 218 -1.13 4.55 49.15
C THR E 218 -1.87 4.91 50.43
N GLU E 219 -1.39 5.92 51.15
CA GLU E 219 -2.03 6.31 52.41
C GLU E 219 -3.44 6.84 52.17
N THR E 220 -3.63 7.64 51.12
CA THR E 220 -4.96 8.18 50.86
C THR E 220 -5.90 7.09 50.35
N GLY E 221 -5.37 6.08 49.64
CA GLY E 221 -6.21 4.96 49.25
C GLY E 221 -6.69 4.17 50.45
N GLU E 222 -5.79 3.88 51.39
CA GLU E 222 -6.19 3.16 52.59
C GLU E 222 -7.18 3.98 53.42
N TYR E 223 -6.87 5.27 53.62
CA TYR E 223 -7.72 6.11 54.47
C TYR E 223 -9.10 6.28 53.86
N TYR E 224 -9.18 6.49 52.55
CA TYR E 224 -10.50 6.70 51.95
C TYR E 224 -11.26 5.40 51.77
N LYS E 225 -10.56 4.26 51.64
CA LYS E 225 -11.26 2.98 51.68
C LYS E 225 -11.92 2.78 53.04
N GLN E 226 -11.19 3.05 54.12
CA GLN E 226 -11.78 2.92 55.45
C GLN E 226 -12.90 3.93 55.66
N GLU E 227 -12.71 5.16 55.18
CA GLU E 227 -13.74 6.18 55.32
C GLU E 227 -15.00 5.82 54.55
N ALA E 228 -14.84 5.29 53.34
CA ALA E 228 -15.99 4.87 52.54
C ALA E 228 -16.73 3.71 53.20
N SER E 229 -15.99 2.74 53.75
CA SER E 229 -16.63 1.64 54.46
C SER E 229 -17.44 2.17 55.64
N ASN E 230 -16.86 3.08 56.42
CA ASN E 230 -17.60 3.67 57.53
C ASN E 230 -18.82 4.44 57.06
N LEU E 231 -18.69 5.21 55.98
CA LEU E 231 -19.79 6.02 55.49
C LEU E 231 -20.95 5.16 55.00
N LEU E 232 -20.65 4.09 54.26
CA LEU E 232 -21.73 3.22 53.80
C LEU E 232 -22.31 2.41 54.95
N GLN E 233 -21.51 2.12 55.98
CA GLN E 233 -22.04 1.40 57.13
C GLN E 233 -22.99 2.26 57.95
N GLU E 234 -22.69 3.55 58.09
CA GLU E 234 -23.46 4.42 58.96
C GLU E 234 -24.44 5.33 58.22
N SER E 235 -24.64 5.12 56.91
CA SER E 235 -25.55 5.95 56.16
C SER E 235 -26.14 5.17 55.00
N ASN E 236 -27.29 5.65 54.51
CA ASN E 236 -27.93 5.09 53.33
C ASN E 236 -27.36 5.75 52.08
N CYS E 237 -27.83 5.32 50.91
CA CYS E 237 -27.24 5.77 49.65
C CYS E 237 -27.50 7.25 49.40
N SER E 238 -28.69 7.74 49.75
CA SER E 238 -29.00 9.14 49.53
C SER E 238 -28.09 10.05 50.34
N GLN E 239 -27.80 9.68 51.59
CA GLN E 239 -26.83 10.42 52.38
C GLN E 239 -25.40 10.10 51.98
N TYR E 240 -25.16 8.88 51.49
CA TYR E 240 -23.82 8.52 51.01
C TYR E 240 -23.40 9.39 49.85
N MET E 241 -24.34 9.73 48.96
CA MET E 241 -24.03 10.61 47.84
C MET E 241 -23.51 11.96 48.35
N GLU E 242 -24.25 12.60 49.25
CA GLU E 242 -23.86 13.90 49.76
C GLU E 242 -22.54 13.81 50.52
N LYS E 243 -22.37 12.76 51.33
CA LYS E 243 -21.14 12.62 52.11
C LYS E 243 -19.93 12.43 51.20
N VAL E 244 -20.05 11.60 50.16
CA VAL E 244 -18.91 11.37 49.28
C VAL E 244 -18.63 12.60 48.43
N LEU E 245 -19.67 13.33 48.03
CA LEU E 245 -19.44 14.57 47.28
C LEU E 245 -18.72 15.60 48.15
N GLY E 246 -19.13 15.72 49.42
CA GLY E 246 -18.43 16.62 50.32
C GLY E 246 -17.00 16.18 50.59
N ARG E 247 -16.78 14.87 50.74
CA ARG E 247 -15.43 14.36 50.93
C ARG E 247 -14.55 14.62 49.71
N LEU E 248 -15.11 14.47 48.51
CA LEU E 248 -14.35 14.75 47.30
C LEU E 248 -14.02 16.23 47.19
N LYS E 249 -14.97 17.11 47.53
CA LYS E 249 -14.68 18.54 47.50
C LYS E 249 -13.59 18.90 48.51
N ASP E 250 -13.69 18.36 49.73
CA ASP E 250 -12.68 18.64 50.75
C ASP E 250 -11.32 18.07 50.35
N GLU E 251 -11.31 16.89 49.74
CA GLU E 251 -10.05 16.30 49.28
C GLU E 251 -9.44 17.13 48.17
N GLU E 252 -10.27 17.67 47.26
CA GLU E 252 -9.74 18.55 46.24
C GLU E 252 -9.13 19.80 46.84
N ILE E 253 -9.79 20.38 47.85
CA ILE E 253 -9.26 21.58 48.50
C ILE E 253 -7.94 21.28 49.20
N ARG E 254 -7.91 20.21 50.00
CA ARG E 254 -6.73 19.90 50.79
C ARG E 254 -5.63 19.22 49.99
N CYS E 255 -5.88 18.85 48.73
CA CYS E 255 -4.79 18.50 47.84
C CYS E 255 -4.33 19.70 47.03
N ARG E 256 -5.20 20.69 46.85
CA ARG E 256 -4.77 21.95 46.26
C ARG E 256 -3.81 22.69 47.18
N LYS E 257 -4.10 22.70 48.48
CA LYS E 257 -3.30 23.48 49.42
C LYS E 257 -2.11 22.73 50.00
N TYR E 258 -2.03 21.41 49.82
CA TYR E 258 -0.99 20.60 50.46
C TYR E 258 -0.20 19.76 49.48
N LEU E 259 -0.17 20.12 48.19
CA LEU E 259 0.52 19.28 47.22
C LEU E 259 1.06 20.16 46.10
N HIS E 260 1.44 19.52 45.00
CA HIS E 260 1.91 19.97 43.70
C HIS E 260 0.80 19.80 42.67
N PRO E 261 0.68 20.71 41.70
CA PRO E 261 -0.41 20.61 40.72
C PRO E 261 -0.37 19.35 39.88
N SER E 262 0.78 18.68 39.78
CA SER E 262 0.83 17.44 38.99
C SER E 262 0.07 16.31 39.67
N SER E 263 -0.03 16.34 40.99
CA SER E 263 -0.69 15.28 41.75
C SER E 263 -2.14 15.60 42.08
N TYR E 264 -2.70 16.67 41.49
CA TYR E 264 -4.10 16.99 41.74
C TYR E 264 -5.01 15.91 41.19
N THR E 265 -4.71 15.38 40.00
CA THR E 265 -5.60 14.43 39.36
C THR E 265 -5.38 13.00 39.84
N LYS E 266 -4.19 12.68 40.34
CA LYS E 266 -3.96 11.33 40.84
C LYS E 266 -4.60 11.12 42.21
N VAL E 267 -4.56 12.14 43.06
CA VAL E 267 -5.14 12.03 44.40
C VAL E 267 -6.66 11.88 44.31
N ILE E 268 -7.30 12.67 43.47
CA ILE E 268 -8.76 12.56 43.31
C ILE E 268 -9.11 11.25 42.60
N HIS E 269 -8.25 10.78 41.71
CA HIS E 269 -8.50 9.48 41.08
C HIS E 269 -8.43 8.35 42.10
N GLU E 270 -7.50 8.42 43.04
CA GLU E 270 -7.43 7.40 44.10
C GLU E 270 -8.59 7.55 45.08
N CYS E 271 -8.98 8.79 45.38
CA CYS E 271 -10.09 9.01 46.29
C CYS E 271 -11.42 8.54 45.69
N GLN E 272 -11.57 8.68 44.37
CA GLN E 272 -12.76 8.16 43.70
C GLN E 272 -12.73 6.64 43.66
N GLN E 273 -11.67 6.06 43.11
CA GLN E 273 -11.64 4.61 43.02
C GLN E 273 -11.18 3.98 44.33
N ARG E 274 -11.76 4.48 45.42
CA ARG E 274 -11.81 3.81 46.71
C ARG E 274 -13.17 3.93 47.39
N MET E 275 -13.97 4.94 47.03
CA MET E 275 -15.30 5.13 47.57
C MET E 275 -16.41 4.92 46.55
N VAL E 276 -16.12 5.07 45.26
CA VAL E 276 -17.15 5.08 44.23
C VAL E 276 -16.77 4.16 43.07
N ALA E 277 -15.76 3.33 43.28
CA ALA E 277 -15.46 2.28 42.30
C ALA E 277 -15.30 0.93 43.00
N ASP E 278 -14.86 0.94 44.26
CA ASP E 278 -14.87 -0.28 45.05
C ASP E 278 -16.30 -0.67 45.42
N HIS E 279 -17.08 0.29 45.89
CA HIS E 279 -18.50 0.07 46.19
C HIS E 279 -19.38 0.43 44.99
N LEU E 280 -19.05 -0.15 43.84
CA LEU E 280 -19.85 0.11 42.64
C LEU E 280 -21.21 -0.57 42.73
N GLN E 281 -21.28 -1.74 43.37
CA GLN E 281 -22.55 -2.45 43.48
C GLN E 281 -23.53 -1.72 44.37
N PHE E 282 -23.04 -1.05 45.42
CA PHE E 282 -23.93 -0.31 46.31
C PHE E 282 -24.59 0.86 45.59
N LEU E 283 -23.91 1.47 44.62
CA LEU E 283 -24.52 2.54 43.86
C LEU E 283 -25.35 2.02 42.71
N HIS E 284 -24.95 0.91 42.10
CA HIS E 284 -25.71 0.35 40.99
C HIS E 284 -26.97 -0.35 41.46
N ALA E 285 -27.07 -0.68 42.75
CA ALA E 285 -28.30 -1.22 43.30
C ALA E 285 -29.32 -0.14 43.67
N GLU E 286 -28.89 1.12 43.75
CA GLU E 286 -29.79 2.21 44.07
C GLU E 286 -30.00 3.18 42.91
N CYS E 287 -29.20 3.06 41.84
CA CYS E 287 -29.44 3.86 40.65
C CYS E 287 -30.80 3.55 40.06
N HIS E 288 -31.19 2.27 40.05
CA HIS E 288 -32.50 1.89 39.54
C HIS E 288 -33.60 2.56 40.34
N ASN E 289 -33.49 2.57 41.67
CA ASN E 289 -34.51 3.22 42.50
C ASN E 289 -34.57 4.71 42.24
N ILE E 290 -33.41 5.38 42.25
CA ILE E 290 -33.42 6.83 42.11
C ILE E 290 -33.78 7.27 40.70
N ILE E 291 -33.67 6.38 39.71
CA ILE E 291 -34.09 6.73 38.35
C ILE E 291 -35.57 6.44 38.14
N ARG E 292 -36.02 5.23 38.47
CA ARG E 292 -37.43 4.88 38.28
C ARG E 292 -38.34 5.64 39.22
N GLN E 293 -37.81 6.25 40.27
CA GLN E 293 -38.58 7.15 41.11
C GLN E 293 -38.30 8.62 40.79
N GLU E 294 -37.24 8.90 40.03
CA GLU E 294 -36.88 10.25 39.59
C GLU E 294 -36.67 11.19 40.77
N LYS E 295 -35.66 10.87 41.56
CA LYS E 295 -35.19 11.75 42.63
C LYS E 295 -34.11 12.66 42.06
N LYS E 296 -34.35 13.97 42.11
CA LYS E 296 -33.51 14.92 41.39
C LYS E 296 -32.10 14.97 41.97
N ASN E 297 -31.99 15.30 43.26
CA ASN E 297 -30.66 15.48 43.87
C ASN E 297 -29.87 14.18 43.87
N ASP E 298 -30.53 13.07 44.17
CA ASP E 298 -29.84 11.78 44.17
C ASP E 298 -29.38 11.39 42.78
N MET E 299 -30.19 11.65 41.76
CA MET E 299 -29.78 11.35 40.39
C MET E 299 -28.60 12.21 39.96
N ALA E 300 -28.63 13.49 40.29
CA ALA E 300 -27.52 14.38 39.94
C ALA E 300 -26.23 13.94 40.65
N ASN E 301 -26.33 13.64 41.95
CA ASN E 301 -25.16 13.22 42.70
C ASN E 301 -24.61 11.90 42.18
N MET E 302 -25.48 10.95 41.87
CA MET E 302 -25.00 9.67 41.34
C MET E 302 -24.38 9.83 39.96
N TYR E 303 -24.92 10.72 39.13
CA TYR E 303 -24.28 10.98 37.84
C TYR E 303 -22.89 11.58 38.04
N VAL E 304 -22.77 12.56 38.94
CA VAL E 304 -21.46 13.16 39.20
C VAL E 304 -20.48 12.12 39.70
N LEU E 305 -20.94 11.24 40.58
CA LEU E 305 -20.07 10.21 41.13
C LEU E 305 -19.64 9.21 40.06
N LEU E 306 -20.58 8.71 39.27
CA LEU E 306 -20.29 7.62 38.34
C LEU E 306 -19.72 8.09 37.01
N ARG E 307 -19.73 9.40 36.73
CA ARG E 307 -19.14 9.88 35.48
C ARG E 307 -17.64 9.66 35.46
N ALA E 308 -16.97 9.92 36.58
CA ALA E 308 -15.51 9.83 36.62
C ALA E 308 -15.03 8.38 36.52
N VAL E 309 -15.72 7.46 37.17
CA VAL E 309 -15.35 6.05 37.11
C VAL E 309 -15.57 5.52 35.70
N SER E 310 -14.76 4.54 35.31
CA SER E 310 -14.85 3.99 33.96
C SER E 310 -16.21 3.34 33.73
N THR E 311 -16.49 2.26 34.43
CA THR E 311 -17.78 1.55 34.28
C THR E 311 -18.75 2.04 35.35
N GLY E 312 -19.03 3.34 35.30
CA GLY E 312 -19.97 3.93 36.25
C GLY E 312 -21.28 4.33 35.59
N LEU E 313 -21.19 4.89 34.40
CA LEU E 313 -22.34 5.38 33.65
C LEU E 313 -23.16 4.31 32.90
N PRO E 314 -22.55 3.31 32.24
CA PRO E 314 -23.37 2.43 31.38
C PRO E 314 -24.54 1.77 32.09
N HIS E 315 -24.39 1.36 33.35
CA HIS E 315 -25.53 0.85 34.08
C HIS E 315 -26.56 1.94 34.33
N MET E 316 -26.11 3.15 34.68
CA MET E 316 -27.05 4.25 34.89
C MET E 316 -27.70 4.67 33.58
N ILE E 317 -26.93 4.67 32.49
CA ILE E 317 -27.50 4.98 31.18
C ILE E 317 -28.58 3.96 30.81
N GLN E 318 -28.29 2.67 31.02
CA GLN E 318 -29.26 1.63 30.71
C GLN E 318 -30.49 1.74 31.60
N GLU E 319 -30.30 2.09 32.88
CA GLU E 319 -31.45 2.24 33.76
C GLU E 319 -32.33 3.42 33.35
N LEU E 320 -31.71 4.53 32.96
CA LEU E 320 -32.51 5.66 32.48
C LEU E 320 -33.21 5.33 31.17
N GLN E 321 -32.55 4.59 30.28
CA GLN E 321 -33.18 4.17 29.04
C GLN E 321 -34.36 3.26 29.31
N ASN E 322 -34.22 2.33 30.25
CA ASN E 322 -35.35 1.46 30.60
C ASN E 322 -36.49 2.26 31.24
N HIS E 323 -36.16 3.24 32.07
CA HIS E 323 -37.19 4.08 32.67
C HIS E 323 -37.95 4.86 31.60
N ILE E 324 -37.23 5.42 30.63
CA ILE E 324 -37.89 6.18 29.56
C ILE E 324 -38.72 5.24 28.68
N HIS E 325 -38.21 4.03 28.42
CA HIS E 325 -38.96 3.04 27.66
C HIS E 325 -40.28 2.71 28.34
N ASP E 326 -40.23 2.42 29.65
CA ASP E 326 -41.44 2.07 30.37
C ASP E 326 -42.39 3.26 30.47
N GLU E 327 -41.85 4.46 30.68
CA GLU E 327 -42.71 5.65 30.76
C GLU E 327 -43.40 5.92 29.43
N GLY E 328 -42.68 5.79 28.33
CA GLY E 328 -43.28 5.99 27.03
C GLY E 328 -44.32 4.93 26.69
N LEU E 329 -44.03 3.67 27.01
CA LEU E 329 -44.99 2.61 26.77
C LEU E 329 -46.25 2.80 27.62
N ARG E 330 -46.08 3.27 28.85
CA ARG E 330 -47.23 3.55 29.70
C ARG E 330 -48.05 4.72 29.16
N ALA E 331 -47.37 5.75 28.63
CA ALA E 331 -48.08 6.91 28.13
C ALA E 331 -48.85 6.59 26.85
N THR E 332 -48.20 5.91 25.91
CA THR E 332 -48.83 5.55 24.64
C THR E 332 -49.37 4.11 24.70
N SER E 333 -50.26 3.87 25.67
CA SER E 333 -50.84 2.54 25.86
C SER E 333 -52.35 2.51 25.64
N ASN E 334 -53.10 3.34 26.34
CA ASN E 334 -54.56 3.34 26.27
C ASN E 334 -55.06 4.66 25.68
N LEU E 335 -55.09 4.72 24.34
CA LEU E 335 -55.40 5.93 23.62
C LEU E 335 -56.79 5.84 23.00
N THR E 336 -57.56 6.92 23.14
CA THR E 336 -58.87 6.99 22.52
C THR E 336 -58.73 7.05 21.01
N GLN E 337 -59.47 6.20 20.30
CA GLN E 337 -59.37 6.14 18.85
C GLN E 337 -59.97 7.36 18.17
N GLU E 338 -60.73 8.17 18.89
CA GLU E 338 -61.31 9.38 18.30
C GLU E 338 -60.23 10.38 17.93
N ASN E 339 -59.22 10.54 18.78
CA ASN E 339 -58.15 11.51 18.58
C ASN E 339 -56.79 10.87 18.77
N MET E 340 -56.66 9.61 18.34
CA MET E 340 -55.39 8.89 18.52
C MET E 340 -54.21 9.52 17.78
N PRO E 341 -54.31 9.92 16.51
CA PRO E 341 -53.11 10.48 15.85
C PRO E 341 -52.55 11.72 16.51
N THR E 342 -53.40 12.60 17.04
CA THR E 342 -52.90 13.77 17.75
C THR E 342 -52.38 13.41 19.13
N LEU E 343 -53.10 12.55 19.85
CA LEU E 343 -52.75 12.23 21.23
C LEU E 343 -51.46 11.43 21.30
N PHE E 344 -51.22 10.55 20.34
CA PHE E 344 -49.98 9.77 20.33
C PHE E 344 -48.77 10.68 20.17
N VAL E 345 -48.82 11.59 19.20
CA VAL E 345 -47.69 12.50 18.96
C VAL E 345 -47.52 13.45 20.13
N GLU E 346 -48.63 13.96 20.69
CA GLU E 346 -48.51 14.87 21.82
C GLU E 346 -47.96 14.15 23.06
N SER E 347 -48.32 12.89 23.25
CA SER E 347 -47.80 12.12 24.37
C SER E 347 -46.30 11.86 24.21
N VAL E 348 -45.88 11.49 23.00
CA VAL E 348 -44.45 11.27 22.77
C VAL E 348 -43.69 12.59 22.93
N LEU E 349 -44.29 13.70 22.51
CA LEU E 349 -43.67 15.00 22.69
C LEU E 349 -43.54 15.36 24.16
N GLU E 350 -44.57 15.08 24.96
CA GLU E 350 -44.51 15.37 26.39
C GLU E 350 -43.44 14.53 27.07
N VAL E 351 -43.36 13.25 26.75
CA VAL E 351 -42.33 12.38 27.32
C VAL E 351 -40.94 12.87 26.93
N HIS E 352 -40.76 13.18 25.63
CA HIS E 352 -39.47 13.65 25.15
C HIS E 352 -39.07 14.96 25.83
N GLY E 353 -40.00 15.91 25.94
CA GLY E 353 -39.68 17.18 26.57
C GLY E 353 -39.35 17.04 28.04
N LYS E 354 -40.14 16.24 28.76
CA LYS E 354 -39.87 16.04 30.18
C LYS E 354 -38.53 15.37 30.41
N PHE E 355 -38.20 14.35 29.63
CA PHE E 355 -36.94 13.67 29.85
C PHE E 355 -35.74 14.47 29.35
N VAL E 356 -35.89 15.25 28.28
CA VAL E 356 -34.76 16.07 27.86
C VAL E 356 -34.54 17.21 28.85
N GLN E 357 -35.60 17.73 29.47
CA GLN E 357 -35.41 18.73 30.51
C GLN E 357 -34.77 18.11 31.74
N LEU E 358 -35.17 16.89 32.10
CA LEU E 358 -34.56 16.19 33.22
C LEU E 358 -33.08 15.93 32.98
N ILE E 359 -32.72 15.54 31.77
CA ILE E 359 -31.31 15.32 31.44
C ILE E 359 -30.56 16.64 31.41
N ASN E 360 -31.15 17.69 30.85
CA ASN E 360 -30.44 18.93 30.69
C ASN E 360 -30.38 19.77 31.95
N THR E 361 -31.16 19.46 32.99
CA THR E 361 -31.16 20.26 34.20
C THR E 361 -30.50 19.53 35.37
N VAL E 362 -31.09 18.45 35.87
CA VAL E 362 -30.33 17.62 36.80
C VAL E 362 -29.81 16.36 36.11
N LEU E 363 -28.93 16.53 35.15
CA LEU E 363 -27.99 15.46 34.79
C LEU E 363 -26.72 16.01 34.16
N ASN E 364 -26.54 17.32 34.07
CA ASN E 364 -25.48 17.94 33.28
C ASN E 364 -25.46 17.35 31.86
N GLY E 365 -26.52 17.68 31.13
CA GLY E 365 -26.96 16.94 29.95
C GLY E 365 -25.90 16.37 29.05
N ASP E 366 -25.89 15.05 28.95
CA ASP E 366 -24.78 14.30 28.36
C ASP E 366 -25.19 13.75 27.01
N GLN E 367 -24.20 13.52 26.15
CA GLN E 367 -24.46 12.87 24.88
C GLN E 367 -24.95 11.44 25.09
N HIS E 368 -24.35 10.72 26.03
CA HIS E 368 -24.73 9.33 26.27
C HIS E 368 -26.16 9.23 26.80
N PHE E 369 -26.54 10.09 27.75
CA PHE E 369 -27.88 9.97 28.34
C PHE E 369 -28.95 10.42 27.37
N MET E 370 -28.69 11.45 26.58
CA MET E 370 -29.67 11.89 25.60
C MET E 370 -29.76 10.89 24.44
N SER E 371 -28.65 10.24 24.09
CA SER E 371 -28.71 9.13 23.16
C SER E 371 -29.50 7.96 23.73
N ALA E 372 -29.42 7.73 25.04
CA ALA E 372 -30.24 6.73 25.68
C ALA E 372 -31.72 7.10 25.60
N LEU E 373 -32.03 8.39 25.77
CA LEU E 373 -33.41 8.85 25.60
C LEU E 373 -33.88 8.61 24.17
N ASP E 374 -33.04 8.90 23.19
CA ASP E 374 -33.40 8.65 21.79
C ASP E 374 -33.61 7.16 21.54
N LYS E 375 -32.75 6.31 22.08
CA LYS E 375 -32.87 4.87 21.86
C LYS E 375 -34.09 4.30 22.58
N ALA E 376 -34.49 4.90 23.70
CA ALA E 376 -35.70 4.46 24.37
C ALA E 376 -36.95 4.90 23.62
N LEU E 377 -36.97 6.15 23.16
CA LEU E 377 -38.14 6.64 22.45
C LEU E 377 -38.27 6.02 21.06
N THR E 378 -37.18 5.56 20.46
CA THR E 378 -37.28 4.85 19.20
C THR E 378 -38.10 3.58 19.35
N SER E 379 -37.89 2.83 20.44
CA SER E 379 -38.70 1.65 20.70
C SER E 379 -40.05 2.01 21.30
N VAL E 380 -40.18 3.19 21.90
CA VAL E 380 -41.50 3.62 22.39
C VAL E 380 -42.44 3.89 21.21
N VAL E 381 -41.97 4.64 20.21
CA VAL E 381 -42.84 4.98 19.09
C VAL E 381 -43.06 3.76 18.19
N ASN E 382 -42.01 2.96 17.97
CA ASN E 382 -42.13 1.78 17.11
C ASN E 382 -42.65 0.57 17.88
N TYR E 383 -43.80 0.73 18.52
CA TYR E 383 -44.37 -0.34 19.32
C TYR E 383 -45.04 -1.34 18.39
N ARG E 384 -44.26 -2.33 17.93
CA ARG E 384 -44.79 -3.42 17.14
C ARG E 384 -45.63 -4.31 18.05
N GLU E 385 -46.95 -4.12 18.00
CA GLU E 385 -47.84 -4.94 18.80
C GLU E 385 -47.73 -6.39 18.35
N PRO E 386 -47.83 -7.38 19.26
CA PRO E 386 -47.70 -8.79 18.87
C PRO E 386 -48.62 -9.19 17.72
N LYS E 387 -48.01 -9.71 16.65
CA LYS E 387 -48.70 -10.09 15.42
C LYS E 387 -49.48 -8.91 14.84
N SER E 388 -48.83 -7.75 14.81
CA SER E 388 -49.42 -6.56 14.23
C SER E 388 -48.32 -5.70 13.62
N VAL E 389 -48.72 -4.85 12.67
CA VAL E 389 -47.78 -3.94 12.03
C VAL E 389 -47.68 -2.67 12.86
N CYS E 390 -46.62 -1.91 12.61
CA CYS E 390 -46.39 -0.69 13.36
C CYS E 390 -47.39 0.39 12.94
N LYS E 391 -48.22 0.82 13.88
CA LYS E 391 -49.21 1.85 13.61
C LYS E 391 -48.62 3.25 13.69
N ALA E 392 -47.36 3.38 14.08
CA ALA E 392 -46.76 4.70 14.25
C ALA E 392 -46.67 5.53 12.97
N PRO E 393 -46.15 5.03 11.84
CA PRO E 393 -46.09 5.89 10.65
C PRO E 393 -47.46 6.32 10.13
N GLU E 394 -48.45 5.44 10.20
CA GLU E 394 -49.80 5.83 9.82
C GLU E 394 -50.35 6.90 10.75
N LEU E 395 -50.09 6.77 12.05
CA LEU E 395 -50.57 7.77 13.00
C LEU E 395 -49.92 9.11 12.77
N LEU E 396 -48.61 9.12 12.47
CA LEU E 396 -47.93 10.38 12.20
C LEU E 396 -48.42 11.02 10.91
N ALA E 397 -48.61 10.23 9.85
CA ALA E 397 -49.12 10.76 8.60
C ALA E 397 -50.52 11.31 8.78
N LYS E 398 -51.36 10.61 9.55
CA LYS E 398 -52.71 11.11 9.82
C LYS E 398 -52.67 12.36 10.69
N TYR E 399 -51.69 12.50 11.59
CA TYR E 399 -51.55 13.72 12.36
C TYR E 399 -51.23 14.91 11.47
N CYS E 400 -50.25 14.74 10.58
CA CYS E 400 -49.92 15.80 9.63
C CYS E 400 -51.10 16.14 8.73
N ASP E 401 -51.80 15.11 8.26
CA ASP E 401 -52.97 15.31 7.41
C ASP E 401 -54.07 16.07 8.15
N ASN E 402 -54.29 15.72 9.42
CA ASN E 402 -55.36 16.34 10.19
C ASN E 402 -55.06 17.80 10.48
N LEU E 403 -53.81 18.13 10.79
CA LEU E 403 -53.55 19.53 11.13
C LEU E 403 -53.34 20.39 9.90
N LEU E 404 -52.88 19.80 8.78
CA LEU E 404 -52.63 20.58 7.57
C LEU E 404 -53.86 20.75 6.69
N LYS E 405 -54.96 20.08 7.01
CA LYS E 405 -56.19 20.17 6.23
C LYS E 405 -57.05 21.33 6.72
N LYS E 406 -57.85 21.86 5.79
CA LYS E 406 -58.81 22.91 6.15
C LYS E 406 -59.85 22.35 7.12
N SER E 407 -59.95 22.97 8.29
CA SER E 407 -60.91 22.55 9.31
C SER E 407 -61.48 23.77 9.99
N ALA E 408 -62.69 23.61 10.52
CA ALA E 408 -63.35 24.66 11.29
C ALA E 408 -63.00 24.60 12.77
N LYS E 409 -62.11 23.69 13.17
CA LYS E 409 -61.69 23.60 14.55
C LYS E 409 -60.97 24.86 15.00
N GLY E 410 -60.18 25.45 14.11
CA GLY E 410 -59.43 26.65 14.43
C GLY E 410 -57.96 26.37 14.58
N MET E 411 -57.18 26.70 13.55
CA MET E 411 -55.75 26.43 13.55
C MET E 411 -55.05 27.63 12.93
N THR E 412 -54.48 28.48 13.77
CA THR E 412 -53.69 29.61 13.28
C THR E 412 -52.43 29.09 12.62
N GLU E 413 -51.89 29.90 11.69
CA GLU E 413 -50.71 29.48 10.94
C GLU E 413 -49.50 29.31 11.85
N ASN E 414 -49.34 30.19 12.83
CA ASN E 414 -48.20 30.08 13.75
C ASN E 414 -48.29 28.80 14.58
N GLU E 415 -49.49 28.44 15.03
CA GLU E 415 -49.66 27.22 15.81
C GLU E 415 -49.32 25.99 14.97
N VAL E 416 -49.76 25.97 13.71
CA VAL E 416 -49.43 24.86 12.82
C VAL E 416 -47.93 24.80 12.58
N GLU E 417 -47.29 25.97 12.40
CA GLU E 417 -45.85 25.99 12.16
C GLU E 417 -45.08 25.43 13.34
N ASP E 418 -45.44 25.83 14.57
CA ASP E 418 -44.70 25.32 15.72
C ASP E 418 -45.04 23.85 15.99
N ARG E 419 -46.28 23.44 15.73
CA ARG E 419 -46.63 22.03 15.88
C ARG E 419 -45.85 21.16 14.93
N LEU E 420 -45.67 21.61 13.68
CA LEU E 420 -44.90 20.83 12.72
C LEU E 420 -43.41 20.93 12.99
N THR E 421 -42.96 22.02 13.60
CA THR E 421 -41.55 22.10 14.01
C THR E 421 -41.25 21.09 15.12
N SER E 422 -42.17 20.96 16.08
CA SER E 422 -41.98 19.99 17.15
C SER E 422 -42.29 18.55 16.70
N PHE E 423 -43.10 18.39 15.66
CA PHE E 423 -43.46 17.06 15.17
C PHE E 423 -42.25 16.29 14.65
N ILE E 424 -41.25 16.99 14.14
CA ILE E 424 -40.09 16.32 13.58
C ILE E 424 -39.29 15.59 14.66
N THR E 425 -39.35 16.06 15.90
CA THR E 425 -38.68 15.35 16.99
C THR E 425 -39.34 14.02 17.29
N VAL E 426 -40.58 13.81 16.84
CA VAL E 426 -41.22 12.50 16.87
C VAL E 426 -40.96 11.74 15.58
N PHE E 427 -41.02 12.44 14.45
CA PHE E 427 -40.86 11.80 13.15
C PHE E 427 -39.47 11.21 12.97
N LYS E 428 -38.45 11.83 13.54
CA LYS E 428 -37.10 11.30 13.38
C LYS E 428 -36.89 9.98 14.11
N TYR E 429 -37.81 9.60 14.99
CA TYR E 429 -37.75 8.33 15.72
C TYR E 429 -38.50 7.21 15.01
N ILE E 430 -39.14 7.49 13.87
CA ILE E 430 -40.21 6.62 13.40
C ILE E 430 -39.67 5.29 12.88
N ASP E 431 -38.48 5.28 12.28
CA ASP E 431 -37.79 4.08 11.81
C ASP E 431 -38.55 3.33 10.72
N ASP E 432 -39.73 3.82 10.36
CA ASP E 432 -40.50 3.37 9.19
C ASP E 432 -40.79 4.63 8.40
N LYS E 433 -39.83 5.04 7.58
CA LYS E 433 -39.96 6.25 6.80
C LYS E 433 -40.44 5.97 5.38
N ASP E 434 -40.27 4.76 4.88
CA ASP E 434 -40.92 4.38 3.63
C ASP E 434 -42.43 4.41 3.78
N VAL E 435 -42.93 3.81 4.86
CA VAL E 435 -44.38 3.78 5.10
C VAL E 435 -44.91 5.18 5.32
N PHE E 436 -44.21 5.98 6.11
CA PHE E 436 -44.68 7.35 6.35
C PHE E 436 -44.62 8.18 5.07
N GLN E 437 -43.58 7.99 4.26
CA GLN E 437 -43.49 8.75 3.01
C GLN E 437 -44.64 8.39 2.08
N LYS E 438 -44.94 7.10 1.95
CA LYS E 438 -46.04 6.68 1.08
C LYS E 438 -47.38 7.17 1.62
N PHE E 439 -47.59 7.10 2.93
CA PHE E 439 -48.85 7.55 3.51
C PHE E 439 -49.01 9.06 3.39
N TYR E 440 -47.92 9.81 3.61
CA TYR E 440 -47.98 11.26 3.49
C TYR E 440 -48.19 11.68 2.05
N ALA E 441 -47.58 10.96 1.09
CA ALA E 441 -47.85 11.25 -0.30
C ALA E 441 -49.29 10.95 -0.66
N ARG E 442 -49.85 9.84 -0.15
CA ARG E 442 -51.24 9.51 -0.41
C ARG E 442 -52.18 10.57 0.12
N MET E 443 -51.90 11.10 1.31
CA MET E 443 -52.77 12.12 1.88
C MET E 443 -52.54 13.49 1.26
N LEU E 444 -51.29 13.80 0.92
CA LEU E 444 -50.96 15.07 0.28
C LEU E 444 -51.56 15.16 -1.12
N ALA E 445 -51.67 14.04 -1.82
CA ALA E 445 -52.33 14.05 -3.12
C ALA E 445 -53.78 14.51 -3.00
N LYS E 446 -54.51 13.95 -2.03
CA LYS E 446 -55.89 14.35 -1.83
C LYS E 446 -55.99 15.81 -1.37
N ARG E 447 -55.10 16.23 -0.47
CA ARG E 447 -55.15 17.61 0.01
C ARG E 447 -54.87 18.59 -1.12
N LEU E 448 -53.92 18.28 -1.99
CA LEU E 448 -53.58 19.20 -3.07
C LEU E 448 -54.67 19.23 -4.14
N ILE E 449 -55.15 18.05 -4.54
CA ILE E 449 -56.10 17.98 -5.64
C ILE E 449 -57.45 18.57 -5.22
N HIS E 450 -57.97 18.15 -4.07
CA HIS E 450 -59.32 18.51 -3.68
C HIS E 450 -59.39 19.85 -2.95
N GLY E 451 -58.29 20.59 -2.89
CA GLY E 451 -58.31 21.90 -2.28
C GLY E 451 -58.47 21.89 -0.77
N LEU E 452 -58.13 20.78 -0.12
CA LEU E 452 -58.27 20.67 1.32
C LEU E 452 -57.14 21.34 2.09
N SER E 453 -56.09 21.78 1.42
CA SER E 453 -54.97 22.40 2.10
C SER E 453 -55.33 23.78 2.61
N MET E 454 -54.98 24.08 3.86
CA MET E 454 -55.27 25.39 4.41
C MET E 454 -54.44 26.48 3.74
N SER E 455 -53.18 26.20 3.46
CA SER E 455 -52.30 27.14 2.79
C SER E 455 -51.14 26.36 2.20
N MET E 456 -50.87 26.56 0.91
CA MET E 456 -49.75 25.86 0.29
C MET E 456 -48.41 26.30 0.85
N ASP E 457 -48.36 27.45 1.54
CA ASP E 457 -47.17 27.80 2.30
C ASP E 457 -46.92 26.78 3.41
N SER E 458 -47.98 26.32 4.05
CA SER E 458 -47.84 25.28 5.08
C SER E 458 -47.34 23.96 4.48
N GLU E 459 -47.85 23.59 3.30
CA GLU E 459 -47.39 22.37 2.65
C GLU E 459 -45.92 22.48 2.25
N GLU E 460 -45.52 23.63 1.70
CA GLU E 460 -44.12 23.83 1.36
C GLU E 460 -43.25 23.79 2.61
N ALA E 461 -43.72 24.37 3.71
CA ALA E 461 -42.96 24.33 4.95
C ALA E 461 -42.81 22.91 5.48
N MET E 462 -43.89 22.12 5.44
CA MET E 462 -43.81 20.74 5.93
C MET E 462 -42.88 19.90 5.06
N ILE E 463 -42.95 20.08 3.74
CA ILE E 463 -42.04 19.35 2.86
C ILE E 463 -40.60 19.79 3.10
N ASN E 464 -40.39 21.07 3.38
CA ASN E 464 -39.05 21.53 3.72
C ASN E 464 -38.56 20.91 5.02
N LYS E 465 -39.45 20.77 6.01
CA LYS E 465 -39.07 20.15 7.27
C LYS E 465 -38.70 18.68 7.09
N LEU E 466 -39.48 17.95 6.29
CA LEU E 466 -39.14 16.56 6.02
C LEU E 466 -37.86 16.44 5.21
N LYS E 467 -37.61 17.40 4.31
CA LYS E 467 -36.35 17.41 3.57
C LYS E 467 -35.17 17.66 4.49
N GLN E 468 -35.31 18.57 5.44
CA GLN E 468 -34.25 18.79 6.42
C GLN E 468 -34.04 17.56 7.30
N ALA E 469 -35.13 16.87 7.65
CA ALA E 469 -35.01 15.70 8.50
C ALA E 469 -34.39 14.52 7.77
N CYS E 470 -34.62 14.38 6.46
CA CYS E 470 -34.21 13.17 5.76
C CYS E 470 -33.41 13.39 4.47
N GLY E 471 -33.53 14.53 3.81
CA GLY E 471 -32.77 14.80 2.60
C GLY E 471 -33.66 14.95 1.39
N TYR E 472 -33.04 15.38 0.29
CA TYR E 472 -33.78 15.59 -0.94
C TYR E 472 -33.91 14.30 -1.74
N GLU E 473 -34.23 13.21 -1.04
CA GLU E 473 -34.75 12.00 -1.69
C GLU E 473 -35.98 11.46 -0.97
N PHE E 474 -36.18 11.81 0.29
CA PHE E 474 -37.45 11.58 0.95
C PHE E 474 -38.55 12.43 0.33
N THR E 475 -38.28 13.73 0.18
CA THR E 475 -39.24 14.68 -0.37
C THR E 475 -39.02 14.95 -1.84
N SER E 476 -38.21 14.14 -2.52
CA SER E 476 -37.95 14.36 -3.93
C SER E 476 -39.21 14.30 -4.77
N LYS E 477 -40.18 13.50 -4.35
CA LYS E 477 -41.45 13.40 -5.06
C LYS E 477 -42.54 14.23 -4.42
N LEU E 478 -42.47 14.49 -3.11
CA LEU E 478 -43.44 15.39 -2.48
C LEU E 478 -43.28 16.81 -2.99
N HIS E 479 -42.04 17.25 -3.23
CA HIS E 479 -41.85 18.57 -3.79
C HIS E 479 -42.33 18.66 -5.23
N ARG E 480 -42.18 17.59 -6.00
CA ARG E 480 -42.76 17.56 -7.34
C ARG E 480 -44.28 17.60 -7.28
N MET E 481 -44.87 16.91 -6.32
CA MET E 481 -46.32 16.96 -6.14
C MET E 481 -46.78 18.37 -5.81
N TYR E 482 -46.03 19.08 -4.97
CA TYR E 482 -46.40 20.44 -4.61
C TYR E 482 -46.18 21.41 -5.78
N THR E 483 -45.09 21.23 -6.54
CA THR E 483 -44.79 22.12 -7.65
C THR E 483 -45.78 21.95 -8.78
N ASP E 484 -46.23 20.71 -9.04
CA ASP E 484 -47.19 20.48 -10.10
C ASP E 484 -48.55 21.09 -9.81
N MET E 485 -48.84 21.42 -8.55
CA MET E 485 -50.06 22.14 -8.21
C MET E 485 -49.85 23.63 -8.05
N SER E 486 -48.63 24.06 -7.72
CA SER E 486 -48.35 25.50 -7.74
C SER E 486 -48.23 26.03 -9.17
N VAL E 487 -47.88 25.17 -10.13
CA VAL E 487 -47.75 25.58 -11.53
C VAL E 487 -49.06 25.52 -12.29
N SER E 488 -50.03 24.72 -11.82
CA SER E 488 -51.24 24.46 -12.60
C SER E 488 -52.06 25.72 -12.83
N ALA E 489 -51.96 26.71 -11.95
CA ALA E 489 -52.64 27.98 -12.20
C ALA E 489 -52.08 28.67 -13.43
N ASP E 490 -50.75 28.73 -13.53
CA ASP E 490 -50.12 29.33 -14.70
C ASP E 490 -50.37 28.49 -15.95
N LEU E 491 -50.42 27.17 -15.79
CA LEU E 491 -50.72 26.30 -16.93
C LEU E 491 -52.14 26.55 -17.44
N ASN E 492 -53.10 26.73 -16.55
CA ASN E 492 -54.46 27.03 -16.96
C ASN E 492 -54.57 28.43 -17.57
N ASN E 493 -53.79 29.39 -17.05
CA ASN E 493 -53.75 30.71 -17.70
C ASN E 493 -53.19 30.60 -19.11
N LYS E 494 -52.16 29.78 -19.30
CA LYS E 494 -51.62 29.55 -20.63
C LYS E 494 -52.65 28.89 -21.55
N PHE E 495 -53.42 27.95 -21.01
CA PHE E 495 -54.46 27.32 -21.82
C PHE E 495 -55.56 28.29 -22.22
N ASN E 496 -55.97 29.16 -21.29
CA ASN E 496 -56.97 30.16 -21.64
C ASN E 496 -56.45 31.14 -22.68
N ASN E 497 -55.18 31.54 -22.56
CA ASN E 497 -54.57 32.36 -23.60
C ASN E 497 -54.53 31.62 -24.92
N PHE E 498 -54.28 30.31 -24.88
CA PHE E 498 -54.23 29.51 -26.09
C PHE E 498 -55.58 29.47 -26.79
N ILE E 499 -56.66 29.27 -26.01
CA ILE E 499 -57.96 29.16 -26.65
C ILE E 499 -58.49 30.52 -27.07
N LYS E 500 -58.07 31.60 -26.40
CA LYS E 500 -58.50 32.94 -26.81
C LYS E 500 -57.58 33.54 -27.87
N ASN E 501 -56.53 32.83 -28.28
CA ASN E 501 -55.64 33.27 -29.34
C ASN E 501 -55.63 32.26 -30.49
N GLN E 502 -56.82 31.80 -30.87
CA GLN E 502 -56.97 30.86 -31.98
C GLN E 502 -57.57 31.57 -33.18
N ASP E 503 -57.52 30.88 -34.32
CA ASP E 503 -58.04 31.46 -35.56
C ASP E 503 -59.55 31.67 -35.49
N THR E 504 -60.26 30.73 -34.88
CA THR E 504 -61.71 30.80 -34.72
C THR E 504 -62.06 30.95 -33.25
N VAL E 505 -63.35 30.93 -32.96
CA VAL E 505 -63.83 30.93 -31.58
C VAL E 505 -63.85 29.49 -31.08
N ILE E 506 -63.07 29.22 -30.04
CA ILE E 506 -62.93 27.84 -29.56
C ILE E 506 -64.20 27.40 -28.83
N ASP E 507 -64.60 28.17 -27.80
CA ASP E 507 -65.86 27.95 -27.08
C ASP E 507 -65.92 26.54 -26.48
N LEU E 508 -65.06 26.33 -25.49
CA LEU E 508 -65.12 25.09 -24.70
C LEU E 508 -66.53 24.85 -24.17
N GLY E 509 -67.19 25.90 -23.72
CA GLY E 509 -68.59 25.82 -23.39
C GLY E 509 -68.92 25.98 -21.92
N ILE E 510 -68.09 25.39 -21.04
CA ILE E 510 -68.49 25.29 -19.64
C ILE E 510 -67.51 25.97 -18.69
N SER E 511 -66.31 25.41 -18.56
CA SER E 511 -65.22 25.88 -17.71
C SER E 511 -64.09 24.89 -17.84
N PHE E 512 -62.93 25.17 -17.23
CA PHE E 512 -61.84 24.21 -17.28
C PHE E 512 -60.80 24.59 -16.22
N GLN E 513 -60.51 23.66 -15.32
CA GLN E 513 -59.58 23.86 -14.21
C GLN E 513 -58.61 22.69 -14.12
N ILE E 514 -57.97 22.39 -15.24
CA ILE E 514 -57.10 21.22 -15.32
C ILE E 514 -55.97 21.27 -14.30
N TYR E 515 -55.60 20.09 -13.80
CA TYR E 515 -54.59 19.89 -12.78
C TYR E 515 -53.56 18.89 -13.28
N VAL E 516 -52.96 19.16 -14.44
CA VAL E 516 -51.99 18.22 -15.01
C VAL E 516 -50.86 17.96 -14.03
N LEU E 517 -50.63 16.67 -13.75
CA LEU E 517 -49.66 16.22 -12.76
C LEU E 517 -48.60 15.35 -13.42
N GLN E 518 -47.45 15.25 -12.77
CA GLN E 518 -46.42 14.33 -13.21
C GLN E 518 -46.90 12.89 -13.02
N ALA E 519 -46.26 11.97 -13.73
CA ALA E 519 -46.65 10.58 -13.61
C ALA E 519 -45.84 9.84 -12.56
N GLY E 520 -44.52 9.98 -12.60
CA GLY E 520 -43.67 9.29 -11.64
C GLY E 520 -43.69 9.91 -10.26
N ALA E 521 -44.13 11.15 -10.14
CA ALA E 521 -44.14 11.81 -8.83
C ALA E 521 -45.38 11.44 -8.03
N TRP E 522 -46.55 11.58 -8.64
CA TRP E 522 -47.78 11.38 -7.92
C TRP E 522 -48.07 9.89 -7.69
N PRO E 523 -48.67 9.55 -6.55
CA PRO E 523 -49.00 8.14 -6.29
C PRO E 523 -50.20 7.63 -7.07
N LEU E 524 -50.87 8.50 -7.82
CA LEU E 524 -52.07 8.15 -8.55
C LEU E 524 -51.71 7.26 -9.74
N THR E 525 -52.70 6.49 -10.20
CA THR E 525 -52.48 5.60 -11.33
C THR E 525 -53.81 5.32 -12.02
N GLN E 526 -53.71 4.85 -13.26
CA GLN E 526 -54.85 4.42 -14.05
C GLN E 526 -55.10 2.92 -13.95
N ALA E 527 -54.58 2.27 -12.91
CA ALA E 527 -54.86 0.86 -12.69
C ALA E 527 -56.35 0.55 -12.54
N PRO E 528 -57.18 1.34 -11.75
CA PRO E 528 -58.63 1.11 -11.72
C PRO E 528 -59.36 1.67 -12.93
N SER E 529 -58.86 1.35 -14.12
CA SER E 529 -59.47 1.84 -15.35
C SER E 529 -60.78 1.13 -15.61
N SER E 530 -61.67 1.81 -16.34
CA SER E 530 -62.96 1.22 -16.70
C SER E 530 -63.33 1.50 -18.15
N THR E 531 -62.40 1.97 -18.97
CA THR E 531 -62.65 2.40 -20.34
C THR E 531 -63.82 3.39 -20.36
N PHE E 532 -63.64 4.44 -19.56
CA PHE E 532 -64.68 5.45 -19.40
C PHE E 532 -64.88 6.21 -20.70
N ALA E 533 -66.14 6.46 -21.05
CA ALA E 533 -66.48 7.21 -22.24
C ALA E 533 -66.76 8.65 -21.84
N ILE E 534 -65.91 9.57 -22.26
CA ILE E 534 -66.06 10.98 -21.91
C ILE E 534 -67.33 11.51 -22.55
N PRO E 535 -68.18 12.24 -21.81
CA PRO E 535 -69.43 12.76 -22.39
C PRO E 535 -69.15 13.75 -23.51
N GLN E 536 -70.22 14.03 -24.28
CA GLN E 536 -70.08 14.94 -25.41
C GLN E 536 -69.78 16.36 -24.95
N GLU E 537 -70.32 16.77 -23.80
CA GLU E 537 -70.09 18.12 -23.31
C GLU E 537 -68.69 18.32 -22.75
N LEU E 538 -67.91 17.24 -22.60
CA LEU E 538 -66.53 17.34 -22.16
C LEU E 538 -65.52 16.90 -23.21
N GLU E 539 -65.99 16.22 -24.27
CA GLU E 539 -65.08 15.71 -25.29
C GLU E 539 -64.39 16.84 -26.04
N LYS E 540 -65.12 17.92 -26.33
CA LYS E 540 -64.52 19.05 -27.02
C LYS E 540 -63.43 19.69 -26.19
N SER E 541 -63.67 19.86 -24.88
CA SER E 541 -62.65 20.45 -24.02
C SER E 541 -61.45 19.52 -23.85
N VAL E 542 -61.69 18.21 -23.77
CA VAL E 542 -60.59 17.25 -23.71
C VAL E 542 -59.74 17.34 -24.97
N GLN E 543 -60.39 17.40 -26.13
CA GLN E 543 -59.66 17.51 -27.39
C GLN E 543 -58.86 18.80 -27.46
N MET E 544 -59.46 19.92 -27.04
CA MET E 544 -58.77 21.19 -27.09
C MET E 544 -57.57 21.22 -26.15
N PHE E 545 -57.71 20.66 -24.95
CA PHE E 545 -56.55 20.62 -24.08
C PHE E 545 -55.48 19.65 -24.57
N GLU E 546 -55.89 18.55 -25.19
CA GLU E 546 -54.90 17.65 -25.78
C GLU E 546 -54.12 18.35 -26.87
N LEU E 547 -54.80 19.11 -27.72
CA LEU E 547 -54.13 19.89 -28.76
C LEU E 547 -53.18 20.92 -28.14
N PHE E 548 -53.66 21.64 -27.12
CA PHE E 548 -52.82 22.65 -26.47
C PHE E 548 -51.58 22.02 -25.85
N TYR E 549 -51.75 20.88 -25.20
CA TYR E 549 -50.63 20.29 -24.47
C TYR E 549 -49.66 19.62 -25.42
N SER E 550 -50.16 19.09 -26.55
CA SER E 550 -49.28 18.58 -27.59
C SER E 550 -48.55 19.69 -28.32
N GLN E 551 -49.09 20.90 -28.32
CA GLN E 551 -48.40 22.02 -28.96
C GLN E 551 -47.48 22.78 -28.01
N HIS E 552 -47.85 22.90 -26.73
CA HIS E 552 -47.10 23.74 -25.82
C HIS E 552 -46.20 22.98 -24.86
N PHE E 553 -46.40 21.67 -24.69
CA PHE E 553 -45.49 20.82 -23.92
C PHE E 553 -45.26 19.55 -24.74
N SER E 554 -44.28 19.60 -25.63
CA SER E 554 -44.10 18.52 -26.59
C SER E 554 -43.38 17.34 -25.96
N GLY E 555 -43.72 16.15 -26.43
CA GLY E 555 -43.12 14.93 -25.94
C GLY E 555 -43.83 14.28 -24.77
N ARG E 556 -44.93 14.85 -24.29
CA ARG E 556 -45.65 14.35 -23.14
C ARG E 556 -47.02 13.84 -23.55
N LYS E 557 -47.43 12.73 -22.95
CA LYS E 557 -48.76 12.17 -23.16
C LYS E 557 -49.55 12.26 -21.86
N LEU E 558 -50.84 12.53 -21.98
CA LEU E 558 -51.70 12.68 -20.80
C LEU E 558 -52.48 11.40 -20.57
N THR E 559 -52.52 10.97 -19.31
CA THR E 559 -53.36 9.86 -18.87
C THR E 559 -54.46 10.49 -18.03
N TRP E 560 -55.60 10.76 -18.66
CA TRP E 560 -56.70 11.47 -18.02
C TRP E 560 -57.27 10.63 -16.89
N LEU E 561 -57.05 11.06 -15.65
CA LEU E 561 -57.63 10.38 -14.49
C LEU E 561 -59.06 10.86 -14.32
N HIS E 562 -60.01 9.94 -14.44
CA HIS E 562 -61.42 10.30 -14.34
C HIS E 562 -61.99 10.13 -12.93
N TYR E 563 -61.38 9.27 -12.11
CA TYR E 563 -61.91 9.10 -10.76
C TYR E 563 -61.59 10.29 -9.86
N LEU E 564 -60.68 11.17 -10.28
CA LEU E 564 -60.35 12.37 -9.53
C LEU E 564 -60.94 13.63 -10.14
N CYS E 565 -61.46 13.55 -11.35
CA CYS E 565 -62.18 14.68 -11.95
C CYS E 565 -63.43 14.98 -11.15
N THR E 566 -63.66 16.26 -10.86
CA THR E 566 -64.81 16.70 -10.08
C THR E 566 -65.41 17.92 -10.76
N GLY E 567 -66.44 17.70 -11.58
CA GLY E 567 -67.12 18.77 -12.27
C GLY E 567 -68.32 19.29 -11.48
N GLU E 568 -69.02 20.24 -12.10
CA GLU E 568 -70.23 20.82 -11.53
C GLU E 568 -71.36 20.72 -12.55
N VAL E 569 -72.51 20.21 -12.12
CA VAL E 569 -73.65 20.02 -13.01
C VAL E 569 -74.85 20.75 -12.43
N LYS E 570 -75.65 21.34 -13.32
CA LYS E 570 -76.85 22.08 -12.91
C LYS E 570 -78.07 21.23 -13.23
N MET E 571 -78.89 20.96 -12.22
CA MET E 571 -80.09 20.15 -12.39
C MET E 571 -81.31 21.00 -12.74
N ASN E 572 -81.18 21.82 -13.78
CA ASN E 572 -82.30 22.66 -14.21
C ASN E 572 -83.46 21.85 -14.75
N TYR E 573 -83.26 20.58 -15.07
CA TYR E 573 -84.36 19.72 -15.51
C TYR E 573 -85.33 19.45 -14.37
N LEU E 574 -84.81 19.14 -13.18
CA LEU E 574 -85.66 18.76 -12.05
C LEU E 574 -85.98 19.96 -11.16
N GLY E 575 -86.43 21.08 -11.75
CA GLY E 575 -86.74 22.27 -10.99
C GLY E 575 -85.61 22.69 -10.06
N LYS E 576 -84.50 23.16 -10.64
CA LYS E 576 -83.17 23.26 -10.02
C LYS E 576 -83.20 23.78 -8.59
N PRO E 577 -82.88 22.94 -7.61
CA PRO E 577 -82.72 23.42 -6.22
C PRO E 577 -81.30 23.86 -5.93
N TYR E 578 -80.33 23.32 -6.67
CA TYR E 578 -78.91 23.58 -6.40
C TYR E 578 -78.09 23.12 -7.60
N VAL E 579 -76.78 23.26 -7.46
CA VAL E 579 -75.81 22.79 -8.44
C VAL E 579 -74.90 21.78 -7.75
N ALA E 580 -74.77 20.60 -8.35
CA ALA E 580 -74.10 19.48 -7.71
C ALA E 580 -72.63 19.42 -8.11
N MET E 581 -71.76 19.34 -7.11
CA MET E 581 -70.34 19.06 -7.33
C MET E 581 -70.17 17.55 -7.42
N VAL E 582 -70.01 17.04 -8.64
CA VAL E 582 -70.13 15.62 -8.92
C VAL E 582 -68.93 15.17 -9.73
N THR E 583 -68.40 13.99 -9.40
CA THR E 583 -67.33 13.41 -10.19
C THR E 583 -67.82 13.03 -11.58
N THR E 584 -66.88 12.94 -12.52
CA THR E 584 -67.26 12.70 -13.91
C THR E 584 -67.82 11.31 -14.13
N TYR E 585 -67.51 10.35 -13.26
CA TYR E 585 -68.16 9.04 -13.32
C TYR E 585 -69.66 9.17 -13.16
N GLN E 586 -70.12 9.86 -12.10
CA GLN E 586 -71.54 10.08 -11.94
C GLN E 586 -72.08 11.15 -12.87
N MET E 587 -71.22 12.06 -13.34
CA MET E 587 -71.66 13.04 -14.32
C MET E 587 -72.06 12.35 -15.63
N ALA E 588 -71.34 11.29 -16.01
CA ALA E 588 -71.68 10.56 -17.23
C ALA E 588 -73.06 9.91 -17.12
N VAL E 589 -73.36 9.26 -15.99
CA VAL E 589 -74.65 8.61 -15.86
C VAL E 589 -75.76 9.64 -15.69
N LEU E 590 -75.46 10.81 -15.10
CA LEU E 590 -76.48 11.85 -15.03
C LEU E 590 -76.76 12.44 -16.40
N LEU E 591 -75.73 12.58 -17.24
CA LEU E 591 -75.95 13.01 -18.61
C LEU E 591 -76.64 11.94 -19.44
N ALA E 592 -76.52 10.68 -19.06
CA ALA E 592 -77.35 9.64 -19.68
C ALA E 592 -78.79 9.77 -19.22
N PHE E 593 -79.01 10.13 -17.95
CA PHE E 593 -80.34 10.45 -17.46
C PHE E 593 -80.93 11.64 -18.21
N ASN E 594 -80.07 12.54 -18.69
CA ASN E 594 -80.54 13.68 -19.49
C ASN E 594 -81.29 13.23 -20.73
N ASN E 595 -80.97 12.06 -21.27
CA ASN E 595 -81.62 11.59 -22.49
C ASN E 595 -83.08 11.26 -22.26
N SER E 596 -83.38 10.51 -21.20
CA SER E 596 -84.75 10.11 -20.90
C SER E 596 -84.88 9.89 -19.40
N GLU E 597 -86.14 9.95 -18.93
CA GLU E 597 -86.40 9.83 -17.50
C GLU E 597 -85.98 8.45 -16.97
N THR E 598 -86.24 7.40 -17.74
CA THR E 598 -85.84 6.06 -17.37
C THR E 598 -84.53 5.69 -18.05
N VAL E 599 -83.79 4.77 -17.42
CA VAL E 599 -82.54 4.27 -17.97
C VAL E 599 -82.28 2.90 -17.38
N SER E 600 -81.60 2.06 -18.15
CA SER E 600 -81.26 0.70 -17.73
C SER E 600 -79.77 0.57 -17.50
N TYR E 601 -79.40 -0.47 -16.76
CA TYR E 601 -77.99 -0.75 -16.52
C TYR E 601 -77.24 -1.04 -17.82
N LYS E 602 -77.88 -1.78 -18.73
CA LYS E 602 -77.26 -2.05 -20.02
C LYS E 602 -77.13 -0.78 -20.85
N GLU E 603 -78.10 0.14 -20.74
CA GLU E 603 -77.97 1.41 -21.42
C GLU E 603 -76.79 2.22 -20.90
N LEU E 604 -76.59 2.21 -19.57
CA LEU E 604 -75.43 2.89 -19.00
C LEU E 604 -74.14 2.22 -19.43
N GLN E 605 -74.10 0.89 -19.47
CA GLN E 605 -72.92 0.18 -19.94
C GLN E 605 -72.63 0.48 -21.39
N ASP E 606 -73.65 0.69 -22.20
CA ASP E 606 -73.45 1.04 -23.60
C ASP E 606 -72.99 2.48 -23.77
N SER E 607 -73.52 3.39 -22.97
CA SER E 607 -73.20 4.81 -23.13
C SER E 607 -71.86 5.17 -22.46
N THR E 608 -71.79 5.02 -21.15
CA THR E 608 -70.58 5.42 -20.43
C THR E 608 -69.45 4.42 -20.59
N GLN E 609 -69.75 3.19 -20.99
CA GLN E 609 -68.77 2.12 -21.24
C GLN E 609 -67.94 1.81 -20.00
N MET E 610 -68.47 2.08 -18.82
CA MET E 610 -67.74 1.85 -17.58
C MET E 610 -67.78 0.38 -17.19
N ASN E 611 -66.93 0.02 -16.23
CA ASN E 611 -66.95 -1.32 -15.68
C ASN E 611 -68.18 -1.50 -14.79
N GLU E 612 -68.49 -2.77 -14.49
CA GLU E 612 -69.66 -3.07 -13.66
C GLU E 612 -69.49 -2.52 -12.24
N LYS E 613 -68.29 -2.64 -11.66
CA LYS E 613 -68.09 -2.21 -10.29
C LYS E 613 -68.14 -0.70 -10.16
N GLU E 614 -67.49 0.02 -11.08
CA GLU E 614 -67.52 1.49 -11.03
C GLU E 614 -68.92 2.02 -11.28
N LEU E 615 -69.64 1.43 -12.24
CA LEU E 615 -71.00 1.85 -12.51
C LEU E 615 -71.90 1.58 -11.31
N THR E 616 -71.73 0.42 -10.68
CA THR E 616 -72.49 0.10 -9.47
C THR E 616 -72.19 1.09 -8.35
N LYS E 617 -70.91 1.45 -8.17
CA LYS E 617 -70.54 2.40 -7.14
C LYS E 617 -71.15 3.78 -7.39
N THR E 618 -71.14 4.22 -8.66
CA THR E 618 -71.73 5.51 -8.99
C THR E 618 -73.23 5.52 -8.76
N ILE E 619 -73.91 4.45 -9.16
CA ILE E 619 -75.35 4.37 -8.95
C ILE E 619 -75.67 4.33 -7.45
N LYS E 620 -74.85 3.61 -6.68
CA LYS E 620 -75.05 3.55 -5.23
C LYS E 620 -74.85 4.91 -4.60
N SER E 621 -73.83 5.66 -5.04
CA SER E 621 -73.61 7.00 -4.52
C SER E 621 -74.73 7.96 -4.90
N LEU E 622 -75.30 7.79 -6.09
CA LEU E 622 -76.42 8.63 -6.49
C LEU E 622 -77.68 8.31 -5.68
N LEU E 623 -77.96 7.03 -5.48
CA LEU E 623 -79.17 6.67 -4.74
C LEU E 623 -79.03 6.92 -3.24
N ASP E 624 -77.80 6.92 -2.73
CA ASP E 624 -77.59 7.25 -1.32
C ASP E 624 -77.98 8.70 -1.05
N VAL E 625 -77.62 9.61 -1.98
CA VAL E 625 -78.11 10.99 -1.92
C VAL E 625 -79.57 11.07 -2.33
N LYS E 626 -80.10 10.00 -2.92
CA LYS E 626 -81.48 9.94 -3.42
C LYS E 626 -81.73 10.95 -4.53
N MET E 627 -80.69 11.27 -5.30
CA MET E 627 -80.89 12.09 -6.49
C MET E 627 -81.75 11.35 -7.52
N ILE E 628 -81.53 10.04 -7.67
CA ILE E 628 -82.32 9.21 -8.55
C ILE E 628 -83.00 8.13 -7.71
N ASN E 629 -83.94 7.42 -8.32
CA ASN E 629 -84.65 6.34 -7.67
C ASN E 629 -84.69 5.12 -8.59
N HIS E 630 -84.86 3.96 -7.99
CA HIS E 630 -84.87 2.69 -8.70
C HIS E 630 -86.30 2.17 -8.80
N ASP E 631 -86.71 1.82 -10.02
CA ASP E 631 -88.07 1.30 -10.23
C ASP E 631 -88.26 -0.03 -9.54
N SER E 632 -87.27 -0.92 -9.60
CA SER E 632 -87.38 -2.22 -8.97
C SER E 632 -87.36 -2.08 -7.45
N GLU E 633 -88.02 -3.03 -6.78
CA GLU E 633 -88.01 -3.04 -5.32
C GLU E 633 -86.61 -3.26 -4.78
N LYS E 634 -85.85 -4.16 -5.39
CA LYS E 634 -84.46 -4.36 -5.03
C LYS E 634 -83.62 -3.21 -5.56
N GLU E 635 -83.17 -2.33 -4.66
CA GLU E 635 -82.41 -1.16 -5.08
C GLU E 635 -81.03 -1.53 -5.63
N ASP E 636 -80.55 -2.73 -5.34
CA ASP E 636 -79.27 -3.17 -5.88
C ASP E 636 -79.38 -3.41 -7.39
N ILE E 637 -78.21 -3.51 -8.04
CA ILE E 637 -78.20 -3.68 -9.48
C ILE E 637 -78.62 -5.10 -9.85
N ASP E 638 -79.10 -5.24 -11.08
CA ASP E 638 -79.52 -6.52 -11.63
C ASP E 638 -79.08 -6.57 -13.09
N ALA E 639 -79.61 -7.54 -13.83
CA ALA E 639 -79.30 -7.62 -15.26
C ALA E 639 -79.86 -6.41 -16.00
N GLU E 640 -81.11 -6.04 -15.72
CA GLU E 640 -81.72 -4.87 -16.33
C GLU E 640 -81.73 -3.68 -15.38
N SER E 641 -82.39 -3.83 -14.23
CA SER E 641 -82.39 -2.85 -13.13
C SER E 641 -82.66 -1.43 -13.64
N SER E 642 -83.88 -1.24 -14.15
CA SER E 642 -84.27 0.03 -14.74
C SER E 642 -84.26 1.16 -13.72
N PHE E 643 -83.30 2.06 -13.84
CA PHE E 643 -83.22 3.22 -12.96
C PHE E 643 -84.06 4.37 -13.52
N SER E 644 -84.73 5.06 -12.61
CA SER E 644 -85.60 6.18 -12.97
C SER E 644 -85.04 7.45 -12.34
N LEU E 645 -85.77 8.55 -12.53
CA LEU E 645 -85.36 9.87 -12.09
C LEU E 645 -86.26 10.33 -10.96
N ASN E 646 -85.68 10.62 -9.80
CA ASN E 646 -86.42 11.02 -8.61
C ASN E 646 -86.57 12.53 -8.62
N MET E 647 -87.71 13.02 -9.10
CA MET E 647 -87.97 14.45 -9.14
C MET E 647 -88.43 15.00 -7.80
N ASN E 648 -88.78 14.15 -6.85
CA ASN E 648 -89.28 14.63 -5.56
C ASN E 648 -88.14 15.18 -4.70
N PHE E 649 -86.94 14.63 -4.84
CA PHE E 649 -85.83 15.03 -3.99
C PHE E 649 -85.39 16.45 -4.29
N SER E 650 -85.23 17.26 -3.24
CA SER E 650 -84.72 18.62 -3.36
C SER E 650 -83.84 18.92 -2.16
N SER E 651 -82.68 19.50 -2.41
CA SER E 651 -81.74 19.78 -1.34
C SER E 651 -82.17 21.03 -0.56
N LYS E 652 -81.59 21.17 0.63
CA LYS E 652 -81.83 22.33 1.49
C LYS E 652 -80.82 23.45 1.27
N ARG E 653 -79.91 23.28 0.32
CA ARG E 653 -78.86 24.26 0.04
C ARG E 653 -78.90 24.66 -1.42
N THR E 654 -78.32 25.82 -1.72
CA THR E 654 -78.23 26.30 -3.09
C THR E 654 -77.05 25.73 -3.86
N LYS E 655 -76.13 25.05 -3.17
CA LYS E 655 -75.01 24.37 -3.82
C LYS E 655 -74.55 23.25 -2.90
N PHE E 656 -74.96 22.03 -3.19
CA PHE E 656 -74.67 20.88 -2.36
C PHE E 656 -73.72 19.92 -3.08
N LYS E 657 -72.73 19.41 -2.35
CA LYS E 657 -71.73 18.52 -2.89
C LYS E 657 -72.16 17.08 -2.61
N ILE E 658 -72.29 16.28 -3.67
CA ILE E 658 -72.72 14.89 -3.53
C ILE E 658 -71.56 13.91 -3.56
N THR E 659 -70.35 14.36 -3.86
CA THR E 659 -69.19 13.48 -3.90
C THR E 659 -68.47 13.47 -2.56
N THR E 660 -67.88 12.31 -2.25
CA THR E 660 -67.05 12.15 -1.05
C THR E 660 -65.86 11.24 -1.39
N SER E 661 -64.77 11.88 -1.81
CA SER E 661 -63.52 11.19 -2.09
C SER E 661 -62.36 11.73 -1.26
N MET E 662 -62.58 12.79 -0.49
CA MET E 662 -61.53 13.39 0.30
C MET E 662 -61.17 12.56 1.52
N GLN E 663 -61.96 11.55 1.85
CA GLN E 663 -61.80 10.80 3.09
C GLN E 663 -62.21 9.36 2.82
N LYS E 664 -62.45 8.60 3.89
CA LYS E 664 -62.77 7.18 3.99
C LYS E 664 -61.53 6.32 3.76
N ASP E 665 -60.43 6.89 3.24
CA ASP E 665 -59.07 6.36 3.33
C ASP E 665 -58.87 5.02 2.62
N THR E 666 -59.96 4.37 2.19
CA THR E 666 -59.96 3.14 1.40
C THR E 666 -58.95 2.12 1.88
N PRO E 667 -59.23 1.38 2.99
CA PRO E 667 -58.24 0.43 3.54
C PRO E 667 -57.60 -0.52 2.52
N GLN E 668 -58.27 -0.76 1.40
CA GLN E 668 -57.63 -1.45 0.29
C GLN E 668 -56.46 -0.65 -0.25
N GLU E 669 -56.60 0.68 -0.31
CA GLU E 669 -55.46 1.52 -0.69
C GLU E 669 -54.37 1.49 0.38
N MET E 670 -54.74 1.29 1.65
CA MET E 670 -53.71 1.10 2.68
C MET E 670 -52.93 -0.19 2.43
N GLU E 671 -53.62 -1.26 2.07
CA GLU E 671 -52.93 -2.50 1.73
C GLU E 671 -52.04 -2.33 0.51
N GLN E 672 -52.53 -1.60 -0.49
CA GLN E 672 -51.72 -1.34 -1.68
C GLN E 672 -50.50 -0.48 -1.34
N THR E 673 -50.68 0.49 -0.44
CA THR E 673 -49.57 1.33 0.00
C THR E 673 -48.49 0.50 0.70
N ARG E 674 -48.92 -0.39 1.59
CA ARG E 674 -47.95 -1.26 2.27
C ARG E 674 -47.27 -2.21 1.28
N SER E 675 -48.02 -2.67 0.28
CA SER E 675 -47.42 -3.53 -0.75
C SER E 675 -46.37 -2.78 -1.57
N ALA E 676 -46.67 -1.52 -1.93
CA ALA E 676 -45.68 -0.72 -2.65
C ALA E 676 -44.47 -0.41 -1.77
N VAL E 677 -44.69 -0.22 -0.48
CA VAL E 677 -43.58 -0.03 0.46
C VAL E 677 -42.69 -1.27 0.46
N ASP E 678 -43.31 -2.45 0.52
CA ASP E 678 -42.53 -3.69 0.52
C ASP E 678 -41.80 -3.87 -0.80
N GLU E 679 -42.42 -3.49 -1.90
CA GLU E 679 -41.76 -3.59 -3.21
C GLU E 679 -40.53 -2.70 -3.28
N ASP E 680 -40.67 -1.44 -2.84
CA ASP E 680 -39.53 -0.53 -2.86
C ASP E 680 -38.44 -0.99 -1.90
N ARG E 681 -38.83 -1.54 -0.75
CA ARG E 681 -37.87 -2.16 0.15
C ARG E 681 -37.12 -3.29 -0.53
N LYS E 682 -37.84 -4.10 -1.32
CA LYS E 682 -37.20 -5.22 -2.01
C LYS E 682 -36.20 -4.73 -3.05
N MET E 683 -36.55 -3.69 -3.81
CA MET E 683 -35.57 -3.14 -4.75
C MET E 683 -34.36 -2.55 -4.02
N TYR E 684 -34.57 -1.88 -2.89
CA TYR E 684 -33.43 -1.34 -2.15
C TYR E 684 -32.52 -2.46 -1.65
N LEU E 685 -33.11 -3.53 -1.11
CA LEU E 685 -32.31 -4.65 -0.63
C LEU E 685 -31.60 -5.35 -1.78
N GLN E 686 -32.25 -5.46 -2.95
CA GLN E 686 -31.58 -6.03 -4.11
C GLN E 686 -30.39 -5.18 -4.53
N ALA E 687 -30.54 -3.85 -4.50
CA ALA E 687 -29.42 -2.98 -4.86
C ALA E 687 -28.27 -3.16 -3.89
N ALA E 688 -28.57 -3.20 -2.59
CA ALA E 688 -27.53 -3.39 -1.59
C ALA E 688 -26.82 -4.72 -1.78
N ILE E 689 -27.59 -5.79 -2.01
CA ILE E 689 -27.01 -7.13 -2.16
C ILE E 689 -26.13 -7.19 -3.40
N VAL E 690 -26.61 -6.66 -4.53
CA VAL E 690 -25.82 -6.72 -5.76
C VAL E 690 -24.55 -5.89 -5.63
N ARG E 691 -24.65 -4.70 -5.04
CA ARG E 691 -23.46 -3.87 -4.84
C ARG E 691 -22.43 -4.57 -3.97
N ILE E 692 -22.88 -5.16 -2.86
CA ILE E 692 -21.95 -5.81 -1.94
C ILE E 692 -21.33 -7.04 -2.60
N MET E 693 -22.13 -7.87 -3.25
CA MET E 693 -21.64 -9.10 -3.84
C MET E 693 -20.84 -8.86 -5.11
N LYS E 694 -20.92 -7.67 -5.71
CA LYS E 694 -20.02 -7.33 -6.79
C LYS E 694 -18.74 -6.69 -6.30
N ALA E 695 -18.80 -5.90 -5.23
CA ALA E 695 -17.59 -5.27 -4.70
C ALA E 695 -16.70 -6.29 -3.99
N ARG E 696 -17.29 -7.23 -3.27
CA ARG E 696 -16.53 -8.18 -2.45
C ARG E 696 -16.36 -9.54 -3.12
N LYS E 697 -17.42 -10.05 -3.75
CA LYS E 697 -17.47 -11.28 -4.53
C LYS E 697 -17.40 -12.52 -3.64
N VAL E 698 -17.09 -12.33 -2.35
CA VAL E 698 -17.04 -13.41 -1.37
C VAL E 698 -17.48 -12.84 -0.02
N LEU E 699 -18.63 -13.30 0.47
CA LEU E 699 -19.09 -12.93 1.80
C LEU E 699 -20.06 -13.99 2.30
N ARG E 700 -20.23 -14.03 3.62
CA ARG E 700 -21.08 -15.00 4.28
C ARG E 700 -22.41 -14.37 4.64
N HIS E 701 -23.27 -15.16 5.29
CA HIS E 701 -24.61 -14.70 5.64
C HIS E 701 -24.58 -13.65 6.74
N ASN E 702 -23.76 -13.86 7.77
CA ASN E 702 -23.82 -13.02 8.96
C ASN E 702 -23.39 -11.59 8.66
N ALA E 703 -22.22 -11.43 8.01
CA ALA E 703 -21.72 -10.09 7.71
C ALA E 703 -22.63 -9.38 6.71
N LEU E 704 -23.13 -10.12 5.72
CA LEU E 704 -24.04 -9.53 4.73
C LEU E 704 -25.31 -9.02 5.40
N ILE E 705 -25.89 -9.82 6.29
CA ILE E 705 -27.11 -9.41 6.99
C ILE E 705 -26.83 -8.20 7.87
N GLN E 706 -25.71 -8.21 8.59
CA GLN E 706 -25.38 -7.09 9.47
C GLN E 706 -25.18 -5.80 8.68
N GLU E 707 -24.45 -5.86 7.55
CA GLU E 707 -24.23 -4.66 6.78
C GLU E 707 -25.51 -4.18 6.10
N VAL E 708 -26.38 -5.11 5.68
CA VAL E 708 -27.67 -4.71 5.11
C VAL E 708 -28.50 -3.98 6.17
N ILE E 709 -28.54 -4.50 7.39
CA ILE E 709 -29.30 -3.87 8.46
C ILE E 709 -28.72 -2.50 8.81
N SER E 710 -27.39 -2.41 8.85
CA SER E 710 -26.74 -1.14 9.15
C SER E 710 -27.00 -0.10 8.07
N GLN E 711 -26.94 -0.50 6.80
CA GLN E 711 -27.09 0.45 5.70
C GLN E 711 -28.54 0.89 5.54
N SER E 712 -29.49 -0.04 5.61
CA SER E 712 -30.88 0.26 5.31
C SER E 712 -31.66 0.77 6.52
N ARG E 713 -31.02 0.89 7.68
CA ARG E 713 -31.72 1.36 8.88
C ARG E 713 -32.18 2.81 8.77
N ALA E 714 -31.54 3.60 7.91
CA ALA E 714 -31.93 5.00 7.76
C ALA E 714 -33.33 5.17 7.19
N ARG E 715 -33.80 4.19 6.42
CA ARG E 715 -35.13 4.26 5.80
C ARG E 715 -36.16 3.36 6.48
N PHE E 716 -35.80 2.12 6.81
CA PHE E 716 -36.74 1.18 7.38
C PHE E 716 -35.97 0.14 8.18
N ASN E 717 -36.70 -0.78 8.80
CA ASN E 717 -36.08 -1.90 9.50
C ASN E 717 -36.18 -3.16 8.66
N PRO E 718 -35.08 -3.65 8.08
CA PRO E 718 -35.16 -4.79 7.18
C PRO E 718 -35.47 -6.09 7.91
N SER E 719 -36.06 -7.02 7.17
CA SER E 719 -36.41 -8.34 7.68
C SER E 719 -35.63 -9.41 6.94
N ILE E 720 -35.30 -10.49 7.66
CA ILE E 720 -34.52 -11.57 7.08
C ILE E 720 -35.29 -12.24 5.96
N SER E 721 -36.60 -12.37 6.11
CA SER E 721 -37.42 -12.97 5.06
C SER E 721 -37.38 -12.14 3.78
N MET E 722 -37.41 -10.81 3.91
CA MET E 722 -37.34 -9.95 2.73
C MET E 722 -35.98 -10.05 2.04
N ILE E 723 -34.90 -10.13 2.82
CA ILE E 723 -33.57 -10.27 2.24
C ILE E 723 -33.46 -11.61 1.51
N LYS E 724 -34.01 -12.67 2.10
CA LYS E 724 -34.00 -13.97 1.45
C LYS E 724 -34.84 -13.96 0.18
N LYS E 725 -35.96 -13.23 0.20
CA LYS E 725 -36.79 -13.11 -1.00
C LYS E 725 -36.03 -12.37 -2.10
N CYS E 726 -35.29 -11.33 -1.75
CA CYS E 726 -34.48 -10.61 -2.73
C CYS E 726 -33.37 -11.51 -3.28
N ILE E 727 -32.76 -12.32 -2.42
CA ILE E 727 -31.74 -13.27 -2.88
C ILE E 727 -32.35 -14.25 -3.88
N GLU E 728 -33.55 -14.75 -3.58
CA GLU E 728 -34.22 -15.67 -4.50
C GLU E 728 -34.59 -14.98 -5.82
N VAL E 729 -34.99 -13.71 -5.75
CA VAL E 729 -35.30 -12.97 -6.97
C VAL E 729 -34.05 -12.80 -7.83
N LEU E 730 -32.92 -12.48 -7.21
CA LEU E 730 -31.67 -12.39 -7.95
C LEU E 730 -31.24 -13.74 -8.51
N ILE E 731 -31.54 -14.82 -7.78
CA ILE E 731 -31.32 -16.17 -8.31
C ILE E 731 -32.13 -16.37 -9.58
N ASP E 732 -33.40 -15.97 -9.54
CA ASP E 732 -34.27 -16.09 -10.71
C ASP E 732 -33.79 -15.22 -11.86
N LYS E 733 -33.16 -14.09 -11.55
CA LYS E 733 -32.62 -13.19 -12.57
C LYS E 733 -31.16 -13.49 -12.90
N GLN E 734 -30.64 -14.62 -12.42
CA GLN E 734 -29.24 -15.04 -12.56
C GLN E 734 -28.26 -13.88 -12.37
N TYR E 735 -28.35 -13.26 -11.19
CA TYR E 735 -27.38 -12.26 -10.76
C TYR E 735 -26.61 -12.69 -9.52
N ILE E 736 -26.93 -13.85 -8.94
CA ILE E 736 -26.33 -14.29 -7.69
C ILE E 736 -26.39 -15.80 -7.65
N GLU E 737 -25.41 -16.40 -6.95
CA GLU E 737 -25.40 -17.84 -6.65
C GLU E 737 -24.79 -18.02 -5.26
N ARG E 738 -24.47 -19.28 -4.94
CA ARG E 738 -23.84 -19.63 -3.68
C ARG E 738 -22.58 -20.44 -3.96
N SER E 739 -21.63 -20.35 -3.03
CA SER E 739 -20.35 -21.03 -3.20
C SER E 739 -20.51 -22.54 -3.06
N GLN E 740 -19.77 -23.27 -3.91
CA GLN E 740 -19.80 -24.73 -3.82
C GLN E 740 -19.06 -25.24 -2.60
N ALA E 741 -18.01 -24.54 -2.16
CA ALA E 741 -17.26 -24.96 -0.99
C ALA E 741 -18.11 -24.86 0.28
N SER E 742 -18.89 -23.79 0.42
CA SER E 742 -19.73 -23.60 1.58
C SER E 742 -21.01 -22.90 1.17
N ALA E 743 -22.15 -23.40 1.67
CA ALA E 743 -23.43 -22.75 1.40
C ALA E 743 -23.55 -21.41 2.10
N ASP E 744 -22.75 -21.16 3.15
CA ASP E 744 -22.78 -19.88 3.83
C ASP E 744 -22.32 -18.76 2.91
N GLU E 745 -21.28 -19.00 2.12
CA GLU E 745 -20.80 -18.02 1.16
C GLU E 745 -21.71 -17.97 -0.07
N TYR E 746 -21.55 -16.91 -0.86
CA TYR E 746 -22.38 -16.67 -2.03
C TYR E 746 -21.49 -16.36 -3.23
N SER E 747 -21.99 -16.70 -4.41
CA SER E 747 -21.28 -16.50 -5.67
C SER E 747 -21.90 -15.36 -6.44
N TYR E 748 -21.36 -15.11 -7.64
CA TYR E 748 -21.79 -13.99 -8.46
C TYR E 748 -21.54 -14.33 -9.93
N VAL E 749 -22.35 -13.74 -10.81
CA VAL E 749 -22.24 -13.99 -12.23
C VAL E 749 -21.16 -13.09 -12.84
N MET F 1 15.18 52.27 38.21
CA MET F 1 15.24 52.24 36.75
C MET F 1 16.56 52.81 36.25
N TYR F 2 17.42 53.24 37.17
CA TYR F 2 18.70 53.83 36.82
C TYR F 2 19.76 53.27 37.76
N VAL F 3 20.56 52.33 37.26
CA VAL F 3 21.60 51.70 38.05
C VAL F 3 22.89 52.49 37.92
N LYS F 4 23.69 52.49 38.98
CA LYS F 4 24.96 53.19 39.03
C LYS F 4 26.09 52.18 38.96
N LEU F 5 27.10 52.48 38.13
CA LEU F 5 28.21 51.57 37.88
C LEU F 5 29.51 52.26 38.27
N ILE F 6 29.90 52.15 39.53
CA ILE F 6 31.15 52.77 39.98
C ILE F 6 32.33 52.02 39.40
N SER F 7 33.28 52.76 38.84
CA SER F 7 34.49 52.17 38.29
C SER F 7 35.55 52.04 39.37
N SER F 8 36.73 51.55 38.98
CA SER F 8 37.85 51.47 39.92
C SER F 8 38.40 52.86 40.24
N ASP F 9 38.45 53.74 39.24
CA ASP F 9 38.96 55.09 39.44
C ASP F 9 37.85 56.07 39.79
N GLY F 10 36.97 55.68 40.71
CA GLY F 10 36.01 56.61 41.29
C GLY F 10 34.79 56.93 40.45
N HIS F 11 34.93 56.88 39.12
CA HIS F 11 33.87 57.34 38.24
C HIS F 11 32.60 56.52 38.42
N GLU F 12 31.46 57.21 38.48
CA GLU F 12 30.16 56.58 38.70
C GLU F 12 29.32 56.80 37.44
N PHE F 13 29.11 55.74 36.69
CA PHE F 13 28.35 55.79 35.44
C PHE F 13 26.92 55.36 35.71
N ILE F 14 25.97 56.25 35.45
CA ILE F 14 24.56 55.97 35.68
C ILE F 14 23.92 55.62 34.34
N VAL F 15 23.42 54.40 34.23
CA VAL F 15 22.78 53.90 33.03
C VAL F 15 21.49 53.19 33.43
N LYS F 16 20.57 53.06 32.48
CA LYS F 16 19.27 52.48 32.77
C LYS F 16 19.41 51.02 33.20
N ARG F 17 18.52 50.59 34.08
CA ARG F 17 18.53 49.21 34.55
C ARG F 17 18.27 48.25 33.40
N GLU F 18 17.34 48.59 32.51
CA GLU F 18 17.12 47.77 31.32
C GLU F 18 18.38 47.73 30.45
N HIS F 19 19.12 48.83 30.40
CA HIS F 19 20.35 48.85 29.62
C HIS F 19 21.41 47.95 30.23
N ALA F 20 21.58 48.02 31.55
CA ALA F 20 22.66 47.31 32.22
C ALA F 20 22.28 45.90 32.63
N LEU F 21 21.10 45.42 32.27
CA LEU F 21 20.75 44.03 32.49
C LEU F 21 21.08 43.16 31.30
N THR F 22 21.65 43.72 30.24
CA THR F 22 22.10 42.92 29.12
C THR F 22 23.42 42.21 29.40
N SER F 23 24.05 42.51 30.53
CA SER F 23 25.27 41.85 30.97
C SER F 23 24.93 40.89 32.09
N GLY F 24 25.41 39.65 31.97
CA GLY F 24 25.06 38.63 32.93
C GLY F 24 25.59 38.92 34.32
N THR F 25 26.81 39.48 34.41
CA THR F 25 27.41 39.72 35.72
C THR F 25 26.68 40.83 36.47
N ILE F 26 26.27 41.89 35.78
CA ILE F 26 25.50 42.93 36.47
C ILE F 26 24.11 42.42 36.84
N LYS F 27 23.52 41.58 35.98
CA LYS F 27 22.24 40.96 36.32
C LYS F 27 22.36 40.07 37.55
N ALA F 28 23.51 39.40 37.73
CA ALA F 28 23.75 38.61 38.92
C ALA F 28 24.08 39.47 40.13
N MET F 29 24.77 40.60 39.92
CA MET F 29 25.11 41.50 41.01
C MET F 29 23.87 42.18 41.56
N LEU F 30 22.89 42.45 40.72
CA LEU F 30 21.62 43.03 41.16
C LEU F 30 20.61 41.97 41.57
N SER F 31 20.97 40.69 41.53
CA SER F 31 20.10 39.60 41.94
C SER F 31 20.73 38.93 43.16
N GLY F 32 20.20 39.24 44.34
CA GLY F 32 20.72 38.71 45.57
C GLY F 32 20.80 39.78 46.64
N PRO F 33 21.79 39.66 47.53
CA PRO F 33 22.03 40.74 48.50
C PRO F 33 22.44 42.06 47.86
N GLY F 34 22.89 42.05 46.60
CA GLY F 34 23.17 43.28 45.91
C GLY F 34 21.94 44.09 45.58
N GLN F 35 20.77 43.44 45.52
CA GLN F 35 19.52 44.16 45.35
C GLN F 35 19.10 44.89 46.62
N PHE F 36 19.67 44.52 47.77
CA PHE F 36 19.29 45.11 49.04
C PHE F 36 19.95 46.46 49.30
N ALA F 37 20.49 47.11 48.27
CA ALA F 37 20.97 48.48 48.42
C ALA F 37 19.82 49.48 48.36
N GLU F 38 18.82 49.21 47.53
CA GLU F 38 17.68 50.10 47.29
C GLU F 38 18.11 51.52 46.96
N ASN F 39 17.42 52.50 47.57
CA ASN F 39 17.66 53.92 47.35
C ASN F 39 17.43 54.34 45.90
N GLU F 40 16.74 53.49 45.13
CA GLU F 40 16.36 53.72 43.74
C GLU F 40 17.57 53.76 42.82
N THR F 41 18.78 53.64 43.38
CA THR F 41 20.00 53.80 42.59
C THR F 41 20.64 52.47 42.19
N ASN F 42 20.59 51.46 43.05
CA ASN F 42 21.09 50.11 42.76
C ASN F 42 22.52 50.14 42.21
N GLU F 43 23.42 50.72 42.99
CA GLU F 43 24.80 50.88 42.54
C GLU F 43 25.55 49.56 42.60
N VAL F 44 26.56 49.44 41.74
CA VAL F 44 27.46 48.29 41.72
C VAL F 44 28.89 48.82 41.72
N ASN F 45 29.75 48.19 42.51
CA ASN F 45 31.12 48.66 42.69
C ASN F 45 32.06 47.77 41.89
N PHE F 46 32.51 48.27 40.75
CA PHE F 46 33.48 47.56 39.92
C PHE F 46 34.87 48.00 40.36
N ARG F 47 35.44 47.27 41.31
CA ARG F 47 36.78 47.59 41.79
C ARG F 47 37.86 47.21 40.80
N GLU F 48 37.52 46.53 39.70
CA GLU F 48 38.51 46.02 38.76
C GLU F 48 38.67 46.90 37.53
N ILE F 49 37.59 47.12 36.78
CA ILE F 49 37.68 47.76 35.47
C ILE F 49 37.88 49.26 35.62
N PRO F 50 38.85 49.85 34.91
CA PRO F 50 39.04 51.30 34.98
C PRO F 50 37.89 52.10 34.38
N SER F 51 38.02 53.41 34.38
CA SER F 51 36.90 54.27 34.00
C SER F 51 36.61 54.21 32.51
N HIS F 52 37.65 54.17 31.67
CA HIS F 52 37.40 54.22 30.23
C HIS F 52 36.72 52.96 29.74
N VAL F 53 37.12 51.79 30.24
CA VAL F 53 36.48 50.56 29.79
C VAL F 53 35.06 50.44 30.31
N LEU F 54 34.80 50.94 31.53
CA LEU F 54 33.43 50.94 32.03
C LEU F 54 32.56 51.90 31.23
N SER F 55 33.12 53.05 30.82
CA SER F 55 32.39 53.95 29.93
C SER F 55 32.09 53.27 28.61
N LYS F 56 33.05 52.51 28.07
CA LYS F 56 32.83 51.84 26.80
C LYS F 56 31.80 50.73 26.92
N VAL F 57 31.77 50.00 28.04
CA VAL F 57 30.73 48.97 28.17
C VAL F 57 29.37 49.60 28.43
N CYS F 58 29.32 50.78 29.07
CA CYS F 58 28.04 51.47 29.20
C CYS F 58 27.54 51.95 27.84
N MET F 59 28.44 52.50 27.02
CA MET F 59 28.10 52.86 25.66
C MET F 59 27.68 51.64 24.86
N TYR F 60 28.27 50.48 25.14
CA TYR F 60 27.81 49.27 24.46
C TYR F 60 26.44 48.83 24.94
N PHE F 61 26.15 49.02 26.23
CA PHE F 61 24.80 48.73 26.72
C PHE F 61 23.79 49.55 25.96
N THR F 62 24.07 50.85 25.82
CA THR F 62 23.22 51.73 25.03
C THR F 62 23.13 51.28 23.58
N TYR F 63 24.27 50.91 23.00
CA TYR F 63 24.34 50.53 21.58
C TYR F 63 23.55 49.25 21.32
N LYS F 64 23.62 48.28 22.23
CA LYS F 64 22.89 47.04 22.03
C LYS F 64 21.40 47.23 22.29
N VAL F 65 21.03 48.02 23.30
CA VAL F 65 19.62 48.29 23.53
C VAL F 65 19.00 48.99 22.33
N ARG F 66 19.74 49.95 21.74
CA ARG F 66 19.24 50.62 20.56
C ARG F 66 19.16 49.66 19.37
N TYR F 67 20.29 49.10 18.96
CA TYR F 67 20.36 48.29 17.74
C TYR F 67 20.22 46.80 18.06
N THR F 68 19.11 46.44 18.71
CA THR F 68 18.85 45.03 19.00
C THR F 68 17.93 44.37 18.00
N ASN F 69 17.03 45.13 17.35
CA ASN F 69 16.19 44.56 16.31
C ASN F 69 16.97 44.38 15.01
N SER F 70 17.86 45.34 14.70
CA SER F 70 18.65 45.34 13.47
C SER F 70 17.74 45.26 12.24
N SER F 71 16.88 46.29 12.10
CA SER F 71 15.93 46.32 11.01
C SER F 71 16.63 46.44 9.66
N THR F 72 17.57 47.39 9.55
CA THR F 72 18.31 47.60 8.31
C THR F 72 19.79 47.30 8.47
N GLU F 73 20.47 47.97 9.40
CA GLU F 73 21.91 47.81 9.56
C GLU F 73 22.32 48.37 10.92
N ILE F 74 23.29 47.72 11.53
CA ILE F 74 23.90 48.17 12.79
C ILE F 74 25.24 48.81 12.46
N PRO F 75 25.45 50.08 12.80
CA PRO F 75 26.75 50.70 12.51
C PRO F 75 27.82 50.16 13.44
N GLU F 76 29.07 50.29 13.00
CA GLU F 76 30.18 49.68 13.71
C GLU F 76 30.37 50.31 15.08
N PHE F 77 30.77 49.49 16.05
CA PHE F 77 31.08 49.96 17.39
C PHE F 77 32.55 50.35 17.45
N PRO F 78 32.88 51.60 17.76
CA PRO F 78 34.27 52.08 17.67
C PRO F 78 35.15 51.70 18.87
N ILE F 79 35.70 50.49 18.83
CA ILE F 79 36.66 50.06 19.84
C ILE F 79 38.00 50.69 19.51
N ALA F 80 38.50 51.52 20.43
CA ALA F 80 39.82 52.12 20.24
C ALA F 80 40.89 51.03 20.32
N PRO F 81 41.98 51.18 19.56
CA PRO F 81 43.05 50.17 19.61
C PRO F 81 43.66 50.02 20.99
N GLU F 82 43.77 51.11 21.76
CA GLU F 82 44.32 51.02 23.10
C GLU F 82 43.31 50.46 24.10
N ILE F 83 42.01 50.67 23.88
CA ILE F 83 41.01 50.20 24.82
C ILE F 83 40.70 48.72 24.65
N ALA F 84 41.02 48.13 23.50
CA ALA F 84 40.85 46.70 23.34
C ALA F 84 41.91 45.97 24.15
N LEU F 85 41.62 44.70 24.45
CA LEU F 85 42.39 43.81 25.33
C LEU F 85 42.21 44.22 26.78
N GLU F 86 41.57 45.35 27.00
CA GLU F 86 41.11 45.79 28.30
C GLU F 86 39.61 45.89 28.37
N LEU F 87 38.97 46.09 27.21
CA LEU F 87 37.54 45.90 27.05
C LEU F 87 37.18 44.45 26.79
N LEU F 88 38.12 43.64 26.32
CA LEU F 88 37.85 42.23 26.13
C LEU F 88 37.72 41.51 27.46
N MET F 89 38.64 41.77 28.39
CA MET F 89 38.51 41.21 29.73
C MET F 89 37.28 41.75 30.44
N ALA F 90 36.98 43.04 30.23
CA ALA F 90 35.78 43.63 30.83
C ALA F 90 34.51 42.98 30.29
N ALA F 91 34.44 42.74 28.98
CA ALA F 91 33.26 42.12 28.39
C ALA F 91 33.17 40.64 28.72
N ASN F 92 34.30 39.99 29.02
CA ASN F 92 34.27 38.63 29.53
C ASN F 92 33.74 38.59 30.96
N PHE F 93 34.25 39.49 31.80
CA PHE F 93 33.82 39.55 33.20
C PHE F 93 32.33 39.87 33.28
N LEU F 94 31.86 40.83 32.49
CA LEU F 94 30.46 41.22 32.52
C LEU F 94 29.58 40.29 31.70
N ASP F 95 30.17 39.36 30.94
CA ASP F 95 29.42 38.43 30.09
C ASP F 95 28.49 39.19 29.14
N CYS F 96 28.99 40.29 28.58
CA CYS F 96 28.23 41.10 27.66
C CYS F 96 27.99 40.38 26.34
N ASP G 2 16.16 59.62 17.55
CA ASP G 2 16.58 59.71 18.94
C ASP G 2 18.01 60.23 19.05
N VAL G 3 18.33 60.81 20.20
CA VAL G 3 19.65 61.34 20.49
C VAL G 3 20.09 60.83 21.85
N PHE G 4 21.33 60.35 21.95
CA PHE G 4 21.85 59.76 23.16
C PHE G 4 22.97 60.62 23.71
N LEU G 5 22.94 60.88 25.01
CA LEU G 5 23.80 61.86 25.64
C LEU G 5 24.53 61.26 26.82
N MET G 6 25.75 61.77 27.04
CA MET G 6 26.61 61.38 28.16
C MET G 6 26.78 62.64 29.02
N ILE G 7 25.83 62.84 29.92
CA ILE G 7 25.81 64.02 30.79
C ILE G 7 26.81 63.79 31.92
N ARG G 8 27.86 64.58 31.97
CA ARG G 8 28.90 64.40 32.97
C ARG G 8 28.84 65.49 34.02
N ARG G 9 29.11 65.10 35.27
CA ARG G 9 29.16 66.03 36.40
C ARG G 9 30.26 65.50 37.32
N HIS G 10 31.47 66.04 37.16
CA HIS G 10 32.67 65.53 37.82
C HIS G 10 32.82 64.04 37.56
N LYS G 11 32.75 63.23 38.63
CA LYS G 11 32.83 61.78 38.48
C LYS G 11 31.51 61.21 37.96
N THR G 12 30.39 61.74 38.42
CA THR G 12 29.06 61.19 38.13
C THR G 12 28.74 61.35 36.65
N THR G 13 28.83 60.27 35.90
CA THR G 13 28.48 60.26 34.48
C THR G 13 27.11 59.61 34.31
N ILE G 14 26.33 60.11 33.36
CA ILE G 14 24.95 59.71 33.17
C ILE G 14 24.72 59.45 31.69
N PHE G 15 24.07 58.34 31.37
CA PHE G 15 23.75 58.00 29.99
C PHE G 15 22.24 58.11 29.79
N THR G 16 21.82 59.03 28.92
CA THR G 16 20.40 59.37 28.78
C THR G 16 19.98 59.36 27.33
N ASP G 17 18.86 58.69 27.05
CA ASP G 17 18.19 58.79 25.76
C ASP G 17 17.19 59.94 25.80
N ALA G 18 17.10 60.66 24.69
CA ALA G 18 16.14 61.75 24.56
C ALA G 18 15.72 61.86 23.10
N LYS G 19 14.67 62.62 22.86
CA LYS G 19 14.16 62.83 21.51
C LYS G 19 14.63 64.17 20.96
N GLU G 20 14.85 64.22 19.65
CA GLU G 20 15.23 65.47 19.01
C GLU G 20 14.13 66.52 19.15
N SER G 21 12.86 66.11 19.01
CA SER G 21 11.73 67.02 19.15
C SER G 21 11.35 67.16 20.63
N SER G 22 12.32 67.62 21.41
CA SER G 22 12.13 67.85 22.83
C SER G 22 13.02 69.01 23.26
N THR G 23 12.74 69.55 24.44
CA THR G 23 13.49 70.67 24.97
C THR G 23 14.46 70.19 26.05
N VAL G 24 15.39 71.08 26.42
CA VAL G 24 16.27 70.79 27.55
C VAL G 24 15.55 70.81 28.88
N PHE G 25 14.29 71.26 28.89
CA PHE G 25 13.44 71.09 30.06
C PHE G 25 13.32 69.62 30.43
N GLU G 26 13.07 68.76 29.44
CA GLU G 26 12.97 67.33 29.69
C GLU G 26 14.30 66.76 30.15
N LEU G 27 15.41 67.25 29.59
CA LEU G 27 16.73 66.80 30.02
C LEU G 27 16.99 67.16 31.48
N LYS G 28 16.63 68.38 31.88
CA LYS G 28 16.81 68.80 33.26
C LYS G 28 15.93 67.99 34.19
N ARG G 29 14.69 67.70 33.77
CA ARG G 29 13.82 66.87 34.61
C ARG G 29 14.38 65.46 34.75
N ILE G 30 14.94 64.90 33.68
CA ILE G 30 15.52 63.56 33.75
C ILE G 30 16.70 63.55 34.71
N VAL G 31 17.61 64.54 34.58
CA VAL G 31 18.81 64.51 35.41
C VAL G 31 18.48 64.81 36.86
N GLU G 32 17.46 65.62 37.14
CA GLU G 32 17.09 65.84 38.54
C GLU G 32 16.34 64.64 39.12
N GLY G 33 15.59 63.91 38.29
CA GLY G 33 14.94 62.71 38.77
C GLY G 33 15.94 61.61 39.09
N ILE G 34 16.98 61.46 38.26
CA ILE G 34 17.97 60.41 38.48
C ILE G 34 19.15 60.88 39.32
N LEU G 35 19.18 62.15 39.73
CA LEU G 35 20.23 62.66 40.61
C LEU G 35 19.71 63.13 41.96
N LYS G 36 18.40 63.13 42.18
CA LYS G 36 17.79 63.54 43.45
C LYS G 36 18.21 64.95 43.85
N ARG G 37 18.02 65.88 42.93
CA ARG G 37 18.34 67.28 43.14
C ARG G 37 17.16 68.15 42.73
N PRO G 38 17.03 69.35 43.30
CA PRO G 38 16.00 70.28 42.84
C PRO G 38 16.22 70.64 41.38
N PRO G 39 15.14 70.80 40.61
CA PRO G 39 15.25 70.92 39.15
C PRO G 39 15.57 72.33 38.64
N ASP G 40 16.45 73.03 39.37
CA ASP G 40 16.86 74.37 38.95
C ASP G 40 18.36 74.61 39.00
N GLU G 41 19.12 73.86 39.79
CA GLU G 41 20.55 74.07 39.89
C GLU G 41 21.33 73.40 38.76
N GLN G 42 20.68 72.52 38.00
CA GLN G 42 21.36 71.81 36.91
C GLN G 42 21.63 72.79 35.78
N ARG G 43 22.89 73.20 35.66
CA ARG G 43 23.32 74.13 34.63
C ARG G 43 24.24 73.38 33.68
N LEU G 44 23.77 73.13 32.46
CA LEU G 44 24.57 72.41 31.49
C LEU G 44 25.65 73.32 30.90
N TYR G 45 26.78 72.71 30.57
CA TYR G 45 27.97 73.40 30.09
C TYR G 45 28.52 72.72 28.85
N LYS G 46 27.64 72.45 27.89
CA LYS G 46 28.03 71.75 26.66
C LYS G 46 29.09 72.52 25.89
N ASP G 47 30.31 71.99 25.86
CA ASP G 47 31.45 72.62 25.20
C ASP G 47 31.71 74.03 25.74
N ASP G 48 31.64 74.16 27.07
CA ASP G 48 31.96 75.37 27.83
C ASP G 48 31.02 76.54 27.56
N GLN G 49 29.97 76.34 26.78
CA GLN G 49 29.01 77.40 26.49
C GLN G 49 27.63 76.99 27.01
N LEU G 50 27.00 77.89 27.77
CA LEU G 50 25.67 77.61 28.30
C LEU G 50 24.65 77.64 27.19
N LEU G 51 23.48 77.06 27.47
CA LEU G 51 22.38 77.01 26.51
C LEU G 51 21.08 77.37 27.21
N ASP G 52 20.12 77.87 26.43
CA ASP G 52 18.86 78.34 26.98
C ASP G 52 18.05 77.18 27.55
N ASP G 53 17.24 77.50 28.56
CA ASP G 53 16.46 76.52 29.29
C ASP G 53 15.17 76.11 28.58
N GLY G 54 14.83 76.76 27.47
CA GLY G 54 13.59 76.44 26.78
C GLY G 54 13.80 75.97 25.36
N LYS G 55 14.97 76.23 24.79
CA LYS G 55 15.24 75.84 23.42
C LYS G 55 15.44 74.33 23.32
N THR G 56 15.12 73.78 22.15
CA THR G 56 15.23 72.35 21.92
C THR G 56 16.69 71.93 21.87
N LEU G 57 16.96 70.71 22.34
CA LEU G 57 18.33 70.21 22.37
C LEU G 57 18.83 69.78 21.00
N GLY G 58 17.94 69.60 20.02
CA GLY G 58 18.38 69.36 18.67
C GLY G 58 19.07 70.58 18.07
N GLU G 59 18.59 71.77 18.39
CA GLU G 59 19.19 73.01 17.93
C GLU G 59 20.39 73.42 18.77
N CYS G 60 20.59 72.81 19.93
CA CYS G 60 21.68 73.21 20.82
C CYS G 60 23.06 72.95 20.23
N GLY G 61 23.16 72.12 19.18
CA GLY G 61 24.44 71.92 18.53
C GLY G 61 24.71 70.48 18.14
N PHE G 62 24.00 69.55 18.77
CA PHE G 62 24.16 68.12 18.53
C PHE G 62 22.87 67.55 17.97
N THR G 63 22.99 66.75 16.92
CA THR G 63 21.86 66.17 16.21
C THR G 63 21.85 64.65 16.40
N SER G 64 20.88 64.00 15.75
CA SER G 64 20.76 62.56 15.86
C SER G 64 21.93 61.84 15.18
N GLN G 65 22.46 62.42 14.11
CA GLN G 65 23.58 61.83 13.41
C GLN G 65 24.92 62.11 14.08
N THR G 66 24.94 62.93 15.12
CA THR G 66 26.17 63.27 15.83
C THR G 66 26.30 62.55 17.17
N ALA G 67 25.28 62.66 18.03
CA ALA G 67 25.31 62.02 19.33
C ALA G 67 24.68 60.63 19.25
N ARG G 68 25.33 59.77 18.48
CA ARG G 68 24.88 58.40 18.29
C ARG G 68 25.12 57.60 19.58
N PRO G 69 24.45 56.45 19.73
CA PRO G 69 24.67 55.65 20.96
C PRO G 69 26.11 55.24 21.18
N GLN G 70 26.86 55.02 20.09
CA GLN G 70 28.23 54.54 20.20
C GLN G 70 29.14 55.57 20.88
N ALA G 71 28.99 56.84 20.54
CA ALA G 71 29.77 57.92 21.14
C ALA G 71 28.81 59.05 21.51
N PRO G 72 28.19 58.97 22.68
CA PRO G 72 27.27 60.04 23.09
C PRO G 72 28.00 61.37 23.29
N ALA G 73 27.29 62.45 23.02
CA ALA G 73 27.87 63.79 23.16
C ALA G 73 27.97 64.16 24.64
N THR G 74 29.13 64.66 25.03
CA THR G 74 29.35 65.04 26.42
C THR G 74 28.62 66.33 26.74
N VAL G 75 27.91 66.34 27.87
CA VAL G 75 27.18 67.50 28.37
C VAL G 75 27.60 67.70 29.81
N GLY G 76 28.52 68.63 30.05
CA GLY G 76 28.96 68.90 31.40
C GLY G 76 27.85 69.47 32.26
N LEU G 77 27.95 69.24 33.56
CA LEU G 77 26.90 69.66 34.48
C LEU G 77 27.53 70.32 35.70
N ALA G 78 26.74 71.17 36.36
CA ALA G 78 27.17 71.84 37.57
C ALA G 78 25.96 72.16 38.42
N PHE G 79 26.19 72.36 39.71
CA PHE G 79 25.14 72.66 40.67
C PHE G 79 25.50 73.91 41.46
N ARG G 80 24.47 74.61 41.93
CA ARG G 80 24.67 75.79 42.75
C ARG G 80 25.26 75.40 44.10
N ALA G 81 26.13 76.25 44.62
CA ALA G 81 26.77 76.00 45.92
C ALA G 81 25.81 76.29 47.07
N PHE G 85 27.09 79.38 39.71
CA PHE G 85 27.19 77.92 39.71
C PHE G 85 28.60 77.47 40.06
N GLU G 86 28.75 76.17 40.26
CA GLU G 86 30.07 75.61 40.55
C GLU G 86 30.94 75.62 39.30
N ALA G 87 32.25 75.65 39.51
CA ALA G 87 33.19 75.66 38.39
C ALA G 87 33.16 74.31 37.67
N LEU G 88 33.34 74.35 36.35
CA LEU G 88 33.34 73.15 35.54
C LEU G 88 34.67 72.43 35.71
N CYS G 89 34.65 71.32 36.45
CA CYS G 89 35.83 70.52 36.74
C CYS G 89 35.62 69.07 36.34
N ILE G 90 35.15 68.87 35.12
CA ILE G 90 34.87 67.52 34.61
C ILE G 90 36.15 66.71 34.61
N GLU G 91 36.19 65.67 35.42
CA GLU G 91 37.37 64.82 35.50
C GLU G 91 37.48 63.96 34.24
N PRO G 92 38.68 63.81 33.68
CA PRO G 92 38.83 62.96 32.50
C PRO G 92 38.85 61.49 32.88
N PHE G 93 38.64 60.65 31.88
CA PHE G 93 38.65 59.22 32.08
C PHE G 93 40.06 58.71 32.35
N SER G 94 40.15 57.46 32.78
CA SER G 94 41.44 56.86 33.10
C SER G 94 42.29 56.73 31.83
N SER G 95 43.59 56.91 32.01
CA SER G 95 44.51 56.86 30.88
C SER G 95 44.69 55.43 30.40
N PRO G 96 44.46 55.14 29.12
CA PRO G 96 44.68 53.79 28.62
C PRO G 96 46.16 53.44 28.68
N PRO G 97 46.50 52.15 28.82
CA PRO G 97 47.91 51.74 29.03
C PRO G 97 48.75 51.72 27.74
N GLU G 98 49.26 52.90 27.40
CA GLU G 98 50.27 53.09 26.34
C GLU G 98 49.66 52.68 25.00
N LEU G 99 50.25 51.75 24.26
CA LEU G 99 49.82 51.39 22.92
C LEU G 99 49.67 49.88 22.81
N PRO G 100 48.80 49.40 21.89
CA PRO G 100 48.62 47.99 21.57
C PRO G 100 49.92 47.22 21.38
N PHE H 360 23.53 -17.74 -42.77
CA PHE H 360 23.62 -19.20 -42.81
C PHE H 360 22.47 -19.80 -43.61
N GLU H 361 21.44 -18.99 -43.86
CA GLU H 361 20.27 -19.47 -44.59
C GLU H 361 20.64 -19.91 -46.01
N GLN H 362 21.43 -19.09 -46.70
CA GLN H 362 21.83 -19.43 -48.07
C GLN H 362 22.70 -20.68 -48.09
N CYS H 363 23.62 -20.80 -47.13
CA CYS H 363 24.46 -21.99 -47.06
C CYS H 363 23.64 -23.24 -46.80
N ILE H 364 22.66 -23.14 -45.88
CA ILE H 364 21.79 -24.27 -45.59
C ILE H 364 21.00 -24.66 -46.82
N LYS H 365 20.45 -23.68 -47.53
CA LYS H 365 19.65 -23.98 -48.72
C LYS H 365 20.50 -24.62 -49.82
N LEU H 366 21.70 -24.10 -50.06
CA LEU H 366 22.57 -24.67 -51.09
C LEU H 366 22.99 -26.09 -50.73
N TRP H 367 23.35 -26.31 -49.46
CA TRP H 367 23.71 -27.65 -49.02
C TRP H 367 22.53 -28.61 -49.14
N LEU H 368 21.33 -28.16 -48.79
CA LEU H 368 20.14 -28.99 -48.92
C LEU H 368 19.86 -29.35 -50.37
N HIS H 369 20.02 -28.39 -51.28
CA HIS H 369 19.83 -28.67 -52.70
C HIS H 369 20.86 -29.67 -53.20
N ALA H 370 22.12 -29.51 -52.79
CA ALA H 370 23.15 -30.47 -53.20
C ALA H 370 22.86 -31.86 -52.65
N LEU H 371 22.40 -31.94 -51.41
CA LEU H 371 22.05 -33.23 -50.82
C LEU H 371 20.88 -33.88 -51.54
N HIS H 372 19.87 -33.09 -51.91
CA HIS H 372 18.75 -33.61 -52.68
C HIS H 372 19.22 -34.13 -54.04
N LEU H 373 20.09 -33.37 -54.71
CA LEU H 373 20.59 -33.79 -56.01
C LEU H 373 21.39 -35.08 -55.90
N ARG H 374 22.22 -35.21 -54.87
CA ARG H 374 22.99 -36.43 -54.69
C ARG H 374 22.09 -37.62 -54.34
N GLN H 375 21.06 -37.38 -53.53
CA GLN H 375 20.17 -38.45 -53.13
C GLN H 375 19.34 -38.95 -54.30
N LYS H 376 18.86 -38.04 -55.15
CA LYS H 376 18.06 -38.45 -56.29
C LYS H 376 18.87 -39.28 -57.28
N GLY H 377 20.19 -39.11 -57.31
CA GLY H 377 21.07 -39.87 -58.16
C GLY H 377 21.53 -41.19 -57.61
N ASN H 378 21.04 -41.58 -56.42
CA ASN H 378 21.42 -42.82 -55.75
C ASN H 378 22.93 -42.89 -55.53
N ARG H 379 23.44 -41.93 -54.77
CA ARG H 379 24.84 -41.84 -54.44
C ARG H 379 25.02 -41.80 -52.93
N ASN H 380 26.23 -42.16 -52.49
CA ASN H 380 26.53 -42.17 -51.07
C ASN H 380 26.53 -40.75 -50.51
N THR H 381 25.79 -40.54 -49.42
CA THR H 381 25.63 -39.20 -48.85
C THR H 381 25.98 -39.18 -47.37
N HIS H 382 26.70 -40.18 -46.86
CA HIS H 382 27.10 -40.17 -45.46
C HIS H 382 28.04 -39.00 -45.16
N LYS H 383 28.98 -38.72 -46.07
CA LYS H 383 29.84 -37.57 -45.90
C LYS H 383 29.07 -36.27 -46.03
N ASP H 384 28.11 -36.21 -46.96
CA ASP H 384 27.29 -35.01 -47.11
C ASP H 384 26.44 -34.77 -45.87
N LEU H 385 25.81 -35.81 -45.34
CA LEU H 385 25.03 -35.67 -44.12
C LEU H 385 25.91 -35.27 -42.94
N LEU H 386 27.12 -35.84 -42.87
CA LEU H 386 28.05 -35.52 -41.80
C LEU H 386 28.46 -34.06 -41.85
N ARG H 387 28.81 -33.56 -43.04
CA ARG H 387 29.19 -32.16 -43.18
C ARG H 387 28.00 -31.24 -42.90
N PHE H 388 26.81 -31.68 -43.30
CA PHE H 388 25.61 -30.88 -43.07
C PHE H 388 25.28 -30.77 -41.58
N ALA H 389 25.45 -31.88 -40.84
CA ALA H 389 25.28 -31.84 -39.39
C ALA H 389 26.36 -30.99 -38.73
N GLN H 390 27.58 -31.03 -39.29
CA GLN H 390 28.64 -30.15 -38.79
C GLN H 390 28.25 -28.69 -38.96
N VAL H 391 27.60 -28.37 -40.09
CA VAL H 391 27.14 -27.01 -40.34
C VAL H 391 26.07 -26.61 -39.32
N PHE H 392 25.11 -27.50 -39.05
CA PHE H 392 24.13 -27.19 -38.00
C PHE H 392 24.79 -26.99 -36.65
N SER H 393 25.78 -27.82 -36.30
CA SER H 393 26.41 -27.67 -35.00
C SER H 393 27.17 -26.35 -34.91
N GLN H 394 27.85 -25.97 -35.99
CA GLN H 394 28.54 -24.69 -36.02
C GLN H 394 27.55 -23.54 -35.89
N MET H 395 26.40 -23.65 -36.53
CA MET H 395 25.38 -22.61 -36.40
C MET H 395 24.79 -22.56 -35.00
N ILE H 396 24.65 -23.72 -34.35
CA ILE H 396 24.18 -23.77 -32.97
C ILE H 396 25.18 -23.10 -32.04
N HIS H 397 26.47 -23.36 -32.25
CA HIS H 397 27.50 -22.79 -31.40
C HIS H 397 27.55 -21.27 -31.47
N LEU H 398 27.00 -20.68 -32.53
CA LEU H 398 26.94 -19.23 -32.66
C LEU H 398 25.65 -18.64 -32.13
N ASN H 399 24.76 -19.46 -31.55
CA ASN H 399 23.50 -19.02 -30.94
C ASN H 399 22.62 -18.27 -31.94
N GLU H 400 22.19 -18.99 -32.96
CA GLU H 400 21.34 -18.44 -34.02
C GLU H 400 20.07 -19.27 -34.14
N THR H 401 18.99 -18.60 -34.53
CA THR H 401 17.70 -19.27 -34.67
C THR H 401 17.75 -20.32 -35.76
N VAL H 402 17.18 -21.48 -35.49
CA VAL H 402 17.25 -22.65 -36.38
C VAL H 402 15.88 -22.90 -36.98
N LYS H 403 15.85 -23.08 -38.30
CA LYS H 403 14.61 -23.46 -38.96
C LYS H 403 14.30 -24.93 -38.67
N ALA H 404 13.01 -25.23 -38.60
CA ALA H 404 12.51 -26.60 -38.45
C ALA H 404 12.36 -27.38 -39.77
N PRO H 405 11.85 -26.79 -40.86
CA PRO H 405 11.64 -27.60 -42.09
C PRO H 405 12.91 -28.23 -42.64
N ASP H 406 14.05 -27.52 -42.58
CA ASP H 406 15.29 -28.14 -43.05
C ASP H 406 15.72 -29.28 -42.13
N ILE H 407 15.47 -29.14 -40.82
CA ILE H 407 15.77 -30.21 -39.87
C ILE H 407 14.95 -31.46 -40.22
N GLU H 408 13.64 -31.29 -40.44
CA GLU H 408 12.83 -32.47 -40.71
C GLU H 408 13.13 -33.06 -42.10
N CYS H 409 13.45 -32.20 -43.08
CA CYS H 409 13.84 -32.70 -44.39
C CYS H 409 15.14 -33.50 -44.33
N VAL H 410 16.14 -33.00 -43.59
CA VAL H 410 17.38 -33.75 -43.50
C VAL H 410 17.21 -34.99 -42.64
N LEU H 411 16.27 -34.98 -41.70
CA LEU H 411 15.97 -36.21 -40.96
C LEU H 411 15.39 -37.27 -41.88
N ARG H 412 14.46 -36.87 -42.75
CA ARG H 412 13.92 -37.81 -43.73
C ARG H 412 15.02 -38.32 -44.67
N CYS H 413 15.88 -37.41 -45.12
CA CYS H 413 16.99 -37.82 -45.98
C CYS H 413 17.92 -38.78 -45.26
N SER H 414 18.17 -38.56 -43.98
CA SER H 414 19.07 -39.41 -43.22
C SER H 414 18.47 -40.80 -43.00
N VAL H 415 17.18 -40.88 -42.70
CA VAL H 415 16.58 -42.20 -42.51
C VAL H 415 16.53 -42.95 -43.84
N LEU H 416 16.28 -42.24 -44.95
CA LEU H 416 16.33 -42.88 -46.26
C LEU H 416 17.73 -43.36 -46.59
N GLU H 417 18.75 -42.56 -46.25
CA GLU H 417 20.13 -42.95 -46.53
C GLU H 417 20.55 -44.13 -45.68
N ILE H 418 20.06 -44.21 -44.43
CA ILE H 418 20.39 -45.35 -43.57
C ILE H 418 19.72 -46.61 -44.09
N GLU H 419 18.47 -46.50 -44.56
CA GLU H 419 17.82 -47.64 -45.19
C GLU H 419 18.58 -48.11 -46.42
N GLN H 420 19.03 -47.15 -47.25
CA GLN H 420 19.80 -47.50 -48.43
C GLN H 420 21.14 -48.13 -48.08
N SER H 421 21.77 -47.65 -47.00
CA SER H 421 23.03 -48.22 -46.54
C SER H 421 22.84 -49.66 -46.06
N MET H 422 21.74 -49.92 -45.36
CA MET H 422 21.43 -51.30 -44.96
C MET H 422 21.20 -52.17 -46.19
N ASN H 423 20.51 -51.64 -47.19
CA ASN H 423 20.30 -52.37 -48.43
C ASN H 423 21.63 -52.69 -49.11
N ARG H 424 22.55 -51.73 -49.12
CA ARG H 424 23.85 -51.94 -49.76
C ARG H 424 24.68 -52.96 -49.00
N VAL H 425 24.71 -52.89 -47.67
CA VAL H 425 25.53 -53.82 -46.89
C VAL H 425 24.91 -55.19 -46.81
N LYS H 426 23.62 -55.33 -47.15
CA LYS H 426 22.99 -56.64 -47.10
C LYS H 426 23.66 -57.66 -48.00
N ASN H 427 24.21 -57.23 -49.14
CA ASN H 427 24.90 -58.15 -50.06
C ASN H 427 25.93 -57.37 -50.87
N ILE H 428 27.20 -57.49 -50.50
CA ILE H 428 28.28 -56.79 -51.17
C ILE H 428 29.59 -57.45 -50.79
N SER H 429 30.66 -57.17 -51.56
CA SER H 429 31.95 -57.80 -51.33
C SER H 429 32.54 -57.38 -49.98
N ASP H 430 33.53 -58.17 -49.53
CA ASP H 430 34.02 -58.07 -48.15
C ASP H 430 34.67 -56.72 -47.86
N ALA H 431 35.53 -56.24 -48.78
CA ALA H 431 36.08 -54.90 -48.62
C ALA H 431 34.96 -53.86 -48.69
N ASP H 432 34.03 -54.05 -49.61
CA ASP H 432 32.84 -53.21 -49.62
C ASP H 432 31.94 -53.48 -48.43
N VAL H 433 31.99 -54.66 -47.82
CA VAL H 433 31.27 -54.89 -46.56
C VAL H 433 31.83 -53.97 -45.47
N HIS H 434 33.16 -53.92 -45.36
CA HIS H 434 33.77 -53.03 -44.37
C HIS H 434 33.45 -51.57 -44.66
N ASN H 435 33.54 -51.17 -45.94
CA ASN H 435 33.23 -49.79 -46.31
C ASN H 435 31.77 -49.45 -46.02
N ALA H 436 30.85 -50.36 -46.34
CA ALA H 436 29.44 -50.11 -46.11
C ALA H 436 29.10 -50.10 -44.64
N MET H 437 29.75 -50.96 -43.84
CA MET H 437 29.52 -50.93 -42.41
C MET H 437 30.02 -49.63 -41.80
N ASP H 438 31.20 -49.16 -42.23
CA ASP H 438 31.72 -47.89 -41.72
C ASP H 438 30.80 -46.73 -42.11
N ASN H 439 30.37 -46.69 -43.38
CA ASN H 439 29.49 -45.61 -43.82
C ASN H 439 28.13 -45.68 -43.15
N TYR H 440 27.62 -46.88 -42.88
CA TYR H 440 26.31 -47.04 -42.24
C TYR H 440 26.37 -46.65 -40.78
N GLU H 441 27.44 -47.02 -40.07
CA GLU H 441 27.61 -46.55 -38.70
C GLU H 441 27.78 -45.03 -38.66
N CYS H 442 28.50 -44.47 -39.64
CA CYS H 442 28.63 -43.02 -39.72
C CYS H 442 27.27 -42.37 -39.98
N ASN H 443 26.45 -42.98 -40.82
CA ASN H 443 25.10 -42.47 -41.06
C ASN H 443 24.27 -42.51 -39.78
N LEU H 444 24.42 -43.58 -38.99
CA LEU H 444 23.72 -43.68 -37.71
C LEU H 444 24.17 -42.58 -36.76
N TYR H 445 25.48 -42.34 -36.67
CA TYR H 445 25.99 -41.29 -35.81
C TYR H 445 25.50 -39.92 -36.27
N THR H 446 25.46 -39.69 -37.58
CA THR H 446 24.96 -38.42 -38.08
C THR H 446 23.48 -38.25 -37.80
N PHE H 447 22.70 -39.33 -37.85
CA PHE H 447 21.31 -39.25 -37.44
C PHE H 447 21.20 -38.88 -35.97
N LEU H 448 22.08 -39.43 -35.13
CA LEU H 448 22.10 -39.06 -33.72
C LEU H 448 22.42 -37.59 -33.54
N TYR H 449 23.41 -37.09 -34.27
CA TYR H 449 23.74 -35.67 -34.20
C TYR H 449 22.58 -34.80 -34.65
N LEU H 450 21.87 -35.24 -35.70
CA LEU H 450 20.72 -34.50 -36.17
C LEU H 450 19.58 -34.50 -35.15
N VAL H 451 19.39 -35.62 -34.45
CA VAL H 451 18.37 -35.66 -33.40
C VAL H 451 18.76 -34.75 -32.24
N CYS H 452 20.05 -34.72 -31.91
CA CYS H 452 20.52 -33.80 -30.86
C CYS H 452 20.30 -32.35 -31.27
N ILE H 453 20.57 -32.02 -32.54
CA ILE H 453 20.32 -30.68 -33.04
C ILE H 453 18.83 -30.36 -33.00
N SER H 454 17.99 -31.31 -33.39
CA SER H 454 16.55 -31.09 -33.43
C SER H 454 15.99 -30.84 -32.03
N THR H 455 16.44 -31.62 -31.05
CA THR H 455 15.96 -31.43 -29.69
C THR H 455 16.63 -30.25 -29.00
N LYS H 456 17.75 -29.76 -29.52
CA LYS H 456 18.41 -28.61 -28.92
C LYS H 456 17.72 -27.30 -29.28
N THR H 457 17.11 -27.23 -30.46
CA THR H 457 16.45 -26.01 -30.93
C THR H 457 14.95 -26.06 -30.62
N GLN H 458 14.29 -24.95 -30.88
CA GLN H 458 12.85 -24.80 -30.66
C GLN H 458 12.11 -24.98 -31.97
N CYS H 459 11.06 -25.81 -31.94
CA CYS H 459 10.29 -26.12 -33.13
C CYS H 459 8.81 -26.06 -32.80
N SER H 460 7.99 -25.89 -33.84
CA SER H 460 6.55 -25.80 -33.68
C SER H 460 5.95 -27.20 -33.46
N GLU H 461 4.64 -27.25 -33.27
CA GLU H 461 3.97 -28.50 -32.95
C GLU H 461 3.99 -29.46 -34.15
N GLU H 462 3.61 -28.97 -35.33
CA GLU H 462 3.60 -29.84 -36.50
C GLU H 462 5.01 -30.23 -36.92
N ASP H 463 5.98 -29.33 -36.77
CA ASP H 463 7.35 -29.66 -37.08
C ASP H 463 7.90 -30.72 -36.12
N GLN H 464 7.59 -30.58 -34.83
CA GLN H 464 7.98 -31.61 -33.87
C GLN H 464 7.31 -32.93 -34.17
N CYS H 465 6.05 -32.90 -34.62
CA CYS H 465 5.36 -34.12 -34.99
C CYS H 465 6.03 -34.79 -36.19
N LYS H 466 6.45 -34.01 -37.18
CA LYS H 466 7.14 -34.58 -38.34
C LYS H 466 8.50 -35.16 -37.93
N ILE H 467 9.22 -34.47 -37.06
CA ILE H 467 10.51 -34.98 -36.57
C ILE H 467 10.29 -36.28 -35.81
N ASN H 468 9.27 -36.33 -34.97
CA ASN H 468 8.95 -37.56 -34.25
C ASN H 468 8.57 -38.67 -35.21
N LYS H 469 7.87 -38.34 -36.30
CA LYS H 469 7.53 -39.36 -37.29
C LYS H 469 8.77 -39.93 -37.97
N GLN H 470 9.72 -39.06 -38.32
CA GLN H 470 10.95 -39.54 -38.95
C GLN H 470 11.76 -40.41 -37.99
N ILE H 471 11.87 -39.98 -36.73
CA ILE H 471 12.58 -40.78 -35.74
C ILE H 471 11.86 -42.10 -35.50
N TYR H 472 10.53 -42.08 -35.54
CA TYR H 472 9.75 -43.30 -35.39
C TYR H 472 10.03 -44.26 -36.54
N ASN H 473 10.11 -43.73 -37.76
CA ASN H 473 10.39 -44.58 -38.91
C ASN H 473 11.77 -45.22 -38.80
N LEU H 474 12.78 -44.45 -38.39
CA LEU H 474 14.11 -45.03 -38.24
C LEU H 474 14.16 -46.03 -37.09
N ILE H 475 13.45 -45.74 -35.99
CA ILE H 475 13.45 -46.62 -34.84
C ILE H 475 12.82 -47.96 -35.21
N HIS H 476 11.68 -47.92 -35.90
CA HIS H 476 11.06 -49.16 -36.35
C HIS H 476 11.81 -49.81 -37.49
N LEU H 477 12.73 -49.09 -38.14
CA LEU H 477 13.66 -49.74 -39.05
C LEU H 477 14.67 -50.60 -38.30
N ASP H 478 14.90 -50.33 -37.02
CA ASP H 478 15.79 -51.08 -36.13
C ASP H 478 17.22 -51.13 -36.64
N PRO H 479 17.96 -50.03 -36.61
CA PRO H 479 19.36 -50.05 -37.05
C PRO H 479 20.29 -50.54 -35.95
N ARG H 480 21.35 -51.22 -36.37
CA ARG H 480 22.32 -51.82 -35.46
C ARG H 480 23.72 -51.59 -35.97
N THR H 481 24.64 -51.24 -35.08
CA THR H 481 26.04 -51.07 -35.42
C THR H 481 26.74 -52.41 -35.39
N ARG H 482 28.09 -52.39 -35.45
CA ARG H 482 28.84 -53.64 -35.41
C ARG H 482 28.66 -54.38 -34.09
N GLU H 483 28.69 -53.66 -32.98
CA GLU H 483 28.52 -54.26 -31.66
C GLU H 483 27.06 -54.54 -31.33
N GLY H 484 26.13 -54.06 -32.14
CA GLY H 484 24.73 -54.26 -31.88
C GLY H 484 24.04 -53.11 -31.19
N PHE H 485 24.69 -51.96 -31.06
CA PHE H 485 24.07 -50.79 -30.43
C PHE H 485 22.94 -50.28 -31.30
N THR H 486 21.74 -50.18 -30.73
CA THR H 486 20.63 -49.54 -31.41
C THR H 486 20.78 -48.04 -31.29
N LEU H 487 19.74 -47.29 -31.63
CA LEU H 487 19.79 -45.84 -31.46
C LEU H 487 19.79 -45.47 -29.97
N LEU H 488 19.18 -46.28 -29.13
CA LEU H 488 19.18 -46.01 -27.70
C LEU H 488 20.51 -46.35 -27.05
N HIS H 489 21.15 -47.45 -27.46
CA HIS H 489 22.42 -47.81 -26.86
C HIS H 489 23.54 -46.87 -27.25
N LEU H 490 23.33 -46.02 -28.25
CA LEU H 490 24.32 -45.02 -28.63
C LEU H 490 24.03 -43.64 -28.04
N ALA H 491 22.76 -43.28 -27.88
CA ALA H 491 22.41 -42.00 -27.26
C ALA H 491 22.71 -41.96 -25.77
N VAL H 492 22.97 -43.10 -25.15
CA VAL H 492 23.32 -43.17 -23.72
C VAL H 492 24.75 -43.66 -23.52
N ASN H 493 25.52 -43.82 -24.58
CA ASN H 493 26.88 -44.32 -24.50
C ASN H 493 27.84 -43.14 -24.55
N SER H 494 28.69 -43.02 -23.53
CA SER H 494 29.72 -41.99 -23.53
C SER H 494 30.88 -42.31 -24.46
N ASN H 495 30.97 -43.54 -24.94
CA ASN H 495 31.99 -43.93 -25.90
C ASN H 495 31.53 -43.78 -27.33
N THR H 496 30.35 -43.22 -27.56
CA THR H 496 29.88 -42.96 -28.91
C THR H 496 30.76 -41.89 -29.55
N PRO H 497 31.37 -42.16 -30.70
CA PRO H 497 32.31 -41.18 -31.26
C PRO H 497 31.59 -39.94 -31.78
N VAL H 498 32.22 -38.80 -31.53
CA VAL H 498 31.75 -37.51 -32.04
C VAL H 498 32.85 -36.94 -32.93
N ASP H 499 32.46 -36.41 -34.08
CA ASP H 499 33.42 -35.92 -35.05
C ASP H 499 34.20 -34.73 -34.49
N ASP H 500 35.46 -34.62 -34.89
CA ASP H 500 36.36 -33.60 -34.38
C ASP H 500 35.96 -32.19 -34.81
N PHE H 501 35.04 -32.05 -35.75
CA PHE H 501 34.56 -30.76 -36.21
C PHE H 501 33.56 -30.18 -35.23
N HIS H 502 32.78 -29.19 -35.69
CA HIS H 502 31.88 -28.45 -34.81
C HIS H 502 30.84 -29.33 -34.12
N THR H 503 30.62 -30.56 -34.60
CA THR H 503 29.71 -31.47 -33.91
C THR H 503 30.17 -31.79 -32.50
N ASN H 504 31.48 -31.71 -32.25
CA ASN H 504 32.02 -31.95 -30.91
C ASN H 504 31.63 -30.88 -29.91
N ASP H 505 31.06 -29.76 -30.37
CA ASP H 505 30.73 -28.64 -29.48
C ASP H 505 29.37 -28.77 -28.84
N VAL H 506 28.38 -29.30 -29.56
CA VAL H 506 27.01 -29.37 -29.04
C VAL H 506 26.49 -30.80 -28.94
N CYS H 507 27.00 -31.75 -29.73
CA CYS H 507 26.52 -33.13 -29.71
C CYS H 507 27.37 -33.90 -28.70
N SER H 508 26.87 -34.01 -27.48
CA SER H 508 27.53 -34.73 -26.40
C SER H 508 26.67 -35.91 -26.00
N PHE H 509 27.31 -37.08 -25.87
CA PHE H 509 26.63 -38.30 -25.49
C PHE H 509 27.26 -38.90 -24.25
N PRO H 510 26.46 -39.36 -23.27
CA PRO H 510 24.99 -39.51 -23.23
C PRO H 510 24.25 -38.19 -23.19
N ASN H 511 23.09 -38.12 -23.81
CA ASN H 511 22.28 -36.91 -23.82
C ASN H 511 20.91 -37.25 -23.29
N ALA H 512 20.42 -36.46 -22.33
CA ALA H 512 19.13 -36.71 -21.72
C ALA H 512 17.96 -36.28 -22.60
N LEU H 513 18.22 -35.51 -23.66
CA LEU H 513 17.18 -35.05 -24.57
C LEU H 513 17.04 -35.93 -25.80
N VAL H 514 18.13 -36.47 -26.31
CA VAL H 514 18.04 -37.46 -27.39
C VAL H 514 17.34 -38.72 -26.88
N THR H 515 17.71 -39.17 -25.69
CA THR H 515 17.13 -40.40 -25.15
C THR H 515 15.64 -40.25 -24.90
N LYS H 516 15.23 -39.14 -24.31
CA LYS H 516 13.80 -38.91 -24.10
C LYS H 516 13.06 -38.80 -25.43
N LEU H 517 13.71 -38.26 -26.46
CA LEU H 517 13.09 -38.23 -27.78
C LEU H 517 12.95 -39.63 -28.36
N LEU H 518 13.98 -40.47 -28.20
CA LEU H 518 13.90 -41.83 -28.69
C LEU H 518 12.88 -42.64 -27.91
N LEU H 519 12.77 -42.42 -26.60
CA LEU H 519 11.75 -43.09 -25.82
C LEU H 519 10.36 -42.59 -26.20
N ASP H 520 10.23 -41.30 -26.51
CA ASP H 520 8.95 -40.77 -26.97
C ASP H 520 8.56 -41.37 -28.31
N CYS H 521 9.52 -41.55 -29.20
CA CYS H 521 9.26 -42.17 -30.51
C CYS H 521 9.27 -43.68 -30.45
N GLY H 522 9.50 -44.27 -29.28
CA GLY H 522 9.28 -45.69 -29.10
C GLY H 522 10.46 -46.57 -29.44
N ALA H 523 11.65 -46.20 -28.99
CA ALA H 523 12.80 -47.08 -29.14
C ALA H 523 12.63 -48.30 -28.24
N GLU H 524 13.13 -49.43 -28.70
CA GLU H 524 13.06 -50.67 -27.92
C GLU H 524 13.96 -50.51 -26.71
N VAL H 525 13.34 -50.27 -25.55
CA VAL H 525 14.10 -49.92 -24.36
C VAL H 525 14.93 -51.10 -23.88
N ASN H 526 14.35 -52.30 -23.91
CA ASN H 526 15.01 -53.51 -23.43
C ASN H 526 15.81 -54.20 -24.53
N ALA H 527 16.18 -53.48 -25.59
CA ALA H 527 16.99 -54.08 -26.63
C ALA H 527 18.38 -54.40 -26.10
N VAL H 528 19.07 -55.32 -26.76
CA VAL H 528 20.34 -55.83 -26.27
C VAL H 528 21.39 -55.70 -27.36
N ASP H 529 22.65 -55.64 -26.91
CA ASP H 529 23.80 -55.59 -27.79
C ASP H 529 24.21 -57.02 -28.16
N ASN H 530 25.39 -57.17 -28.75
CA ASN H 530 25.94 -58.50 -28.93
C ASN H 530 26.39 -59.11 -27.62
N GLU H 531 26.68 -58.28 -26.62
CA GLU H 531 26.99 -58.75 -25.27
C GLU H 531 25.77 -58.82 -24.38
N GLY H 532 24.60 -58.41 -24.87
CA GLY H 532 23.39 -58.44 -24.08
C GLY H 532 23.14 -57.21 -23.23
N ASN H 533 24.01 -56.21 -23.29
CA ASN H 533 23.85 -55.00 -22.50
C ASN H 533 22.62 -54.23 -22.97
N SER H 534 21.70 -53.96 -22.06
CA SER H 534 20.53 -53.14 -22.37
C SER H 534 20.96 -51.69 -22.56
N ALA H 535 19.97 -50.83 -22.77
CA ALA H 535 20.25 -49.40 -22.75
C ALA H 535 20.53 -48.90 -21.34
N LEU H 536 20.26 -49.71 -20.32
CA LEU H 536 20.52 -49.36 -18.94
C LEU H 536 21.82 -49.92 -18.42
N HIS H 537 22.33 -51.01 -19.00
CA HIS H 537 23.66 -51.48 -18.65
C HIS H 537 24.75 -50.55 -19.10
N ILE H 538 24.42 -49.57 -19.95
CA ILE H 538 25.39 -48.67 -20.55
C ILE H 538 25.42 -47.32 -19.81
N ILE H 539 24.26 -46.81 -19.43
CA ILE H 539 24.23 -45.53 -18.72
C ILE H 539 24.67 -45.69 -17.26
N VAL H 540 24.57 -46.88 -16.68
CA VAL H 540 24.99 -47.04 -15.28
C VAL H 540 26.50 -46.92 -15.15
N GLN H 541 27.24 -47.40 -16.14
CA GLN H 541 28.70 -47.34 -16.11
C GLN H 541 29.24 -46.03 -16.64
N TYR H 542 28.44 -44.97 -16.61
CA TYR H 542 28.90 -43.64 -16.98
C TYR H 542 30.03 -43.21 -16.05
N ASN H 543 31.06 -42.59 -16.64
CA ASN H 543 32.27 -42.25 -15.90
C ASN H 543 32.23 -40.85 -15.28
N ARG H 544 31.17 -40.08 -15.52
CA ARG H 544 31.02 -38.75 -14.94
C ARG H 544 29.66 -38.64 -14.26
N PRO H 545 29.43 -39.38 -13.18
CA PRO H 545 28.13 -39.32 -12.52
C PRO H 545 27.89 -38.01 -11.77
N ILE H 546 28.84 -37.61 -10.92
CA ILE H 546 28.66 -36.40 -10.12
C ILE H 546 28.78 -35.17 -11.00
N SER H 547 29.74 -35.15 -11.93
CA SER H 547 29.90 -34.00 -12.80
C SER H 547 28.71 -33.79 -13.70
N ASP H 548 28.02 -34.86 -14.08
CA ASP H 548 26.92 -34.81 -15.04
C ASP H 548 25.69 -35.48 -14.46
N PHE H 549 25.31 -35.07 -13.25
CA PHE H 549 24.09 -35.59 -12.63
C PHE H 549 22.88 -34.86 -13.18
N LEU H 550 22.80 -34.75 -14.50
CA LEU H 550 21.59 -34.33 -15.19
C LEU H 550 21.30 -35.17 -16.42
N THR H 551 22.30 -35.80 -17.02
CA THR H 551 22.09 -36.79 -18.06
C THR H 551 22.31 -38.21 -17.56
N LEU H 552 22.76 -38.38 -16.32
CA LEU H 552 22.73 -39.68 -15.68
C LEU H 552 21.45 -39.88 -14.88
N HIS H 553 20.80 -38.78 -14.48
CA HIS H 553 19.55 -38.88 -13.76
C HIS H 553 18.35 -38.85 -14.70
N SER H 554 18.33 -37.90 -15.63
CA SER H 554 17.20 -37.79 -16.55
C SER H 554 17.18 -38.89 -17.61
N ILE H 555 18.23 -39.70 -17.70
CA ILE H 555 18.21 -40.87 -18.57
C ILE H 555 17.77 -42.10 -17.79
N ILE H 556 18.35 -42.32 -16.61
CA ILE H 556 17.98 -43.46 -15.79
C ILE H 556 16.51 -43.36 -15.39
N ILE H 557 16.07 -42.17 -15.00
CA ILE H 557 14.66 -41.99 -14.66
C ILE H 557 13.78 -42.01 -15.90
N SER H 558 14.35 -41.92 -17.09
CA SER H 558 13.60 -42.02 -18.32
C SER H 558 13.51 -43.46 -18.82
N LEU H 559 14.64 -44.17 -18.83
CA LEU H 559 14.63 -45.57 -19.26
C LEU H 559 13.79 -46.41 -18.32
N VAL H 560 13.88 -46.17 -17.01
CA VAL H 560 13.15 -46.96 -16.04
C VAL H 560 11.65 -46.79 -16.23
N GLU H 561 11.19 -45.56 -16.39
CA GLU H 561 9.76 -45.34 -16.57
C GLU H 561 9.29 -45.67 -17.99
N ALA H 562 10.21 -45.86 -18.93
CA ALA H 562 9.85 -46.32 -20.27
C ALA H 562 9.79 -47.83 -20.36
N GLY H 563 10.10 -48.54 -19.30
CA GLY H 563 9.97 -49.98 -19.29
C GLY H 563 11.27 -50.74 -19.42
N ALA H 564 12.33 -50.25 -18.76
CA ALA H 564 13.60 -50.96 -18.74
C ALA H 564 13.61 -51.90 -17.56
N HIS H 565 13.87 -53.18 -17.81
CA HIS H 565 14.02 -54.14 -16.73
C HIS H 565 15.31 -53.82 -15.99
N THR H 566 15.20 -53.28 -14.78
CA THR H 566 16.38 -53.02 -13.99
C THR H 566 16.87 -54.26 -13.24
N ASP H 567 16.82 -55.39 -13.91
CA ASP H 567 17.41 -56.62 -13.40
C ASP H 567 17.95 -57.49 -14.51
N MET H 568 17.88 -57.03 -15.76
CA MET H 568 18.23 -57.85 -16.91
C MET H 568 19.71 -58.23 -16.85
N THR H 569 20.01 -59.47 -17.21
CA THR H 569 21.39 -59.95 -17.21
C THR H 569 21.90 -60.00 -18.63
N ASN H 570 23.12 -59.50 -18.84
CA ASN H 570 23.77 -59.59 -20.15
C ASN H 570 24.36 -60.99 -20.31
N LYS H 571 25.21 -61.16 -21.32
CA LYS H 571 25.74 -62.48 -21.63
C LYS H 571 26.59 -63.06 -20.51
N GLN H 572 27.12 -62.21 -19.63
CA GLN H 572 27.92 -62.66 -18.49
C GLN H 572 27.13 -62.63 -17.18
N ASN H 573 25.80 -62.49 -17.26
CA ASN H 573 24.91 -62.51 -16.09
C ASN H 573 25.26 -61.40 -15.11
N LYS H 574 25.11 -60.16 -15.56
CA LYS H 574 25.40 -58.98 -14.75
C LYS H 574 24.24 -57.99 -14.90
N THR H 575 23.53 -57.75 -13.81
CA THR H 575 22.40 -56.84 -13.80
C THR H 575 22.88 -55.40 -13.93
N PRO H 576 21.98 -54.46 -14.29
CA PRO H 576 22.42 -53.06 -14.43
C PRO H 576 23.06 -52.48 -13.17
N LEU H 577 22.58 -52.82 -11.99
CA LEU H 577 23.25 -52.36 -10.78
C LEU H 577 24.44 -53.25 -10.40
N ASP H 578 24.69 -54.31 -11.15
CA ASP H 578 25.93 -55.07 -11.06
C ASP H 578 26.94 -54.64 -12.11
N LYS H 579 26.48 -54.00 -13.18
CA LYS H 579 27.35 -53.43 -14.21
C LYS H 579 27.57 -51.94 -14.00
N SER H 580 27.42 -51.46 -12.77
CA SER H 580 27.57 -50.05 -12.46
C SER H 580 28.97 -49.80 -11.90
N THR H 581 29.74 -48.96 -12.58
CA THR H 581 31.12 -48.69 -12.21
C THR H 581 31.25 -47.55 -11.22
N THR H 582 30.16 -46.90 -10.85
CA THR H 582 30.18 -45.81 -9.90
C THR H 582 29.06 -45.98 -8.88
N GLY H 583 29.28 -45.44 -7.68
CA GLY H 583 28.29 -45.58 -6.63
C GLY H 583 27.08 -44.71 -6.79
N VAL H 584 27.19 -43.62 -7.54
CA VAL H 584 26.05 -42.74 -7.77
C VAL H 584 24.99 -43.44 -8.60
N SER H 585 25.41 -44.16 -9.64
CA SER H 585 24.47 -44.90 -10.47
C SER H 585 23.76 -45.99 -9.68
N GLU H 586 24.50 -46.69 -8.81
CA GLU H 586 23.89 -47.72 -7.97
C GLU H 586 22.84 -47.11 -7.05
N ILE H 587 23.16 -45.97 -6.44
CA ILE H 587 22.20 -45.28 -5.58
C ILE H 587 20.98 -44.84 -6.36
N LEU H 588 21.21 -44.28 -7.56
CA LEU H 588 20.13 -43.70 -8.34
C LEU H 588 19.30 -44.76 -9.04
N LEU H 589 19.92 -45.86 -9.47
CA LEU H 589 19.15 -46.93 -10.09
C LEU H 589 18.29 -47.66 -9.07
N LYS H 590 18.83 -47.93 -7.89
CA LYS H 590 18.07 -48.64 -6.86
C LYS H 590 16.89 -47.82 -6.36
N THR H 591 16.90 -46.51 -6.56
CA THR H 591 15.74 -45.70 -6.20
C THR H 591 14.60 -45.94 -7.18
N GLN H 592 14.90 -45.96 -8.47
CA GLN H 592 13.86 -46.08 -9.49
C GLN H 592 13.37 -47.51 -9.70
N MET H 593 14.15 -48.50 -9.29
CA MET H 593 13.79 -49.88 -9.60
C MET H 593 12.61 -50.33 -8.73
N LYS H 594 11.74 -51.13 -9.34
CA LYS H 594 10.55 -51.64 -8.68
C LYS H 594 10.65 -53.15 -8.55
N MET H 595 10.20 -53.68 -7.42
CA MET H 595 10.28 -55.11 -7.18
C MET H 595 9.09 -55.84 -7.79
N SER H 596 9.31 -57.08 -8.18
CA SER H 596 8.26 -57.92 -8.73
C SER H 596 8.61 -59.37 -8.46
N LEU H 597 7.62 -60.16 -8.04
CA LEU H 597 7.84 -61.56 -7.73
C LEU H 597 8.24 -62.36 -8.96
N LYS H 598 7.85 -61.92 -10.16
CA LYS H 598 8.34 -62.58 -11.36
C LYS H 598 9.84 -62.37 -11.54
N CYS H 599 10.35 -61.22 -11.11
CA CYS H 599 11.78 -60.97 -11.17
C CYS H 599 12.55 -61.76 -10.12
N LEU H 600 12.06 -61.76 -8.88
CA LEU H 600 12.76 -62.48 -7.81
C LEU H 600 12.76 -63.99 -8.06
N ALA H 601 11.63 -64.54 -8.50
CA ALA H 601 11.56 -65.97 -8.74
C ALA H 601 12.41 -66.38 -9.94
N ALA H 602 12.43 -65.56 -10.99
CA ALA H 602 13.29 -65.87 -12.13
C ALA H 602 14.77 -65.75 -11.75
N ARG H 603 15.11 -64.76 -10.93
CA ARG H 603 16.48 -64.62 -10.46
C ARG H 603 16.89 -65.82 -9.63
N ALA H 604 15.98 -66.32 -8.78
CA ALA H 604 16.28 -67.51 -8.00
C ALA H 604 16.38 -68.75 -8.88
N VAL H 605 15.60 -68.81 -9.96
CA VAL H 605 15.72 -69.93 -10.89
C VAL H 605 17.07 -69.92 -11.56
N ARG H 606 17.52 -68.75 -12.01
CA ARG H 606 18.80 -68.64 -12.70
C ARG H 606 19.97 -68.89 -11.74
N ALA H 607 19.85 -68.41 -10.51
CA ALA H 607 20.95 -68.55 -9.55
C ALA H 607 21.12 -70.01 -9.12
N ASN H 608 20.03 -70.74 -8.98
CA ASN H 608 20.08 -72.12 -8.50
C ASN H 608 20.24 -73.14 -9.62
N ASP H 609 20.41 -72.68 -10.86
CA ASP H 609 20.68 -73.55 -12.02
C ASP H 609 19.58 -74.61 -12.20
N ILE H 610 18.33 -74.18 -12.03
CA ILE H 610 17.20 -75.08 -12.22
C ILE H 610 16.89 -75.19 -13.71
N ASN H 611 16.50 -76.38 -14.15
CA ASN H 611 16.13 -76.60 -15.54
C ASN H 611 14.79 -75.93 -15.82
N TYR H 612 14.83 -74.83 -16.58
CA TYR H 612 13.62 -74.11 -16.97
C TYR H 612 13.25 -74.37 -18.43
N GLN H 613 13.68 -75.49 -18.99
CA GLN H 613 13.41 -75.82 -20.38
C GLN H 613 12.12 -76.62 -20.47
N ASP H 614 11.11 -76.04 -21.12
CA ASP H 614 9.80 -76.64 -21.38
C ASP H 614 8.98 -76.91 -20.13
N GLN H 615 9.45 -76.49 -18.96
CA GLN H 615 8.66 -76.55 -17.75
C GLN H 615 8.01 -75.20 -17.41
N ILE H 616 8.21 -74.19 -18.25
CA ILE H 616 7.61 -72.87 -18.06
C ILE H 616 7.07 -72.40 -19.40
N PRO H 617 6.14 -71.43 -19.38
CA PRO H 617 5.61 -70.91 -20.64
C PRO H 617 6.71 -70.42 -21.58
N ARG H 618 6.41 -70.49 -22.88
CA ARG H 618 7.39 -70.06 -23.88
C ARG H 618 7.73 -68.59 -23.72
N THR H 619 6.75 -67.77 -23.37
CA THR H 619 7.00 -66.37 -23.09
C THR H 619 7.70 -66.15 -21.76
N LEU H 620 7.84 -67.19 -20.94
CA LEU H 620 8.59 -67.10 -19.71
C LEU H 620 9.99 -67.68 -19.83
N GLU H 621 10.26 -68.51 -20.84
CA GLU H 621 11.62 -68.94 -21.08
C GLU H 621 12.51 -67.79 -21.54
N GLU H 622 11.91 -66.76 -22.15
CA GLU H 622 12.66 -65.55 -22.45
C GLU H 622 12.85 -64.71 -21.20
N PHE H 623 11.86 -64.69 -20.31
CA PHE H 623 11.98 -63.91 -19.08
C PHE H 623 13.08 -64.45 -18.18
N VAL H 624 13.17 -65.77 -18.04
CA VAL H 624 14.29 -66.34 -17.31
C VAL H 624 15.58 -66.21 -18.11
N GLY H 625 15.46 -65.96 -19.41
CA GLY H 625 16.66 -65.79 -20.23
C GLY H 625 17.51 -64.63 -19.79
N PHE H 626 16.88 -63.51 -19.43
CA PHE H 626 17.63 -62.33 -19.04
C PHE H 626 17.46 -61.91 -17.59
N HIS H 627 16.41 -62.33 -16.90
CA HIS H 627 16.31 -62.04 -15.48
C HIS H 627 17.07 -63.06 -14.68
N MET I 1 70.90 13.25 -17.24
CA MET I 1 69.80 14.18 -16.99
C MET I 1 68.45 13.48 -17.24
N GLU I 2 67.38 14.10 -16.76
CA GLU I 2 66.05 13.52 -16.92
C GLU I 2 65.57 13.62 -18.37
N GLY I 3 65.92 14.70 -19.06
CA GLY I 3 65.50 14.86 -20.44
C GLY I 3 66.10 13.81 -21.36
N LEU I 4 67.41 13.57 -21.22
CA LEU I 4 68.04 12.53 -22.02
C LEU I 4 67.57 11.14 -21.61
N ALA I 5 67.24 10.96 -20.33
CA ALA I 5 66.64 9.69 -19.89
C ALA I 5 65.31 9.45 -20.58
N GLY I 6 64.47 10.49 -20.66
CA GLY I 6 63.22 10.35 -21.40
C GLY I 6 63.44 10.11 -22.88
N TYR I 7 64.47 10.76 -23.44
CA TYR I 7 64.79 10.56 -24.85
C TYR I 7 65.19 9.12 -25.15
N VAL I 8 66.08 8.56 -24.33
CA VAL I 8 66.50 7.18 -24.55
C VAL I 8 65.38 6.20 -24.21
N TYR I 9 64.50 6.55 -23.27
CA TYR I 9 63.33 5.71 -23.00
C TYR I 9 62.40 5.67 -24.20
N LYS I 10 62.17 6.82 -24.83
CA LYS I 10 61.35 6.86 -26.03
C LYS I 10 62.01 6.12 -27.18
N ALA I 11 63.34 6.22 -27.29
CA ALA I 11 64.06 5.48 -28.33
C ALA I 11 63.94 3.97 -28.12
N ALA I 12 64.04 3.52 -26.86
CA ALA I 12 63.90 2.10 -26.57
C ALA I 12 62.46 1.62 -26.70
N SER I 13 61.48 2.52 -26.55
CA SER I 13 60.08 2.12 -26.69
C SER I 13 59.78 1.65 -28.11
N GLU I 14 60.34 2.34 -29.11
CA GLU I 14 60.15 1.97 -30.50
C GLU I 14 61.15 0.91 -30.98
N GLY I 15 62.13 0.56 -30.15
CA GLY I 15 63.10 -0.46 -30.52
C GLY I 15 64.00 -0.10 -31.68
N LYS I 16 64.52 1.13 -31.70
CA LYS I 16 65.41 1.56 -32.77
C LYS I 16 66.87 1.29 -32.41
N VAL I 17 67.74 1.44 -33.41
CA VAL I 17 69.17 1.13 -33.27
C VAL I 17 70.01 2.41 -33.34
N LEU I 18 69.92 3.15 -34.43
CA LEU I 18 70.79 4.32 -34.62
C LEU I 18 70.43 5.44 -33.65
N THR I 19 69.14 5.64 -33.37
CA THR I 19 68.74 6.68 -32.42
C THR I 19 69.23 6.34 -31.01
N LEU I 20 69.10 5.08 -30.60
CA LEU I 20 69.59 4.67 -29.29
C LEU I 20 71.10 4.78 -29.21
N ALA I 21 71.81 4.42 -30.28
CA ALA I 21 73.26 4.55 -30.28
C ALA I 21 73.69 6.01 -30.19
N ALA I 22 73.02 6.90 -30.92
CA ALA I 22 73.40 8.31 -30.89
C ALA I 22 73.03 8.98 -29.58
N LEU I 23 71.92 8.59 -28.96
CA LEU I 23 71.45 9.22 -27.74
C LEU I 23 72.08 8.64 -26.48
N LEU I 24 72.92 7.63 -26.61
CA LEU I 24 73.56 6.97 -25.47
C LEU I 24 75.05 6.77 -25.72
N LEU I 25 75.70 7.81 -26.21
CA LEU I 25 77.13 7.72 -26.53
C LEU I 25 77.74 9.12 -26.48
N ASN I 26 79.07 9.14 -26.43
CA ASN I 26 79.88 10.35 -26.56
C ASN I 26 79.60 11.37 -25.46
N ARG I 27 78.39 11.93 -25.44
CA ARG I 27 78.05 13.01 -24.51
C ARG I 27 77.98 12.48 -23.10
N SER I 28 79.01 12.78 -22.30
CA SER I 28 79.04 12.48 -20.86
C SER I 28 78.85 10.98 -20.60
N GLU I 29 79.89 10.23 -21.00
CA GLU I 29 79.86 8.77 -20.87
C GLU I 29 79.54 8.31 -19.45
N SER I 30 79.99 9.05 -18.44
CA SER I 30 79.58 8.74 -17.07
C SER I 30 78.08 8.92 -16.91
N ASP I 31 77.52 10.01 -17.46
CA ASP I 31 76.07 10.19 -17.43
C ASP I 31 75.39 9.17 -18.34
N ILE I 32 76.08 8.67 -19.37
CA ILE I 32 75.51 7.59 -20.18
C ILE I 32 75.36 6.31 -19.35
N ARG I 33 76.38 5.98 -18.56
CA ARG I 33 76.28 4.84 -17.65
C ARG I 33 75.18 5.07 -16.62
N TYR I 34 75.07 6.30 -16.11
CA TYR I 34 73.99 6.62 -15.19
C TYR I 34 72.62 6.44 -15.83
N LEU I 35 72.47 6.87 -17.09
CA LEU I 35 71.19 6.75 -17.78
C LEU I 35 70.82 5.29 -18.02
N LEU I 36 71.79 4.46 -18.43
CA LEU I 36 71.49 3.05 -18.58
C LEU I 36 71.32 2.36 -17.24
N GLY I 37 71.75 2.99 -16.14
CA GLY I 37 71.45 2.49 -14.82
C GLY I 37 70.47 3.36 -14.05
N TYR I 38 69.43 3.84 -14.74
CA TYR I 38 68.46 4.75 -14.14
C TYR I 38 67.05 4.27 -14.41
N VAL I 39 66.15 4.59 -13.49
CA VAL I 39 64.72 4.31 -13.61
C VAL I 39 63.96 5.63 -13.44
N SER I 40 62.97 5.85 -14.30
CA SER I 40 62.25 7.10 -14.34
C SER I 40 60.74 6.85 -14.29
N GLN I 41 60.01 7.86 -13.83
CA GLN I 41 58.55 7.77 -13.73
C GLN I 41 57.95 8.24 -15.05
N GLN I 42 57.71 7.28 -15.95
CA GLN I 42 57.10 7.55 -17.25
C GLN I 42 55.65 7.12 -17.22
N GLY I 43 54.77 8.01 -17.66
CA GLY I 43 53.34 7.72 -17.67
C GLY I 43 52.77 7.45 -16.29
N GLY I 44 53.37 8.00 -15.24
CA GLY I 44 52.95 7.71 -13.90
C GLY I 44 53.41 6.37 -13.36
N GLN I 45 54.30 5.67 -14.06
CA GLN I 45 54.76 4.36 -13.64
C GLN I 45 56.29 4.32 -13.72
N ARG I 46 56.91 3.67 -12.72
CA ARG I 46 58.36 3.57 -12.67
C ARG I 46 58.83 2.54 -13.67
N SER I 47 59.73 2.93 -14.58
CA SER I 47 60.20 2.03 -15.62
C SER I 47 61.59 2.47 -16.08
N THR I 48 62.29 1.54 -16.72
CA THR I 48 63.63 1.67 -17.25
C THR I 48 63.60 1.38 -18.75
N PRO I 49 64.41 2.09 -19.55
CA PRO I 49 64.49 1.74 -20.98
C PRO I 49 64.85 0.29 -21.24
N LEU I 50 65.73 -0.29 -20.43
CA LEU I 50 66.04 -1.72 -20.57
C LEU I 50 64.84 -2.58 -20.20
N ILE I 51 64.16 -2.25 -19.10
CA ILE I 51 63.03 -3.08 -18.67
C ILE I 51 61.83 -2.87 -19.58
N ILE I 52 61.74 -1.70 -20.23
CA ILE I 52 60.64 -1.49 -21.16
C ILE I 52 60.96 -2.12 -22.52
N ALA I 53 62.24 -2.23 -22.86
CA ALA I 53 62.62 -3.05 -24.01
C ALA I 53 62.29 -4.51 -23.76
N ALA I 54 62.52 -4.97 -22.53
CA ALA I 54 62.05 -6.31 -22.15
C ALA I 54 60.53 -6.38 -22.14
N ARG I 55 59.85 -5.25 -21.94
CA ARG I 55 58.39 -5.24 -21.97
C ARG I 55 57.85 -5.12 -23.39
N ASN I 56 58.42 -4.21 -24.19
CA ASN I 56 57.89 -3.96 -25.53
C ASN I 56 58.14 -5.15 -26.45
N GLY I 57 59.16 -5.96 -26.17
CA GLY I 57 59.48 -7.10 -26.99
C GLY I 57 60.35 -6.81 -28.19
N HIS I 58 60.74 -5.56 -28.40
CA HIS I 58 61.65 -5.24 -29.49
C HIS I 58 63.02 -5.82 -29.21
N ALA I 59 63.57 -6.53 -30.20
CA ALA I 59 64.79 -7.29 -29.97
C ALA I 59 66.03 -6.42 -30.05
N LYS I 60 66.25 -5.76 -31.21
CA LYS I 60 67.53 -5.13 -31.49
C LYS I 60 67.92 -4.10 -30.44
N VAL I 61 66.93 -3.42 -29.84
CA VAL I 61 67.22 -2.44 -28.81
C VAL I 61 67.88 -3.11 -27.61
N VAL I 62 67.34 -4.25 -27.16
CA VAL I 62 67.92 -4.89 -25.99
C VAL I 62 69.20 -5.65 -26.35
N ARG I 63 69.31 -6.15 -27.59
CA ARG I 63 70.56 -6.79 -27.99
C ARG I 63 71.71 -5.78 -27.98
N LEU I 64 71.50 -4.58 -28.54
CA LEU I 64 72.55 -3.59 -28.54
C LEU I 64 72.67 -2.86 -27.21
N LEU I 65 71.66 -2.96 -26.33
CA LEU I 65 71.84 -2.46 -24.97
C LEU I 65 72.73 -3.38 -24.16
N LEU I 66 72.55 -4.69 -24.30
CA LEU I 66 73.36 -5.66 -23.55
C LEU I 66 74.69 -5.98 -24.22
N GLU I 67 74.87 -5.61 -25.49
CA GLU I 67 76.11 -5.91 -26.21
C GLU I 67 76.99 -4.69 -26.42
N HIS I 68 76.45 -3.62 -27.01
CA HIS I 68 77.25 -2.40 -27.19
C HIS I 68 77.50 -1.67 -25.89
N TYR I 69 76.73 -1.96 -24.85
CA TYR I 69 76.92 -1.37 -23.53
C TYR I 69 76.87 -2.47 -22.48
N ARG I 70 77.53 -2.20 -21.35
CA ARG I 70 77.52 -3.13 -20.21
C ARG I 70 76.49 -2.62 -19.21
N VAL I 71 75.23 -2.96 -19.47
CA VAL I 71 74.11 -2.53 -18.63
C VAL I 71 73.72 -3.69 -17.71
N GLN I 72 73.50 -3.36 -16.44
CA GLN I 72 73.12 -4.38 -15.46
C GLN I 72 71.67 -4.79 -15.65
N THR I 73 71.36 -6.03 -15.25
CA THR I 73 70.01 -6.56 -15.30
C THR I 73 69.29 -6.43 -13.97
N GLN I 74 69.90 -5.79 -12.98
CA GLN I 74 69.33 -5.64 -11.65
C GLN I 74 68.64 -4.30 -11.46
N GLN I 75 68.29 -3.62 -12.55
CA GLN I 75 67.65 -2.31 -12.45
C GLN I 75 66.24 -2.46 -11.88
N THR I 76 65.83 -1.46 -11.10
CA THR I 76 64.54 -1.50 -10.43
C THR I 76 63.42 -1.14 -11.40
N GLY I 77 62.20 -1.49 -11.01
CA GLY I 77 61.04 -1.22 -11.83
C GLY I 77 59.78 -1.76 -11.19
N THR I 78 58.71 -1.81 -11.96
CA THR I 78 57.43 -2.31 -11.49
C THR I 78 57.19 -3.71 -12.03
N VAL I 79 56.80 -4.63 -11.14
CA VAL I 79 56.51 -5.99 -11.57
C VAL I 79 55.23 -6.04 -12.38
N ARG I 80 54.23 -5.26 -11.98
CA ARG I 80 52.92 -5.24 -12.64
C ARG I 80 52.19 -3.99 -12.16
N PHE I 81 51.75 -3.16 -13.11
CA PHE I 81 51.09 -1.90 -12.79
C PHE I 81 49.57 -2.00 -12.91
N ASP I 82 49.03 -3.21 -13.03
CA ASP I 82 47.57 -3.42 -13.04
C ASP I 82 47.27 -4.69 -12.26
N GLY I 83 46.57 -4.53 -11.14
CA GLY I 83 46.25 -5.63 -10.26
C GLY I 83 47.26 -5.90 -9.16
N TYR I 84 48.48 -5.38 -9.29
CA TYR I 84 49.53 -5.54 -8.29
C TYR I 84 50.09 -4.24 -7.79
N VAL I 85 50.23 -3.23 -8.66
CA VAL I 85 50.76 -1.88 -8.41
C VAL I 85 51.85 -1.86 -7.34
N ILE I 86 52.89 -2.66 -7.54
CA ILE I 86 54.02 -2.73 -6.62
C ILE I 86 55.32 -2.69 -7.43
N ASP I 87 56.32 -1.99 -6.90
CA ASP I 87 57.57 -1.74 -7.60
C ASP I 87 58.63 -2.76 -7.19
N GLY I 88 59.87 -2.51 -7.60
CA GLY I 88 60.98 -3.37 -7.22
C GLY I 88 61.35 -4.44 -8.21
N ALA I 89 60.92 -4.33 -9.47
CA ALA I 89 61.13 -5.39 -10.44
C ALA I 89 62.58 -5.42 -10.93
N THR I 90 62.85 -6.38 -11.82
CA THR I 90 64.09 -6.50 -12.55
C THR I 90 63.75 -6.79 -14.01
N ALA I 91 64.79 -6.84 -14.85
CA ALA I 91 64.58 -7.11 -16.27
C ALA I 91 63.98 -8.50 -16.50
N LEU I 92 64.36 -9.48 -15.67
CA LEU I 92 63.85 -10.84 -15.84
C LEU I 92 62.34 -10.90 -15.63
N TRP I 93 61.83 -10.17 -14.62
CA TRP I 93 60.40 -10.22 -14.34
C TRP I 93 59.59 -9.69 -15.51
N CYS I 94 59.95 -8.52 -16.03
CA CYS I 94 59.20 -7.94 -17.13
C CYS I 94 59.41 -8.71 -18.43
N ALA I 95 60.58 -9.33 -18.60
CA ALA I 95 60.81 -10.15 -19.78
C ALA I 95 59.94 -11.42 -19.73
N ALA I 96 59.83 -12.04 -18.56
CA ALA I 96 59.05 -13.27 -18.44
C ALA I 96 57.55 -12.98 -18.50
N GLY I 97 57.10 -11.94 -17.81
CA GLY I 97 55.67 -11.64 -17.77
C GLY I 97 55.11 -11.23 -19.12
N ALA I 98 55.89 -10.48 -19.90
CA ALA I 98 55.44 -10.08 -21.22
C ALA I 98 55.31 -11.27 -22.16
N GLY I 99 56.23 -12.22 -22.06
CA GLY I 99 56.18 -13.43 -22.84
C GLY I 99 57.20 -13.56 -23.96
N HIS I 100 58.40 -12.99 -23.78
CA HIS I 100 59.45 -13.05 -24.79
C HIS I 100 60.52 -14.03 -24.31
N PHE I 101 60.65 -15.17 -25.02
CA PHE I 101 61.59 -16.19 -24.60
C PHE I 101 63.03 -15.78 -24.87
N GLU I 102 63.29 -15.23 -26.05
CA GLU I 102 64.67 -14.86 -26.42
C GLU I 102 65.19 -13.71 -25.56
N VAL I 103 64.32 -12.75 -25.23
CA VAL I 103 64.75 -11.59 -24.45
C VAL I 103 65.19 -12.02 -23.06
N VAL I 104 64.36 -12.82 -22.38
CA VAL I 104 64.74 -13.32 -21.06
C VAL I 104 65.90 -14.30 -21.18
N LYS I 105 66.01 -15.01 -22.32
CA LYS I 105 67.11 -15.95 -22.51
C LYS I 105 68.45 -15.22 -22.48
N LEU I 106 68.60 -14.18 -23.29
CA LEU I 106 69.85 -13.44 -23.27
C LEU I 106 69.92 -12.40 -22.17
N LEU I 107 68.85 -12.22 -21.39
CA LEU I 107 68.95 -11.42 -20.18
C LEU I 107 69.55 -12.23 -19.03
N VAL I 108 69.09 -13.46 -18.86
CA VAL I 108 69.72 -14.35 -17.88
C VAL I 108 71.12 -14.73 -18.33
N SER I 109 71.32 -14.92 -19.63
CA SER I 109 72.66 -15.23 -20.14
C SER I 109 73.65 -14.12 -19.83
N HIS I 110 73.22 -12.87 -19.99
CA HIS I 110 74.05 -11.72 -19.63
C HIS I 110 73.74 -11.26 -18.20
N GLY I 111 74.03 -12.14 -17.25
CA GLY I 111 73.75 -11.87 -15.86
C GLY I 111 72.58 -12.68 -15.34
N ALA I 112 72.86 -13.69 -14.51
CA ALA I 112 71.84 -14.60 -14.01
C ALA I 112 71.23 -13.99 -12.74
N ASN I 113 70.10 -13.31 -12.88
CA ASN I 113 69.37 -12.73 -11.76
C ASN I 113 68.12 -13.54 -11.43
N VAL I 114 68.21 -14.87 -11.53
CA VAL I 114 67.05 -15.71 -11.29
C VAL I 114 66.59 -15.63 -9.84
N ASN I 115 67.52 -15.47 -8.90
CA ASN I 115 67.18 -15.31 -7.48
C ASN I 115 67.07 -13.83 -7.15
N HIS I 116 66.05 -13.20 -7.76
CA HIS I 116 65.80 -11.78 -7.59
C HIS I 116 64.72 -11.58 -6.54
N THR I 117 65.05 -10.83 -5.49
CA THR I 117 64.11 -10.56 -4.40
C THR I 117 63.71 -9.09 -4.47
N THR I 118 62.41 -8.85 -4.68
CA THR I 118 61.86 -7.51 -4.77
C THR I 118 61.40 -7.06 -3.38
N VAL I 119 60.64 -5.97 -3.34
CA VAL I 119 60.06 -5.50 -2.08
C VAL I 119 59.04 -6.49 -1.55
N THR I 120 58.49 -7.36 -2.40
CA THR I 120 57.55 -8.39 -1.99
C THR I 120 58.18 -9.78 -2.05
N ASN I 121 59.51 -9.84 -2.10
CA ASN I 121 60.31 -11.08 -2.17
C ASN I 121 59.69 -12.12 -3.09
N SER I 122 59.41 -11.70 -4.33
CA SER I 122 58.88 -12.57 -5.36
C SER I 122 59.88 -12.64 -6.51
N THR I 123 60.24 -13.85 -6.91
CA THR I 123 61.20 -14.09 -7.98
C THR I 123 60.52 -13.99 -9.35
N PRO I 124 61.29 -13.68 -10.41
CA PRO I 124 60.69 -13.63 -11.76
C PRO I 124 60.09 -14.95 -12.23
N LEU I 125 60.31 -16.05 -11.52
CA LEU I 125 59.60 -17.28 -11.82
C LEU I 125 58.10 -17.10 -11.65
N ARG I 126 57.67 -16.17 -10.78
CA ARG I 126 56.25 -15.83 -10.70
C ARG I 126 55.75 -15.24 -12.01
N ALA I 127 56.52 -14.34 -12.62
CA ALA I 127 56.14 -13.79 -13.91
C ALA I 127 56.15 -14.87 -14.98
N ALA I 128 57.13 -15.78 -14.93
CA ALA I 128 57.18 -16.88 -15.89
C ALA I 128 55.95 -17.77 -15.78
N CYS I 129 55.52 -18.09 -14.56
CA CYS I 129 54.35 -18.93 -14.36
C CYS I 129 53.07 -18.19 -14.76
N PHE I 130 52.96 -16.90 -14.41
CA PHE I 130 51.77 -16.14 -14.73
C PHE I 130 51.63 -15.92 -16.23
N ASP I 131 52.74 -15.81 -16.96
CA ASP I 131 52.68 -15.71 -18.40
C ASP I 131 52.11 -16.99 -19.01
N GLY I 132 52.52 -18.15 -18.48
CA GLY I 132 52.01 -19.42 -18.93
C GLY I 132 52.84 -20.09 -20.00
N ARG I 133 53.70 -19.35 -20.68
CA ARG I 133 54.52 -19.94 -21.74
C ARG I 133 55.61 -20.81 -21.13
N LEU I 134 55.79 -22.00 -21.70
CA LEU I 134 56.65 -23.02 -21.08
C LEU I 134 58.13 -22.74 -21.27
N ASP I 135 58.53 -22.11 -22.37
CA ASP I 135 59.94 -21.98 -22.70
C ASP I 135 60.71 -21.14 -21.68
N ILE I 136 60.09 -20.03 -21.23
CA ILE I 136 60.74 -19.16 -20.26
C ILE I 136 60.95 -19.91 -18.94
N VAL I 137 59.95 -20.65 -18.50
CA VAL I 137 60.07 -21.44 -17.28
C VAL I 137 61.14 -22.51 -17.45
N LYS I 138 61.18 -23.15 -18.62
CA LYS I 138 62.18 -24.18 -18.89
C LYS I 138 63.59 -23.61 -18.79
N TYR I 139 63.83 -22.47 -19.42
CA TYR I 139 65.16 -21.86 -19.36
C TYR I 139 65.50 -21.41 -17.94
N LEU I 140 64.54 -20.81 -17.23
CA LEU I 140 64.82 -20.32 -15.89
C LEU I 140 65.09 -21.47 -14.93
N VAL I 141 64.44 -22.62 -15.12
CA VAL I 141 64.77 -23.81 -14.34
C VAL I 141 66.16 -24.32 -14.73
N GLU I 142 66.49 -24.28 -16.03
CA GLU I 142 67.81 -24.69 -16.48
C GLU I 142 68.90 -23.77 -15.96
N ASN I 143 68.56 -22.57 -15.50
CA ASN I 143 69.51 -21.65 -14.88
C ASN I 143 69.65 -21.87 -13.38
N ASN I 144 69.42 -23.09 -12.90
CA ASN I 144 69.50 -23.45 -11.48
C ASN I 144 68.55 -22.61 -10.64
N ALA I 145 67.26 -22.77 -10.94
CA ALA I 145 66.23 -22.05 -10.20
C ALA I 145 66.07 -22.63 -8.80
N ASN I 146 65.85 -21.74 -7.83
CA ASN I 146 65.60 -22.13 -6.45
C ASN I 146 64.09 -22.10 -6.24
N ILE I 147 63.45 -23.25 -6.39
CA ILE I 147 61.98 -23.34 -6.25
C ILE I 147 61.71 -23.64 -4.78
N SER I 148 61.82 -22.58 -3.97
CA SER I 148 61.39 -22.65 -2.57
C SER I 148 60.79 -21.34 -2.09
N ILE I 149 60.66 -20.33 -2.92
CA ILE I 149 60.40 -18.96 -2.49
C ILE I 149 58.90 -18.79 -2.23
N ALA I 150 58.56 -18.01 -1.22
CA ALA I 150 57.19 -17.58 -0.96
C ALA I 150 57.14 -16.07 -1.07
N ASN I 151 56.09 -15.55 -1.71
CA ASN I 151 55.98 -14.12 -1.97
C ASN I 151 55.50 -13.39 -0.71
N LYS I 152 55.15 -12.12 -0.85
CA LYS I 152 54.45 -11.41 0.22
C LYS I 152 53.09 -12.05 0.48
N TYR I 153 52.46 -12.59 -0.57
CA TYR I 153 51.27 -13.42 -0.43
C TYR I 153 51.60 -14.83 0.03
N ASP I 154 52.88 -15.16 0.16
CA ASP I 154 53.34 -16.46 0.67
C ASP I 154 52.84 -17.62 -0.18
N ASN I 155 52.89 -17.46 -1.50
CA ASN I 155 52.49 -18.51 -2.43
C ASN I 155 53.67 -18.92 -3.30
N THR I 156 53.88 -20.23 -3.37
CA THR I 156 54.91 -20.79 -4.24
C THR I 156 54.51 -20.59 -5.70
N CYS I 157 55.50 -20.69 -6.60
CA CYS I 157 55.22 -20.62 -8.03
C CYS I 157 54.23 -21.69 -8.47
N LEU I 158 54.26 -22.85 -7.81
CA LEU I 158 53.29 -23.90 -8.11
C LEU I 158 51.87 -23.43 -7.79
N MET I 159 51.70 -22.70 -6.69
CA MET I 159 50.36 -22.24 -6.29
C MET I 159 49.79 -21.29 -7.32
N ILE I 160 50.59 -20.31 -7.78
CA ILE I 160 50.09 -19.36 -8.76
C ILE I 160 49.93 -20.01 -10.12
N ALA I 161 50.77 -20.99 -10.46
CA ALA I 161 50.60 -21.72 -11.71
C ALA I 161 49.31 -22.52 -11.72
N ALA I 162 48.98 -23.16 -10.59
CA ALA I 162 47.74 -23.91 -10.49
C ALA I 162 46.53 -22.99 -10.47
N TYR I 163 46.67 -21.82 -9.82
CA TYR I 163 45.56 -20.87 -9.77
C TYR I 163 45.22 -20.34 -11.16
N LYS I 164 46.23 -20.12 -12.00
CA LYS I 164 45.99 -19.67 -13.36
C LYS I 164 45.52 -20.84 -14.22
N GLY I 165 45.14 -20.53 -15.45
CA GLY I 165 44.63 -21.52 -16.37
C GLY I 165 45.68 -22.30 -17.14
N HIS I 166 46.94 -22.21 -16.72
CA HIS I 166 48.04 -22.87 -17.42
C HIS I 166 48.43 -24.13 -16.66
N THR I 167 48.44 -25.26 -17.37
CA THR I 167 48.78 -26.55 -16.78
C THR I 167 50.13 -27.08 -17.24
N ASP I 168 50.68 -26.58 -18.35
CA ASP I 168 51.99 -27.03 -18.81
C ASP I 168 53.08 -26.66 -17.81
N VAL I 169 52.99 -25.46 -17.22
CA VAL I 169 53.95 -25.05 -16.21
C VAL I 169 53.83 -25.92 -14.97
N VAL I 170 52.60 -26.27 -14.59
CA VAL I 170 52.40 -27.14 -13.43
C VAL I 170 52.99 -28.51 -13.70
N ARG I 171 52.77 -29.05 -14.90
CA ARG I 171 53.32 -30.36 -15.26
C ARG I 171 54.83 -30.34 -15.25
N TYR I 172 55.43 -29.27 -15.79
CA TYR I 172 56.89 -29.16 -15.79
C TYR I 172 57.43 -29.06 -14.38
N LEU I 173 56.74 -28.33 -13.50
CA LEU I 173 57.19 -28.22 -12.11
C LEU I 173 57.11 -29.56 -11.40
N LEU I 174 55.99 -30.27 -11.53
CA LEU I 174 55.84 -31.54 -10.83
C LEU I 174 56.70 -32.65 -11.44
N GLU I 175 57.11 -32.51 -12.70
CA GLU I 175 57.94 -33.52 -13.34
C GLU I 175 59.36 -33.55 -12.78
N GLN I 176 59.77 -32.54 -12.03
CA GLN I 176 61.09 -32.50 -11.40
C GLN I 176 60.99 -32.52 -9.87
N ARG I 177 59.96 -33.18 -9.35
CA ARG I 177 59.74 -33.40 -7.91
C ARG I 177 59.66 -32.06 -7.17
N ALA I 178 58.60 -31.32 -7.49
CA ALA I 178 58.30 -30.06 -6.81
C ALA I 178 57.64 -30.35 -5.47
N ASP I 179 57.05 -29.32 -4.86
CA ASP I 179 56.38 -29.42 -3.56
C ASP I 179 54.86 -29.25 -3.68
N PRO I 180 54.12 -30.30 -4.03
CA PRO I 180 52.66 -30.21 -4.07
C PRO I 180 51.98 -30.39 -2.72
N ASN I 181 52.74 -30.68 -1.67
CA ASN I 181 52.22 -30.76 -0.32
C ASN I 181 52.59 -29.56 0.54
N ALA I 182 53.45 -28.67 0.04
CA ALA I 182 53.85 -27.50 0.79
C ALA I 182 52.68 -26.53 0.95
N LYS I 183 52.64 -25.86 2.10
CA LYS I 183 51.54 -24.97 2.43
C LYS I 183 51.82 -23.56 1.92
N ALA I 184 50.77 -22.89 1.47
CA ALA I 184 50.82 -21.49 1.11
C ALA I 184 50.49 -20.65 2.34
N HIS I 185 50.14 -19.37 2.14
CA HIS I 185 49.89 -18.46 3.25
C HIS I 185 48.90 -19.01 4.26
N CYS I 186 47.66 -19.26 3.82
CA CYS I 186 46.66 -19.77 4.77
C CYS I 186 46.76 -21.28 4.92
N GLY I 187 46.41 -22.03 3.88
CA GLY I 187 46.59 -23.47 3.90
C GLY I 187 46.85 -24.12 2.56
N ALA I 188 46.92 -23.32 1.49
CA ALA I 188 46.84 -23.87 0.15
C ALA I 188 48.06 -24.70 -0.21
N THR I 189 47.81 -25.84 -0.87
CA THR I 189 48.86 -26.73 -1.35
C THR I 189 48.80 -26.85 -2.87
N ALA I 190 48.33 -25.78 -3.52
CA ALA I 190 48.08 -25.65 -4.96
C ALA I 190 46.87 -26.49 -5.39
N LEU I 191 46.38 -27.35 -4.50
CA LEU I 191 45.09 -27.99 -4.74
C LEU I 191 43.95 -27.03 -4.44
N HIS I 192 44.07 -26.26 -3.36
CA HIS I 192 43.05 -25.27 -3.04
C HIS I 192 43.00 -24.15 -4.06
N PHE I 193 44.06 -23.97 -4.85
CA PHE I 193 44.07 -23.00 -5.93
C PHE I 193 43.67 -23.60 -7.27
N ALA I 194 44.04 -24.86 -7.53
CA ALA I 194 43.56 -25.53 -8.73
C ALA I 194 42.05 -25.75 -8.66
N ALA I 195 41.54 -26.08 -7.48
CA ALA I 195 40.10 -26.23 -7.25
C ALA I 195 39.47 -24.93 -6.78
N GLU I 196 39.76 -23.84 -7.47
CA GLU I 196 39.11 -22.57 -7.21
C GLU I 196 38.54 -21.94 -8.47
N ALA I 197 39.23 -22.08 -9.60
CA ALA I 197 38.76 -21.56 -10.86
C ALA I 197 38.22 -22.65 -11.79
N GLY I 198 38.32 -23.91 -11.38
CA GLY I 198 37.79 -24.99 -12.18
C GLY I 198 38.76 -25.49 -13.24
N HIS I 199 39.95 -25.90 -12.83
CA HIS I 199 40.95 -26.45 -13.72
C HIS I 199 41.09 -27.94 -13.39
N ILE I 200 40.34 -28.77 -14.12
CA ILE I 200 40.26 -30.18 -13.81
C ILE I 200 41.59 -30.89 -14.10
N ASP I 201 42.28 -30.47 -15.16
CA ASP I 201 43.54 -31.12 -15.53
C ASP I 201 44.63 -30.89 -14.49
N ILE I 202 44.69 -29.68 -13.93
CA ILE I 202 45.68 -29.39 -12.91
C ILE I 202 45.41 -30.21 -11.65
N VAL I 203 44.13 -30.35 -11.27
CA VAL I 203 43.77 -31.17 -10.12
C VAL I 203 44.15 -32.61 -10.37
N LYS I 204 43.90 -33.11 -11.58
CA LYS I 204 44.26 -34.48 -11.93
C LYS I 204 45.77 -34.69 -11.84
N GLU I 205 46.55 -33.73 -12.34
CA GLU I 205 48.00 -33.85 -12.31
C GLU I 205 48.52 -33.82 -10.87
N LEU I 206 47.97 -32.94 -10.04
CA LEU I 206 48.42 -32.87 -8.65
C LEU I 206 48.02 -34.11 -7.87
N ILE I 207 46.83 -34.66 -8.14
CA ILE I 207 46.40 -35.88 -7.45
C ILE I 207 47.28 -37.06 -7.87
N LYS I 208 47.67 -37.10 -9.15
CA LYS I 208 48.50 -38.20 -9.64
C LYS I 208 49.85 -38.23 -8.93
N TRP I 209 50.45 -37.06 -8.70
CA TRP I 209 51.74 -36.96 -8.02
C TRP I 209 51.60 -36.79 -6.51
N ARG I 210 50.47 -37.20 -5.93
CA ARG I 210 50.29 -37.30 -4.48
C ARG I 210 50.48 -35.94 -3.79
N ALA I 211 49.57 -35.02 -4.13
CA ALA I 211 49.56 -33.71 -3.49
C ALA I 211 48.94 -33.73 -2.10
N ALA I 212 48.26 -34.83 -1.74
CA ALA I 212 47.64 -35.06 -0.43
C ALA I 212 46.48 -34.10 -0.15
N ILE I 213 45.58 -34.50 0.74
CA ILE I 213 44.40 -33.72 1.10
C ILE I 213 44.58 -33.23 2.53
N VAL I 214 44.66 -31.92 2.71
CA VAL I 214 44.86 -31.31 4.02
C VAL I 214 44.01 -30.04 4.09
N VAL I 215 43.40 -29.80 5.25
CA VAL I 215 42.56 -28.62 5.43
C VAL I 215 43.43 -27.37 5.37
N ASN I 216 42.82 -26.27 4.95
CA ASN I 216 43.50 -24.99 4.88
C ASN I 216 43.34 -24.24 6.20
N GLY I 217 43.65 -22.95 6.21
CA GLY I 217 43.47 -22.15 7.41
C GLY I 217 42.03 -22.04 7.84
N HIS I 218 41.08 -22.24 6.93
CA HIS I 218 39.66 -22.20 7.24
C HIS I 218 39.06 -23.59 7.44
N GLY I 219 39.89 -24.62 7.51
CA GLY I 219 39.40 -25.99 7.62
C GLY I 219 38.67 -26.47 6.39
N MET I 220 39.13 -26.09 5.21
CA MET I 220 38.48 -26.42 3.94
C MET I 220 39.39 -27.32 3.13
N THR I 221 39.01 -28.58 2.98
CA THR I 221 39.72 -29.49 2.10
C THR I 221 39.56 -29.04 0.65
N PRO I 222 40.49 -29.42 -0.24
CA PRO I 222 40.34 -29.02 -1.65
C PRO I 222 39.04 -29.50 -2.26
N LEU I 223 38.53 -30.65 -1.82
CA LEU I 223 37.21 -31.10 -2.23
C LEU I 223 36.13 -30.11 -1.78
N LYS I 224 36.23 -29.65 -0.54
CA LYS I 224 35.24 -28.70 -0.03
C LYS I 224 35.38 -27.35 -0.69
N VAL I 225 36.61 -26.94 -1.02
CA VAL I 225 36.81 -25.69 -1.74
C VAL I 225 36.20 -25.78 -3.14
N ALA I 226 36.39 -26.91 -3.82
CA ALA I 226 35.80 -27.09 -5.14
C ALA I 226 34.29 -27.13 -5.07
N ALA I 227 33.74 -27.76 -4.04
CA ALA I 227 32.29 -27.79 -3.86
C ALA I 227 31.74 -26.40 -3.60
N GLU I 228 32.49 -25.58 -2.85
CA GLU I 228 32.03 -24.23 -2.54
C GLU I 228 31.91 -23.36 -3.78
N SER I 229 32.80 -23.55 -4.76
CA SER I 229 32.84 -22.70 -5.95
C SER I 229 32.06 -23.30 -7.12
N CYS I 230 31.14 -24.23 -6.86
CA CYS I 230 30.29 -24.83 -7.89
C CYS I 230 31.10 -25.51 -8.99
N LYS I 231 32.18 -26.19 -8.59
CA LYS I 231 33.02 -26.92 -9.54
C LYS I 231 32.63 -28.39 -9.45
N ALA I 232 31.66 -28.80 -10.26
CA ALA I 232 31.20 -30.18 -10.23
C ALA I 232 32.27 -31.13 -10.73
N ASP I 233 33.05 -30.74 -11.73
CA ASP I 233 34.09 -31.60 -12.28
C ASP I 233 35.15 -31.91 -11.24
N VAL I 234 35.61 -30.88 -10.53
CA VAL I 234 36.68 -31.08 -9.55
C VAL I 234 36.17 -31.88 -8.37
N VAL I 235 34.92 -31.67 -7.96
CA VAL I 235 34.32 -32.48 -6.91
C VAL I 235 34.25 -33.93 -7.34
N GLU I 236 33.87 -34.19 -8.60
CA GLU I 236 33.83 -35.55 -9.10
C GLU I 236 35.21 -36.18 -9.04
N LEU I 237 36.25 -35.45 -9.45
CA LEU I 237 37.59 -36.00 -9.44
C LEU I 237 38.08 -36.26 -8.03
N LEU I 238 37.81 -35.34 -7.10
CA LEU I 238 38.32 -35.46 -5.74
C LEU I 238 37.51 -36.40 -4.87
N LEU I 239 36.29 -36.76 -5.28
CA LEU I 239 35.52 -37.76 -4.57
C LEU I 239 36.01 -39.17 -4.81
N SER I 240 36.90 -39.37 -5.78
CA SER I 240 37.53 -40.66 -6.06
C SER I 240 39.00 -40.53 -5.71
N HIS I 241 39.32 -40.83 -4.45
CA HIS I 241 40.69 -40.70 -3.96
C HIS I 241 41.16 -41.90 -3.15
N ALA I 242 40.33 -42.92 -2.99
CA ALA I 242 40.54 -44.14 -2.19
C ALA I 242 40.55 -43.86 -0.69
N ASP I 243 40.52 -42.60 -0.27
CA ASP I 243 40.29 -42.24 1.14
C ASP I 243 39.53 -40.92 1.14
N CYS I 244 38.21 -41.00 1.21
CA CYS I 244 37.37 -39.82 1.15
C CYS I 244 36.38 -39.77 2.29
N ASP I 245 35.94 -40.94 2.77
CA ASP I 245 35.00 -41.11 3.87
C ASP I 245 33.58 -40.66 3.51
N ARG I 246 32.59 -41.34 4.06
CA ARG I 246 31.20 -41.03 3.76
C ARG I 246 30.83 -39.63 4.22
N ARG I 247 31.25 -39.24 5.43
CA ARG I 247 30.84 -37.94 5.93
C ARG I 247 31.35 -36.82 5.03
N SER I 248 32.60 -36.93 4.55
CA SER I 248 33.13 -35.91 3.67
C SER I 248 32.48 -35.98 2.28
N ARG I 249 32.18 -37.18 1.80
CA ARG I 249 31.55 -37.32 0.48
C ARG I 249 30.17 -36.65 0.46
N ILE I 250 29.32 -37.00 1.42
CA ILE I 250 28.01 -36.36 1.49
C ILE I 250 28.10 -34.87 1.85
N GLU I 251 29.04 -34.43 2.69
CA GLU I 251 29.07 -32.99 2.93
C GLU I 251 29.54 -32.23 1.70
N ALA I 252 30.45 -32.82 0.90
CA ALA I 252 30.85 -32.17 -0.33
C ALA I 252 29.70 -32.11 -1.33
N LEU I 253 28.93 -33.19 -1.44
CA LEU I 253 27.78 -33.17 -2.35
C LEU I 253 26.74 -32.16 -1.89
N GLU I 254 26.46 -32.11 -0.59
CA GLU I 254 25.51 -31.13 -0.06
C GLU I 254 26.00 -29.70 -0.27
N LEU I 255 27.30 -29.47 -0.08
CA LEU I 255 27.85 -28.14 -0.31
C LEU I 255 27.79 -27.75 -1.78
N LEU I 256 28.03 -28.70 -2.68
CA LEU I 256 27.90 -28.43 -4.11
C LEU I 256 26.47 -28.08 -4.48
N GLY I 257 25.51 -28.86 -3.98
CA GLY I 257 24.11 -28.56 -4.25
C GLY I 257 23.69 -27.23 -3.69
N ALA I 258 24.14 -26.91 -2.48
CA ALA I 258 23.82 -25.62 -1.87
C ALA I 258 24.47 -24.47 -2.64
N SER I 259 25.70 -24.65 -3.10
CA SER I 259 26.40 -23.62 -3.82
C SER I 259 25.75 -23.33 -5.16
N PHE I 260 25.18 -24.34 -5.80
CA PHE I 260 24.48 -24.11 -7.06
C PHE I 260 23.23 -23.25 -6.89
N ALA I 261 22.68 -23.17 -5.68
CA ALA I 261 21.44 -22.45 -5.47
C ALA I 261 21.63 -20.94 -5.50
N ASN I 262 22.70 -20.44 -4.89
CA ASN I 262 22.94 -19.00 -4.72
C ASN I 262 24.29 -18.66 -5.35
N ASP I 263 24.26 -18.37 -6.64
CA ASP I 263 25.46 -17.97 -7.35
C ASP I 263 25.04 -17.23 -8.61
N ARG I 264 25.99 -16.51 -9.21
CA ARG I 264 25.70 -15.72 -10.40
C ARG I 264 26.16 -16.42 -11.67
N GLU I 265 27.43 -16.81 -11.74
CA GLU I 265 27.94 -17.47 -12.94
C GLU I 265 27.32 -18.85 -13.11
N ASN I 266 27.21 -19.62 -12.03
CA ASN I 266 26.67 -20.98 -12.06
C ASN I 266 25.45 -21.03 -11.15
N TYR I 267 24.30 -20.66 -11.69
CA TYR I 267 23.04 -20.68 -10.95
C TYR I 267 22.14 -21.72 -11.59
N ASP I 268 22.01 -22.86 -10.92
CA ASP I 268 21.11 -23.93 -11.34
C ASP I 268 20.34 -24.39 -10.13
N ILE I 269 19.01 -24.28 -10.18
CA ILE I 269 18.20 -24.78 -9.07
C ILE I 269 17.84 -26.25 -9.26
N ILE I 270 17.79 -26.72 -10.50
CA ILE I 270 17.60 -28.15 -10.75
C ILE I 270 18.82 -28.93 -10.27
N LYS I 271 20.02 -28.41 -10.56
CA LYS I 271 21.23 -29.04 -10.04
C LYS I 271 21.28 -28.97 -8.53
N THR I 272 20.79 -27.86 -7.95
CA THR I 272 20.71 -27.76 -6.50
C THR I 272 19.86 -28.87 -5.91
N TYR I 273 18.63 -29.03 -6.41
CA TYR I 273 17.77 -30.07 -5.87
C TYR I 273 18.35 -31.44 -6.12
N HIS I 274 18.95 -31.67 -7.29
CA HIS I 274 19.43 -33.00 -7.62
C HIS I 274 20.64 -33.38 -6.79
N TYR I 275 21.55 -32.45 -6.54
CA TYR I 275 22.72 -32.78 -5.71
C TYR I 275 22.31 -32.92 -4.25
N LEU I 276 21.38 -32.09 -3.77
CA LEU I 276 20.88 -32.26 -2.41
C LEU I 276 20.18 -33.60 -2.25
N TYR I 277 19.39 -34.01 -3.24
CA TYR I 277 18.72 -35.30 -3.19
C TYR I 277 19.71 -36.46 -3.30
N LEU I 278 20.75 -36.30 -4.12
CA LEU I 278 21.76 -37.34 -4.24
C LEU I 278 22.51 -37.52 -2.92
N ALA I 279 22.83 -36.43 -2.23
CA ALA I 279 23.47 -36.55 -0.94
C ALA I 279 22.50 -37.07 0.12
N MET I 280 21.20 -36.78 -0.02
CA MET I 280 20.21 -37.30 0.90
C MET I 280 20.06 -38.81 0.75
N LEU I 281 19.95 -39.29 -0.48
CA LEU I 281 19.85 -40.73 -0.74
C LEU I 281 21.12 -41.45 -0.30
N GLU I 282 22.27 -40.80 -0.44
CA GLU I 282 23.51 -41.40 0.03
C GLU I 282 23.55 -41.47 1.55
N ARG I 283 22.95 -40.51 2.24
CA ARG I 283 22.79 -40.62 3.69
C ARG I 283 21.87 -41.78 4.05
N PHE I 284 20.67 -41.81 3.46
CA PHE I 284 19.65 -42.79 3.82
C PHE I 284 19.63 -43.87 2.75
N GLN I 285 20.55 -44.80 2.87
CA GLN I 285 20.56 -45.93 1.96
C GLN I 285 20.63 -47.27 2.67
N ASP I 286 21.31 -47.35 3.80
CA ASP I 286 21.56 -48.63 4.46
C ASP I 286 20.59 -48.95 5.59
N GLY I 287 19.98 -47.93 6.21
CA GLY I 287 19.17 -48.19 7.38
C GLY I 287 20.01 -48.46 8.61
N ASP I 288 20.75 -49.56 8.59
CA ASP I 288 21.81 -49.78 9.56
C ASP I 288 22.93 -48.78 9.33
N ASN I 289 23.56 -48.36 10.44
CA ASN I 289 24.54 -47.27 10.47
C ASN I 289 24.13 -46.10 9.57
N ILE I 290 22.86 -45.71 9.72
CA ILE I 290 22.32 -44.60 8.95
C ILE I 290 23.02 -43.30 9.35
N LEU I 291 23.37 -42.49 8.35
CA LEU I 291 24.03 -41.21 8.59
C LEU I 291 22.97 -40.14 8.73
N GLU I 292 22.97 -39.44 9.86
CA GLU I 292 21.97 -38.43 10.16
C GLU I 292 22.60 -37.04 10.11
N LYS I 293 21.83 -36.07 9.64
CA LYS I 293 22.34 -34.73 9.43
C LYS I 293 22.32 -33.93 10.73
N GLU I 294 23.39 -33.14 10.95
CA GLU I 294 23.53 -32.32 12.15
C GLU I 294 22.80 -30.99 11.92
N VAL I 295 21.47 -31.05 12.03
CA VAL I 295 20.62 -29.90 11.73
C VAL I 295 20.86 -28.81 12.76
N LEU I 296 21.27 -27.64 12.30
CA LEU I 296 21.45 -26.49 13.17
C LEU I 296 20.09 -25.94 13.59
N PRO I 297 20.04 -25.19 14.70
CA PRO I 297 18.79 -24.54 15.08
C PRO I 297 18.36 -23.55 14.01
N PRO I 298 17.05 -23.32 13.87
CA PRO I 298 16.57 -22.45 12.80
C PRO I 298 17.11 -21.04 12.91
N ILE I 299 17.36 -20.43 11.75
CA ILE I 299 17.91 -19.08 11.66
C ILE I 299 16.84 -18.19 11.06
N HIS I 300 16.60 -17.03 11.70
CA HIS I 300 15.52 -16.15 11.28
C HIS I 300 15.76 -15.56 9.90
N ALA I 301 17.01 -15.44 9.48
CA ALA I 301 17.31 -14.84 8.18
C ALA I 301 16.77 -15.69 7.03
N TYR I 302 16.97 -17.00 7.11
CA TYR I 302 16.51 -17.91 6.06
C TYR I 302 15.08 -18.37 6.31
N GLY I 303 14.17 -17.41 6.46
CA GLY I 303 12.81 -17.75 6.86
C GLY I 303 12.83 -18.38 8.23
N ASN I 304 12.23 -19.56 8.34
CA ASN I 304 12.29 -20.34 9.56
C ASN I 304 12.51 -21.81 9.26
N ARG I 305 13.21 -22.12 8.17
CA ARG I 305 13.41 -23.49 7.76
C ARG I 305 14.54 -24.12 8.56
N THR I 306 14.24 -25.23 9.22
CA THR I 306 15.22 -25.95 10.04
C THR I 306 15.86 -27.09 9.25
N GLU I 307 16.47 -26.72 8.12
CA GLU I 307 17.21 -27.65 7.25
C GLU I 307 16.25 -28.69 6.68
N CYS I 308 16.76 -29.69 5.97
CA CYS I 308 15.94 -30.78 5.44
C CYS I 308 16.68 -32.08 5.75
N ARG I 309 16.30 -32.73 6.85
CA ARG I 309 16.93 -33.96 7.29
C ARG I 309 16.19 -35.21 6.82
N ASN I 310 15.18 -35.05 5.96
CA ASN I 310 14.43 -36.17 5.42
C ASN I 310 14.24 -35.98 3.92
N PRO I 311 14.19 -37.08 3.15
CA PRO I 311 13.90 -36.93 1.71
C PRO I 311 12.49 -36.49 1.42
N GLN I 312 11.55 -36.68 2.35
CA GLN I 312 10.17 -36.27 2.12
C GLN I 312 10.05 -34.75 2.01
N GLU I 313 10.61 -34.03 2.98
CA GLU I 313 10.58 -32.57 2.92
C GLU I 313 11.42 -32.04 1.77
N LEU I 314 12.53 -32.70 1.46
CA LEU I 314 13.35 -32.30 0.33
C LEU I 314 12.58 -32.43 -0.98
N GLU I 315 11.82 -33.52 -1.14
CA GLU I 315 10.98 -33.66 -2.31
C GLU I 315 9.82 -32.66 -2.28
N SER I 316 9.37 -32.28 -1.08
CA SER I 316 8.33 -31.27 -0.97
C SER I 316 8.81 -29.92 -1.46
N ILE I 317 10.06 -29.56 -1.17
CA ILE I 317 10.60 -28.25 -1.53
C ILE I 317 11.30 -28.32 -2.88
N ARG I 318 11.04 -29.39 -3.65
CA ARG I 318 11.70 -29.55 -4.93
C ARG I 318 11.28 -28.47 -5.92
N GLN I 319 9.98 -28.17 -5.99
CA GLN I 319 9.48 -27.21 -6.96
C GLN I 319 9.47 -25.78 -6.46
N ASP I 320 9.80 -25.54 -5.20
CA ASP I 320 9.78 -24.20 -4.62
C ASP I 320 11.14 -23.55 -4.78
N ARG I 321 11.19 -22.46 -5.53
CA ARG I 321 12.47 -21.79 -5.79
C ARG I 321 13.00 -21.11 -4.52
N ASP I 322 12.14 -20.38 -3.82
CA ASP I 322 12.58 -19.68 -2.62
C ASP I 322 13.00 -20.64 -1.52
N ALA I 323 12.24 -21.73 -1.35
CA ALA I 323 12.60 -22.73 -0.35
C ALA I 323 13.94 -23.38 -0.69
N LEU I 324 14.19 -23.66 -1.96
CA LEU I 324 15.46 -24.25 -2.36
C LEU I 324 16.60 -23.26 -2.18
N HIS I 325 16.37 -21.97 -2.45
CA HIS I 325 17.41 -20.97 -2.25
C HIS I 325 17.79 -20.85 -0.78
N MET I 326 16.79 -20.74 0.10
CA MET I 326 17.10 -20.66 1.52
C MET I 326 17.67 -21.98 2.05
N GLU I 327 17.28 -23.12 1.47
CA GLU I 327 17.88 -24.39 1.86
C GLU I 327 19.35 -24.43 1.47
N GLY I 328 19.69 -23.93 0.29
CA GLY I 328 21.09 -23.81 -0.08
C GLY I 328 21.85 -22.91 0.86
N LEU I 329 21.24 -21.80 1.27
CA LEU I 329 21.89 -20.92 2.23
C LEU I 329 22.14 -21.61 3.56
N ILE I 330 21.14 -22.36 4.05
CA ILE I 330 21.28 -23.04 5.33
C ILE I 330 22.35 -24.13 5.25
N VAL I 331 22.37 -24.88 4.15
CA VAL I 331 23.36 -25.94 3.99
C VAL I 331 24.76 -25.35 3.90
N ARG I 332 24.92 -24.24 3.18
CA ARG I 332 26.23 -23.59 3.10
C ARG I 332 26.68 -23.11 4.47
N GLU I 333 25.77 -22.51 5.25
CA GLU I 333 26.14 -22.07 6.59
C GLU I 333 26.50 -23.24 7.49
N ARG I 334 25.78 -24.35 7.37
CA ARG I 334 26.06 -25.51 8.22
C ARG I 334 27.41 -26.16 7.84
N ILE I 335 27.68 -26.31 6.55
CA ILE I 335 28.89 -27.00 6.13
C ILE I 335 30.11 -26.12 6.34
N LEU I 336 30.05 -24.88 5.87
CA LEU I 336 31.20 -23.98 5.98
C LEU I 336 31.36 -23.43 7.39
N GLY I 337 30.28 -23.31 8.14
CA GLY I 337 30.35 -22.61 9.41
C GLY I 337 30.16 -21.13 9.25
N ALA I 338 29.60 -20.50 10.28
CA ALA I 338 29.36 -19.06 10.23
C ALA I 338 30.59 -18.26 10.61
N ASP I 339 31.73 -18.58 10.01
CA ASP I 339 32.95 -17.80 10.19
C ASP I 339 33.81 -17.80 8.93
N ASN I 340 33.34 -18.40 7.84
CA ASN I 340 34.13 -18.50 6.62
C ASN I 340 34.06 -17.20 5.83
N ILE I 341 35.05 -17.02 4.95
CA ILE I 341 35.04 -15.86 4.07
C ILE I 341 33.92 -15.97 3.04
N ASP I 342 33.69 -17.17 2.52
CA ASP I 342 32.79 -17.38 1.40
C ASP I 342 31.37 -17.74 1.81
N VAL I 343 31.07 -17.75 3.12
CA VAL I 343 29.73 -18.09 3.57
C VAL I 343 28.77 -16.91 3.51
N SER I 344 29.30 -15.69 3.40
CA SER I 344 28.47 -14.49 3.44
C SER I 344 28.07 -13.97 2.07
N HIS I 345 28.89 -14.17 1.05
CA HIS I 345 28.58 -13.63 -0.28
C HIS I 345 27.30 -14.22 -0.90
N PRO I 346 27.03 -15.54 -0.83
CA PRO I 346 25.74 -16.02 -1.34
C PRO I 346 24.53 -15.39 -0.65
N ILE I 347 24.64 -15.10 0.66
CA ILE I 347 23.55 -14.43 1.35
C ILE I 347 23.32 -13.05 0.76
N ILE I 348 24.40 -12.32 0.48
CA ILE I 348 24.29 -11.00 -0.12
C ILE I 348 23.71 -11.09 -1.51
N TYR I 349 24.07 -12.13 -2.28
CA TYR I 349 23.52 -12.28 -3.62
C TYR I 349 22.03 -12.59 -3.59
N ARG I 350 21.61 -13.45 -2.67
CA ARG I 350 20.19 -13.74 -2.54
C ARG I 350 19.43 -12.51 -2.08
N GLY I 351 20.01 -11.72 -1.18
CA GLY I 351 19.39 -10.46 -0.79
C GLY I 351 19.29 -9.50 -1.95
N ALA I 352 20.33 -9.40 -2.77
CA ALA I 352 20.30 -8.50 -3.92
C ALA I 352 19.25 -8.92 -4.93
N VAL I 353 19.14 -10.22 -5.18
CA VAL I 353 18.11 -10.72 -6.10
C VAL I 353 16.71 -10.45 -5.53
N TYR I 354 16.54 -10.61 -4.22
CA TYR I 354 15.24 -10.32 -3.63
C TYR I 354 14.92 -8.83 -3.73
N ALA I 355 15.92 -7.97 -3.54
CA ALA I 355 15.72 -6.53 -3.67
C ALA I 355 15.36 -6.16 -5.11
N ASP I 356 16.00 -6.80 -6.09
CA ASP I 356 15.68 -6.54 -7.49
C ASP I 356 14.27 -6.99 -7.85
N ASN I 357 13.68 -7.88 -7.07
CA ASN I 357 12.31 -8.32 -7.28
C ASN I 357 11.32 -7.55 -6.41
N MET I 358 11.72 -6.39 -5.90
CA MET I 358 10.89 -5.53 -5.05
C MET I 358 10.42 -6.27 -3.80
N GLU I 359 11.23 -7.20 -3.32
CA GLU I 359 11.00 -7.90 -2.07
C GLU I 359 12.06 -7.41 -1.09
N PHE I 360 11.63 -6.70 -0.05
CA PHE I 360 12.57 -5.96 0.79
C PHE I 360 12.71 -6.52 2.20
N GLU I 361 11.69 -7.19 2.73
CA GLU I 361 11.75 -7.63 4.12
C GLU I 361 12.79 -8.74 4.32
N GLN I 362 12.68 -9.83 3.56
CA GLN I 362 13.70 -10.86 3.64
C GLN I 362 15.02 -10.43 3.02
N CYS I 363 15.00 -9.44 2.11
CA CYS I 363 16.24 -8.81 1.67
C CYS I 363 17.00 -8.22 2.85
N ILE I 364 16.31 -7.42 3.67
CA ILE I 364 16.95 -6.82 4.84
C ILE I 364 17.38 -7.90 5.81
N LYS I 365 16.57 -8.94 5.98
CA LYS I 365 16.93 -10.03 6.88
C LYS I 365 18.24 -10.70 6.46
N LEU I 366 18.33 -11.09 5.19
CA LEU I 366 19.53 -11.77 4.70
C LEU I 366 20.75 -10.86 4.75
N TRP I 367 20.58 -9.59 4.36
CA TRP I 367 21.73 -8.69 4.37
C TRP I 367 22.19 -8.39 5.78
N LEU I 368 21.25 -8.30 6.74
CA LEU I 368 21.63 -8.12 8.13
C LEU I 368 22.37 -9.33 8.65
N HIS I 369 21.94 -10.53 8.26
CA HIS I 369 22.67 -11.73 8.67
C HIS I 369 24.08 -11.74 8.09
N ALA I 370 24.24 -11.37 6.82
CA ALA I 370 25.57 -11.34 6.23
C ALA I 370 26.43 -10.27 6.89
N LEU I 371 25.85 -9.13 7.21
CA LEU I 371 26.56 -8.07 7.92
C LEU I 371 27.02 -8.54 9.30
N HIS I 372 26.16 -9.24 10.03
CA HIS I 372 26.54 -9.76 11.34
C HIS I 372 27.65 -10.80 11.21
N LEU I 373 27.56 -11.67 10.20
CA LEU I 373 28.61 -12.67 10.00
C LEU I 373 29.95 -12.01 9.68
N ARG I 374 29.94 -11.01 8.81
CA ARG I 374 31.19 -10.36 8.43
C ARG I 374 31.74 -9.50 9.56
N GLN I 375 30.88 -8.97 10.43
CA GLN I 375 31.36 -8.22 11.58
C GLN I 375 31.95 -9.15 12.63
N LYS I 376 31.30 -10.30 12.87
CA LYS I 376 31.88 -11.29 13.77
C LYS I 376 33.19 -11.82 13.24
N GLY I 377 33.33 -11.93 11.93
CA GLY I 377 34.62 -12.25 11.35
C GLY I 377 35.60 -11.10 11.28
N ASN I 378 35.14 -9.89 11.63
CA ASN I 378 35.96 -8.68 11.62
C ASN I 378 36.55 -8.41 10.24
N ARG I 379 35.64 -8.16 9.29
CA ARG I 379 36.01 -7.86 7.91
C ARG I 379 35.39 -6.54 7.49
N ASN I 380 35.98 -5.95 6.45
CA ASN I 380 35.56 -4.63 5.98
C ASN I 380 34.15 -4.73 5.37
N THR I 381 33.18 -4.13 6.05
CA THR I 381 31.81 -4.10 5.57
C THR I 381 31.39 -2.69 5.16
N HIS I 382 32.34 -1.86 4.74
CA HIS I 382 32.00 -0.53 4.28
C HIS I 382 31.20 -0.53 2.99
N LYS I 383 31.16 -1.65 2.28
CA LYS I 383 30.29 -1.83 1.13
C LYS I 383 28.93 -2.40 1.49
N ASP I 384 28.86 -3.24 2.53
CA ASP I 384 27.57 -3.79 2.94
C ASP I 384 26.66 -2.71 3.50
N LEU I 385 27.21 -1.80 4.31
CA LEU I 385 26.41 -0.70 4.81
C LEU I 385 26.01 0.26 3.70
N LEU I 386 26.85 0.42 2.68
CA LEU I 386 26.45 1.19 1.51
C LEU I 386 25.30 0.52 0.78
N ARG I 387 25.32 -0.82 0.69
CA ARG I 387 24.20 -1.54 0.10
C ARG I 387 22.94 -1.36 0.92
N PHE I 388 23.08 -1.31 2.25
CA PHE I 388 21.94 -1.03 3.12
C PHE I 388 21.38 0.36 2.88
N ALA I 389 22.26 1.35 2.75
CA ALA I 389 21.81 2.71 2.46
C ALA I 389 21.12 2.78 1.11
N GLN I 390 21.59 2.01 0.13
CA GLN I 390 20.98 2.02 -1.20
C GLN I 390 19.61 1.35 -1.19
N VAL I 391 19.48 0.21 -0.50
CA VAL I 391 18.18 -0.44 -0.46
C VAL I 391 17.19 0.34 0.40
N PHE I 392 17.66 0.97 1.48
CA PHE I 392 16.79 1.81 2.28
C PHE I 392 16.30 3.01 1.49
N SER I 393 17.17 3.54 0.62
CA SER I 393 16.74 4.58 -0.31
C SER I 393 15.69 4.05 -1.27
N GLN I 394 15.87 2.81 -1.73
CA GLN I 394 14.87 2.19 -2.61
C GLN I 394 13.55 1.96 -1.88
N MET I 395 13.60 1.64 -0.59
CA MET I 395 12.39 1.48 0.20
C MET I 395 11.75 2.82 0.58
N ILE I 396 12.42 3.93 0.30
CA ILE I 396 11.87 5.25 0.56
C ILE I 396 11.48 5.96 -0.74
N HIS I 397 12.34 5.87 -1.77
CA HIS I 397 12.03 6.47 -3.05
C HIS I 397 10.82 5.81 -3.71
N LEU I 398 10.55 4.55 -3.38
CA LEU I 398 9.37 3.84 -3.87
C LEU I 398 8.18 3.96 -2.93
N ASN I 399 8.22 4.92 -2.00
CA ASN I 399 7.13 5.22 -1.07
C ASN I 399 6.77 4.04 -0.18
N GLU I 400 7.69 3.10 0.03
CA GLU I 400 7.46 2.01 0.95
C GLU I 400 7.83 2.44 2.36
N THR I 401 7.62 1.56 3.33
CA THR I 401 7.93 1.83 4.72
C THR I 401 9.09 0.96 5.17
N VAL I 402 9.95 1.53 6.01
CA VAL I 402 11.14 0.86 6.52
C VAL I 402 10.95 0.63 8.01
N LYS I 403 11.18 -0.61 8.44
CA LYS I 403 11.07 -0.94 9.86
C LYS I 403 12.19 -0.27 10.64
N ALA I 404 11.82 0.40 11.73
CA ALA I 404 12.81 1.09 12.56
C ALA I 404 13.87 0.18 13.17
N PRO I 405 13.56 -1.03 13.67
CA PRO I 405 14.65 -1.90 14.15
C PRO I 405 15.69 -2.25 13.09
N ASP I 406 15.29 -2.34 11.82
CA ASP I 406 16.27 -2.57 10.76
C ASP I 406 17.27 -1.44 10.68
N ILE I 407 16.78 -0.19 10.65
CA ILE I 407 17.67 0.96 10.57
C ILE I 407 18.50 1.07 11.83
N GLU I 408 17.93 0.72 12.99
CA GLU I 408 18.70 0.75 14.23
C GLU I 408 19.85 -0.25 14.19
N CYS I 409 19.58 -1.47 13.71
CA CYS I 409 20.64 -2.48 13.63
C CYS I 409 21.73 -2.07 12.66
N VAL I 410 21.33 -1.52 11.50
CA VAL I 410 22.33 -1.10 10.52
C VAL I 410 23.13 0.09 11.07
N LEU I 411 22.50 0.99 11.81
CA LEU I 411 23.21 2.12 12.39
C LEU I 411 24.18 1.66 13.47
N ARG I 412 23.79 0.69 14.28
CA ARG I 412 24.72 0.15 15.29
C ARG I 412 25.92 -0.51 14.63
N CYS I 413 25.67 -1.29 13.58
CA CYS I 413 26.77 -1.92 12.86
C CYS I 413 27.66 -0.88 12.20
N SER I 414 27.07 0.20 11.68
CA SER I 414 27.86 1.26 11.05
C SER I 414 28.70 2.00 12.08
N VAL I 415 28.16 2.26 13.27
CA VAL I 415 28.92 2.88 14.34
C VAL I 415 30.10 1.99 14.72
N LEU I 416 29.84 0.68 14.88
CA LEU I 416 30.92 -0.24 15.18
C LEU I 416 31.99 -0.20 14.10
N GLU I 417 31.58 -0.31 12.83
CA GLU I 417 32.55 -0.39 11.75
C GLU I 417 33.35 0.90 11.60
N ILE I 418 32.73 2.04 11.89
CA ILE I 418 33.49 3.29 11.93
C ILE I 418 34.49 3.26 13.06
N GLU I 419 34.12 2.65 14.20
CA GLU I 419 35.06 2.55 15.31
C GLU I 419 36.28 1.70 14.95
N GLN I 420 36.06 0.49 14.42
CA GLN I 420 37.23 -0.29 13.97
C GLN I 420 37.93 0.31 12.75
N SER I 421 37.25 1.13 11.94
CA SER I 421 37.95 1.81 10.86
C SER I 421 38.88 2.88 11.39
N MET I 422 38.46 3.60 12.43
CA MET I 422 39.35 4.51 13.13
C MET I 422 40.52 3.77 13.75
N ASN I 423 40.25 2.61 14.35
CA ASN I 423 41.32 1.79 14.92
C ASN I 423 42.32 1.35 13.86
N ARG I 424 41.82 0.92 12.69
CA ARG I 424 42.69 0.50 11.60
C ARG I 424 43.52 1.65 11.06
N VAL I 425 42.89 2.83 10.93
CA VAL I 425 43.62 3.99 10.42
C VAL I 425 44.72 4.41 11.39
N LYS I 426 44.41 4.44 12.69
CA LYS I 426 45.38 4.89 13.67
C LYS I 426 46.47 3.85 13.95
N ASN I 427 46.13 2.57 13.83
CA ASN I 427 47.11 1.52 14.08
C ASN I 427 48.17 1.47 13.00
N ILE I 428 47.75 1.52 11.74
CA ILE I 428 48.67 1.47 10.60
C ILE I 428 49.06 2.90 10.26
N SER I 429 50.32 3.25 10.51
CA SER I 429 50.76 4.63 10.31
C SER I 429 50.69 5.05 8.84
N ASP I 430 51.49 4.40 7.99
CA ASP I 430 51.60 4.83 6.60
C ASP I 430 51.72 3.67 5.62
N ALA I 431 51.63 2.41 6.08
CA ALA I 431 51.84 1.27 5.20
C ALA I 431 50.79 1.21 4.10
N ASP I 432 49.50 1.26 4.48
CA ASP I 432 48.41 1.33 3.52
C ASP I 432 47.31 2.26 4.00
N VAL I 433 47.68 3.32 4.74
CA VAL I 433 46.71 4.16 5.41
C VAL I 433 45.83 4.93 4.43
N HIS I 434 46.23 5.03 3.16
CA HIS I 434 45.41 5.74 2.17
C HIS I 434 44.10 5.00 1.93
N ASN I 435 44.17 3.69 1.68
CA ASN I 435 42.95 2.92 1.45
C ASN I 435 42.11 2.82 2.71
N ALA I 436 42.75 2.71 3.88
CA ALA I 436 42.00 2.68 5.13
C ALA I 436 41.27 3.99 5.36
N MET I 437 41.92 5.12 5.07
CA MET I 437 41.27 6.42 5.23
C MET I 437 40.13 6.59 4.24
N ASP I 438 40.31 6.12 3.00
CA ASP I 438 39.24 6.20 2.02
C ASP I 438 38.05 5.35 2.43
N ASN I 439 38.29 4.15 2.96
CA ASN I 439 37.22 3.32 3.49
C ASN I 439 36.54 4.01 4.68
N TYR I 440 37.33 4.69 5.51
CA TYR I 440 36.78 5.39 6.66
C TYR I 440 35.83 6.51 6.22
N GLU I 441 36.25 7.31 5.24
CA GLU I 441 35.39 8.38 4.74
C GLU I 441 34.15 7.81 4.07
N CYS I 442 34.31 6.72 3.32
CA CYS I 442 33.14 6.07 2.73
C CYS I 442 32.17 5.58 3.80
N ASN I 443 32.71 5.07 4.90
CA ASN I 443 31.86 4.56 5.97
C ASN I 443 31.13 5.69 6.70
N LEU I 444 31.81 6.83 6.86
CA LEU I 444 31.13 8.00 7.41
C LEU I 444 30.00 8.47 6.50
N TYR I 445 30.25 8.48 5.19
CA TYR I 445 29.20 8.87 4.25
C TYR I 445 28.02 7.90 4.31
N THR I 446 28.30 6.60 4.42
CA THR I 446 27.21 5.62 4.53
C THR I 446 26.43 5.82 5.81
N PHE I 447 27.12 6.17 6.90
CA PHE I 447 26.41 6.49 8.13
C PHE I 447 25.50 7.70 7.95
N LEU I 448 25.98 8.72 7.25
CA LEU I 448 25.16 9.90 7.03
C LEU I 448 23.96 9.58 6.17
N TYR I 449 24.14 8.70 5.18
CA TYR I 449 22.98 8.25 4.41
C TYR I 449 21.98 7.55 5.31
N LEU I 450 22.47 6.66 6.18
CA LEU I 450 21.57 5.93 7.07
C LEU I 450 20.81 6.87 7.99
N VAL I 451 21.48 7.91 8.48
CA VAL I 451 20.79 8.93 9.26
C VAL I 451 19.74 9.65 8.41
N CYS I 452 20.07 9.89 7.14
CA CYS I 452 19.11 10.56 6.25
C CYS I 452 17.84 9.72 6.06
N ILE I 453 17.98 8.41 5.83
CA ILE I 453 16.79 7.54 5.83
C ILE I 453 16.11 7.56 7.20
N SER I 454 16.88 7.55 8.28
CA SER I 454 16.29 7.54 9.61
C SER I 454 15.42 8.77 9.86
N THR I 455 15.77 9.91 9.25
CA THR I 455 14.96 11.11 9.39
C THR I 455 13.72 11.09 8.52
N LYS I 456 13.69 10.27 7.47
CA LYS I 456 12.60 10.26 6.51
C LYS I 456 11.62 9.11 6.75
N THR I 457 11.70 8.44 7.88
CA THR I 457 10.78 7.37 8.25
C THR I 457 10.00 7.77 9.51
N GLN I 458 9.18 6.84 9.98
CA GLN I 458 8.43 7.01 11.22
C GLN I 458 8.89 5.97 12.22
N CYS I 459 9.19 6.40 13.44
CA CYS I 459 9.71 5.52 14.47
C CYS I 459 8.97 5.74 15.78
N SER I 460 8.86 4.67 16.57
CA SER I 460 8.28 4.77 17.90
C SER I 460 9.28 5.41 18.86
N GLU I 461 8.85 5.61 20.11
CA GLU I 461 9.72 6.27 21.09
C GLU I 461 10.95 5.44 21.39
N GLU I 462 10.77 4.13 21.61
CA GLU I 462 11.91 3.27 21.91
C GLU I 462 12.85 3.15 20.71
N ASP I 463 12.29 3.00 19.51
CA ASP I 463 13.12 2.91 18.31
C ASP I 463 13.86 4.22 18.06
N GLN I 464 13.17 5.36 18.22
CA GLN I 464 13.80 6.65 18.00
C GLN I 464 14.90 6.90 19.02
N CYS I 465 14.67 6.53 20.29
CA CYS I 465 15.72 6.75 21.28
C CYS I 465 16.89 5.81 21.07
N LYS I 466 16.66 4.59 20.56
CA LYS I 466 17.77 3.72 20.22
C LYS I 466 18.58 4.27 19.05
N ILE I 467 17.91 4.80 18.02
CA ILE I 467 18.60 5.40 16.90
C ILE I 467 19.41 6.61 17.35
N ASN I 468 18.81 7.46 18.19
CA ASN I 468 19.52 8.61 18.72
C ASN I 468 20.69 8.18 19.61
N LYS I 469 20.55 7.06 20.31
CA LYS I 469 21.66 6.55 21.10
C LYS I 469 22.82 6.14 20.21
N GLN I 470 22.53 5.48 19.09
CA GLN I 470 23.60 5.10 18.16
C GLN I 470 24.27 6.33 17.56
N ILE I 471 23.46 7.33 17.18
CA ILE I 471 24.03 8.56 16.62
C ILE I 471 24.88 9.28 17.65
N TYR I 472 24.42 9.31 18.91
CA TYR I 472 25.20 9.90 19.99
C TYR I 472 26.52 9.15 20.20
N ASN I 473 26.46 7.82 20.15
CA ASN I 473 27.64 7.00 20.34
C ASN I 473 28.67 7.29 19.27
N LEU I 474 28.23 7.45 18.02
CA LEU I 474 29.19 7.81 16.98
C LEU I 474 29.70 9.23 17.16
N ILE I 475 28.79 10.19 17.38
CA ILE I 475 29.16 11.60 17.38
C ILE I 475 30.05 11.95 18.58
N HIS I 476 30.09 11.10 19.61
CA HIS I 476 31.01 11.31 20.71
C HIS I 476 32.33 10.58 20.51
N LEU I 477 32.55 10.00 19.34
CA LEU I 477 33.87 9.49 18.96
C LEU I 477 34.69 10.51 18.19
N ASP I 478 34.10 11.67 17.87
CA ASP I 478 34.68 12.71 17.02
C ASP I 478 35.17 12.12 15.71
N PRO I 479 34.26 11.71 14.82
CA PRO I 479 34.68 11.14 13.53
C PRO I 479 34.99 12.23 12.52
N ARG I 480 36.27 12.36 12.18
CA ARG I 480 36.74 13.35 11.22
C ARG I 480 37.27 12.68 9.98
N THR I 481 36.89 13.21 8.82
CA THR I 481 37.41 12.70 7.55
C THR I 481 38.84 13.21 7.35
N ARG I 482 39.41 12.94 6.18
CA ARG I 482 40.79 13.32 5.93
C ARG I 482 40.97 14.82 5.78
N GLU I 483 39.92 15.55 5.41
CA GLU I 483 40.01 17.00 5.31
C GLU I 483 39.61 17.71 6.60
N GLY I 484 39.18 16.96 7.60
CA GLY I 484 38.79 17.51 8.88
C GLY I 484 37.31 17.63 9.12
N PHE I 485 36.49 17.36 8.11
CA PHE I 485 35.05 17.46 8.25
C PHE I 485 34.55 16.50 9.32
N THR I 486 33.97 17.05 10.37
CA THR I 486 33.30 16.22 11.36
C THR I 486 32.01 15.65 10.76
N LEU I 487 31.27 14.89 11.56
CA LEU I 487 30.06 14.29 11.05
C LEU I 487 28.95 15.31 10.80
N LEU I 488 29.11 16.55 11.23
CA LEU I 488 28.13 17.59 10.95
C LEU I 488 28.59 18.54 9.85
N HIS I 489 29.89 18.69 9.62
CA HIS I 489 30.35 19.47 8.47
C HIS I 489 29.84 18.87 7.17
N LEU I 490 29.85 17.54 7.08
CA LEU I 490 29.37 16.88 5.88
C LEU I 490 27.87 17.03 5.72
N ALA I 491 27.13 16.97 6.82
CA ALA I 491 25.67 17.06 6.75
C ALA I 491 25.19 18.44 6.31
N VAL I 492 26.05 19.46 6.37
CA VAL I 492 25.72 20.80 5.91
C VAL I 492 26.51 21.18 4.66
N ASN I 493 27.20 20.23 4.06
CA ASN I 493 28.08 20.50 2.93
C ASN I 493 27.38 20.13 1.63
N SER I 494 27.44 21.03 0.64
CA SER I 494 26.91 20.71 -0.67
C SER I 494 27.81 19.70 -1.40
N ASN I 495 29.11 19.80 -1.20
CA ASN I 495 30.07 18.91 -1.85
C ASN I 495 30.33 17.66 -1.01
N THR I 496 29.26 16.98 -0.59
CA THR I 496 29.40 15.72 0.12
C THR I 496 29.09 14.58 -0.84
N PRO I 497 30.01 13.63 -1.04
CA PRO I 497 29.79 12.59 -2.04
C PRO I 497 28.61 11.69 -1.71
N VAL I 498 27.56 11.78 -2.52
CA VAL I 498 26.44 10.88 -2.46
C VAL I 498 26.61 9.86 -3.58
N ASP I 499 26.40 8.58 -3.26
CA ASP I 499 26.64 7.52 -4.23
C ASP I 499 25.72 7.67 -5.43
N ASP I 500 26.24 7.37 -6.62
CA ASP I 500 25.48 7.52 -7.86
C ASP I 500 24.35 6.50 -7.98
N PHE I 501 24.32 5.49 -7.12
CA PHE I 501 23.23 4.53 -7.11
C PHE I 501 22.03 5.15 -6.39
N HIS I 502 21.08 4.31 -5.97
CA HIS I 502 19.78 4.78 -5.51
C HIS I 502 19.81 5.72 -4.31
N THR I 503 20.96 5.86 -3.64
CA THR I 503 21.08 6.88 -2.60
C THR I 503 21.11 8.29 -3.15
N ASN I 504 21.33 8.45 -4.46
CA ASN I 504 21.39 9.79 -5.05
C ASN I 504 20.04 10.50 -5.02
N ASP I 505 18.95 9.76 -4.82
CA ASP I 505 17.62 10.35 -4.83
C ASP I 505 17.18 10.74 -3.42
N VAL I 506 17.14 9.78 -2.50
CA VAL I 506 16.65 10.04 -1.15
C VAL I 506 17.64 10.90 -0.37
N CYS I 507 18.93 10.57 -0.44
CA CYS I 507 19.94 11.22 0.39
C CYS I 507 20.49 12.44 -0.34
N SER I 508 20.07 13.63 0.10
CA SER I 508 20.56 14.89 -0.44
C SER I 508 21.23 15.68 0.68
N PHE I 509 22.44 16.17 0.41
CA PHE I 509 23.15 16.99 1.38
C PHE I 509 23.46 18.35 0.79
N PRO I 510 23.32 19.44 1.56
CA PRO I 510 22.96 19.56 2.98
C PRO I 510 21.54 19.16 3.31
N ASN I 511 21.32 18.60 4.50
CA ASN I 511 20.02 18.16 4.95
C ASN I 511 19.65 18.89 6.23
N ALA I 512 18.46 19.46 6.26
CA ALA I 512 18.00 20.20 7.43
C ALA I 512 17.60 19.30 8.57
N LEU I 513 17.19 18.06 8.29
CA LEU I 513 16.80 17.12 9.33
C LEU I 513 17.98 16.34 9.88
N VAL I 514 18.95 15.99 9.03
CA VAL I 514 20.17 15.34 9.51
C VAL I 514 20.95 16.28 10.40
N THR I 515 21.05 17.55 10.01
CA THR I 515 21.78 18.52 10.82
C THR I 515 21.13 18.70 12.19
N LYS I 516 19.79 18.82 12.22
CA LYS I 516 19.12 18.97 13.51
C LYS I 516 19.23 17.70 14.35
N LEU I 517 19.17 16.53 13.71
CA LEU I 517 19.31 15.27 14.44
C LEU I 517 20.70 15.15 15.05
N LEU I 518 21.74 15.51 14.30
CA LEU I 518 23.08 15.50 14.86
C LEU I 518 23.22 16.52 15.96
N LEU I 519 22.63 17.70 15.80
CA LEU I 519 22.76 18.77 16.78
C LEU I 519 22.12 18.39 18.11
N ASP I 520 20.90 17.85 18.07
CA ASP I 520 20.25 17.47 19.30
C ASP I 520 20.63 16.06 19.76
N CYS I 521 21.47 15.37 19.01
CA CYS I 521 22.10 14.14 19.47
C CYS I 521 23.51 14.38 20.01
N GLY I 522 23.91 15.62 20.18
CA GLY I 522 25.12 15.96 20.87
C GLY I 522 26.33 16.30 20.01
N ALA I 523 26.12 16.80 18.80
CA ALA I 523 27.26 17.14 17.94
C ALA I 523 27.84 18.48 18.35
N GLU I 524 29.17 18.56 18.30
CA GLU I 524 29.86 19.82 18.60
C GLU I 524 29.62 20.77 17.44
N VAL I 525 28.73 21.74 17.65
CA VAL I 525 28.38 22.68 16.59
C VAL I 525 29.51 23.63 16.26
N ASN I 526 30.42 23.87 17.21
CA ASN I 526 31.59 24.71 16.98
C ASN I 526 32.81 23.91 16.53
N ALA I 527 32.59 22.74 15.92
CA ALA I 527 33.69 21.94 15.41
C ALA I 527 34.40 22.68 14.29
N VAL I 528 35.70 22.44 14.16
CA VAL I 528 36.55 23.17 13.25
C VAL I 528 37.16 22.21 12.23
N ASP I 529 37.03 22.56 10.96
CA ASP I 529 37.72 21.86 9.88
C ASP I 529 39.23 22.03 10.01
N ASN I 530 39.98 21.17 9.33
CA ASN I 530 41.41 21.39 9.25
C ASN I 530 41.75 22.66 8.49
N GLU I 531 40.92 23.02 7.51
CA GLU I 531 41.08 24.32 6.86
C GLU I 531 40.75 25.46 7.82
N GLY I 532 39.95 25.18 8.84
CA GLY I 532 39.55 26.16 9.84
C GLY I 532 38.08 26.48 9.83
N ASN I 533 37.36 26.15 8.77
CA ASN I 533 35.94 26.49 8.68
C ASN I 533 35.14 25.73 9.72
N SER I 534 34.21 26.43 10.37
CA SER I 534 33.34 25.80 11.34
C SER I 534 32.18 25.14 10.60
N ALA I 535 31.17 24.72 11.35
CA ALA I 535 29.99 24.13 10.73
C ALA I 535 29.12 25.17 10.03
N LEU I 536 29.30 26.44 10.36
CA LEU I 536 28.51 27.52 9.78
C LEU I 536 29.20 28.15 8.57
N HIS I 537 30.54 28.11 8.51
CA HIS I 537 31.25 28.62 7.35
C HIS I 537 30.96 27.82 6.10
N ILE I 538 30.39 26.63 6.25
CA ILE I 538 30.13 25.73 5.13
C ILE I 538 28.71 25.87 4.61
N ILE I 539 27.72 25.98 5.51
CA ILE I 539 26.35 26.15 5.07
C ILE I 539 26.13 27.51 4.43
N VAL I 540 26.84 28.55 4.90
CA VAL I 540 26.66 29.87 4.30
C VAL I 540 27.41 30.02 2.98
N GLN I 541 28.13 29.01 2.55
CA GLN I 541 28.72 28.96 1.22
C GLN I 541 27.84 28.22 0.23
N TYR I 542 26.63 27.86 0.63
CA TYR I 542 25.76 27.04 -0.20
C TYR I 542 25.36 27.80 -1.45
N ASN I 543 25.48 27.15 -2.60
CA ASN I 543 25.39 27.80 -3.90
C ASN I 543 23.99 27.75 -4.51
N ARG I 544 23.01 27.22 -3.79
CA ARG I 544 21.62 27.19 -4.25
C ARG I 544 20.71 27.77 -3.17
N PRO I 545 20.87 29.06 -2.86
CA PRO I 545 20.12 29.63 -1.73
C PRO I 545 18.62 29.74 -1.96
N ILE I 546 18.21 30.40 -3.04
CA ILE I 546 16.79 30.66 -3.26
C ILE I 546 16.07 29.38 -3.66
N SER I 547 16.72 28.54 -4.45
CA SER I 547 16.12 27.25 -4.82
C SER I 547 15.93 26.36 -3.61
N ASP I 548 16.89 26.38 -2.67
CA ASP I 548 16.85 25.51 -1.51
C ASP I 548 16.81 26.32 -0.23
N PHE I 549 15.92 27.31 -0.17
CA PHE I 549 15.84 28.17 1.01
C PHE I 549 15.45 27.38 2.26
N LEU I 550 14.49 26.46 2.13
CA LEU I 550 14.01 25.74 3.31
C LEU I 550 15.12 24.94 3.97
N THR I 551 16.01 24.35 3.18
CA THR I 551 17.18 23.69 3.75
C THR I 551 18.17 24.71 4.30
N LEU I 552 18.44 25.77 3.52
CA LEU I 552 19.40 26.78 3.96
C LEU I 552 18.91 27.52 5.18
N HIS I 553 17.62 27.85 5.23
CA HIS I 553 17.08 28.55 6.39
C HIS I 553 17.12 27.68 7.64
N SER I 554 16.60 26.46 7.54
CA SER I 554 16.44 25.63 8.74
C SER I 554 17.77 25.18 9.31
N ILE I 555 18.80 25.04 8.47
CA ILE I 555 20.11 24.67 8.99
C ILE I 555 20.73 25.83 9.76
N ILE I 556 20.68 27.03 9.18
CA ILE I 556 21.26 28.19 9.84
C ILE I 556 20.51 28.51 11.13
N ILE I 557 19.19 28.31 11.13
CA ILE I 557 18.43 28.42 12.37
C ILE I 557 18.91 27.38 13.37
N SER I 558 19.06 26.13 12.93
CA SER I 558 19.40 25.04 13.85
C SER I 558 20.78 25.24 14.46
N LEU I 559 21.76 25.62 13.64
CA LEU I 559 23.11 25.80 14.15
C LEU I 559 23.19 26.94 15.16
N VAL I 560 22.61 28.09 14.81
CA VAL I 560 22.76 29.27 15.66
C VAL I 560 22.06 29.07 17.00
N GLU I 561 20.85 28.53 17.00
CA GLU I 561 20.18 28.29 18.28
C GLU I 561 20.67 27.01 18.95
N ALA I 562 21.50 26.23 18.26
CA ALA I 562 22.14 25.07 18.87
C ALA I 562 23.51 25.38 19.41
N GLY I 563 23.94 26.64 19.36
CA GLY I 563 25.18 27.06 19.98
C GLY I 563 26.29 27.48 19.05
N ALA I 564 26.03 27.58 17.75
CA ALA I 564 27.07 28.01 16.82
C ALA I 564 27.47 29.45 17.09
N HIS I 565 28.76 29.71 17.05
CA HIS I 565 29.29 31.06 17.25
C HIS I 565 29.42 31.70 15.88
N THR I 566 28.52 32.64 15.57
CA THR I 566 28.49 33.27 14.25
C THR I 566 29.49 34.40 14.11
N ASP I 567 30.73 34.18 14.54
CA ASP I 567 31.79 35.13 14.35
C ASP I 567 33.13 34.46 14.13
N MET I 568 33.18 33.13 14.08
CA MET I 568 34.44 32.41 14.05
C MET I 568 35.20 32.75 12.78
N THR I 569 36.53 32.76 12.89
CA THR I 569 37.39 32.97 11.74
C THR I 569 38.15 31.68 11.46
N ASN I 570 38.15 31.26 10.21
CA ASN I 570 38.95 30.11 9.80
C ASN I 570 40.42 30.53 9.73
N LYS I 571 41.28 29.63 9.24
CA LYS I 571 42.70 29.94 9.23
C LYS I 571 43.05 31.03 8.23
N GLN I 572 42.12 31.43 7.37
CA GLN I 572 42.28 32.60 6.53
C GLN I 572 41.73 33.87 7.18
N ASN I 573 41.29 33.78 8.44
CA ASN I 573 40.77 34.91 9.21
C ASN I 573 39.55 35.53 8.53
N LYS I 574 38.54 34.69 8.31
CA LYS I 574 37.32 35.11 7.64
C LYS I 574 36.10 34.67 8.44
N THR I 575 35.23 35.62 8.76
CA THR I 575 33.99 35.31 9.45
C THR I 575 33.04 34.59 8.50
N PRO I 576 32.00 33.92 9.03
CA PRO I 576 31.03 33.29 8.12
C PRO I 576 30.36 34.27 7.18
N LEU I 577 30.19 35.53 7.58
CA LEU I 577 29.74 36.55 6.65
C LEU I 577 30.77 36.79 5.55
N ASP I 578 32.05 36.82 5.92
CA ASP I 578 33.10 36.98 4.93
C ASP I 578 33.17 35.76 4.00
N LYS I 579 33.01 34.56 4.55
CA LYS I 579 32.95 33.35 3.75
C LYS I 579 31.50 32.99 3.41
N SER I 580 30.77 33.96 2.86
CA SER I 580 29.38 33.76 2.46
C SER I 580 29.26 34.19 1.00
N THR I 581 29.36 33.23 0.09
CA THR I 581 29.26 33.52 -1.33
C THR I 581 27.80 33.57 -1.76
N THR I 582 26.99 34.34 -1.04
CA THR I 582 25.56 34.42 -1.28
C THR I 582 24.94 35.57 -0.50
N GLY I 583 24.14 36.42 -1.15
CA GLY I 583 23.46 37.48 -0.44
C GLY I 583 22.41 36.97 0.53
N VAL I 584 21.70 35.90 0.15
CA VAL I 584 20.65 35.36 0.99
C VAL I 584 21.21 34.77 2.27
N SER I 585 22.35 34.07 2.18
CA SER I 585 23.00 33.54 3.37
C SER I 585 23.45 34.67 4.28
N GLU I 586 23.96 35.77 3.70
CA GLU I 586 24.32 36.93 4.49
C GLU I 586 23.10 37.50 5.21
N ILE I 587 21.96 37.59 4.52
CA ILE I 587 20.76 38.14 5.15
C ILE I 587 20.30 37.25 6.30
N LEU I 588 20.27 35.93 6.08
CA LEU I 588 19.83 35.01 7.12
C LEU I 588 20.76 35.04 8.33
N LEU I 589 22.07 35.04 8.08
CA LEU I 589 23.02 35.07 9.18
C LEU I 589 22.94 36.38 9.96
N LYS I 590 22.82 37.50 9.25
CA LYS I 590 22.70 38.78 9.93
C LYS I 590 21.40 38.87 10.72
N THR I 591 20.35 38.20 10.24
CA THR I 591 19.13 38.11 11.04
C THR I 591 19.38 37.31 12.31
N GLN I 592 20.18 36.24 12.22
CA GLN I 592 20.44 35.38 13.37
C GLN I 592 21.68 35.76 14.16
N MET I 593 22.42 36.79 13.75
CA MET I 593 23.65 37.16 14.43
C MET I 593 23.33 37.95 15.68
N LYS I 594 23.66 37.40 16.84
CA LYS I 594 23.49 38.08 18.11
C LYS I 594 24.80 38.77 18.49
N MET I 595 24.74 40.07 18.70
CA MET I 595 25.95 40.85 18.97
C MET I 595 26.33 40.77 20.43
N SER I 596 27.64 40.81 20.68
CA SER I 596 28.18 40.81 22.03
C SER I 596 29.44 41.66 22.06
N LEU I 597 29.70 42.27 23.22
CA LEU I 597 30.89 43.10 23.35
C LEU I 597 32.15 42.25 23.40
N LYS I 598 32.05 41.01 23.86
CA LYS I 598 33.20 40.12 23.83
C LYS I 598 33.63 39.86 22.38
N CYS I 599 32.66 39.65 21.49
CA CYS I 599 32.98 39.43 20.08
C CYS I 599 33.58 40.68 19.43
N LEU I 600 33.01 41.86 19.69
CA LEU I 600 33.55 43.08 19.10
C LEU I 600 34.94 43.38 19.65
N ALA I 601 35.16 43.19 20.94
CA ALA I 601 36.47 43.42 21.52
C ALA I 601 37.49 42.41 21.01
N ALA I 602 37.10 41.15 20.84
CA ALA I 602 38.02 40.16 20.29
C ALA I 602 38.34 40.47 18.83
N ARG I 603 37.35 40.93 18.06
CA ARG I 603 37.62 41.33 16.69
C ARG I 603 38.59 42.51 16.63
N ALA I 604 38.42 43.48 17.54
CA ALA I 604 39.34 44.61 17.57
C ALA I 604 40.73 44.19 18.04
N VAL I 605 40.83 43.19 18.92
CA VAL I 605 42.14 42.71 19.36
C VAL I 605 42.84 41.99 18.22
N ARG I 606 42.13 41.12 17.52
CA ARG I 606 42.74 40.37 16.42
C ARG I 606 43.10 41.27 15.25
N ALA I 607 42.21 42.20 14.89
CA ALA I 607 42.43 43.04 13.72
C ALA I 607 43.58 44.02 13.94
N ASN I 608 43.80 44.45 15.17
CA ASN I 608 44.86 45.40 15.48
C ASN I 608 46.16 44.71 15.85
N ASP I 609 46.23 43.39 15.75
CA ASP I 609 47.43 42.60 16.01
C ASP I 609 47.98 42.85 17.41
N ILE I 610 47.08 42.97 18.38
CA ILE I 610 47.47 43.18 19.77
C ILE I 610 47.96 41.86 20.34
N ASN I 611 49.13 41.88 20.98
CA ASN I 611 49.69 40.69 21.58
C ASN I 611 48.89 40.34 22.83
N TYR I 612 48.02 39.33 22.72
CA TYR I 612 47.13 38.96 23.81
C TYR I 612 47.65 37.83 24.67
N GLN I 613 48.73 37.16 24.26
CA GLN I 613 49.23 36.01 25.01
C GLN I 613 49.73 36.46 26.38
N ASP I 614 49.36 35.68 27.41
CA ASP I 614 49.74 35.91 28.80
C ASP I 614 49.20 37.21 29.37
N GLN I 615 48.21 37.82 28.71
CA GLN I 615 47.56 39.02 29.21
C GLN I 615 46.06 38.87 29.38
N ILE I 616 45.51 37.69 29.10
CA ILE I 616 44.06 37.46 29.13
C ILE I 616 43.80 36.14 29.84
N PRO I 617 42.56 35.84 30.22
CA PRO I 617 42.24 34.49 30.70
C PRO I 617 42.60 33.42 29.68
N ARG I 618 43.03 32.27 30.19
CA ARG I 618 43.42 31.17 29.32
C ARG I 618 42.24 30.69 28.49
N THR I 619 41.04 30.64 29.08
CA THR I 619 39.85 30.27 28.33
C THR I 619 39.49 31.29 27.28
N LEU I 620 39.87 32.56 27.50
CA LEU I 620 39.63 33.62 26.53
C LEU I 620 40.71 33.67 25.46
N GLU I 621 41.86 33.02 25.67
CA GLU I 621 42.87 32.93 24.62
C GLU I 621 42.32 32.19 23.42
N GLU I 622 41.56 31.11 23.64
CA GLU I 622 40.89 30.43 22.54
C GLU I 622 39.87 31.35 21.87
N PHE I 623 39.13 32.12 22.68
CA PHE I 623 38.11 33.02 22.14
C PHE I 623 38.70 34.04 21.19
N VAL I 624 39.83 34.62 21.57
CA VAL I 624 40.53 35.49 20.62
C VAL I 624 41.13 34.66 19.49
N GLY I 625 41.45 33.40 19.76
CA GLY I 625 42.06 32.56 18.74
C GLY I 625 41.17 32.34 17.53
N PHE I 626 39.88 32.07 17.77
CA PHE I 626 38.98 31.89 16.63
C PHE I 626 38.30 33.19 16.21
N HIS I 627 38.90 34.33 16.50
CA HIS I 627 38.45 35.61 15.95
C HIS I 627 39.50 36.23 15.05
N ARG J 9 -82.61 18.51 -19.31
CA ARG J 9 -81.50 19.42 -19.54
C ARG J 9 -80.64 19.56 -18.29
N PHE J 10 -79.36 19.17 -18.40
CA PHE J 10 -78.39 19.30 -17.32
C PHE J 10 -77.17 20.02 -17.88
N GLU J 11 -77.07 21.31 -17.61
CA GLU J 11 -75.99 22.13 -18.12
C GLU J 11 -74.80 22.04 -17.16
N VAL J 12 -73.69 21.46 -17.63
CA VAL J 12 -72.47 21.46 -16.86
C VAL J 12 -71.97 22.89 -16.72
N LYS J 13 -71.46 23.23 -15.54
CA LYS J 13 -70.91 24.55 -15.28
C LYS J 13 -69.42 24.56 -15.05
N LYS J 14 -68.84 23.45 -14.59
CA LYS J 14 -67.42 23.35 -14.37
C LYS J 14 -66.98 21.91 -14.59
N TRP J 15 -65.73 21.74 -15.00
CA TRP J 15 -65.14 20.42 -15.19
C TRP J 15 -63.72 20.37 -14.63
N ASN J 16 -63.55 20.74 -13.36
CA ASN J 16 -62.25 20.61 -12.71
C ASN J 16 -61.70 19.20 -12.90
N ALA J 17 -60.63 19.06 -13.67
CA ALA J 17 -60.15 17.78 -14.14
C ALA J 17 -58.71 17.56 -13.71
N VAL J 18 -58.31 16.29 -13.72
CA VAL J 18 -56.96 15.88 -13.33
C VAL J 18 -56.43 14.94 -14.39
N ALA J 19 -55.20 15.17 -14.84
CA ALA J 19 -54.57 14.32 -15.84
C ALA J 19 -53.10 14.15 -15.48
N LEU J 20 -52.57 12.97 -15.76
CA LEU J 20 -51.18 12.66 -15.47
C LEU J 20 -50.37 12.75 -16.76
N TRP J 21 -49.33 13.56 -16.77
CA TRP J 21 -48.45 13.65 -17.92
C TRP J 21 -47.23 12.77 -17.72
N ALA J 22 -46.87 12.03 -18.77
CA ALA J 22 -45.69 11.20 -18.76
C ALA J 22 -44.96 11.41 -20.08
N TRP J 23 -43.65 11.16 -20.07
CA TRP J 23 -42.86 11.36 -21.26
C TRP J 23 -43.21 10.31 -22.30
N ASP J 24 -43.46 10.76 -23.52
CA ASP J 24 -43.88 9.89 -24.62
C ASP J 24 -42.87 9.95 -25.76
N ILE J 25 -41.59 9.88 -25.42
CA ILE J 25 -40.53 9.89 -26.41
C ILE J 25 -40.45 8.51 -27.05
N VAL J 26 -40.64 8.46 -28.36
CA VAL J 26 -40.50 7.22 -29.12
C VAL J 26 -39.33 7.36 -30.08
N VAL J 27 -38.69 6.24 -30.39
CA VAL J 27 -37.45 6.24 -31.13
C VAL J 27 -37.67 6.73 -32.56
N ASP J 28 -36.76 7.59 -33.02
CA ASP J 28 -36.80 8.16 -34.38
C ASP J 28 -38.12 8.90 -34.61
N ASN J 29 -38.32 9.97 -33.87
CA ASN J 29 -39.53 10.78 -34.00
C ASN J 29 -39.21 12.22 -33.63
N CYS J 30 -40.02 13.13 -34.17
CA CYS J 30 -39.93 14.54 -33.84
C CYS J 30 -40.98 14.85 -32.78
N ALA J 31 -40.53 15.36 -31.64
CA ALA J 31 -41.41 15.50 -30.49
C ALA J 31 -42.48 16.56 -30.70
N ILE J 32 -42.17 17.61 -31.46
CA ILE J 32 -43.11 18.72 -31.59
C ILE J 32 -44.35 18.30 -32.37
N CYS J 33 -44.15 17.61 -33.50
CA CYS J 33 -45.25 17.25 -34.39
C CYS J 33 -45.64 15.78 -34.30
N ARG J 34 -44.97 15.00 -33.44
CA ARG J 34 -45.23 13.57 -33.28
C ARG J 34 -45.15 12.83 -34.61
N ASN J 35 -44.18 13.20 -35.42
CA ASN J 35 -43.97 12.60 -36.74
C ASN J 35 -42.52 12.15 -36.85
N HIS J 36 -42.26 11.25 -37.80
CA HIS J 36 -40.92 10.70 -37.95
C HIS J 36 -39.95 11.79 -38.36
N ILE J 37 -38.68 11.61 -37.98
CA ILE J 37 -37.67 12.64 -38.21
C ILE J 37 -37.41 12.81 -39.70
N MET J 38 -37.18 11.69 -40.40
CA MET J 38 -36.87 11.77 -41.82
C MET J 38 -38.06 12.24 -42.64
N ASP J 39 -39.27 11.87 -42.24
CA ASP J 39 -40.46 12.35 -42.91
C ASP J 39 -40.64 13.84 -42.66
N LEU J 40 -41.45 14.48 -43.51
CA LEU J 40 -41.64 15.91 -43.40
C LEU J 40 -42.47 16.26 -42.17
N CYS J 41 -42.34 17.51 -41.73
CA CYS J 41 -43.04 17.99 -40.56
C CYS J 41 -44.55 18.10 -40.84
N ILE J 42 -45.32 18.23 -39.75
CA ILE J 42 -46.76 18.35 -39.89
C ILE J 42 -47.15 19.69 -40.51
N GLU J 43 -46.26 20.67 -40.49
CA GLU J 43 -46.51 21.92 -41.20
C GLU J 43 -46.32 21.75 -42.70
N CYS J 44 -45.42 20.85 -43.11
CA CYS J 44 -45.14 20.60 -44.51
C CYS J 44 -45.87 19.37 -45.04
N GLN J 45 -46.82 18.82 -44.27
CA GLN J 45 -47.68 17.78 -44.82
C GLN J 45 -48.54 18.32 -45.96
N ALA J 46 -49.06 19.53 -45.80
CA ALA J 46 -49.61 20.25 -46.93
C ALA J 46 -48.48 20.69 -47.86
N ASN J 47 -48.85 21.00 -49.11
CA ASN J 47 -47.92 21.27 -50.22
C ASN J 47 -46.71 20.33 -50.18
N GLN J 48 -47.02 19.03 -50.18
CA GLN J 48 -46.01 17.99 -49.98
C GLN J 48 -44.97 18.00 -51.10
N ALA J 49 -45.42 18.10 -52.35
CA ALA J 49 -44.53 18.04 -53.51
C ALA J 49 -44.24 19.41 -54.11
N SER J 50 -44.72 20.49 -53.49
CA SER J 50 -44.49 21.82 -54.04
C SER J 50 -43.03 22.22 -53.92
N ALA J 51 -42.43 21.99 -52.76
CA ALA J 51 -41.04 22.36 -52.52
C ALA J 51 -40.12 21.18 -52.88
N THR J 52 -38.86 21.29 -52.49
CA THR J 52 -37.88 20.25 -52.79
C THR J 52 -37.95 19.07 -51.82
N SER J 53 -38.76 19.17 -50.76
CA SER J 53 -38.88 18.15 -49.71
C SER J 53 -37.55 17.86 -49.02
N GLU J 54 -36.63 18.81 -49.07
CA GLU J 54 -35.35 18.71 -48.38
C GLU J 54 -35.13 19.82 -47.36
N GLU J 55 -35.90 20.91 -47.43
CA GLU J 55 -35.77 22.01 -46.48
C GLU J 55 -36.15 21.62 -45.06
N CYS J 56 -36.81 20.47 -44.87
CA CYS J 56 -37.10 19.94 -43.53
C CYS J 56 -35.85 19.22 -43.01
N THR J 57 -34.82 20.02 -42.76
CA THR J 57 -33.57 19.49 -42.27
C THR J 57 -33.68 19.07 -40.81
N VAL J 58 -32.95 18.02 -40.46
CA VAL J 58 -32.97 17.49 -39.10
C VAL J 58 -32.05 18.33 -38.24
N ALA J 59 -32.63 19.10 -37.32
CA ALA J 59 -31.87 19.95 -36.42
C ALA J 59 -31.57 19.20 -35.13
N TRP J 60 -30.29 19.16 -34.76
CA TRP J 60 -29.83 18.51 -33.54
C TRP J 60 -29.33 19.57 -32.57
N GLY J 61 -29.82 19.53 -31.34
CA GLY J 61 -29.32 20.41 -30.31
C GLY J 61 -28.07 19.88 -29.68
N VAL J 62 -27.47 20.70 -28.80
CA VAL J 62 -26.31 20.25 -28.04
C VAL J 62 -26.68 19.22 -26.99
N CYS J 63 -27.97 19.03 -26.73
CA CYS J 63 -28.48 18.00 -25.84
C CYS J 63 -28.78 16.70 -26.57
N ASN J 64 -28.44 16.62 -27.86
CA ASN J 64 -28.61 15.41 -28.68
C ASN J 64 -30.09 15.05 -28.82
N HIS J 65 -30.90 16.05 -29.18
CA HIS J 65 -32.31 15.86 -29.47
C HIS J 65 -32.57 16.29 -30.90
N ALA J 66 -33.18 15.41 -31.69
CA ALA J 66 -33.36 15.64 -33.12
C ALA J 66 -34.80 16.04 -33.40
N PHE J 67 -34.98 17.24 -33.94
CA PHE J 67 -36.29 17.72 -34.37
C PHE J 67 -36.21 18.12 -35.84
N HIS J 68 -37.34 18.53 -36.40
CA HIS J 68 -37.33 19.16 -37.71
C HIS J 68 -36.99 20.63 -37.58
N PHE J 69 -36.33 21.17 -38.61
CA PHE J 69 -35.91 22.56 -38.55
C PHE J 69 -37.10 23.50 -38.47
N HIS J 70 -38.16 23.21 -39.23
CA HIS J 70 -39.38 24.00 -39.14
C HIS J 70 -40.03 23.86 -37.77
N CYS J 71 -40.07 22.65 -37.22
CA CYS J 71 -40.69 22.43 -35.92
C CYS J 71 -39.93 23.15 -34.82
N ILE J 72 -38.61 22.99 -34.78
CA ILE J 72 -37.83 23.64 -33.74
C ILE J 72 -37.81 25.15 -33.94
N SER J 73 -37.89 25.62 -35.20
CA SER J 73 -37.95 27.06 -35.44
C SER J 73 -39.27 27.64 -34.93
N ARG J 74 -40.39 26.96 -35.21
CA ARG J 74 -41.67 27.41 -34.70
C ARG J 74 -41.71 27.36 -33.18
N TRP J 75 -41.06 26.36 -32.59
CA TRP J 75 -40.97 26.31 -31.14
C TRP J 75 -40.17 27.49 -30.60
N LEU J 76 -39.03 27.80 -31.23
CA LEU J 76 -38.18 28.88 -30.77
C LEU J 76 -38.78 30.25 -31.05
N LYS J 77 -39.79 30.33 -31.92
CA LYS J 77 -40.48 31.60 -32.14
C LYS J 77 -41.20 32.08 -30.89
N THR J 78 -41.55 31.17 -29.97
CA THR J 78 -42.23 31.54 -28.74
C THR J 78 -41.44 31.18 -27.49
N ARG J 79 -40.94 29.95 -27.39
CA ARG J 79 -40.22 29.47 -26.22
C ARG J 79 -38.81 29.07 -26.63
N GLN J 80 -37.82 29.48 -25.84
CA GLN J 80 -36.41 29.31 -26.20
C GLN J 80 -35.79 28.06 -25.60
N VAL J 81 -36.58 27.16 -25.02
CA VAL J 81 -36.06 25.96 -24.38
C VAL J 81 -36.44 24.73 -25.20
N CYS J 82 -35.58 23.72 -25.14
CA CYS J 82 -35.84 22.47 -25.83
C CYS J 82 -37.05 21.78 -25.19
N PRO J 83 -37.98 21.25 -26.00
CA PRO J 83 -39.21 20.68 -25.40
C PRO J 83 -38.96 19.50 -24.47
N LEU J 84 -37.97 18.67 -24.77
CA LEU J 84 -37.84 17.38 -24.11
C LEU J 84 -37.01 17.41 -22.84
N ASP J 85 -36.31 18.51 -22.55
CA ASP J 85 -35.60 18.60 -21.29
C ASP J 85 -35.64 19.99 -20.66
N ASN J 86 -36.44 20.91 -21.22
CA ASN J 86 -36.63 22.25 -20.66
C ASN J 86 -35.30 22.98 -20.47
N ARG J 87 -34.37 22.75 -21.38
CA ARG J 87 -33.05 23.38 -21.34
C ARG J 87 -32.90 24.23 -22.59
N GLU J 88 -32.07 25.28 -22.49
CA GLU J 88 -31.90 26.22 -23.59
C GLU J 88 -31.39 25.51 -24.84
N TRP J 89 -31.94 25.91 -25.99
CA TRP J 89 -31.66 25.23 -27.24
C TRP J 89 -30.46 25.83 -27.94
N GLU J 90 -29.61 24.96 -28.50
CA GLU J 90 -28.41 25.38 -29.21
C GLU J 90 -28.22 24.43 -30.40
N PHE J 91 -28.39 24.95 -31.61
CA PHE J 91 -28.15 24.14 -32.80
C PHE J 91 -26.68 23.74 -32.88
N GLN J 92 -26.45 22.47 -33.23
CA GLN J 92 -25.09 22.01 -33.48
C GLN J 92 -24.97 21.12 -34.70
N LYS J 93 -26.06 20.83 -35.40
CA LYS J 93 -26.03 20.04 -36.62
C LYS J 93 -27.14 20.53 -37.53
N TYR J 94 -27.31 19.85 -38.67
CA TYR J 94 -28.35 20.20 -39.63
C TYR J 94 -28.66 19.01 -40.53
N LYS K 9 20.87 -2.18 -11.15
CA LYS K 9 20.38 -3.40 -10.51
C LYS K 9 21.34 -3.84 -9.41
N PHE K 10 20.78 -4.33 -8.30
CA PHE K 10 21.59 -4.67 -7.14
C PHE K 10 22.57 -5.81 -7.43
N ALA K 11 22.10 -6.85 -8.11
CA ALA K 11 22.93 -8.02 -8.36
C ALA K 11 24.11 -7.70 -9.27
N ASP K 12 24.06 -6.61 -10.03
CA ASP K 12 25.16 -6.23 -10.89
C ASP K 12 26.31 -5.60 -10.11
N HIS K 13 26.01 -4.89 -9.02
CA HIS K 13 27.06 -4.20 -8.28
C HIS K 13 27.85 -5.16 -7.40
N LEU K 14 27.36 -6.38 -7.21
CA LEU K 14 28.08 -7.34 -6.40
C LEU K 14 29.30 -7.92 -7.12
N HIS K 15 29.38 -7.71 -8.44
CA HIS K 15 30.47 -8.30 -9.21
C HIS K 15 31.79 -7.59 -8.94
N LYS K 16 31.74 -6.42 -8.33
CA LYS K 16 32.95 -5.66 -8.01
C LYS K 16 33.82 -6.42 -7.03
N PHE K 17 33.21 -7.08 -6.04
CA PHE K 17 33.94 -7.88 -5.08
C PHE K 17 33.85 -9.37 -5.34
N HIS K 18 32.72 -9.84 -5.88
CA HIS K 18 32.51 -11.24 -6.22
C HIS K 18 32.73 -12.17 -5.04
#